data_8VUS
#
_entry.id   8VUS
#
_cell.length_a   1.00
_cell.length_b   1.00
_cell.length_c   1.00
_cell.angle_alpha   90.00
_cell.angle_beta   90.00
_cell.angle_gamma   90.00
#
_symmetry.space_group_name_H-M   'P 1'
#
loop_
_entity.id
_entity.type
_entity.pdbx_description
1 polymer '007-168 Heavy'
2 polymer '007-168 Light'
3 polymer 'Glutamate receptor ionotropic, NMDA 1'
4 polymer 'Glutamate receptor ionotropic, NMDA 2A'
5 polymer 'Glutamate receptor ionotropic, NMDA 1'
#
loop_
_entity_poly.entity_id
_entity_poly.type
_entity_poly.pdbx_seq_one_letter_code
_entity_poly.pdbx_strand_id
1 'polypeptide(L)'
;QVQLVQSGAEAKKPGESLKISCKASGYSFTTFWIGWVRQMPGSGLEWIGIIYPGDSDTRYSPSFQGHVTISADRSTSTAY
LQWSSLKASDTAMYYCARSAVFDYWGQGTLVTVSSASTKGPSVFPLAPSSGTAALGCLVKDYFPEPVTVSWNSGALTSGV
HTFPAVLQSSGLYSLSSVVTVPSSSLGTQTYICNVNHKPSNTKVDKKVEPK
;
E,H
2 'polypeptide(L)'
;EIVMTQSPATLSVSPGGRATLSCRASQSVSSNLAWYQQKPGQAPRLLIYGASTRATGIPVRFSGSGSGTEFTLTISSLQS
EDFAVYYCQQYNNWPTSWTFGQGTKVEIKRTVAAPSVFIFPPSDEQLKSGTASVVCLLNNFYPREAKVQWKVDNALQSGN
SQESVTEQDSKDSTYSLSSTLTLSKADYEKHKVYACEVTHQGLSSPVTKSFNRGE
;
F,L
3 'polypeptide(L)'
;DPKIVNIGAVLSTRKHEQMFREAVNQANKRHGSWKIQLNATSVTHKPNAIQMALSVCEDLISSQVYAILVSHPPTPNDHF
TPTPVSYTAGFYRIPVLGLTTRMSIYSDKSIHLSFLRTVPPYSHQSSVWFEMMRVYSWNHIILLVSDDHEGRAAQKRLET
LLEERESKAEKVLQFDPGTKNVTALLMEAKELEARVIILSASEDDAATVYRAAAMLNMTGSGYVWLVGEREISGNALRYA
PDGILGLQLINGKNESAHISDAVGVVAQAVHELLEKENITDPPRGCVGNTNIWKTGPLFKRVLMSSKYADGVTGRVEFNE
DGDRKFANYSIMNLQNRKLVQVGIYNGTHVIPNDRKIIWPGGETEKPRGYQMSTRLKIVTIHQEPFVYVKPTLSDGTCKE
EFTVNGDPVKKVICTGPNDTSPGSPRHTVPQCCYGFCIDLLIKLARTMNFTYEVHLVADGKFGTQERVNNSNKKEWNGMM
GELLSGQADMIVAPLTINNERAQYIEFSKPFKYQGLTILVKKEIPRSTLDSFMQPFQSTLWLLVGLSVHVVAVMLYLLDR
FSPFGRFKVNSEEEEEDALTLSSAMWFSWGVLLNSGIGEGAPRSFSARILGMVWAGFAMIIVASYTANLAAFLVLDRPEE
RITGINDPRLRNPSDKFIYATVKQSSVDIYFRRQVELSTMYRHMEKHNYESAAEAIQAVRDNKLHAFIWDSAVLEFEASQ
KCDLVTTGELFFRSGFGIGMRKDSPWKQNVSLSILKSHENGFMEDLDKTWVRYQEC
;
A
4 'polypeptide(L)'
;LNIAVMLGHSHDVTERELRTLWGPEQAAGLPLDVNVVALLMNRTDPKSLITHVCDLMSGARIHGLVFGDDTDQEAVAQML
DFISSHTFVPILGIHGGASMIMADKDPTSTFFQFGASIQQQATVMLKIMQDYDWHVFSLVTTIFPGYREFISFVKTTVDN
SFVGWDMQNVITLDTSFEDAKTQVQLKKIHSSVILLYCSKDEAVLILSEARSLGLTGYDFFWIVPSLVSGNTELIPKEFP
SGLISVSYDDWDYSLEARVRDGIGILTTAASSMLEKFSYIPEAKASCYGQMERPEVPMHTLHPFMVNVTWDGKDLSFTEE
GYQVHPRLVVIVLNKDREWEKVGKWENHTLSLRHAVWPRYKSFSDCEPDDNHLSIVTLEEAPFVIVEDIDPLTETCVRNT
VPCRKFVKINNSTNEGMNVKKCCKGFCIDILKKLSRTVKFTYDLYLVTNGKHGKKVNNVWNGMIGEVVYQRAVMAVGSLT
INEERSEVVDFSVPFVETGISVMVSRSNGTVSPSAFLEPFSASVWVMMFVMLLIVSAIAVFVFEYFSPVGYNRCLADGRE
PGGPSFTIGKAIWLLWGLVFNNSVPVQNPKGTTSKIMVSVWAFFAVIFLASYTANLAAFMIQEEFVDQVTGLSDKKFQRP
HDYSPPFRFGTVPNGSTERNIRNNYPYMHQYMTKFNQKGVEDALVSLKTGKLDAFIYDAAVLNYKAGRDEGCKLVTIGSG
YIFATTGYGIALQKGSPWKRQIDLALLQFVGDGEMEELETLWLTGICHNEK
;
B,D
5 'polypeptide(L)'
;DPKIVNIGAVLSTRKHEQMFREAVNQANKRHASWKIQLNATSVTHKPNAIQMALSVCEDLISSQVYAILVSHPPTPNDHF
TPTPVSYTAGFYRIPVLGLTTRMSIYSDKSIHLSFLRTVPPYSHQSSVWFEMMRVYSWNHIILLVSDDHEGRAAQKRLET
LLEERESKAEKVLQFDPGTKNVTALLMEAKELEARVIILSASEDDAATVYRAAAMLNMTGSGYVWLVGEREISGNALRYA
PDGILGLQLINGKNESAHISDAVGVVAQAVHELLEKENITDPPRGCVGNTNIWKTGPLFKRVLMSSKYADGVTGRVEFNE
DGDRKFANYSIMNLQRRKLVQVGIYNGTHVIPNDRKIIWPGGETEKPRGYQMSTRLKIVTIHQEPFVYVKPTLSDGTCKE
EFTVNGDPVKKVICTGPNDTSPGSPRHTVPQCCYGFCIDLLIKLARTMNFTYEVHLVADGKFGTQERVNNSNKKEWNGMM
GELLSGQADMIVAPLTINNERAQYIEFSKPFKYQGLTILVKKEIPRSTLDSFMQPFQSTLWLLVGLSVHVVAVMLYLLDR
FSPFGRFKVNSEEEEEDALTLSSAMWFSWGVLLNSGIGEGAPRSFSARILGMVWAGFAMIIVASYTANLAAFLVLDRPEE
RITGINDPRLRNPSDKFIYATVKQSSVDIYFRRQVELSTMYRHMEKHNYESAAEAIQAVRDNKLHAFIWDSAVLEFEASQ
KCDLVTTGELFFRSGFGIGMRKDSPWKQNVSLSILKSHENGFMEDLDKTWVRYQEC
;
C
#
# COMPACT_ATOMS: atom_id res chain seq x y z
N GLN A 1 -43.99 27.80 -29.18
CA GLN A 1 -45.17 28.00 -30.02
C GLN A 1 -44.88 27.61 -31.46
N VAL A 2 -45.38 26.45 -31.87
CA VAL A 2 -45.16 25.93 -33.21
C VAL A 2 -46.47 25.40 -33.76
N GLN A 3 -46.85 25.87 -34.94
CA GLN A 3 -48.03 25.40 -35.63
C GLN A 3 -47.64 24.94 -37.03
N LEU A 4 -48.25 23.85 -37.49
CA LEU A 4 -47.92 23.25 -38.76
C LEU A 4 -49.18 23.07 -39.61
N VAL A 5 -49.96 24.14 -39.73
CA VAL A 5 -51.23 24.06 -40.45
C VAL A 5 -51.00 23.61 -41.88
N GLN A 6 -51.71 22.58 -42.30
CA GLN A 6 -51.60 22.06 -43.66
C GLN A 6 -52.66 22.70 -44.54
N SER A 7 -52.83 22.17 -45.74
CA SER A 7 -53.85 22.65 -46.66
C SER A 7 -55.15 21.90 -46.47
N GLY A 8 -56.23 22.49 -46.97
CA GLY A 8 -57.53 21.84 -46.87
C GLY A 8 -57.59 20.57 -47.70
N ALA A 9 -58.58 19.73 -47.36
CA ALA A 9 -58.72 18.46 -48.04
C ALA A 9 -59.22 18.66 -49.47
N GLU A 10 -58.92 17.69 -50.32
CA GLU A 10 -59.36 17.73 -51.71
C GLU A 10 -59.24 16.34 -52.31
N ALA A 11 -60.12 16.05 -53.27
CA ALA A 11 -60.10 14.79 -54.00
C ALA A 11 -60.15 15.09 -55.49
N LYS A 12 -59.56 14.20 -56.28
CA LYS A 12 -59.38 14.47 -57.71
C LYS A 12 -59.69 13.22 -58.52
N LYS A 13 -60.00 13.45 -59.80
CA LYS A 13 -60.18 12.35 -60.73
C LYS A 13 -58.84 11.72 -61.08
N PRO A 14 -58.86 10.49 -61.59
CA PRO A 14 -57.60 9.80 -61.87
C PRO A 14 -56.78 10.52 -62.94
N GLY A 15 -55.47 10.42 -62.81
CA GLY A 15 -54.53 10.93 -63.81
C GLY A 15 -53.86 12.26 -63.55
N GLU A 16 -54.61 13.23 -63.04
CA GLU A 16 -54.09 14.58 -62.88
C GLU A 16 -53.00 14.62 -61.81
N SER A 17 -52.42 15.79 -61.63
CA SER A 17 -51.37 16.03 -60.65
C SER A 17 -51.83 17.07 -59.64
N LEU A 18 -51.35 16.94 -58.41
CA LEU A 18 -51.83 17.76 -57.30
C LEU A 18 -50.66 18.37 -56.52
N LYS A 19 -50.99 19.39 -55.74
CA LYS A 19 -50.02 20.11 -54.91
C LYS A 19 -50.54 20.18 -53.48
N ILE A 20 -49.64 20.01 -52.52
CA ILE A 20 -49.98 20.02 -51.10
C ILE A 20 -49.06 21.00 -50.40
N SER A 21 -49.63 21.86 -49.56
CA SER A 21 -48.89 22.91 -48.89
C SER A 21 -48.93 22.73 -47.39
N CYS A 22 -47.76 22.74 -46.75
CA CYS A 22 -47.62 22.59 -45.30
C CYS A 22 -46.93 23.85 -44.78
N LYS A 23 -47.73 24.82 -44.35
CA LYS A 23 -47.20 26.09 -43.89
C LYS A 23 -46.68 25.97 -42.46
N ALA A 24 -45.63 26.73 -42.15
CA ALA A 24 -44.98 26.67 -40.85
C ALA A 24 -44.90 28.06 -40.24
N SER A 25 -44.63 28.11 -38.94
CA SER A 25 -44.55 29.36 -38.21
C SER A 25 -43.84 29.11 -36.89
N GLY A 26 -43.42 30.20 -36.24
CA GLY A 26 -42.90 30.15 -34.90
C GLY A 26 -41.45 29.76 -34.75
N TYR A 27 -40.74 29.52 -35.85
CA TYR A 27 -39.36 29.11 -35.77
C TYR A 27 -38.67 29.39 -37.10
N SER A 28 -37.35 29.45 -37.07
CA SER A 28 -36.56 29.71 -38.27
C SER A 28 -36.73 28.58 -39.26
N PHE A 29 -37.43 28.85 -40.36
CA PHE A 29 -37.84 27.78 -41.27
C PHE A 29 -36.64 27.04 -41.84
N THR A 30 -35.54 27.74 -42.08
CA THR A 30 -34.38 27.14 -42.75
C THR A 30 -33.37 26.56 -41.76
N THR A 31 -33.86 25.75 -40.82
CA THR A 31 -32.95 25.10 -39.89
C THR A 31 -33.32 23.66 -39.53
N PHE A 32 -34.46 23.13 -39.98
CA PHE A 32 -34.97 21.87 -39.44
C PHE A 32 -35.47 20.96 -40.55
N TRP A 33 -35.16 19.66 -40.41
CA TRP A 33 -35.45 18.65 -41.42
C TRP A 33 -36.97 18.40 -41.52
N ILE A 34 -37.62 19.11 -42.42
CA ILE A 34 -39.04 18.88 -42.65
C ILE A 34 -39.25 17.64 -43.50
N GLY A 35 -40.27 16.86 -43.20
CA GLY A 35 -40.58 15.65 -43.95
C GLY A 35 -42.05 15.44 -44.22
N TRP A 36 -42.44 14.21 -44.58
CA TRP A 36 -43.84 13.86 -44.79
C TRP A 36 -44.05 12.40 -44.42
N VAL A 37 -45.27 12.09 -43.97
CA VAL A 37 -45.64 10.72 -43.60
C VAL A 37 -47.01 10.40 -44.18
N ARG A 38 -47.20 9.13 -44.55
CA ARG A 38 -48.40 8.65 -45.20
C ARG A 38 -49.21 7.77 -44.25
N GLN A 39 -50.51 7.69 -44.51
CA GLN A 39 -51.37 6.80 -43.74
C GLN A 39 -52.50 6.31 -44.64
N MET A 40 -52.51 5.01 -44.91
CA MET A 40 -53.59 4.37 -45.63
C MET A 40 -54.74 4.04 -44.69
N PRO A 41 -55.96 3.93 -45.21
CA PRO A 41 -57.11 3.70 -44.32
C PRO A 41 -56.97 2.40 -43.55
N GLY A 42 -57.00 2.51 -42.22
CA GLY A 42 -56.93 1.35 -41.35
C GLY A 42 -55.66 0.55 -41.51
N SER A 43 -54.52 1.23 -41.57
CA SER A 43 -53.24 0.55 -41.78
C SER A 43 -52.18 1.25 -40.94
N GLY A 44 -50.93 0.93 -41.23
CA GLY A 44 -49.79 1.51 -40.53
C GLY A 44 -49.29 2.77 -41.17
N LEU A 45 -48.00 3.03 -41.00
CA LEU A 45 -47.38 4.26 -41.47
C LEU A 45 -46.21 3.92 -42.40
N GLU A 46 -45.86 4.88 -43.26
CA GLU A 46 -44.72 4.76 -44.13
C GLU A 46 -44.12 6.13 -44.34
N TRP A 47 -42.81 6.16 -44.62
CA TRP A 47 -42.08 7.40 -44.79
C TRP A 47 -41.93 7.73 -46.27
N ILE A 48 -42.11 9.00 -46.61
CA ILE A 48 -42.09 9.43 -48.00
C ILE A 48 -40.78 10.11 -48.36
N GLY A 49 -40.44 11.18 -47.66
CA GLY A 49 -39.23 11.91 -47.98
C GLY A 49 -38.82 12.82 -46.85
N ILE A 50 -37.84 13.67 -47.14
CA ILE A 50 -37.38 14.68 -46.18
C ILE A 50 -36.55 15.69 -46.93
N ILE A 51 -36.61 16.95 -46.50
CA ILE A 51 -35.88 18.01 -47.19
C ILE A 51 -35.37 19.08 -46.22
N TYR A 52 -34.06 19.12 -46.03
CA TYR A 52 -33.46 20.17 -45.23
C TYR A 52 -33.67 21.50 -45.94
N PRO A 53 -34.53 22.38 -45.45
CA PRO A 53 -34.88 23.56 -46.24
C PRO A 53 -33.87 24.67 -46.14
N GLY A 54 -32.60 24.34 -46.31
CA GLY A 54 -31.58 25.36 -46.37
C GLY A 54 -30.89 25.38 -47.72
N ASP A 55 -30.73 24.19 -48.29
CA ASP A 55 -30.15 24.06 -49.62
C ASP A 55 -30.89 23.02 -50.45
N SER A 56 -32.15 22.75 -50.14
CA SER A 56 -33.01 21.87 -50.92
C SER A 56 -32.40 20.48 -51.08
N ASP A 57 -31.54 20.09 -50.14
CA ASP A 57 -30.92 18.76 -50.15
C ASP A 57 -31.95 17.74 -49.70
N THR A 58 -32.61 17.09 -50.64
CA THR A 58 -33.62 16.08 -50.33
C THR A 58 -33.02 14.69 -50.43
N ARG A 59 -33.71 13.74 -49.79
CA ARG A 59 -33.31 12.33 -49.83
C ARG A 59 -34.59 11.50 -49.84
N TYR A 60 -35.04 11.12 -51.03
CA TYR A 60 -36.30 10.38 -51.16
C TYR A 60 -36.18 8.98 -50.57
N SER A 61 -37.32 8.42 -50.24
CA SER A 61 -37.37 7.04 -49.77
C SER A 61 -37.27 6.08 -50.96
N PRO A 62 -36.68 4.91 -50.77
CA PRO A 62 -36.59 3.94 -51.88
C PRO A 62 -37.94 3.44 -52.36
N SER A 63 -38.98 3.52 -51.53
CA SER A 63 -40.29 3.02 -51.94
C SER A 63 -40.85 3.84 -53.10
N PHE A 64 -40.71 5.15 -53.05
CA PHE A 64 -41.25 6.04 -54.08
C PHE A 64 -40.14 6.85 -54.73
N GLN A 65 -38.97 6.24 -54.87
CA GLN A 65 -37.82 6.93 -55.45
C GLN A 65 -38.13 7.37 -56.88
N GLY A 66 -37.87 8.63 -57.18
CA GLY A 66 -38.08 9.15 -58.51
C GLY A 66 -39.53 9.10 -58.96
N HIS A 67 -40.46 9.33 -58.04
CA HIS A 67 -41.88 9.34 -58.35
C HIS A 67 -42.63 10.55 -57.82
N VAL A 68 -42.07 11.28 -56.86
CA VAL A 68 -42.70 12.46 -56.30
C VAL A 68 -41.75 13.63 -56.47
N THR A 69 -42.27 14.84 -56.22
CA THR A 69 -41.60 16.07 -56.59
C THR A 69 -41.44 16.98 -55.37
N ILE A 70 -40.89 16.44 -54.29
CA ILE A 70 -40.74 17.21 -53.07
C ILE A 70 -39.89 18.46 -53.34
N SER A 71 -40.15 19.52 -52.60
CA SER A 71 -39.47 20.79 -52.79
C SER A 71 -39.80 21.68 -51.60
N ALA A 72 -39.11 22.81 -51.50
CA ALA A 72 -39.36 23.72 -50.38
C ALA A 72 -38.98 25.13 -50.78
N ASP A 73 -39.96 26.03 -50.78
CA ASP A 73 -39.66 27.45 -50.89
C ASP A 73 -38.97 27.94 -49.64
N ARG A 74 -38.05 28.89 -49.81
CA ARG A 74 -37.37 29.52 -48.69
C ARG A 74 -38.09 30.76 -48.18
N SER A 75 -38.85 31.44 -49.05
CA SER A 75 -39.42 32.72 -48.69
C SER A 75 -40.57 32.57 -47.70
N THR A 76 -41.64 31.89 -48.11
CA THR A 76 -42.86 31.86 -47.33
C THR A 76 -42.96 30.68 -46.38
N SER A 77 -41.94 29.81 -46.35
CA SER A 77 -41.91 28.67 -45.44
C SER A 77 -43.10 27.74 -45.70
N THR A 78 -43.18 27.26 -46.93
CA THR A 78 -44.34 26.50 -47.42
C THR A 78 -43.91 25.26 -48.18
N ALA A 79 -43.05 24.45 -47.56
CA ALA A 79 -42.51 23.26 -48.23
C ALA A 79 -43.61 22.44 -48.87
N TYR A 80 -43.58 22.36 -50.20
CA TYR A 80 -44.68 21.80 -50.96
C TYR A 80 -44.51 20.30 -51.15
N LEU A 81 -45.38 19.72 -51.97
CA LEU A 81 -45.25 18.36 -52.48
C LEU A 81 -46.10 18.28 -53.74
N GLN A 82 -45.50 17.82 -54.83
CA GLN A 82 -46.16 17.82 -56.13
C GLN A 82 -46.12 16.43 -56.74
N TRP A 83 -47.18 16.07 -57.44
CA TRP A 83 -47.30 14.78 -58.10
C TRP A 83 -47.01 14.92 -59.59
N SER A 84 -46.56 13.83 -60.20
CA SER A 84 -46.33 13.78 -61.63
C SER A 84 -47.46 13.06 -62.37
N SER A 85 -47.69 11.79 -62.05
CA SER A 85 -48.68 10.96 -62.72
C SER A 85 -48.84 9.67 -61.91
N LEU A 86 -49.61 8.73 -62.47
CA LEU A 86 -49.85 7.40 -61.91
C LEU A 86 -50.52 7.45 -60.54
N LYS A 87 -51.10 8.59 -60.15
CA LYS A 87 -51.75 8.73 -58.86
C LYS A 87 -53.23 8.39 -59.02
N ALA A 88 -53.50 7.09 -59.10
CA ALA A 88 -54.87 6.61 -59.26
C ALA A 88 -55.36 5.82 -58.05
N SER A 89 -54.65 4.75 -57.66
CA SER A 89 -55.03 3.94 -56.50
C SER A 89 -54.18 4.29 -55.28
N ASP A 90 -54.30 5.53 -54.83
CA ASP A 90 -53.46 6.01 -53.73
C ASP A 90 -54.25 6.87 -52.74
N THR A 91 -55.52 6.56 -52.53
CA THR A 91 -56.33 7.34 -51.58
C THR A 91 -55.82 7.10 -50.16
N ALA A 92 -55.42 8.16 -49.49
CA ALA A 92 -54.82 8.06 -48.16
C ALA A 92 -54.85 9.44 -47.51
N MET A 93 -54.11 9.59 -46.42
CA MET A 93 -53.97 10.88 -45.74
C MET A 93 -52.50 11.15 -45.48
N TYR A 94 -52.13 12.42 -45.44
CA TYR A 94 -50.72 12.81 -45.40
C TYR A 94 -50.44 13.86 -44.33
N TYR A 95 -49.31 13.72 -43.65
CA TYR A 95 -48.86 14.65 -42.63
C TYR A 95 -47.48 15.18 -42.97
N CYS A 96 -47.11 16.31 -42.37
CA CYS A 96 -45.77 16.86 -42.49
C CYS A 96 -45.11 16.93 -41.12
N ALA A 97 -43.88 16.43 -41.04
CA ALA A 97 -43.14 16.28 -39.79
C ALA A 97 -42.55 17.62 -39.37
N ARG A 98 -41.68 17.60 -38.35
CA ARG A 98 -40.83 18.76 -38.11
C ARG A 98 -39.34 18.44 -38.12
N SER A 99 -38.85 17.54 -37.27
CA SER A 99 -37.40 17.52 -37.07
C SER A 99 -36.84 16.12 -36.90
N ALA A 100 -37.24 15.17 -37.74
CA ALA A 100 -36.57 13.87 -37.78
C ALA A 100 -36.75 13.06 -36.50
N VAL A 101 -37.44 13.62 -35.52
CA VAL A 101 -38.09 12.84 -34.47
C VAL A 101 -39.58 13.15 -34.40
N PHE A 102 -40.07 14.01 -35.29
CA PHE A 102 -41.49 14.23 -35.48
C PHE A 102 -42.11 14.92 -34.26
N ASP A 103 -41.42 15.93 -33.75
CA ASP A 103 -41.83 16.59 -32.53
C ASP A 103 -43.19 17.26 -32.69
N TYR A 104 -43.46 17.79 -33.86
CA TYR A 104 -44.71 18.51 -34.10
C TYR A 104 -45.32 18.02 -35.40
N TRP A 105 -46.63 17.86 -35.40
CA TRP A 105 -47.33 17.38 -36.58
C TRP A 105 -48.39 18.38 -37.01
N GLY A 106 -48.96 18.13 -38.17
CA GLY A 106 -49.89 19.07 -38.76
C GLY A 106 -51.35 18.76 -38.50
N GLN A 107 -52.08 18.44 -39.56
CA GLN A 107 -53.51 18.22 -39.48
C GLN A 107 -53.87 17.17 -40.52
N GLY A 108 -55.16 17.09 -40.86
CA GLY A 108 -55.58 16.11 -41.84
C GLY A 108 -55.67 16.63 -43.26
N THR A 109 -54.97 15.98 -44.18
CA THR A 109 -55.09 16.26 -45.61
C THR A 109 -55.27 14.92 -46.31
N LEU A 110 -56.45 14.69 -46.87
CA LEU A 110 -56.81 13.42 -47.49
C LEU A 110 -56.80 13.57 -49.00
N VAL A 111 -56.19 12.61 -49.68
CA VAL A 111 -56.15 12.55 -51.13
C VAL A 111 -56.93 11.33 -51.58
N THR A 112 -57.94 11.54 -52.40
CA THR A 112 -58.77 10.47 -52.93
C THR A 112 -58.85 10.60 -54.43
N VAL A 113 -58.37 9.60 -55.15
CA VAL A 113 -58.39 9.57 -56.61
C VAL A 113 -59.39 8.50 -57.04
N SER A 114 -60.46 8.92 -57.71
CA SER A 114 -61.50 8.00 -58.13
C SER A 114 -62.13 8.51 -59.42
N SER A 115 -62.83 7.60 -60.11
CA SER A 115 -63.41 7.93 -61.40
C SER A 115 -64.67 8.80 -61.29
N ALA A 116 -65.51 8.54 -60.29
CA ALA A 116 -66.80 9.21 -60.19
C ALA A 116 -66.61 10.67 -59.77
N SER A 117 -67.73 11.36 -59.57
CA SER A 117 -67.71 12.77 -59.21
C SER A 117 -68.68 13.07 -58.08
N THR A 118 -68.84 14.35 -57.76
CA THR A 118 -69.71 14.75 -56.66
C THR A 118 -71.17 14.42 -56.95
N LYS A 119 -71.89 14.04 -55.90
CA LYS A 119 -73.31 13.71 -56.02
C LYS A 119 -73.97 13.93 -54.67
N GLY A 120 -75.03 14.74 -54.65
CA GLY A 120 -75.74 15.04 -53.43
C GLY A 120 -76.29 13.80 -52.75
N PRO A 121 -76.10 13.71 -51.44
CA PRO A 121 -76.59 12.53 -50.72
C PRO A 121 -78.11 12.45 -50.74
N SER A 122 -78.61 11.21 -50.72
CA SER A 122 -80.04 10.94 -50.69
C SER A 122 -80.41 10.36 -49.33
N VAL A 123 -81.44 10.92 -48.72
CA VAL A 123 -81.83 10.58 -47.34
C VAL A 123 -83.18 9.88 -47.36
N PHE A 124 -83.29 8.81 -46.57
CA PHE A 124 -84.53 8.09 -46.37
C PHE A 124 -84.75 7.86 -44.88
N PRO A 125 -86.00 7.69 -44.46
CA PRO A 125 -86.29 7.51 -43.04
C PRO A 125 -86.32 6.03 -42.66
N LEU A 126 -86.39 5.80 -41.34
CA LEU A 126 -86.44 4.44 -40.80
C LEU A 126 -87.12 4.52 -39.43
N ALA A 127 -88.41 4.15 -39.38
CA ALA A 127 -89.21 4.19 -38.17
C ALA A 127 -89.43 2.80 -37.62
N PRO A 128 -89.59 2.68 -36.30
CA PRO A 128 -89.79 1.37 -35.68
C PRO A 128 -91.26 0.95 -35.72
N SER A 129 -91.48 -0.31 -35.33
CA SER A 129 -92.83 -0.86 -35.27
C SER A 129 -92.88 -1.91 -34.18
N SER A 130 -94.09 -2.23 -33.74
CA SER A 130 -94.32 -3.20 -32.68
C SER A 130 -93.58 -2.85 -31.41
N LEU A 135 -85.05 4.67 -33.71
CA LEU A 135 -85.52 5.25 -34.95
C LEU A 135 -84.46 6.17 -35.55
N GLY A 136 -84.53 6.41 -36.86
CA GLY A 136 -83.55 7.29 -37.48
C GLY A 136 -83.66 7.41 -38.99
N CYS A 137 -82.51 7.59 -39.64
CA CYS A 137 -82.48 7.82 -41.07
C CYS A 137 -81.21 7.20 -41.66
N LEU A 138 -81.26 6.98 -42.97
CA LEU A 138 -80.14 6.42 -43.72
C LEU A 138 -79.85 7.34 -44.91
N VAL A 139 -78.57 7.69 -45.09
CA VAL A 139 -78.14 8.53 -46.19
C VAL A 139 -77.20 7.71 -47.07
N LYS A 140 -77.44 7.76 -48.37
CA LYS A 140 -76.70 6.98 -49.36
C LYS A 140 -76.24 7.88 -50.49
N ASP A 141 -75.08 7.54 -51.06
CA ASP A 141 -74.51 8.22 -52.22
C ASP A 141 -74.10 9.67 -51.88
N TYR A 142 -73.44 9.85 -50.75
CA TYR A 142 -72.86 11.13 -50.39
C TYR A 142 -71.45 11.21 -50.98
N PHE A 143 -71.27 12.06 -51.98
CA PHE A 143 -69.98 12.13 -52.62
C PHE A 143 -69.63 13.58 -52.97
N PRO A 144 -68.39 14.00 -52.71
CA PRO A 144 -67.31 13.27 -52.03
C PRO A 144 -67.48 13.32 -50.51
N GLU A 145 -66.74 12.48 -49.79
CA GLU A 145 -66.83 12.47 -48.33
C GLU A 145 -66.33 13.79 -47.77
N PRO A 146 -66.83 14.21 -46.61
CA PRO A 146 -67.79 13.54 -45.71
C PRO A 146 -69.20 14.12 -45.75
N VAL A 147 -70.08 13.61 -44.90
CA VAL A 147 -71.44 14.11 -44.75
C VAL A 147 -71.74 14.27 -43.27
N THR A 148 -72.37 15.38 -42.92
CA THR A 148 -72.72 15.67 -41.53
C THR A 148 -74.14 15.17 -41.24
N VAL A 149 -74.56 15.32 -39.98
CA VAL A 149 -75.90 14.90 -39.55
C VAL A 149 -76.29 15.72 -38.34
N SER A 150 -77.59 15.98 -38.20
CA SER A 150 -78.09 16.71 -37.04
C SER A 150 -79.55 16.31 -36.84
N TRP A 151 -79.80 15.41 -35.89
CA TRP A 151 -81.16 14.93 -35.64
C TRP A 151 -82.03 16.05 -35.08
N ASN A 152 -83.09 16.39 -35.80
CA ASN A 152 -83.99 17.48 -35.43
C ASN A 152 -83.21 18.77 -35.18
N SER A 153 -82.31 19.08 -36.12
CA SER A 153 -81.41 20.23 -36.03
C SER A 153 -80.61 20.19 -34.73
N GLY A 154 -80.13 19.00 -34.38
CA GLY A 154 -79.38 18.83 -33.14
C GLY A 154 -80.20 19.04 -31.88
N ALA A 155 -81.43 18.53 -31.86
CA ALA A 155 -82.27 18.67 -30.67
C ALA A 155 -81.84 17.69 -29.58
N LEU A 156 -81.90 16.39 -29.86
CA LEU A 156 -81.50 15.37 -28.92
C LEU A 156 -80.02 15.03 -29.12
N THR A 157 -79.31 14.83 -28.01
CA THR A 157 -77.89 14.53 -28.04
C THR A 157 -77.55 13.13 -27.59
N SER A 158 -78.22 12.62 -26.57
CA SER A 158 -77.91 11.30 -26.04
C SER A 158 -78.54 10.19 -26.88
N GLY A 159 -77.90 9.03 -26.87
CA GLY A 159 -78.42 7.89 -27.59
C GLY A 159 -78.19 7.90 -29.08
N VAL A 160 -77.52 8.92 -29.61
CA VAL A 160 -77.26 9.00 -31.04
C VAL A 160 -76.13 8.04 -31.40
N HIS A 161 -76.21 7.48 -32.61
CA HIS A 161 -75.17 6.57 -33.09
C HIS A 161 -74.97 6.81 -34.58
N THR A 162 -74.04 7.71 -34.91
CA THR A 162 -73.68 7.99 -36.29
C THR A 162 -72.52 7.08 -36.67
N PHE A 163 -72.84 5.97 -37.32
CA PHE A 163 -71.82 5.02 -37.71
C PHE A 163 -70.90 5.62 -38.77
N PRO A 164 -69.64 5.17 -38.83
CA PRO A 164 -68.75 5.66 -39.89
C PRO A 164 -69.29 5.30 -41.27
N ALA A 165 -69.10 6.22 -42.21
CA ALA A 165 -69.55 5.99 -43.58
C ALA A 165 -68.72 4.90 -44.24
N VAL A 166 -69.31 4.23 -45.22
CA VAL A 166 -68.62 3.18 -45.96
C VAL A 166 -68.84 3.39 -47.45
N LEU A 167 -67.85 3.05 -48.25
CA LEU A 167 -67.93 3.19 -49.71
C LEU A 167 -68.38 1.87 -50.32
N GLN A 168 -69.42 1.93 -51.14
CA GLN A 168 -69.95 0.77 -51.82
C GLN A 168 -69.18 0.53 -53.13
N SER A 169 -69.52 -0.56 -53.81
CA SER A 169 -68.88 -0.85 -55.09
C SER A 169 -69.23 0.20 -56.14
N SER A 170 -70.39 0.84 -56.02
CA SER A 170 -70.80 1.88 -56.94
C SER A 170 -70.17 3.23 -56.63
N GLY A 171 -69.14 3.26 -55.80
CA GLY A 171 -68.48 4.52 -55.47
C GLY A 171 -69.36 5.50 -54.74
N LEU A 172 -70.16 5.03 -53.79
CA LEU A 172 -71.08 5.87 -53.04
C LEU A 172 -70.82 5.68 -51.55
N TYR A 173 -70.80 6.79 -50.81
CA TYR A 173 -70.62 6.74 -49.37
C TYR A 173 -71.97 6.63 -48.69
N SER A 174 -72.03 5.79 -47.65
CA SER A 174 -73.25 5.50 -46.93
C SER A 174 -73.05 5.74 -45.45
N LEU A 175 -74.06 6.34 -44.81
CA LEU A 175 -74.06 6.59 -43.38
C LEU A 175 -75.47 6.39 -42.85
N SER A 176 -75.57 6.20 -41.54
CA SER A 176 -76.85 5.98 -40.89
C SER A 176 -76.84 6.63 -39.52
N SER A 177 -77.93 7.34 -39.18
CA SER A 177 -78.04 8.02 -37.89
C SER A 177 -79.29 7.49 -37.19
N VAL A 178 -79.09 6.89 -36.02
CA VAL A 178 -80.17 6.32 -35.24
C VAL A 178 -80.08 6.82 -33.81
N VAL A 179 -81.23 6.77 -33.12
CA VAL A 179 -81.31 7.19 -31.73
C VAL A 179 -82.40 6.37 -31.05
N THR A 180 -82.25 6.20 -29.74
CA THR A 180 -83.19 5.45 -28.92
C THR A 180 -84.02 6.43 -28.10
N VAL A 181 -85.34 6.27 -28.13
CA VAL A 181 -86.25 7.19 -27.47
C VAL A 181 -87.25 6.37 -26.66
N PRO A 182 -87.80 6.90 -25.56
CA PRO A 182 -88.85 6.18 -24.85
C PRO A 182 -90.06 5.93 -25.73
N SER A 183 -90.68 4.77 -25.54
CA SER A 183 -91.87 4.41 -26.31
C SER A 183 -93.08 5.26 -25.97
N SER A 184 -93.04 6.02 -24.87
CA SER A 184 -94.14 6.87 -24.47
C SER A 184 -94.05 8.28 -25.04
N SER A 185 -93.04 8.56 -25.86
CA SER A 185 -92.88 9.88 -26.48
C SER A 185 -92.86 9.80 -28.00
N LEU A 186 -93.09 8.61 -28.57
CA LEU A 186 -93.08 8.49 -30.03
C LEU A 186 -94.18 9.32 -30.66
N GLY A 187 -95.39 9.26 -30.11
CA GLY A 187 -96.51 10.05 -30.58
C GLY A 187 -96.62 11.42 -29.98
N THR A 188 -95.69 11.80 -29.11
CA THR A 188 -95.72 13.10 -28.46
C THR A 188 -94.54 13.99 -28.81
N GLN A 189 -93.62 13.53 -29.64
CA GLN A 189 -92.45 14.31 -30.02
C GLN A 189 -92.26 14.23 -31.54
N THR A 190 -91.63 15.26 -32.08
CA THR A 190 -91.36 15.34 -33.51
C THR A 190 -89.98 14.76 -33.81
N TYR A 191 -89.93 13.80 -34.74
CA TYR A 191 -88.69 13.12 -35.12
C TYR A 191 -88.23 13.67 -36.46
N ILE A 192 -87.18 14.50 -36.43
CA ILE A 192 -86.62 15.13 -37.61
C ILE A 192 -85.14 14.78 -37.70
N CYS A 193 -84.63 14.73 -38.92
CA CYS A 193 -83.21 14.52 -39.16
C CYS A 193 -82.72 15.50 -40.21
N ASN A 194 -81.68 16.26 -39.87
CA ASN A 194 -81.14 17.29 -40.76
C ASN A 194 -79.72 16.92 -41.15
N VAL A 195 -79.43 16.96 -42.44
CA VAL A 195 -78.10 16.64 -42.97
C VAL A 195 -77.64 17.79 -43.84
N ASN A 196 -76.43 18.29 -43.59
CA ASN A 196 -75.84 19.38 -44.34
C ASN A 196 -74.48 18.94 -44.87
N HIS A 197 -74.39 18.78 -46.19
CA HIS A 197 -73.17 18.33 -46.86
C HIS A 197 -72.60 19.50 -47.67
N LYS A 198 -71.42 19.96 -47.27
CA LYS A 198 -70.70 21.01 -47.97
C LYS A 198 -70.21 20.51 -49.32
N PRO A 199 -69.95 19.21 -49.46
CA PRO A 199 -69.47 18.70 -50.76
C PRO A 199 -70.40 19.01 -51.91
N SER A 200 -71.71 18.96 -51.69
CA SER A 200 -72.69 19.38 -52.67
C SER A 200 -73.55 20.53 -52.19
N ASN A 201 -73.26 21.09 -51.01
CA ASN A 201 -74.04 22.17 -50.41
C ASN A 201 -75.52 21.79 -50.32
N THR A 202 -75.79 20.56 -49.89
CA THR A 202 -77.14 20.05 -49.78
C THR A 202 -77.55 20.04 -48.32
N LYS A 203 -78.65 20.72 -48.00
CA LYS A 203 -79.19 20.76 -46.65
C LYS A 203 -80.61 20.21 -46.69
N VAL A 204 -80.79 19.00 -46.17
CA VAL A 204 -82.05 18.28 -46.28
C VAL A 204 -82.56 17.93 -44.88
N ASP A 205 -83.83 18.21 -44.64
CA ASP A 205 -84.51 17.82 -43.41
C ASP A 205 -85.60 16.82 -43.75
N LYS A 206 -85.52 15.63 -43.14
CA LYS A 206 -86.49 14.56 -43.35
C LYS A 206 -87.20 14.26 -42.04
N LYS A 207 -88.53 14.20 -42.08
CA LYS A 207 -89.33 13.87 -40.92
C LYS A 207 -89.73 12.41 -40.97
N VAL A 208 -89.48 11.69 -39.89
CA VAL A 208 -89.77 10.26 -39.80
C VAL A 208 -90.85 10.05 -38.75
N GLU A 209 -91.88 9.28 -39.11
CA GLU A 209 -93.00 9.02 -38.23
C GLU A 209 -93.32 7.53 -38.23
N PRO A 210 -93.90 7.02 -37.15
CA PRO A 210 -94.27 5.60 -37.12
C PRO A 210 -95.39 5.29 -38.10
N LYS A 211 -95.40 4.03 -38.55
CA LYS A 211 -96.39 3.55 -39.51
C LYS A 211 -97.80 3.58 -38.91
N GLU B 1 -34.88 -1.48 -44.35
CA GLU B 1 -34.19 -2.74 -44.53
C GLU B 1 -34.26 -3.59 -43.27
N ILE B 2 -34.81 -3.00 -42.20
CA ILE B 2 -35.04 -3.71 -40.95
C ILE B 2 -36.53 -3.71 -40.67
N VAL B 3 -37.07 -4.86 -40.29
CA VAL B 3 -38.49 -5.02 -40.03
C VAL B 3 -38.73 -4.93 -38.54
N MET B 4 -39.58 -4.00 -38.14
CA MET B 4 -39.97 -3.85 -36.74
C MET B 4 -41.16 -4.77 -36.47
N THR B 5 -41.03 -5.63 -35.46
CA THR B 5 -42.12 -6.50 -35.05
C THR B 5 -42.71 -5.96 -33.75
N GLN B 6 -43.99 -5.64 -33.77
CA GLN B 6 -44.68 -5.07 -32.63
C GLN B 6 -45.66 -6.09 -32.08
N SER B 7 -45.50 -6.44 -30.79
CA SER B 7 -46.34 -7.40 -30.11
C SER B 7 -46.67 -6.88 -28.73
N PRO B 8 -47.84 -7.23 -28.20
CA PRO B 8 -48.89 -8.07 -28.78
C PRO B 8 -49.70 -7.34 -29.84
N ALA B 9 -50.58 -8.04 -30.56
CA ALA B 9 -51.39 -7.43 -31.59
C ALA B 9 -52.54 -6.60 -31.03
N THR B 10 -53.11 -7.00 -29.89
CA THR B 10 -54.20 -6.24 -29.28
C THR B 10 -54.27 -6.63 -27.81
N LEU B 11 -53.92 -5.70 -26.93
CA LEU B 11 -54.03 -5.93 -25.50
C LEU B 11 -55.39 -5.46 -24.98
N SER B 12 -55.59 -5.61 -23.68
CA SER B 12 -56.82 -5.16 -23.02
C SER B 12 -56.58 -5.16 -21.51
N VAL B 13 -56.89 -4.04 -20.87
CA VAL B 13 -56.67 -3.88 -19.43
C VAL B 13 -57.88 -3.25 -18.79
N SER B 14 -57.96 -3.39 -17.48
CA SER B 14 -58.98 -2.74 -16.67
C SER B 14 -58.54 -1.33 -16.31
N PRO B 15 -59.48 -0.42 -16.07
CA PRO B 15 -59.10 0.98 -15.84
C PRO B 15 -58.38 1.18 -14.52
N GLY B 16 -57.09 0.91 -14.49
CA GLY B 16 -56.31 1.02 -13.28
C GLY B 16 -55.21 -0.01 -13.18
N GLY B 17 -55.10 -0.88 -14.17
CA GLY B 17 -54.02 -1.85 -14.18
C GLY B 17 -52.73 -1.24 -14.68
N ARG B 18 -52.03 -1.97 -15.54
CA ARG B 18 -50.81 -1.46 -16.16
C ARG B 18 -50.77 -1.97 -17.59
N ALA B 19 -49.62 -1.80 -18.24
CA ALA B 19 -49.44 -2.26 -19.61
C ALA B 19 -47.97 -2.53 -19.86
N THR B 20 -47.71 -3.36 -20.86
CA THR B 20 -46.33 -3.71 -21.22
C THR B 20 -46.33 -4.15 -22.67
N LEU B 21 -45.76 -3.34 -23.55
CA LEU B 21 -45.75 -3.59 -24.98
C LEU B 21 -44.33 -3.92 -25.43
N SER B 22 -44.19 -4.21 -26.72
CA SER B 22 -42.92 -4.69 -27.24
C SER B 22 -42.73 -4.28 -28.68
N CYS B 23 -41.52 -3.83 -29.00
CA CYS B 23 -41.12 -3.52 -30.38
C CYS B 23 -39.91 -4.40 -30.68
N ARG B 24 -40.16 -5.56 -31.27
CA ARG B 24 -39.09 -6.51 -31.54
C ARG B 24 -38.12 -5.98 -32.58
N ALA B 25 -36.83 -6.03 -32.27
CA ALA B 25 -35.80 -5.51 -33.15
C ALA B 25 -35.21 -6.64 -33.98
N SER B 26 -35.33 -6.53 -35.31
CA SER B 26 -34.71 -7.49 -36.21
C SER B 26 -33.20 -7.34 -36.26
N GLN B 27 -32.66 -6.28 -35.67
CA GLN B 27 -31.22 -6.04 -35.64
C GLN B 27 -30.90 -5.26 -34.37
N SER B 28 -29.61 -5.01 -34.16
CA SER B 28 -29.18 -4.17 -33.05
C SER B 28 -29.22 -2.72 -33.51
N VAL B 29 -30.39 -2.09 -33.35
CA VAL B 29 -30.58 -0.73 -33.84
C VAL B 29 -30.14 0.20 -32.72
N SER B 30 -28.81 0.36 -32.62
CA SER B 30 -28.15 1.26 -31.68
C SER B 30 -28.90 1.44 -30.37
N SER B 31 -29.24 2.69 -30.06
CA SER B 31 -30.07 3.01 -28.91
C SER B 31 -31.08 4.10 -29.25
N ASN B 32 -31.52 4.17 -30.50
CA ASN B 32 -32.44 5.19 -30.97
C ASN B 32 -33.80 4.57 -31.23
N LEU B 33 -34.85 5.19 -30.69
CA LEU B 33 -36.19 4.65 -30.81
C LEU B 33 -37.19 5.76 -30.50
N ALA B 34 -38.46 5.46 -30.69
CA ALA B 34 -39.53 6.42 -30.41
C ALA B 34 -40.80 5.65 -30.11
N TRP B 35 -41.78 6.35 -29.54
CA TRP B 35 -43.05 5.73 -29.19
C TRP B 35 -44.15 6.76 -29.37
N TYR B 36 -45.15 6.44 -30.18
CA TYR B 36 -46.14 7.41 -30.63
C TYR B 36 -47.53 6.96 -30.20
N GLN B 37 -48.34 7.91 -29.76
CA GLN B 37 -49.73 7.66 -29.42
C GLN B 37 -50.62 8.37 -30.42
N GLN B 38 -51.73 7.75 -30.80
CA GLN B 38 -52.66 8.36 -31.73
C GLN B 38 -54.07 7.90 -31.41
N LYS B 39 -54.95 8.84 -31.18
CA LYS B 39 -56.36 8.56 -31.05
C LYS B 39 -57.04 8.63 -32.41
N PRO B 40 -58.22 8.02 -32.55
CA PRO B 40 -58.90 8.04 -33.85
C PRO B 40 -59.19 9.46 -34.31
N GLY B 41 -58.98 9.68 -35.61
CA GLY B 41 -59.25 10.98 -36.20
C GLY B 41 -58.44 12.12 -35.61
N GLN B 42 -57.14 11.94 -35.48
CA GLN B 42 -56.30 13.00 -34.92
C GLN B 42 -54.86 12.75 -35.35
N ALA B 43 -54.04 13.78 -35.18
CA ALA B 43 -52.61 13.77 -35.47
C ALA B 43 -51.84 13.20 -34.29
N PRO B 44 -51.02 12.18 -34.49
CA PRO B 44 -50.28 11.58 -33.38
C PRO B 44 -49.40 12.59 -32.67
N ARG B 45 -48.82 12.14 -31.56
CA ARG B 45 -47.95 12.97 -30.72
C ARG B 45 -46.64 12.23 -30.50
N LEU B 46 -45.77 12.80 -29.68
CA LEU B 46 -44.52 12.18 -29.30
C LEU B 46 -44.49 11.90 -27.81
N LEU B 47 -44.02 10.71 -27.43
CA LEU B 47 -43.95 10.33 -26.03
C LEU B 47 -42.53 10.16 -25.54
N ILE B 48 -41.75 9.27 -26.18
CA ILE B 48 -40.41 8.94 -25.75
C ILE B 48 -39.51 8.91 -26.98
N TYR B 49 -38.37 9.61 -26.91
CA TYR B 49 -37.36 9.50 -27.94
C TYR B 49 -36.06 9.02 -27.30
N GLY B 50 -35.27 8.27 -28.07
CA GLY B 50 -34.09 7.66 -27.51
C GLY B 50 -34.39 6.49 -26.59
N ALA B 51 -35.65 6.08 -26.50
CA ALA B 51 -36.16 4.97 -25.72
C ALA B 51 -36.09 5.20 -24.22
N SER B 52 -35.54 6.33 -23.75
CA SER B 52 -35.41 6.54 -22.33
C SER B 52 -35.77 7.94 -21.82
N THR B 53 -35.90 8.94 -22.69
CA THR B 53 -36.13 10.30 -22.25
C THR B 53 -37.57 10.71 -22.57
N ARG B 54 -38.15 11.55 -21.73
CA ARG B 54 -39.52 11.98 -21.88
C ARG B 54 -39.56 13.35 -22.55
N ALA B 55 -40.42 13.50 -23.54
CA ALA B 55 -40.62 14.80 -24.16
C ALA B 55 -41.38 15.71 -23.20
N THR B 56 -41.06 17.00 -23.26
CA THR B 56 -41.66 17.97 -22.34
C THR B 56 -43.16 18.06 -22.54
N GLY B 57 -43.89 18.17 -21.44
CA GLY B 57 -45.34 18.24 -21.51
C GLY B 57 -46.03 16.90 -21.59
N ILE B 58 -45.38 15.83 -21.15
CA ILE B 58 -45.95 14.49 -21.17
C ILE B 58 -46.06 14.01 -19.72
N PRO B 59 -47.23 13.56 -19.29
CA PRO B 59 -47.39 13.17 -17.87
C PRO B 59 -46.42 12.08 -17.48
N VAL B 60 -46.31 11.87 -16.16
CA VAL B 60 -45.20 11.09 -15.62
C VAL B 60 -45.42 9.59 -15.71
N ARG B 61 -46.64 9.14 -16.01
CA ARG B 61 -46.90 7.71 -16.06
C ARG B 61 -46.04 7.04 -17.13
N PHE B 62 -45.97 7.63 -18.31
CA PHE B 62 -45.29 6.98 -19.44
C PHE B 62 -43.80 6.89 -19.17
N SER B 63 -43.24 5.70 -19.38
CA SER B 63 -41.81 5.49 -19.29
C SER B 63 -41.46 4.24 -20.07
N GLY B 64 -40.20 4.13 -20.47
CA GLY B 64 -39.78 2.99 -21.27
C GLY B 64 -38.34 2.62 -20.99
N SER B 65 -37.95 1.48 -21.55
CA SER B 65 -36.58 1.00 -21.41
C SER B 65 -36.24 0.09 -22.59
N GLY B 66 -34.95 0.01 -22.89
CA GLY B 66 -34.47 -0.78 -24.01
C GLY B 66 -33.05 -0.40 -24.39
N SER B 67 -32.28 -1.35 -24.90
CA SER B 67 -30.88 -1.16 -25.22
C SER B 67 -30.55 -1.78 -26.58
N GLY B 68 -31.35 -1.45 -27.59
CA GLY B 68 -31.14 -2.03 -28.91
C GLY B 68 -31.62 -3.45 -29.03
N THR B 69 -32.55 -3.88 -28.18
CA THR B 69 -33.09 -5.23 -28.27
C THR B 69 -34.48 -5.21 -27.64
N GLU B 70 -35.51 -5.20 -28.47
CA GLU B 70 -36.92 -5.22 -28.07
C GLU B 70 -37.19 -4.30 -26.87
N PHE B 71 -36.97 -3.01 -27.10
CA PHE B 71 -37.28 -2.02 -26.08
C PHE B 71 -38.76 -2.08 -25.72
N THR B 72 -39.09 -1.48 -24.57
CA THR B 72 -40.43 -1.64 -24.02
C THR B 72 -40.80 -0.44 -23.15
N LEU B 73 -42.04 0.03 -23.30
CA LEU B 73 -42.61 1.05 -22.42
C LEU B 73 -43.74 0.46 -21.61
N THR B 74 -43.97 1.02 -20.43
CA THR B 74 -45.00 0.55 -19.50
C THR B 74 -45.85 1.74 -19.06
N ILE B 75 -47.05 1.85 -19.62
CA ILE B 75 -48.02 2.83 -19.14
C ILE B 75 -48.61 2.31 -17.84
N SER B 76 -48.34 3.00 -16.74
CA SER B 76 -48.76 2.56 -15.41
C SER B 76 -50.04 3.27 -15.01
N SER B 77 -51.02 2.50 -14.53
CA SER B 77 -52.31 3.02 -14.09
C SER B 77 -53.03 3.75 -15.23
N LEU B 78 -53.36 2.99 -16.27
CA LEU B 78 -54.03 3.56 -17.44
C LEU B 78 -55.37 4.16 -17.02
N GLN B 79 -55.51 5.46 -17.22
CA GLN B 79 -56.74 6.16 -16.87
C GLN B 79 -57.73 6.04 -18.03
N SER B 80 -58.80 6.83 -17.99
CA SER B 80 -59.83 6.77 -19.02
C SER B 80 -59.40 7.46 -20.30
N GLU B 81 -58.63 8.55 -20.19
CA GLU B 81 -58.32 9.38 -21.35
C GLU B 81 -57.41 8.65 -22.34
N ASP B 82 -56.63 7.68 -21.87
CA ASP B 82 -55.71 6.91 -22.69
C ASP B 82 -56.43 5.83 -23.48
N PHE B 83 -55.68 4.80 -23.90
CA PHE B 83 -56.20 3.69 -24.68
C PHE B 83 -56.62 4.09 -26.10
N ALA B 84 -55.64 4.48 -26.90
CA ALA B 84 -55.77 4.59 -28.34
C ALA B 84 -54.60 3.83 -28.99
N VAL B 85 -54.46 3.95 -30.31
CA VAL B 85 -53.47 3.15 -31.02
C VAL B 85 -52.06 3.67 -30.72
N TYR B 86 -51.09 2.76 -30.74
CA TYR B 86 -49.71 3.10 -30.47
C TYR B 86 -48.84 2.73 -31.67
N TYR B 87 -47.61 3.26 -31.68
CA TYR B 87 -46.69 2.98 -32.78
C TYR B 87 -45.26 3.06 -32.28
N CYS B 88 -44.40 2.26 -32.89
CA CYS B 88 -42.97 2.25 -32.62
C CYS B 88 -42.24 2.55 -33.91
N GLN B 89 -41.12 3.27 -33.81
CA GLN B 89 -40.40 3.66 -35.00
C GLN B 89 -38.94 3.92 -34.63
N GLN B 90 -38.04 3.49 -35.50
CA GLN B 90 -36.61 3.60 -35.26
C GLN B 90 -35.99 4.63 -36.20
N TYR B 91 -34.77 5.02 -35.86
CA TYR B 91 -34.00 5.95 -36.68
C TYR B 91 -32.52 5.70 -36.36
N ASN B 92 -31.85 4.97 -37.24
CA ASN B 92 -30.45 4.63 -37.00
C ASN B 92 -29.52 5.31 -38.01
N ASN B 93 -29.81 5.18 -39.29
CA ASN B 93 -29.00 5.80 -40.33
C ASN B 93 -29.78 6.95 -40.95
N TRP B 94 -29.65 8.11 -40.34
CA TRP B 94 -30.57 9.06 -40.93
C TRP B 94 -29.83 10.20 -41.61
N PRO B 95 -30.41 10.72 -42.70
CA PRO B 95 -31.64 10.25 -43.31
C PRO B 95 -31.38 9.15 -44.33
N THR B 96 -31.63 7.90 -43.99
CA THR B 96 -31.73 6.85 -45.01
C THR B 96 -32.93 5.95 -44.83
N SER B 97 -33.25 5.57 -43.59
CA SER B 97 -34.12 4.41 -43.34
C SER B 97 -35.56 4.77 -42.98
N TRP B 98 -35.76 5.43 -41.84
CA TRP B 98 -37.08 5.80 -41.34
C TRP B 98 -38.08 4.65 -41.46
N THR B 99 -37.82 3.57 -40.72
CA THR B 99 -38.71 2.41 -40.72
C THR B 99 -39.62 2.46 -39.51
N PHE B 100 -40.92 2.45 -39.76
CA PHE B 100 -41.93 2.40 -38.70
C PHE B 100 -42.23 0.94 -38.38
N GLY B 101 -43.31 0.70 -37.65
CA GLY B 101 -43.71 -0.65 -37.28
C GLY B 101 -45.18 -0.85 -37.57
N GLN B 102 -45.83 -1.62 -36.70
CA GLN B 102 -47.26 -1.88 -36.80
C GLN B 102 -48.03 -1.43 -35.56
N GLY B 103 -47.44 -1.56 -34.37
CA GLY B 103 -48.02 -1.01 -33.17
C GLY B 103 -49.20 -1.77 -32.60
N THR B 104 -49.32 -1.79 -31.29
CA THR B 104 -50.41 -2.47 -30.62
C THR B 104 -51.63 -1.56 -30.54
N LYS B 105 -52.65 -1.99 -29.81
CA LYS B 105 -53.84 -1.18 -29.58
C LYS B 105 -54.43 -1.57 -28.24
N VAL B 106 -54.87 -0.58 -27.48
CA VAL B 106 -55.34 -0.79 -26.12
C VAL B 106 -56.82 -0.43 -26.06
N GLU B 107 -57.61 -1.29 -25.45
CA GLU B 107 -59.05 -1.07 -25.28
C GLU B 107 -59.43 -1.31 -23.84
N ILE B 108 -60.39 -0.52 -23.34
CA ILE B 108 -60.80 -0.67 -21.94
C ILE B 108 -61.56 -1.99 -21.76
N LYS B 109 -61.64 -2.43 -20.51
CA LYS B 109 -62.28 -3.69 -20.16
C LYS B 109 -63.50 -3.42 -19.27
N ARG B 110 -64.54 -4.23 -19.46
CA ARG B 110 -65.77 -4.05 -18.71
C ARG B 110 -66.49 -5.40 -18.62
N THR B 111 -67.48 -5.46 -17.73
CA THR B 111 -68.26 -6.67 -17.56
C THR B 111 -69.15 -6.91 -18.78
N VAL B 112 -69.51 -8.18 -18.98
CA VAL B 112 -70.26 -8.57 -20.16
C VAL B 112 -71.64 -7.94 -20.15
N ALA B 113 -72.20 -7.73 -21.34
CA ALA B 113 -73.52 -7.13 -21.48
C ALA B 113 -74.19 -7.72 -22.72
N ALA B 114 -75.50 -7.51 -22.82
CA ALA B 114 -76.28 -8.05 -23.90
C ALA B 114 -76.74 -6.95 -24.86
N PRO B 115 -76.81 -7.23 -26.16
CA PRO B 115 -77.21 -6.20 -27.12
C PRO B 115 -78.71 -6.05 -27.23
N SER B 116 -79.12 -4.92 -27.79
CA SER B 116 -80.51 -4.68 -28.15
C SER B 116 -80.62 -4.71 -29.68
N VAL B 117 -81.58 -5.47 -30.18
CA VAL B 117 -81.71 -5.75 -31.61
C VAL B 117 -82.90 -4.98 -32.17
N PHE B 118 -82.69 -4.31 -33.30
CA PHE B 118 -83.75 -3.55 -33.96
C PHE B 118 -83.69 -3.80 -35.45
N ILE B 119 -84.84 -3.65 -36.11
CA ILE B 119 -84.98 -3.89 -37.54
C ILE B 119 -85.70 -2.71 -38.16
N PHE B 120 -85.18 -2.22 -39.29
CA PHE B 120 -85.78 -1.10 -40.02
C PHE B 120 -86.01 -1.53 -41.46
N PRO B 121 -87.24 -1.47 -41.96
CA PRO B 121 -87.51 -1.80 -43.35
C PRO B 121 -87.42 -0.56 -44.23
N PRO B 122 -87.52 -0.70 -45.56
CA PRO B 122 -87.55 0.48 -46.41
C PRO B 122 -88.74 1.37 -46.09
N SER B 123 -88.54 2.68 -46.25
CA SER B 123 -89.56 3.67 -45.93
C SER B 123 -90.39 4.07 -47.13
N ASP B 124 -90.43 3.23 -48.17
CA ASP B 124 -91.32 3.38 -49.33
C ASP B 124 -90.82 4.54 -50.20
N GLU B 125 -89.88 5.33 -49.67
CA GLU B 125 -89.27 6.39 -50.47
C GLU B 125 -88.09 5.86 -51.27
N GLN B 126 -87.21 5.09 -50.62
CA GLN B 126 -86.14 4.41 -51.35
C GLN B 126 -86.71 3.33 -52.27
N LEU B 127 -87.80 2.68 -51.85
CA LEU B 127 -88.42 1.65 -52.68
C LEU B 127 -88.97 2.22 -53.98
N LYS B 128 -89.34 3.50 -53.99
CA LYS B 128 -89.82 4.13 -55.21
C LYS B 128 -88.75 4.21 -56.28
N SER B 129 -87.48 4.09 -55.91
CA SER B 129 -86.37 4.10 -56.84
C SER B 129 -85.99 2.72 -57.34
N GLY B 130 -86.72 1.68 -56.93
CA GLY B 130 -86.41 0.33 -57.35
C GLY B 130 -85.37 -0.38 -56.51
N THR B 131 -84.99 0.18 -55.37
CA THR B 131 -83.98 -0.42 -54.49
C THR B 131 -84.57 -0.55 -53.09
N ALA B 132 -84.24 -1.65 -52.42
CA ALA B 132 -84.68 -1.91 -51.06
C ALA B 132 -83.48 -2.10 -50.15
N SER B 133 -83.57 -1.55 -48.94
CA SER B 133 -82.53 -1.66 -47.94
C SER B 133 -83.15 -2.02 -46.60
N VAL B 134 -82.58 -3.03 -45.95
CA VAL B 134 -83.04 -3.51 -44.65
C VAL B 134 -81.91 -3.31 -43.64
N VAL B 135 -82.23 -2.71 -42.49
CA VAL B 135 -81.25 -2.34 -41.50
C VAL B 135 -81.43 -3.20 -40.25
N CYS B 136 -80.36 -3.81 -39.78
CA CYS B 136 -80.33 -4.52 -38.51
C CYS B 136 -79.37 -3.77 -37.59
N LEU B 137 -79.88 -3.33 -36.44
CA LEU B 137 -79.14 -2.51 -35.51
C LEU B 137 -78.89 -3.27 -34.23
N LEU B 138 -77.62 -3.37 -33.84
CA LEU B 138 -77.20 -3.93 -32.56
C LEU B 138 -76.71 -2.79 -31.69
N ASN B 139 -77.34 -2.62 -30.53
CA ASN B 139 -77.10 -1.46 -29.67
C ASN B 139 -76.55 -1.90 -28.33
N ASN B 140 -75.44 -1.27 -27.93
CA ASN B 140 -74.91 -1.33 -26.57
C ASN B 140 -74.60 -2.78 -26.15
N PHE B 141 -73.63 -3.36 -26.84
CA PHE B 141 -73.20 -4.72 -26.56
C PHE B 141 -71.73 -4.73 -26.15
N TYR B 142 -71.31 -5.88 -25.64
CA TYR B 142 -69.91 -6.13 -25.31
C TYR B 142 -69.72 -7.63 -25.21
N PRO B 143 -68.60 -8.18 -25.70
CA PRO B 143 -67.51 -7.51 -26.42
C PRO B 143 -67.77 -7.44 -27.91
N ARG B 144 -66.76 -7.08 -28.70
CA ARG B 144 -66.99 -6.79 -30.11
C ARG B 144 -67.32 -8.04 -30.91
N GLU B 145 -66.84 -9.20 -30.48
CA GLU B 145 -66.99 -10.43 -31.25
C GLU B 145 -68.44 -10.90 -31.20
N ALA B 146 -69.12 -10.81 -32.34
CA ALA B 146 -70.49 -11.28 -32.48
C ALA B 146 -70.76 -11.52 -33.95
N LYS B 147 -71.81 -12.30 -34.24
CA LYS B 147 -72.13 -12.65 -35.62
C LYS B 147 -73.58 -12.30 -35.92
N VAL B 148 -73.81 -11.81 -37.14
CA VAL B 148 -75.12 -11.41 -37.63
C VAL B 148 -75.38 -12.12 -38.95
N GLN B 149 -76.59 -12.68 -39.10
CA GLN B 149 -76.95 -13.47 -40.26
C GLN B 149 -78.25 -12.94 -40.83
N TRP B 150 -78.35 -12.95 -42.16
CA TRP B 150 -79.54 -12.53 -42.88
C TRP B 150 -80.22 -13.76 -43.48
N LYS B 151 -81.52 -13.88 -43.28
CA LYS B 151 -82.32 -14.98 -43.82
C LYS B 151 -83.40 -14.36 -44.70
N VAL B 152 -83.34 -14.67 -45.99
CA VAL B 152 -84.34 -14.23 -46.97
C VAL B 152 -85.23 -15.42 -47.24
N ASP B 153 -86.48 -15.36 -46.76
CA ASP B 153 -87.39 -16.51 -46.82
C ASP B 153 -86.73 -17.75 -46.23
N ASN B 154 -86.09 -17.57 -45.08
CA ASN B 154 -85.36 -18.64 -44.39
C ASN B 154 -84.28 -19.25 -45.29
N ALA B 155 -83.54 -18.40 -45.99
CA ALA B 155 -82.43 -18.83 -46.82
C ALA B 155 -81.21 -17.97 -46.53
N LEU B 156 -80.07 -18.62 -46.37
CA LEU B 156 -78.82 -17.89 -46.11
C LEU B 156 -78.38 -17.14 -47.36
N GLN B 157 -77.88 -15.92 -47.15
CA GLN B 157 -77.42 -15.06 -48.23
C GLN B 157 -76.00 -14.57 -47.92
N SER B 158 -75.20 -14.40 -48.97
CA SER B 158 -73.83 -13.95 -48.82
C SER B 158 -73.50 -12.95 -49.92
N GLY B 159 -72.60 -12.02 -49.60
CA GLY B 159 -72.11 -11.07 -50.57
C GLY B 159 -73.03 -9.90 -50.87
N ASN B 160 -74.07 -9.69 -50.04
CA ASN B 160 -74.99 -8.57 -50.26
C ASN B 160 -75.27 -7.78 -48.99
N SER B 161 -74.58 -8.06 -47.89
CA SER B 161 -74.77 -7.37 -46.64
C SER B 161 -73.48 -6.67 -46.21
N GLN B 162 -73.63 -5.46 -45.68
CA GLN B 162 -72.51 -4.64 -45.25
C GLN B 162 -72.62 -4.36 -43.75
N GLU B 163 -71.48 -4.11 -43.12
CA GLU B 163 -71.37 -4.02 -41.68
C GLU B 163 -70.55 -2.80 -41.29
N SER B 164 -70.94 -2.16 -40.19
CA SER B 164 -70.26 -1.00 -39.65
C SER B 164 -70.23 -1.05 -38.13
N VAL B 165 -69.06 -0.78 -37.55
CA VAL B 165 -68.84 -0.81 -36.11
C VAL B 165 -68.29 0.54 -35.67
N THR B 166 -68.90 1.14 -34.65
CA THR B 166 -68.47 2.44 -34.15
C THR B 166 -67.28 2.26 -33.21
N GLU B 167 -66.93 3.32 -32.48
CA GLU B 167 -65.77 3.31 -31.61
C GLU B 167 -66.20 3.25 -30.15
N GLN B 168 -65.31 2.71 -29.32
CA GLN B 168 -65.60 2.49 -27.91
C GLN B 168 -65.91 3.81 -27.22
N ASP B 169 -67.16 3.97 -26.79
CA ASP B 169 -67.56 5.19 -26.11
C ASP B 169 -66.81 5.35 -24.80
N SER B 170 -66.50 6.59 -24.45
CA SER B 170 -65.72 6.86 -23.24
C SER B 170 -66.52 6.65 -21.96
N LYS B 171 -67.83 6.49 -22.04
CA LYS B 171 -68.66 6.44 -20.84
C LYS B 171 -68.87 5.00 -20.36
N ASP B 172 -69.47 4.16 -21.20
CA ASP B 172 -69.83 2.81 -20.81
C ASP B 172 -69.02 1.73 -21.50
N SER B 173 -68.16 2.10 -22.44
CA SER B 173 -67.24 1.18 -23.10
C SER B 173 -67.98 0.00 -23.74
N THR B 174 -68.82 0.33 -24.72
CA THR B 174 -69.49 -0.69 -25.52
C THR B 174 -69.26 -0.43 -27.00
N TYR B 175 -69.97 -1.16 -27.85
CA TYR B 175 -69.92 -0.97 -29.29
C TYR B 175 -71.34 -0.97 -29.85
N SER B 176 -71.49 -0.34 -31.00
CA SER B 176 -72.76 -0.31 -31.71
C SER B 176 -72.52 -0.76 -33.14
N LEU B 177 -73.37 -1.67 -33.63
CA LEU B 177 -73.16 -2.31 -34.92
C LEU B 177 -74.37 -2.07 -35.82
N SER B 178 -74.10 -1.84 -37.10
CA SER B 178 -75.14 -1.73 -38.10
C SER B 178 -74.86 -2.72 -39.22
N SER B 179 -75.91 -3.38 -39.71
CA SER B 179 -75.79 -4.31 -40.83
C SER B 179 -76.89 -4.02 -41.83
N THR B 180 -76.52 -3.69 -43.05
CA THR B 180 -77.47 -3.34 -44.09
C THR B 180 -77.50 -4.41 -45.17
N LEU B 181 -78.71 -4.69 -45.65
CA LEU B 181 -78.94 -5.62 -46.76
C LEU B 181 -79.57 -4.80 -47.89
N THR B 182 -78.84 -4.67 -48.99
CA THR B 182 -79.27 -3.88 -50.13
C THR B 182 -79.55 -4.79 -51.31
N LEU B 183 -80.69 -4.56 -51.96
CA LEU B 183 -81.09 -5.42 -53.08
C LEU B 183 -82.01 -4.63 -54.00
N SER B 184 -82.29 -5.21 -55.16
CA SER B 184 -83.18 -4.61 -56.13
C SER B 184 -84.63 -4.96 -55.82
N LYS B 185 -85.54 -4.23 -56.44
CA LYS B 185 -86.97 -4.48 -56.23
C LYS B 185 -87.37 -5.86 -56.75
N ALA B 186 -86.66 -6.37 -57.75
CA ALA B 186 -86.99 -7.68 -58.29
C ALA B 186 -86.80 -8.77 -57.25
N ASP B 187 -85.71 -8.71 -56.48
CA ASP B 187 -85.52 -9.66 -55.41
C ASP B 187 -86.46 -9.38 -54.24
N TYR B 188 -86.77 -8.12 -53.99
CA TYR B 188 -87.64 -7.77 -52.86
C TYR B 188 -89.04 -8.29 -53.06
N GLU B 189 -89.57 -8.20 -54.28
CA GLU B 189 -90.93 -8.63 -54.56
C GLU B 189 -91.08 -10.14 -54.66
N LYS B 190 -89.98 -10.88 -54.77
CA LYS B 190 -90.02 -12.33 -54.84
C LYS B 190 -89.98 -13.00 -53.47
N HIS B 191 -89.86 -12.23 -52.39
CA HIS B 191 -89.76 -12.77 -51.05
C HIS B 191 -90.57 -11.92 -50.09
N LYS B 192 -91.04 -12.54 -49.02
CA LYS B 192 -91.86 -11.86 -48.02
C LYS B 192 -91.29 -11.93 -46.62
N VAL B 193 -90.75 -13.07 -46.22
CA VAL B 193 -90.24 -13.25 -44.86
C VAL B 193 -88.76 -12.86 -44.84
N TYR B 194 -88.39 -11.93 -43.97
CA TYR B 194 -86.98 -11.58 -43.77
C TYR B 194 -86.66 -11.70 -42.30
N ALA B 195 -85.47 -12.20 -41.99
CA ALA B 195 -85.05 -12.41 -40.62
C ALA B 195 -83.60 -11.97 -40.43
N CYS B 196 -83.33 -11.35 -39.29
CA CYS B 196 -81.97 -11.00 -38.87
C CYS B 196 -81.69 -11.75 -37.58
N GLU B 197 -80.74 -12.68 -37.64
CA GLU B 197 -80.43 -13.55 -36.50
C GLU B 197 -79.04 -13.24 -35.98
N VAL B 198 -78.95 -12.96 -34.68
CA VAL B 198 -77.69 -12.60 -34.05
C VAL B 198 -77.27 -13.72 -33.10
N THR B 199 -75.97 -13.96 -33.04
CA THR B 199 -75.38 -14.87 -32.06
C THR B 199 -74.18 -14.19 -31.44
N HIS B 200 -74.08 -14.27 -30.11
CA HIS B 200 -73.14 -13.44 -29.36
C HIS B 200 -72.83 -14.15 -28.05
N GLN B 201 -71.59 -13.97 -27.58
CA GLN B 201 -71.16 -14.60 -26.34
C GLN B 201 -72.08 -14.23 -25.18
N GLY B 202 -72.52 -12.97 -25.13
CA GLY B 202 -73.36 -12.50 -24.05
C GLY B 202 -74.83 -12.81 -24.19
N LEU B 203 -75.22 -13.56 -25.21
CA LEU B 203 -76.62 -13.91 -25.43
C LEU B 203 -76.80 -15.42 -25.23
N SER B 204 -77.87 -15.78 -24.52
CA SER B 204 -78.13 -17.18 -24.22
C SER B 204 -78.37 -18.00 -25.49
N SER B 205 -79.13 -17.46 -26.43
CA SER B 205 -79.47 -18.15 -27.66
C SER B 205 -79.40 -17.18 -28.83
N PRO B 206 -79.13 -17.67 -30.04
CA PRO B 206 -79.22 -16.80 -31.22
C PRO B 206 -80.62 -16.25 -31.39
N VAL B 207 -80.75 -14.93 -31.26
CA VAL B 207 -82.05 -14.26 -31.21
C VAL B 207 -82.29 -13.61 -32.57
N THR B 208 -83.51 -13.77 -33.09
CA THR B 208 -83.84 -13.32 -34.43
C THR B 208 -84.99 -12.33 -34.39
N LYS B 209 -84.90 -11.30 -35.24
CA LYS B 209 -85.99 -10.36 -35.46
C LYS B 209 -86.41 -10.44 -36.92
N SER B 210 -87.70 -10.64 -37.16
CA SER B 210 -88.21 -10.90 -38.50
C SER B 210 -89.30 -9.92 -38.85
N PHE B 211 -89.56 -9.78 -40.15
CA PHE B 211 -90.67 -8.98 -40.63
C PHE B 211 -91.12 -9.49 -41.97
N ASN B 212 -92.28 -8.99 -42.41
CA ASN B 212 -92.91 -9.38 -43.67
C ASN B 212 -93.22 -8.14 -44.49
N ARG B 213 -93.12 -8.29 -45.81
CA ARG B 213 -93.38 -7.19 -46.72
C ARG B 213 -94.86 -6.81 -46.69
N GLY B 214 -95.13 -5.51 -46.70
CA GLY B 214 -96.50 -5.03 -46.71
C GLY B 214 -97.29 -5.37 -45.46
N GLU B 215 -96.68 -5.17 -44.29
CA GLU B 215 -97.37 -5.46 -43.03
C GLU B 215 -96.94 -4.48 -41.94
N GLN C 1 -50.10 -18.42 6.35
CA GLN C 1 -51.20 -19.32 6.63
C GLN C 1 -51.66 -19.20 8.08
N VAL C 2 -51.87 -17.97 8.53
CA VAL C 2 -52.32 -17.69 9.89
C VAL C 2 -53.54 -16.79 9.83
N GLN C 3 -54.60 -17.18 10.53
CA GLN C 3 -55.81 -16.40 10.62
C GLN C 3 -56.11 -16.10 12.09
N LEU C 4 -56.54 -14.87 12.35
CA LEU C 4 -56.77 -14.43 13.71
C LEU C 4 -58.20 -13.93 13.87
N VAL C 5 -59.17 -14.75 13.44
CA VAL C 5 -60.57 -14.36 13.48
C VAL C 5 -60.95 -13.92 14.88
N GLN C 6 -61.64 -12.78 14.97
CA GLN C 6 -62.13 -12.24 16.22
C GLN C 6 -63.58 -12.65 16.42
N SER C 7 -64.21 -12.09 17.44
CA SER C 7 -65.61 -12.38 17.75
C SER C 7 -66.52 -11.31 17.16
N GLY C 8 -67.82 -11.56 17.26
CA GLY C 8 -68.80 -10.68 16.68
C GLY C 8 -68.91 -9.36 17.41
N ALA C 9 -69.70 -8.46 16.84
CA ALA C 9 -69.86 -7.13 17.40
C ALA C 9 -70.55 -7.21 18.76
N GLU C 10 -70.42 -6.13 19.52
CA GLU C 10 -70.99 -6.09 20.86
C GLU C 10 -71.38 -4.68 21.22
N ALA C 11 -72.54 -4.54 21.85
CA ALA C 11 -73.02 -3.26 22.34
C ALA C 11 -73.77 -3.48 23.64
N LYS C 12 -73.48 -2.66 24.64
CA LYS C 12 -74.10 -2.82 25.94
C LYS C 12 -74.02 -1.52 26.72
N LYS C 13 -74.93 -1.37 27.68
CA LYS C 13 -74.99 -0.19 28.53
C LYS C 13 -73.87 -0.20 29.55
N PRO C 14 -73.54 0.96 30.11
CA PRO C 14 -72.44 1.01 31.08
C PRO C 14 -72.72 0.18 32.31
N GLY C 15 -71.66 -0.42 32.85
CA GLY C 15 -71.76 -1.16 34.10
C GLY C 15 -71.36 -2.62 34.02
N GLU C 16 -71.70 -3.29 32.93
CA GLU C 16 -71.50 -4.73 32.82
C GLU C 16 -70.05 -5.04 32.48
N SER C 17 -69.77 -6.31 32.22
CA SER C 17 -68.43 -6.80 31.93
C SER C 17 -68.41 -7.47 30.56
N LEU C 18 -67.26 -7.37 29.89
CA LEU C 18 -67.11 -7.79 28.51
C LEU C 18 -66.14 -8.96 28.40
N LYS C 19 -66.20 -9.64 27.26
CA LYS C 19 -65.32 -10.79 26.99
C LYS C 19 -65.30 -11.02 25.49
N ILE C 20 -64.13 -10.89 24.87
CA ILE C 20 -63.96 -11.07 23.44
C ILE C 20 -62.78 -11.97 23.18
N SER C 21 -62.77 -12.59 22.01
CA SER C 21 -61.82 -13.67 21.72
C SER C 21 -60.98 -13.34 20.50
N CYS C 22 -59.79 -13.95 20.45
CA CYS C 22 -58.86 -13.79 19.34
C CYS C 22 -58.27 -15.15 18.97
N LYS C 23 -59.14 -16.15 18.80
CA LYS C 23 -58.65 -17.51 18.61
C LYS C 23 -57.81 -17.62 17.35
N ALA C 24 -56.62 -18.22 17.51
CA ALA C 24 -55.64 -18.31 16.44
C ALA C 24 -55.63 -19.71 15.85
N SER C 25 -54.73 -19.92 14.90
CA SER C 25 -54.58 -21.23 14.25
C SER C 25 -53.33 -21.19 13.39
N GLY C 26 -52.93 -22.37 12.90
CA GLY C 26 -51.92 -22.47 11.89
C GLY C 26 -50.49 -22.37 12.36
N TYR C 27 -50.24 -22.24 13.67
CA TYR C 27 -48.87 -22.14 14.15
C TYR C 27 -48.83 -22.56 15.62
N SER C 28 -47.64 -22.95 16.06
CA SER C 28 -47.46 -23.41 17.44
C SER C 28 -47.74 -22.26 18.40
N PHE C 29 -48.85 -22.36 19.12
CA PHE C 29 -49.40 -21.20 19.80
C PHE C 29 -48.49 -20.67 20.89
N THR C 30 -47.85 -21.56 21.65
CA THR C 30 -47.12 -21.11 22.83
C THR C 30 -45.69 -20.68 22.50
N THR C 31 -45.51 -19.83 21.50
CA THR C 31 -44.18 -19.33 21.19
C THR C 31 -44.17 -17.87 20.75
N PHE C 32 -45.30 -17.16 20.74
CA PHE C 32 -45.35 -15.83 20.15
C PHE C 32 -46.07 -14.85 21.06
N TRP C 33 -45.61 -13.60 21.01
CA TRP C 33 -45.98 -12.55 21.96
C TRP C 33 -47.26 -11.83 21.54
N ILE C 34 -48.40 -12.49 21.74
CA ILE C 34 -49.68 -11.87 21.39
C ILE C 34 -49.91 -10.60 22.19
N GLY C 35 -50.50 -9.58 21.56
CA GLY C 35 -50.83 -8.33 22.21
C GLY C 35 -52.17 -7.75 21.77
N TRP C 36 -52.47 -6.51 22.14
CA TRP C 36 -53.71 -5.86 21.74
C TRP C 36 -53.49 -4.37 21.53
N VAL C 37 -54.25 -3.79 20.60
CA VAL C 37 -54.22 -2.35 20.34
C VAL C 37 -55.64 -1.84 20.16
N ARG C 38 -55.81 -0.53 20.38
CA ARG C 38 -57.12 0.10 20.39
C ARG C 38 -57.12 1.30 19.47
N GLN C 39 -58.23 1.51 18.75
CA GLN C 39 -58.38 2.65 17.85
C GLN C 39 -59.73 3.28 18.08
N MET C 40 -59.74 4.51 18.59
CA MET C 40 -60.95 5.31 18.67
C MET C 40 -61.21 5.98 17.34
N PRO C 41 -62.44 6.41 17.08
CA PRO C 41 -62.77 7.00 15.78
C PRO C 41 -61.88 8.17 15.37
N GLY C 42 -61.11 7.97 14.31
CA GLY C 42 -60.36 9.04 13.67
C GLY C 42 -59.31 9.74 14.50
N SER C 43 -58.48 8.98 15.22
CA SER C 43 -57.37 9.59 15.94
C SER C 43 -56.06 8.84 15.71
N GLY C 44 -56.14 7.54 15.43
CA GLY C 44 -54.98 6.72 15.25
C GLY C 44 -55.06 5.47 16.11
N LEU C 45 -53.89 4.93 16.45
CA LEU C 45 -53.80 3.69 17.20
C LEU C 45 -52.96 3.91 18.45
N GLU C 46 -53.25 3.12 19.49
CA GLU C 46 -52.48 3.12 20.71
C GLU C 46 -52.36 1.70 21.23
N TRP C 47 -51.37 1.46 22.10
CA TRP C 47 -51.12 0.15 22.67
C TRP C 47 -51.74 0.05 24.06
N ILE C 48 -52.21 -1.15 24.41
CA ILE C 48 -52.83 -1.41 25.70
C ILE C 48 -52.12 -2.53 26.46
N GLY C 49 -51.87 -3.66 25.80
CA GLY C 49 -51.34 -4.79 26.55
C GLY C 49 -50.67 -5.83 25.66
N ILE C 50 -49.97 -6.73 26.33
CA ILE C 50 -49.18 -7.76 25.66
C ILE C 50 -49.01 -8.92 26.64
N ILE C 51 -48.97 -10.14 26.11
CA ILE C 51 -48.90 -11.33 26.97
C ILE C 51 -48.23 -12.47 26.23
N TYR C 52 -47.25 -13.11 26.88
CA TYR C 52 -46.61 -14.29 26.35
C TYR C 52 -47.40 -15.50 26.84
N PRO C 53 -48.01 -16.30 25.95
CA PRO C 53 -48.89 -17.39 26.39
C PRO C 53 -48.14 -18.69 26.68
N GLY C 54 -46.99 -18.58 27.33
CA GLY C 54 -46.27 -19.76 27.74
C GLY C 54 -46.02 -19.77 29.23
N ASP C 55 -45.93 -18.57 29.82
CA ASP C 55 -45.79 -18.42 31.26
C ASP C 55 -46.83 -17.46 31.83
N SER C 56 -47.80 -17.05 31.01
CA SER C 56 -48.78 -16.03 31.38
C SER C 56 -48.13 -14.74 31.83
N ASP C 57 -46.86 -14.53 31.50
CA ASP C 57 -46.23 -13.24 31.74
C ASP C 57 -47.03 -12.15 31.05
N THR C 58 -47.20 -11.03 31.73
CA THR C 58 -48.00 -9.93 31.20
C THR C 58 -47.33 -8.61 31.52
N ARG C 59 -47.66 -7.60 30.72
CA ARG C 59 -47.24 -6.23 30.98
C ARG C 59 -48.33 -5.32 30.45
N TYR C 60 -48.33 -4.06 30.90
CA TYR C 60 -49.41 -3.16 30.54
C TYR C 60 -48.85 -1.78 30.22
N SER C 61 -49.71 -0.94 29.64
CA SER C 61 -49.33 0.38 29.21
C SER C 61 -49.06 1.28 30.42
N PRO C 62 -48.39 2.43 30.20
CA PRO C 62 -48.22 3.38 31.31
C PRO C 62 -49.51 3.73 32.02
N SER C 63 -50.59 4.02 31.29
CA SER C 63 -51.89 4.21 31.92
C SER C 63 -52.90 3.29 31.25
N PHE C 64 -52.87 2.03 31.65
CA PHE C 64 -54.00 1.13 31.48
C PHE C 64 -54.12 0.12 32.60
N GLN C 65 -53.27 0.19 33.63
CA GLN C 65 -53.15 -0.89 34.59
C GLN C 65 -54.41 -0.99 35.45
N GLY C 66 -54.96 -2.20 35.55
CA GLY C 66 -56.09 -2.48 36.39
C GLY C 66 -57.44 -2.32 35.73
N HIS C 67 -57.51 -1.58 34.62
CA HIS C 67 -58.81 -1.43 33.94
C HIS C 67 -59.21 -2.69 33.23
N VAL C 68 -58.26 -3.34 32.54
CA VAL C 68 -58.53 -4.53 31.74
C VAL C 68 -57.47 -5.57 32.06
N THR C 69 -57.90 -6.81 32.27
CA THR C 69 -57.00 -7.90 32.63
C THR C 69 -56.92 -8.87 31.45
N ILE C 70 -55.73 -8.99 30.86
CA ILE C 70 -55.53 -9.91 29.75
C ILE C 70 -55.37 -11.32 30.29
N SER C 71 -55.69 -12.31 29.46
CA SER C 71 -55.63 -13.70 29.88
C SER C 71 -55.11 -14.53 28.71
N ALA C 72 -55.22 -15.85 28.85
CA ALA C 72 -54.83 -16.80 27.81
C ALA C 72 -55.38 -18.16 28.21
N ASP C 73 -55.28 -19.12 27.28
CA ASP C 73 -55.71 -20.49 27.55
C ASP C 73 -55.14 -21.37 26.45
N ARG C 74 -54.42 -22.42 26.83
CA ARG C 74 -53.82 -23.34 25.86
C ARG C 74 -54.70 -24.58 25.68
N SER C 75 -55.94 -24.35 25.27
CA SER C 75 -56.81 -25.43 24.81
C SER C 75 -57.33 -25.19 23.40
N THR C 76 -57.65 -23.94 23.06
CA THR C 76 -57.95 -23.57 21.69
C THR C 76 -57.18 -22.33 21.27
N SER C 77 -56.20 -21.90 22.06
CA SER C 77 -55.32 -20.75 21.82
C SER C 77 -56.03 -19.41 21.95
N THR C 78 -57.30 -19.41 22.38
CA THR C 78 -58.08 -18.19 22.43
C THR C 78 -57.52 -17.27 23.50
N ALA C 79 -57.05 -16.09 23.11
CA ALA C 79 -56.55 -15.09 24.04
C ALA C 79 -57.67 -14.09 24.32
N TYR C 80 -58.27 -14.17 25.51
CA TYR C 80 -59.42 -13.36 25.84
C TYR C 80 -58.97 -11.94 26.18
N LEU C 81 -59.90 -11.12 26.67
CA LEU C 81 -59.60 -9.79 27.18
C LEU C 81 -60.69 -9.45 28.19
N GLN C 82 -60.38 -9.57 29.47
CA GLN C 82 -61.36 -9.38 30.52
C GLN C 82 -61.54 -7.89 30.81
N TRP C 83 -62.79 -7.43 30.77
CA TRP C 83 -63.11 -6.05 31.09
C TRP C 83 -63.71 -5.97 32.49
N SER C 84 -63.22 -5.01 33.28
CA SER C 84 -63.61 -4.95 34.68
C SER C 84 -65.09 -4.60 34.84
N SER C 85 -65.47 -3.39 34.43
CA SER C 85 -66.86 -2.94 34.51
C SER C 85 -66.94 -1.52 33.95
N LEU C 86 -68.15 -1.13 33.56
CA LEU C 86 -68.49 0.25 33.19
C LEU C 86 -67.61 0.70 32.04
N LYS C 87 -66.79 1.74 32.19
CA LYS C 87 -65.99 2.31 31.11
C LYS C 87 -66.89 2.73 29.95
N ALA C 88 -67.78 3.69 30.24
CA ALA C 88 -68.72 4.15 29.23
C ALA C 88 -68.00 4.80 28.06
N SER C 89 -66.97 5.61 28.34
CA SER C 89 -66.21 6.27 27.27
C SER C 89 -65.15 5.33 26.71
N ASP C 90 -65.63 4.25 26.10
CA ASP C 90 -64.74 3.26 25.52
C ASP C 90 -65.19 2.79 24.14
N THR C 91 -66.05 3.57 23.47
CA THR C 91 -66.48 3.22 22.13
C THR C 91 -65.29 3.31 21.19
N ALA C 92 -64.85 2.18 20.66
CA ALA C 92 -63.67 2.12 19.81
C ALA C 92 -63.66 0.77 19.11
N MET C 93 -62.57 0.45 18.44
CA MET C 93 -62.37 -0.86 17.83
C MET C 93 -61.04 -1.44 18.28
N TYR C 94 -61.04 -2.73 18.57
CA TYR C 94 -59.93 -3.40 19.25
C TYR C 94 -59.35 -4.49 18.35
N TYR C 95 -58.06 -4.38 18.06
CA TYR C 95 -57.33 -5.34 17.26
C TYR C 95 -56.44 -6.19 18.14
N CYS C 96 -56.22 -7.44 17.73
CA CYS C 96 -55.27 -8.33 18.38
C CYS C 96 -54.22 -8.75 17.38
N ALA C 97 -52.97 -8.39 17.65
CA ALA C 97 -51.87 -8.67 16.75
C ALA C 97 -50.96 -9.73 17.35
N ARG C 98 -49.91 -10.11 16.62
CA ARG C 98 -49.21 -11.35 16.96
C ARG C 98 -47.82 -11.17 17.53
N SER C 99 -46.88 -10.52 16.84
CA SER C 99 -45.49 -10.87 17.12
C SER C 99 -44.61 -9.68 17.44
N ALA C 100 -45.13 -8.70 18.17
CA ALA C 100 -44.31 -7.65 18.76
C ALA C 100 -43.64 -6.76 17.72
N VAL C 101 -43.82 -7.09 16.45
CA VAL C 101 -43.49 -6.20 15.34
C VAL C 101 -44.75 -6.12 14.49
N PHE C 102 -45.90 -6.05 15.16
CA PHE C 102 -47.13 -6.75 14.83
C PHE C 102 -47.32 -7.04 13.35
N ASP C 103 -47.56 -8.31 13.01
CA ASP C 103 -47.62 -8.74 11.62
C ASP C 103 -49.03 -9.12 11.18
N TYR C 104 -49.62 -10.11 11.83
CA TYR C 104 -50.83 -10.75 11.30
C TYR C 104 -52.01 -10.29 12.16
N TRP C 105 -52.59 -9.17 11.78
CA TRP C 105 -53.73 -8.62 12.48
C TRP C 105 -54.99 -9.40 12.13
N GLY C 106 -56.01 -9.21 12.94
CA GLY C 106 -57.28 -9.88 12.75
C GLY C 106 -58.34 -8.97 12.17
N GLN C 107 -59.59 -9.33 12.42
CA GLN C 107 -60.73 -8.55 11.98
C GLN C 107 -60.93 -7.36 12.92
N GLY C 108 -62.08 -6.73 12.84
CA GLY C 108 -62.47 -5.70 13.79
C GLY C 108 -63.74 -6.11 14.53
N THR C 109 -63.79 -5.80 15.83
CA THR C 109 -64.95 -6.09 16.66
C THR C 109 -65.21 -4.86 17.51
N LEU C 110 -66.04 -3.95 16.99
CA LEU C 110 -66.30 -2.70 17.69
C LEU C 110 -67.16 -2.95 18.92
N VAL C 111 -66.80 -2.29 20.02
CA VAL C 111 -67.54 -2.37 21.27
C VAL C 111 -68.25 -1.05 21.48
N THR C 112 -69.57 -1.09 21.63
CA THR C 112 -70.38 0.11 21.80
C THR C 112 -70.89 0.17 23.23
N VAL C 113 -70.70 1.34 23.87
CA VAL C 113 -71.12 1.55 25.25
C VAL C 113 -71.93 2.84 25.26
N SER C 114 -73.25 2.72 25.21
CA SER C 114 -74.13 3.88 25.20
C SER C 114 -75.25 3.71 26.20
N SER C 115 -76.21 4.65 26.20
CA SER C 115 -77.35 4.60 27.10
C SER C 115 -78.65 4.22 26.41
N ALA C 116 -78.72 4.31 25.08
CA ALA C 116 -79.92 3.95 24.34
C ALA C 116 -80.02 2.43 24.21
N SER C 117 -80.94 1.97 23.39
CA SER C 117 -81.18 0.54 23.21
C SER C 117 -81.11 0.19 21.73
N THR C 118 -80.71 -1.04 21.45
CA THR C 118 -80.58 -1.49 20.07
C THR C 118 -81.94 -1.58 19.41
N LYS C 119 -82.00 -1.18 18.14
CA LYS C 119 -83.22 -1.26 17.34
C LYS C 119 -82.90 -1.90 16.01
N GLY C 120 -83.79 -2.78 15.55
CA GLY C 120 -83.61 -3.50 14.33
C GLY C 120 -83.58 -2.61 13.10
N PRO C 121 -82.77 -2.96 12.12
CA PRO C 121 -82.71 -2.17 10.90
C PRO C 121 -84.01 -2.25 10.11
N SER C 122 -84.31 -1.17 9.40
CA SER C 122 -85.49 -1.07 8.56
C SER C 122 -85.04 -0.86 7.12
N VAL C 123 -85.26 -1.85 6.28
CA VAL C 123 -84.79 -1.84 4.90
C VAL C 123 -85.83 -1.21 4.01
N PHE C 124 -85.40 -0.79 2.81
CA PHE C 124 -86.29 -0.17 1.82
C PHE C 124 -85.74 -0.37 0.41
N PRO C 125 -86.51 -0.95 -0.49
CA PRO C 125 -86.04 -1.13 -1.87
C PRO C 125 -86.20 0.13 -2.70
N LEU C 126 -85.60 0.10 -3.88
CA LEU C 126 -85.68 1.19 -4.85
C LEU C 126 -86.12 0.62 -6.19
N ALA C 127 -87.00 1.36 -6.88
CA ALA C 127 -87.57 0.89 -8.14
C ALA C 127 -86.97 1.66 -9.31
N PRO C 128 -86.15 1.03 -10.14
CA PRO C 128 -85.54 1.74 -11.27
C PRO C 128 -86.39 1.71 -12.53
N SER C 129 -86.76 2.88 -13.06
CA SER C 129 -87.34 2.96 -14.41
C SER C 129 -86.95 4.31 -15.00
N SER C 130 -85.81 4.35 -15.68
CA SER C 130 -85.39 5.55 -16.40
C SER C 130 -84.79 5.28 -17.78
N GLY C 131 -84.31 4.07 -18.05
CA GLY C 131 -83.52 3.78 -19.24
C GLY C 131 -82.03 3.70 -18.98
N THR C 132 -81.55 4.26 -17.88
CA THR C 132 -80.17 4.13 -17.44
C THR C 132 -80.17 3.30 -16.15
N ALA C 133 -79.42 2.21 -16.14
CA ALA C 133 -79.57 1.19 -15.11
C ALA C 133 -78.81 1.60 -13.84
N ALA C 134 -79.55 1.71 -12.74
CA ALA C 134 -78.99 1.97 -11.42
C ALA C 134 -80.06 1.71 -10.36
N LEU C 135 -79.72 0.99 -9.31
CA LEU C 135 -80.70 0.64 -8.29
C LEU C 135 -79.98 0.26 -7.01
N GLY C 136 -80.74 0.23 -5.92
CA GLY C 136 -80.12 -0.09 -4.64
C GLY C 136 -81.14 -0.37 -3.56
N CYS C 137 -80.62 -0.61 -2.37
CA CYS C 137 -81.41 -0.86 -1.17
C CYS C 137 -81.03 0.15 -0.10
N LEU C 138 -82.03 0.65 0.61
CA LEU C 138 -81.82 1.69 1.62
C LEU C 138 -82.15 1.13 2.99
N VAL C 139 -81.26 1.36 3.96
CA VAL C 139 -81.46 0.97 5.35
C VAL C 139 -81.85 2.21 6.12
N LYS C 140 -83.07 2.23 6.64
CA LYS C 140 -83.61 3.37 7.35
C LYS C 140 -83.09 3.37 8.79
N ASP C 141 -83.73 4.16 9.66
CA ASP C 141 -83.23 4.39 11.02
C ASP C 141 -83.02 3.08 11.76
N TYR C 142 -81.88 2.99 12.44
CA TYR C 142 -81.50 1.80 13.18
C TYR C 142 -80.38 2.17 14.15
N PHE C 143 -80.11 1.27 15.09
CA PHE C 143 -79.05 1.46 16.06
C PHE C 143 -78.66 0.13 16.66
N PRO C 144 -77.37 -0.13 16.91
CA PRO C 144 -76.21 0.70 16.60
C PRO C 144 -75.38 0.16 15.44
N GLU C 145 -74.31 0.86 15.08
CA GLU C 145 -73.39 0.37 14.07
C GLU C 145 -72.62 -0.83 14.61
N PRO C 146 -72.06 -1.67 13.73
CA PRO C 146 -72.07 -1.59 12.26
C PRO C 146 -73.10 -2.51 11.62
N VAL C 147 -73.11 -2.55 10.28
CA VAL C 147 -74.02 -3.39 9.53
C VAL C 147 -73.39 -3.66 8.18
N THR C 148 -73.70 -4.82 7.59
CA THR C 148 -73.11 -5.25 6.34
C THR C 148 -74.19 -5.50 5.30
N VAL C 149 -73.86 -5.20 4.04
CA VAL C 149 -74.74 -5.45 2.91
C VAL C 149 -73.98 -6.28 1.88
N SER C 150 -74.74 -6.99 1.05
CA SER C 150 -74.17 -7.80 -0.01
C SER C 150 -75.27 -8.18 -0.98
N TRP C 151 -74.98 -8.13 -2.26
CA TRP C 151 -75.97 -8.33 -3.32
C TRP C 151 -75.90 -9.74 -3.86
N ASN C 152 -77.06 -10.40 -3.94
CA ASN C 152 -77.17 -11.76 -4.46
C ASN C 152 -76.21 -12.70 -3.74
N SER C 153 -76.17 -12.56 -2.41
CA SER C 153 -75.28 -13.34 -1.55
C SER C 153 -73.83 -13.22 -2.00
N GLY C 154 -73.41 -12.00 -2.32
CA GLY C 154 -72.06 -11.75 -2.77
C GLY C 154 -71.72 -12.35 -4.12
N ALA C 155 -72.68 -12.37 -5.04
CA ALA C 155 -72.44 -12.83 -6.39
C ALA C 155 -72.11 -11.69 -7.35
N LEU C 156 -72.06 -10.45 -6.87
CA LEU C 156 -71.81 -9.29 -7.72
C LEU C 156 -71.00 -8.28 -6.93
N THR C 157 -69.78 -7.99 -7.39
CA THR C 157 -68.89 -7.08 -6.69
C THR C 157 -68.57 -5.82 -7.47
N SER C 158 -68.60 -5.86 -8.80
CA SER C 158 -68.26 -4.69 -9.59
C SER C 158 -69.35 -3.64 -9.48
N GLY C 159 -68.95 -2.39 -9.28
CA GLY C 159 -69.87 -1.27 -9.26
C GLY C 159 -70.60 -1.07 -7.95
N VAL C 160 -70.36 -1.91 -6.95
CA VAL C 160 -71.10 -1.79 -5.69
C VAL C 160 -70.61 -0.55 -4.94
N HIS C 161 -71.53 0.05 -4.19
CA HIS C 161 -71.21 1.19 -3.35
C HIS C 161 -71.90 1.01 -2.00
N THR C 162 -71.32 1.63 -0.97
CA THR C 162 -71.91 1.57 0.36
C THR C 162 -71.44 2.79 1.15
N PHE C 163 -72.35 3.71 1.40
CA PHE C 163 -72.00 4.99 2.01
C PHE C 163 -71.80 4.84 3.51
N PRO C 164 -71.06 5.76 4.12
CA PRO C 164 -71.01 5.81 5.59
C PRO C 164 -72.32 6.35 6.15
N ALA C 165 -72.86 5.67 7.15
CA ALA C 165 -74.12 6.08 7.74
C ALA C 165 -73.91 7.35 8.59
N VAL C 166 -75.02 7.98 8.94
CA VAL C 166 -74.98 9.19 9.76
C VAL C 166 -76.24 9.24 10.62
N LEU C 167 -76.13 9.90 11.77
CA LEU C 167 -77.24 10.04 12.70
C LEU C 167 -78.02 11.29 12.34
N GLN C 168 -79.27 11.12 11.92
CA GLN C 168 -80.01 12.25 11.35
C GLN C 168 -80.64 13.12 12.43
N SER C 169 -81.63 12.59 13.15
CA SER C 169 -82.33 13.39 14.15
C SER C 169 -82.68 12.67 15.44
N SER C 170 -82.62 11.34 15.49
CA SER C 170 -83.20 10.60 16.61
C SER C 170 -82.22 9.57 17.17
N GLY C 171 -80.91 9.82 17.03
CA GLY C 171 -79.92 8.89 17.53
C GLY C 171 -79.84 7.59 16.77
N LEU C 172 -80.57 7.43 15.67
CA LEU C 172 -80.50 6.26 14.82
C LEU C 172 -79.66 6.59 13.60
N TYR C 173 -79.40 5.58 12.77
CA TYR C 173 -78.54 5.73 11.61
C TYR C 173 -79.23 5.19 10.38
N SER C 174 -78.85 5.72 9.22
CA SER C 174 -79.45 5.33 7.95
C SER C 174 -78.36 5.03 6.93
N LEU C 175 -78.58 3.99 6.14
CA LEU C 175 -77.63 3.53 5.14
C LEU C 175 -78.26 3.61 3.75
N SER C 176 -77.41 3.49 2.73
CA SER C 176 -77.87 3.53 1.35
C SER C 176 -76.83 2.82 0.49
N SER C 177 -77.23 1.72 -0.12
CA SER C 177 -76.37 0.96 -1.01
C SER C 177 -76.90 1.03 -2.43
N VAL C 178 -76.05 1.45 -3.36
CA VAL C 178 -76.42 1.64 -4.76
C VAL C 178 -75.46 0.82 -5.63
N VAL C 179 -75.94 0.48 -6.82
CA VAL C 179 -75.15 -0.32 -7.76
C VAL C 179 -75.73 -0.16 -9.15
N THR C 180 -74.88 -0.29 -10.15
CA THR C 180 -75.25 -0.22 -11.56
C THR C 180 -74.96 -1.55 -12.24
N VAL C 181 -75.43 -1.67 -13.48
CA VAL C 181 -75.41 -2.94 -14.21
C VAL C 181 -75.80 -2.64 -15.65
N PRO C 182 -75.50 -3.50 -16.62
CA PRO C 182 -76.03 -3.31 -17.97
C PRO C 182 -77.55 -3.12 -17.96
N SER C 183 -78.02 -2.19 -18.79
CA SER C 183 -79.43 -1.83 -18.80
C SER C 183 -80.31 -2.99 -19.27
N SER C 184 -79.87 -3.72 -20.30
CA SER C 184 -80.68 -4.79 -20.87
C SER C 184 -80.88 -5.96 -19.92
N SER C 185 -80.11 -6.05 -18.84
CA SER C 185 -80.21 -7.15 -17.90
C SER C 185 -81.19 -6.87 -16.76
N LEU C 186 -81.89 -5.73 -16.80
CA LEU C 186 -82.77 -5.36 -15.69
C LEU C 186 -83.92 -6.34 -15.55
N GLY C 187 -84.49 -6.79 -16.67
CA GLY C 187 -85.66 -7.64 -16.61
C GLY C 187 -85.39 -9.13 -16.74
N THR C 188 -84.15 -9.56 -16.49
CA THR C 188 -83.80 -10.95 -16.71
C THR C 188 -82.99 -11.59 -15.58
N GLN C 189 -82.69 -10.86 -14.51
CA GLN C 189 -81.88 -11.41 -13.43
C GLN C 189 -82.41 -10.86 -12.11
N THR C 190 -82.66 -11.75 -11.15
CA THR C 190 -83.32 -11.40 -9.91
C THR C 190 -82.32 -10.84 -8.91
N TYR C 191 -82.64 -9.68 -8.35
CA TYR C 191 -81.74 -8.96 -7.46
C TYR C 191 -82.21 -9.10 -6.02
N ILE C 192 -81.28 -9.38 -5.12
CA ILE C 192 -81.57 -9.43 -3.69
C ILE C 192 -80.43 -8.75 -2.94
N CYS C 193 -80.79 -7.94 -1.95
CA CYS C 193 -79.83 -7.31 -1.07
C CYS C 193 -79.94 -7.95 0.31
N ASN C 194 -78.79 -8.37 0.86
CA ASN C 194 -78.76 -9.08 2.14
C ASN C 194 -78.27 -8.12 3.22
N VAL C 195 -79.06 -7.98 4.27
CA VAL C 195 -78.76 -7.10 5.40
C VAL C 195 -78.70 -7.94 6.67
N ASN C 196 -77.64 -7.75 7.44
CA ASN C 196 -77.43 -8.53 8.68
C ASN C 196 -76.90 -7.60 9.76
N HIS C 197 -77.79 -7.16 10.65
CA HIS C 197 -77.42 -6.31 11.79
C HIS C 197 -77.07 -7.23 12.95
N LYS C 198 -75.76 -7.33 13.24
CA LYS C 198 -75.31 -8.29 14.24
C LYS C 198 -75.85 -8.03 15.64
N PRO C 199 -75.85 -6.78 16.18
CA PRO C 199 -76.40 -6.57 17.53
C PRO C 199 -77.79 -7.14 17.73
N SER C 200 -78.75 -6.74 16.90
CA SER C 200 -80.11 -7.22 17.04
C SER C 200 -80.33 -8.56 16.34
N ASN C 201 -79.31 -9.12 15.70
CA ASN C 201 -79.40 -10.40 15.00
C ASN C 201 -80.48 -10.39 13.93
N THR C 202 -80.77 -9.21 13.37
CA THR C 202 -81.78 -9.10 12.33
C THR C 202 -81.17 -9.42 10.97
N LYS C 203 -81.94 -10.11 10.15
CA LYS C 203 -81.49 -10.52 8.82
C LYS C 203 -82.70 -10.55 7.91
N VAL C 204 -82.82 -9.55 7.02
CA VAL C 204 -83.92 -9.47 6.07
C VAL C 204 -83.34 -9.39 4.67
N ASP C 205 -84.18 -9.71 3.70
CA ASP C 205 -83.79 -9.73 2.29
C ASP C 205 -84.89 -9.07 1.46
N LYS C 206 -84.71 -7.80 1.12
CA LYS C 206 -85.69 -7.05 0.35
C LYS C 206 -85.44 -7.27 -1.14
N LYS C 207 -86.21 -8.16 -1.74
CA LYS C 207 -86.11 -8.38 -3.17
C LYS C 207 -86.69 -7.20 -3.94
N VAL C 208 -86.02 -6.82 -5.01
CA VAL C 208 -86.44 -5.68 -5.83
C VAL C 208 -86.90 -6.18 -7.19
N GLU C 209 -87.81 -5.43 -7.79
CA GLU C 209 -88.38 -5.76 -9.08
C GLU C 209 -88.49 -4.50 -9.92
N PRO C 210 -88.47 -4.62 -11.25
CA PRO C 210 -88.61 -3.42 -12.09
C PRO C 210 -89.96 -2.75 -11.88
N LYS C 211 -89.94 -1.42 -11.99
CA LYS C 211 -91.15 -0.62 -11.79
C LYS C 211 -92.15 -0.85 -12.92
N GLU D 1 -42.96 6.25 26.60
CA GLU D 1 -42.84 7.67 26.90
C GLU D 1 -41.97 8.38 25.88
N ILE D 2 -42.13 8.01 24.61
CA ILE D 2 -41.38 8.60 23.50
C ILE D 2 -42.41 9.18 22.55
N VAL D 3 -42.43 10.51 22.41
CA VAL D 3 -43.34 11.14 21.47
C VAL D 3 -42.85 10.88 20.04
N MET D 4 -43.77 11.00 19.09
CA MET D 4 -43.47 10.71 17.70
C MET D 4 -43.96 11.86 16.83
N THR D 5 -43.18 12.20 15.80
CA THR D 5 -43.52 13.28 14.88
C THR D 5 -43.55 12.74 13.46
N GLN D 6 -44.68 12.94 12.78
CA GLN D 6 -44.85 12.50 11.40
C GLN D 6 -45.41 13.64 10.57
N SER D 7 -44.70 14.01 9.51
CA SER D 7 -45.12 15.07 8.60
C SER D 7 -44.65 14.70 7.20
N PRO D 8 -45.32 15.19 6.15
CA PRO D 8 -46.49 16.09 6.12
C PRO D 8 -47.81 15.39 6.43
N ALA D 9 -48.94 15.96 6.04
CA ALA D 9 -50.24 15.44 6.44
C ALA D 9 -51.09 14.94 5.29
N THR D 10 -51.12 15.65 4.17
CA THR D 10 -52.02 15.30 3.06
C THR D 10 -51.28 15.36 1.73
N LEU D 11 -50.13 14.69 1.67
CA LEU D 11 -49.37 14.58 0.42
C LEU D 11 -50.26 14.20 -0.74
N SER D 12 -49.98 14.76 -1.91
CA SER D 12 -50.78 14.51 -3.11
C SER D 12 -49.84 14.40 -4.30
N VAL D 13 -49.69 13.21 -4.85
CA VAL D 13 -48.76 12.96 -5.94
C VAL D 13 -49.54 12.49 -7.16
N SER D 14 -49.01 12.84 -8.34
CA SER D 14 -49.61 12.38 -9.59
C SER D 14 -49.38 10.88 -9.75
N PRO D 15 -50.27 10.18 -10.44
CA PRO D 15 -50.25 8.71 -10.35
C PRO D 15 -49.13 8.08 -11.16
N GLY D 16 -47.95 8.68 -11.11
CA GLY D 16 -46.73 8.01 -11.49
C GLY D 16 -45.53 8.51 -10.71
N GLY D 17 -45.78 9.39 -9.74
CA GLY D 17 -44.69 10.09 -9.09
C GLY D 17 -44.01 9.28 -8.01
N ARG D 18 -43.73 9.91 -6.88
CA ARG D 18 -43.16 9.21 -5.74
C ARG D 18 -43.63 9.89 -4.46
N ALA D 19 -43.02 9.52 -3.34
CA ALA D 19 -43.35 10.12 -2.07
C ALA D 19 -42.13 10.07 -1.17
N THR D 20 -42.10 10.95 -0.17
CA THR D 20 -40.96 11.08 0.72
C THR D 20 -41.43 11.20 2.17
N LEU D 21 -42.31 10.30 2.59
CA LEU D 21 -42.91 10.41 3.91
C LEU D 21 -41.83 10.35 4.99
N SER D 22 -42.03 11.15 6.04
CA SER D 22 -41.03 11.31 7.08
C SER D 22 -41.64 11.05 8.45
N CYS D 23 -40.81 10.51 9.34
CA CYS D 23 -41.22 10.19 10.70
C CYS D 23 -39.99 10.34 11.58
N ARG D 24 -39.98 11.37 12.41
CA ARG D 24 -38.81 11.75 13.20
C ARG D 24 -39.05 11.45 14.67
N ALA D 25 -38.09 10.79 15.30
CA ALA D 25 -38.22 10.41 16.70
C ALA D 25 -37.92 11.60 17.60
N SER D 26 -37.98 11.37 18.91
CA SER D 26 -37.59 12.36 19.89
C SER D 26 -36.28 12.03 20.58
N GLN D 27 -35.75 10.84 20.38
CA GLN D 27 -34.46 10.44 20.93
C GLN D 27 -33.73 9.62 19.86
N SER D 28 -32.67 8.93 20.28
CA SER D 28 -31.83 8.17 19.36
C SER D 28 -32.18 6.69 19.46
N VAL D 29 -33.15 6.28 18.65
CA VAL D 29 -33.52 4.88 18.53
C VAL D 29 -32.76 4.31 17.35
N SER D 30 -31.87 3.35 17.61
CA SER D 30 -30.92 2.91 16.61
C SER D 30 -31.61 2.30 15.39
N SER D 31 -32.24 1.14 15.55
CA SER D 31 -33.03 0.55 14.47
C SER D 31 -34.14 -0.28 15.12
N ASN D 32 -35.27 0.38 15.38
CA ASN D 32 -36.42 -0.30 15.96
C ASN D 32 -37.71 0.25 15.37
N LEU D 33 -37.77 0.43 14.06
CA LEU D 33 -38.91 1.09 13.43
C LEU D 33 -39.74 0.13 12.61
N ALA D 34 -40.98 0.52 12.36
CA ALA D 34 -41.88 -0.25 11.52
C ALA D 34 -42.89 0.70 10.88
N TRP D 35 -43.27 0.41 9.64
CA TRP D 35 -44.21 1.21 8.88
C TRP D 35 -45.45 0.39 8.59
N TYR D 36 -46.61 1.03 8.62
CA TYR D 36 -47.88 0.35 8.42
C TYR D 36 -48.73 1.10 7.42
N GLN D 37 -49.52 0.33 6.65
CA GLN D 37 -50.49 0.85 5.70
C GLN D 37 -51.87 0.39 6.11
N GLN D 38 -52.86 1.28 6.03
CA GLN D 38 -54.23 0.93 6.42
C GLN D 38 -55.18 1.51 5.37
N LYS D 39 -55.74 0.64 4.54
CA LYS D 39 -56.76 1.06 3.60
C LYS D 39 -58.09 1.26 4.34
N PRO D 40 -58.98 2.09 3.80
CA PRO D 40 -60.26 2.33 4.49
C PRO D 40 -61.09 1.07 4.57
N GLY D 41 -61.79 0.91 5.70
CA GLY D 41 -62.62 -0.27 5.91
C GLY D 41 -61.85 -1.56 5.93
N GLN D 42 -60.74 -1.61 6.65
CA GLN D 42 -59.88 -2.79 6.70
C GLN D 42 -59.02 -2.72 7.94
N ALA D 43 -58.13 -3.69 8.07
CA ALA D 43 -57.16 -3.74 9.14
C ALA D 43 -55.76 -3.64 8.57
N PRO D 44 -54.88 -2.87 9.21
CA PRO D 44 -53.58 -2.56 8.60
C PRO D 44 -52.73 -3.80 8.36
N ARG D 45 -51.63 -3.58 7.65
CA ARG D 45 -50.67 -4.63 7.34
C ARG D 45 -49.26 -4.12 7.60
N LEU D 46 -48.31 -5.03 7.61
CA LEU D 46 -46.90 -4.71 7.79
C LEU D 46 -46.18 -4.70 6.47
N LEU D 47 -45.32 -3.71 6.26
CA LEU D 47 -44.55 -3.66 5.03
C LEU D 47 -43.06 -3.42 5.26
N ILE D 48 -42.68 -2.77 6.35
CA ILE D 48 -41.27 -2.53 6.66
C ILE D 48 -41.05 -2.73 8.16
N TYR D 49 -39.99 -3.47 8.50
CA TYR D 49 -39.48 -3.49 9.87
C TYR D 49 -37.97 -3.39 9.84
N GLY D 50 -37.42 -2.84 10.93
CA GLY D 50 -36.00 -2.56 10.98
C GLY D 50 -35.57 -1.33 10.23
N ALA D 51 -36.53 -0.58 9.67
CA ALA D 51 -36.29 0.67 8.95
C ALA D 51 -35.58 0.45 7.62
N SER D 52 -35.21 -0.80 7.31
CA SER D 52 -34.60 -1.10 6.02
C SER D 52 -35.09 -2.38 5.36
N THR D 53 -35.60 -3.35 6.11
CA THR D 53 -35.94 -4.64 5.54
C THR D 53 -37.41 -4.66 5.09
N ARG D 54 -37.72 -5.57 4.19
CA ARG D 54 -39.06 -5.74 3.67
C ARG D 54 -39.68 -7.00 4.24
N ALA D 55 -40.99 -6.98 4.40
CA ALA D 55 -41.71 -8.15 4.92
C ALA D 55 -41.86 -9.18 3.81
N THR D 56 -42.66 -10.21 4.04
CA THR D 56 -42.91 -11.21 3.03
C THR D 56 -44.05 -10.79 2.11
N GLY D 57 -43.92 -11.12 0.84
CA GLY D 57 -44.96 -10.83 -0.13
C GLY D 57 -45.31 -9.37 -0.26
N ILE D 58 -44.30 -8.50 -0.35
CA ILE D 58 -44.51 -7.06 -0.48
C ILE D 58 -43.79 -6.62 -1.76
N PRO D 59 -44.42 -5.82 -2.62
CA PRO D 59 -43.79 -5.42 -3.87
C PRO D 59 -42.52 -4.60 -3.62
N VAL D 60 -41.80 -4.34 -4.71
CA VAL D 60 -40.50 -3.69 -4.62
C VAL D 60 -40.61 -2.16 -4.62
N ARG D 61 -41.80 -1.62 -4.87
CA ARG D 61 -41.96 -0.17 -4.88
C ARG D 61 -41.64 0.48 -3.55
N PHE D 62 -41.76 -0.25 -2.44
CA PHE D 62 -41.53 0.29 -1.11
C PHE D 62 -40.10 0.09 -0.68
N SER D 63 -39.60 1.06 0.09
CA SER D 63 -38.29 0.98 0.72
C SER D 63 -38.15 2.15 1.68
N GLY D 64 -37.39 1.92 2.76
CA GLY D 64 -37.19 2.94 3.77
C GLY D 64 -35.72 3.10 4.11
N SER D 65 -35.44 4.12 4.91
CA SER D 65 -34.08 4.40 5.34
C SER D 65 -34.11 5.37 6.51
N GLY D 66 -32.97 5.51 7.18
CA GLY D 66 -32.84 6.46 8.26
C GLY D 66 -32.37 5.85 9.56
N SER D 67 -31.83 6.67 10.45
CA SER D 67 -31.43 6.22 11.78
C SER D 67 -31.32 7.43 12.69
N GLY D 68 -31.42 7.18 13.99
CA GLY D 68 -31.32 8.25 14.97
C GLY D 68 -32.55 9.13 14.99
N THR D 69 -32.81 9.78 13.86
CA THR D 69 -34.02 10.56 13.66
C THR D 69 -34.20 10.76 12.16
N GLU D 70 -35.32 11.37 11.80
CA GLU D 70 -35.65 11.66 10.40
C GLU D 70 -35.69 10.39 9.57
N PHE D 71 -36.62 9.51 9.91
CA PHE D 71 -36.85 8.29 9.14
C PHE D 71 -37.64 8.62 7.88
N THR D 72 -37.28 7.98 6.78
CA THR D 72 -37.85 8.28 5.48
C THR D 72 -38.37 7.02 4.81
N LEU D 73 -39.54 7.13 4.18
CA LEU D 73 -40.11 6.07 3.36
C LEU D 73 -40.45 6.65 2.00
N THR D 74 -40.00 5.98 0.94
CA THR D 74 -40.12 6.47 -0.43
C THR D 74 -40.89 5.46 -1.27
N ILE D 75 -42.14 5.79 -1.59
CA ILE D 75 -42.92 4.99 -2.52
C ILE D 75 -42.47 5.32 -3.93
N SER D 76 -42.04 4.31 -4.68
CA SER D 76 -41.63 4.50 -6.07
C SER D 76 -42.77 4.10 -6.99
N SER D 77 -43.10 4.98 -7.93
CA SER D 77 -44.12 4.72 -8.95
C SER D 77 -45.46 4.37 -8.31
N LEU D 78 -46.03 5.37 -7.63
CA LEU D 78 -47.31 5.21 -6.95
C LEU D 78 -48.37 4.69 -7.92
N GLN D 79 -48.84 3.47 -7.70
CA GLN D 79 -49.83 2.87 -8.57
C GLN D 79 -51.21 3.40 -8.20
N SER D 80 -52.26 2.77 -8.72
CA SER D 80 -53.60 3.29 -8.51
C SER D 80 -54.20 2.81 -7.18
N GLU D 81 -54.05 1.54 -6.85
CA GLU D 81 -54.67 1.02 -5.64
C GLU D 81 -53.77 1.22 -4.42
N ASP D 82 -53.22 2.42 -4.33
CA ASP D 82 -52.69 3.02 -3.12
C ASP D 82 -53.77 3.92 -2.55
N PHE D 83 -53.39 4.97 -1.83
CA PHE D 83 -54.33 5.80 -1.07
C PHE D 83 -54.83 5.02 0.14
N ALA D 84 -53.92 4.75 1.05
CA ALA D 84 -54.23 4.28 2.39
C ALA D 84 -53.55 5.21 3.39
N VAL D 85 -54.05 5.22 4.61
CA VAL D 85 -53.43 6.05 5.66
C VAL D 85 -52.22 5.29 6.21
N TYR D 86 -51.12 6.02 6.39
CA TYR D 86 -49.86 5.39 6.81
C TYR D 86 -49.57 5.66 8.27
N TYR D 87 -48.70 4.84 8.85
CA TYR D 87 -48.33 4.99 10.25
C TYR D 87 -46.88 4.54 10.44
N CYS D 88 -46.21 5.14 11.43
CA CYS D 88 -44.87 4.73 11.81
C CYS D 88 -44.85 4.46 13.31
N GLN D 89 -44.09 3.45 13.72
CA GLN D 89 -44.02 3.13 15.13
C GLN D 89 -42.64 2.59 15.47
N GLN D 90 -42.30 2.68 16.75
CA GLN D 90 -40.97 2.32 17.25
C GLN D 90 -41.10 1.39 18.44
N TYR D 91 -40.10 0.54 18.63
CA TYR D 91 -40.09 -0.41 19.74
C TYR D 91 -38.65 -0.54 20.25
N ASN D 92 -38.28 0.29 21.21
CA ASN D 92 -36.94 0.19 21.79
C ASN D 92 -36.94 -0.63 23.07
N ASN D 93 -37.64 -0.17 24.10
CA ASN D 93 -37.72 -0.89 25.36
C ASN D 93 -38.89 -1.85 25.28
N TRP D 94 -38.62 -3.02 24.74
CA TRP D 94 -39.77 -3.88 24.56
C TRP D 94 -39.66 -5.15 25.39
N PRO D 95 -40.77 -5.61 25.94
CA PRO D 95 -42.07 -4.96 25.86
C PRO D 95 -42.29 -3.99 27.01
N THR D 96 -42.12 -2.68 26.78
CA THR D 96 -42.69 -1.67 27.66
C THR D 96 -43.25 -0.44 26.93
N SER D 97 -42.75 -0.09 25.75
CA SER D 97 -42.99 1.24 25.20
C SER D 97 -44.16 1.28 24.22
N TRP D 98 -44.02 0.63 23.07
CA TRP D 98 -45.06 0.55 22.04
C TRP D 98 -45.75 1.89 21.82
N THR D 99 -44.99 2.86 21.32
CA THR D 99 -45.53 4.18 21.02
C THR D 99 -45.69 4.34 19.51
N PHE D 100 -46.90 4.65 19.07
CA PHE D 100 -47.20 4.78 17.66
C PHE D 100 -46.95 6.21 17.20
N GLY D 101 -47.40 6.53 15.99
CA GLY D 101 -47.33 7.89 15.49
C GLY D 101 -48.70 8.35 15.05
N GLN D 102 -48.74 9.37 14.20
CA GLN D 102 -50.01 9.85 13.65
C GLN D 102 -50.13 9.64 12.15
N GLY D 103 -49.02 9.67 11.42
CA GLY D 103 -49.01 9.26 10.03
C GLY D 103 -49.69 10.19 9.05
N THR D 104 -49.25 10.13 7.79
CA THR D 104 -49.78 10.99 6.74
C THR D 104 -50.93 10.28 6.04
N LYS D 105 -51.37 10.84 4.91
CA LYS D 105 -52.47 10.26 4.14
C LYS D 105 -52.28 10.66 2.69
N VAL D 106 -51.97 9.69 1.83
CA VAL D 106 -51.79 9.98 0.42
C VAL D 106 -53.16 10.22 -0.22
N GLU D 107 -53.14 10.88 -1.38
CA GLU D 107 -54.36 11.15 -2.14
C GLU D 107 -53.98 11.31 -3.61
N ILE D 108 -54.34 10.33 -4.44
CA ILE D 108 -53.97 10.37 -5.85
C ILE D 108 -54.63 11.57 -6.51
N LYS D 109 -54.02 12.02 -7.61
CA LYS D 109 -54.52 13.16 -8.37
C LYS D 109 -54.92 12.70 -9.77
N ARG D 110 -56.12 13.09 -10.19
CA ARG D 110 -56.74 12.59 -11.41
C ARG D 110 -56.98 13.74 -12.38
N THR D 111 -57.69 13.45 -13.46
CA THR D 111 -58.16 14.44 -14.40
C THR D 111 -59.66 14.68 -14.19
N VAL D 112 -60.09 15.93 -14.41
CA VAL D 112 -61.46 16.31 -14.10
C VAL D 112 -62.45 15.46 -14.89
N ALA D 113 -63.58 15.15 -14.27
CA ALA D 113 -64.61 14.31 -14.87
C ALA D 113 -65.98 14.90 -14.62
N ALA D 114 -66.98 14.33 -15.28
CA ALA D 114 -68.35 14.83 -15.22
C ALA D 114 -69.27 13.76 -14.63
N PRO D 115 -70.10 14.10 -13.65
CA PRO D 115 -70.97 13.11 -13.02
C PRO D 115 -72.34 13.00 -13.68
N SER D 116 -72.88 11.79 -13.65
CA SER D 116 -74.27 11.56 -13.98
C SER D 116 -75.14 11.81 -12.75
N VAL D 117 -76.45 11.78 -12.94
CA VAL D 117 -77.39 11.97 -11.85
C VAL D 117 -78.54 10.98 -12.00
N PHE D 118 -78.87 10.28 -10.93
CA PHE D 118 -80.04 9.42 -10.88
C PHE D 118 -80.87 9.77 -9.65
N ILE D 119 -82.16 9.47 -9.72
CA ILE D 119 -83.08 9.79 -8.64
C ILE D 119 -83.97 8.58 -8.36
N PHE D 120 -84.50 8.53 -7.14
CA PHE D 120 -85.38 7.46 -6.70
C PHE D 120 -86.46 8.05 -5.80
N PRO D 121 -87.73 7.78 -6.08
CA PRO D 121 -88.82 8.23 -5.21
C PRO D 121 -89.11 7.18 -4.15
N PRO D 122 -90.10 7.42 -3.28
CA PRO D 122 -90.47 6.39 -2.29
C PRO D 122 -90.92 5.09 -2.96
N SER D 123 -91.00 4.05 -2.15
CA SER D 123 -91.23 2.70 -2.65
C SER D 123 -92.61 2.17 -2.29
N ASP D 124 -93.51 3.07 -1.88
CA ASP D 124 -94.91 2.74 -1.58
C ASP D 124 -95.05 1.86 -0.35
N GLU D 125 -93.92 1.43 0.23
CA GLU D 125 -93.95 0.81 1.55
C GLU D 125 -93.62 1.84 2.62
N GLN D 126 -92.60 2.65 2.37
CA GLN D 126 -92.37 3.82 3.21
C GLN D 126 -93.55 4.78 3.11
N LEU D 127 -94.13 4.93 1.92
CA LEU D 127 -95.32 5.75 1.76
C LEU D 127 -96.48 5.19 2.57
N LYS D 128 -96.65 3.86 2.56
CA LYS D 128 -97.69 3.24 3.38
C LYS D 128 -97.42 3.49 4.85
N SER D 129 -96.16 3.44 5.27
CA SER D 129 -95.80 3.77 6.64
C SER D 129 -95.91 5.24 6.94
N GLY D 130 -96.12 6.08 5.92
CA GLY D 130 -96.29 7.51 6.12
C GLY D 130 -95.01 8.33 6.13
N THR D 131 -93.85 7.69 6.03
CA THR D 131 -92.58 8.38 5.96
C THR D 131 -92.04 8.30 4.54
N ALA D 132 -91.84 9.44 3.91
CA ALA D 132 -91.42 9.50 2.52
C ALA D 132 -90.00 10.04 2.40
N SER D 133 -89.30 9.60 1.36
CA SER D 133 -87.95 10.08 1.10
C SER D 133 -87.64 9.90 -0.38
N VAL D 134 -86.96 10.88 -0.96
CA VAL D 134 -86.49 10.86 -2.33
C VAL D 134 -85.00 11.11 -2.35
N VAL D 135 -84.27 10.31 -3.12
CA VAL D 135 -82.80 10.31 -3.07
C VAL D 135 -82.25 10.58 -4.46
N CYS D 136 -81.25 11.46 -4.54
CA CYS D 136 -80.52 11.69 -5.79
C CYS D 136 -79.04 11.42 -5.57
N LEU D 137 -78.44 10.70 -6.51
CA LEU D 137 -77.07 10.24 -6.38
C LEU D 137 -76.30 10.49 -7.67
N LEU D 138 -74.98 10.64 -7.52
CA LEU D 138 -74.05 10.87 -8.60
C LEU D 138 -73.23 9.60 -8.83
N ASN D 139 -72.24 9.69 -9.71
CA ASN D 139 -71.41 8.52 -10.00
C ASN D 139 -70.12 8.95 -10.69
N ASN D 140 -68.99 8.62 -10.08
CA ASN D 140 -67.68 8.65 -10.72
C ASN D 140 -67.33 10.03 -11.27
N PHE D 141 -67.16 10.98 -10.35
CA PHE D 141 -66.73 12.31 -10.71
C PHE D 141 -65.48 12.68 -9.92
N TYR D 142 -64.99 13.90 -10.16
CA TYR D 142 -63.82 14.45 -9.48
C TYR D 142 -63.73 15.93 -9.78
N PRO D 143 -63.35 16.76 -8.81
CA PRO D 143 -63.05 16.42 -7.42
C PRO D 143 -64.31 16.38 -6.56
N ARG D 144 -64.15 16.26 -5.25
CA ARG D 144 -65.32 16.13 -4.37
C ARG D 144 -66.08 17.43 -4.21
N GLU D 145 -65.42 18.57 -4.44
CA GLU D 145 -66.04 19.87 -4.21
C GLU D 145 -67.16 20.09 -5.20
N ALA D 146 -68.40 19.95 -4.75
CA ALA D 146 -69.56 20.18 -5.60
C ALA D 146 -70.72 20.58 -4.70
N LYS D 147 -71.67 21.31 -5.27
CA LYS D 147 -72.84 21.79 -4.54
C LYS D 147 -74.10 21.14 -5.11
N VAL D 148 -74.88 20.53 -4.24
CA VAL D 148 -76.14 19.88 -4.60
C VAL D 148 -77.27 20.60 -3.88
N GLN D 149 -78.27 21.05 -4.64
CA GLN D 149 -79.42 21.74 -4.08
C GLN D 149 -80.70 21.06 -4.54
N TRP D 150 -81.72 21.12 -3.69
CA TRP D 150 -82.99 20.49 -3.98
C TRP D 150 -83.93 21.47 -4.66
N LYS D 151 -85.09 20.96 -5.08
CA LYS D 151 -86.16 21.80 -5.60
C LYS D 151 -87.47 21.04 -5.42
N VAL D 152 -88.28 21.48 -4.46
CA VAL D 152 -89.57 20.88 -4.17
C VAL D 152 -90.64 21.87 -4.58
N ASP D 153 -91.50 21.45 -5.51
CA ASP D 153 -92.54 22.32 -6.08
C ASP D 153 -91.94 23.62 -6.62
N ASN D 154 -90.83 23.47 -7.36
CA ASN D 154 -90.11 24.61 -7.93
C ASN D 154 -89.69 25.61 -6.85
N ALA D 155 -89.26 25.08 -5.71
CA ALA D 155 -88.82 25.90 -4.59
C ALA D 155 -87.64 25.23 -3.90
N LEU D 156 -86.65 26.02 -3.52
CA LEU D 156 -85.47 25.50 -2.84
C LEU D 156 -85.73 25.47 -1.34
N GLN D 157 -85.82 24.25 -0.79
CA GLN D 157 -86.05 24.05 0.63
C GLN D 157 -84.88 23.29 1.24
N SER D 158 -84.56 23.61 2.49
CA SER D 158 -83.44 23.02 3.20
C SER D 158 -83.92 22.50 4.55
N GLY D 159 -82.99 21.99 5.34
CA GLY D 159 -83.30 21.51 6.67
C GLY D 159 -83.90 20.13 6.73
N ASN D 160 -84.00 19.43 5.60
CA ASN D 160 -84.58 18.09 5.61
C ASN D 160 -83.81 17.12 4.71
N SER D 161 -82.61 17.49 4.26
CA SER D 161 -81.83 16.65 3.37
C SER D 161 -80.45 16.41 3.97
N GLN D 162 -79.89 15.23 3.69
CA GLN D 162 -78.56 14.86 4.17
C GLN D 162 -77.75 14.25 3.04
N GLU D 163 -76.44 14.47 3.07
CA GLU D 163 -75.56 14.03 2.02
C GLU D 163 -74.39 13.23 2.59
N SER D 164 -73.84 12.35 1.75
CA SER D 164 -72.75 11.47 2.14
C SER D 164 -71.75 11.35 0.99
N VAL D 165 -70.46 11.30 1.36
CA VAL D 165 -69.36 11.23 0.41
C VAL D 165 -68.45 10.07 0.84
N THR D 166 -68.20 9.15 -0.09
CA THR D 166 -67.33 8.02 0.20
C THR D 166 -65.87 8.44 0.07
N GLU D 167 -64.97 7.50 0.30
CA GLU D 167 -63.57 7.76 0.04
C GLU D 167 -63.25 7.50 -1.43
N GLN D 168 -62.09 7.98 -1.85
CA GLN D 168 -61.68 7.81 -3.24
C GLN D 168 -61.63 6.33 -3.58
N ASP D 169 -62.26 5.95 -4.68
CA ASP D 169 -62.28 4.55 -5.07
C ASP D 169 -60.87 4.08 -5.40
N SER D 170 -60.67 2.78 -5.33
CA SER D 170 -59.34 2.21 -5.47
C SER D 170 -59.00 1.83 -6.89
N LYS D 171 -59.87 2.11 -7.86
CA LYS D 171 -59.58 1.81 -9.25
C LYS D 171 -59.42 3.04 -10.12
N ASP D 172 -60.16 4.11 -9.85
CA ASP D 172 -60.05 5.32 -10.67
C ASP D 172 -60.10 6.62 -9.88
N SER D 173 -60.14 6.58 -8.55
CA SER D 173 -60.06 7.76 -7.70
C SER D 173 -61.20 8.74 -8.02
N THR D 174 -62.43 8.27 -7.78
CA THR D 174 -63.62 9.08 -8.01
C THR D 174 -64.58 8.93 -6.84
N TYR D 175 -64.88 10.04 -6.17
CA TYR D 175 -65.95 10.04 -5.18
C TYR D 175 -67.30 9.84 -5.87
N SER D 176 -68.32 9.53 -5.07
CA SER D 176 -69.70 9.45 -5.56
C SER D 176 -70.63 9.80 -4.40
N LEU D 177 -71.06 11.06 -4.34
CA LEU D 177 -71.92 11.53 -3.27
C LEU D 177 -73.35 11.06 -3.47
N SER D 178 -74.09 10.97 -2.36
CA SER D 178 -75.53 10.75 -2.40
C SER D 178 -76.21 11.75 -1.49
N SER D 179 -77.47 12.06 -1.82
CA SER D 179 -78.25 12.99 -1.00
C SER D 179 -79.68 12.48 -0.90
N THR D 180 -80.28 12.72 0.25
CA THR D 180 -81.61 12.22 0.58
C THR D 180 -82.46 13.33 1.17
N LEU D 181 -83.75 13.31 0.81
CA LEU D 181 -84.75 14.24 1.33
C LEU D 181 -85.84 13.42 2.00
N THR D 182 -86.13 13.75 3.26
CA THR D 182 -87.11 13.00 4.05
C THR D 182 -88.23 13.94 4.49
N LEU D 183 -89.47 13.50 4.33
CA LEU D 183 -90.62 14.28 4.75
C LEU D 183 -91.79 13.33 5.00
N SER D 184 -92.79 13.84 5.72
CA SER D 184 -93.96 13.05 6.05
C SER D 184 -94.82 12.81 4.80
N LYS D 185 -95.79 11.91 4.95
CA LYS D 185 -96.65 11.55 3.82
C LYS D 185 -97.45 12.76 3.33
N ALA D 186 -98.05 13.50 4.26
CA ALA D 186 -98.82 14.68 3.88
C ALA D 186 -97.92 15.75 3.27
N ASP D 187 -96.73 15.95 3.84
CA ASP D 187 -95.82 16.96 3.33
C ASP D 187 -95.37 16.62 1.91
N TYR D 188 -95.12 15.34 1.63
CA TYR D 188 -94.82 14.93 0.27
C TYR D 188 -96.03 15.14 -0.64
N GLU D 189 -97.23 14.78 -0.16
CA GLU D 189 -98.43 14.89 -0.99
C GLU D 189 -98.80 16.34 -1.28
N LYS D 190 -98.28 17.30 -0.48
CA LYS D 190 -98.62 18.70 -0.70
C LYS D 190 -98.06 19.24 -2.01
N HIS D 191 -97.11 18.55 -2.63
CA HIS D 191 -96.48 19.03 -3.86
C HIS D 191 -96.35 17.86 -4.84
N LYS D 192 -96.05 18.21 -6.09
CA LYS D 192 -95.89 17.20 -7.13
C LYS D 192 -94.70 17.45 -8.03
N VAL D 193 -93.83 18.43 -7.70
CA VAL D 193 -92.65 18.74 -8.49
C VAL D 193 -91.43 18.52 -7.60
N TYR D 194 -90.54 17.63 -8.03
CA TYR D 194 -89.33 17.33 -7.28
C TYR D 194 -88.14 17.24 -8.23
N ALA D 195 -87.01 17.80 -7.81
CA ALA D 195 -85.81 17.78 -8.63
C ALA D 195 -84.58 18.02 -7.76
N CYS D 196 -83.43 17.59 -8.27
CA CYS D 196 -82.14 17.81 -7.63
C CYS D 196 -81.27 18.67 -8.54
N GLU D 197 -80.59 19.65 -7.95
CA GLU D 197 -79.70 20.54 -8.69
C GLU D 197 -78.25 20.18 -8.40
N VAL D 198 -77.47 20.00 -9.46
CA VAL D 198 -76.07 19.61 -9.37
C VAL D 198 -75.23 20.67 -10.06
N THR D 199 -74.23 21.19 -9.35
CA THR D 199 -73.33 22.20 -9.90
C THR D 199 -71.90 21.73 -9.73
N HIS D 200 -71.18 21.63 -10.84
CA HIS D 200 -69.79 21.18 -10.82
C HIS D 200 -69.09 21.65 -12.08
N GLN D 201 -67.76 21.58 -12.06
CA GLN D 201 -66.99 21.98 -13.24
C GLN D 201 -67.06 20.94 -14.33
N GLY D 202 -67.26 19.68 -13.98
CA GLY D 202 -67.21 18.62 -14.98
C GLY D 202 -68.29 18.76 -16.04
N LEU D 203 -69.50 19.06 -15.64
CA LEU D 203 -70.61 19.20 -16.58
C LEU D 203 -70.75 20.65 -17.00
N SER D 204 -71.20 20.85 -18.25
CA SER D 204 -71.32 22.18 -18.80
C SER D 204 -72.43 22.98 -18.12
N SER D 205 -73.59 22.37 -17.93
CA SER D 205 -74.75 23.04 -17.36
C SER D 205 -75.34 22.20 -16.24
N PRO D 206 -76.01 22.83 -15.28
CA PRO D 206 -76.57 22.07 -14.14
C PRO D 206 -77.74 21.20 -14.55
N VAL D 207 -77.45 20.02 -15.09
CA VAL D 207 -78.49 19.10 -15.51
C VAL D 207 -79.38 18.75 -14.32
N THR D 208 -80.66 18.50 -14.61
CA THR D 208 -81.65 18.20 -13.60
C THR D 208 -82.52 17.04 -14.08
N LYS D 209 -82.88 16.15 -13.14
CA LYS D 209 -83.74 15.01 -13.42
C LYS D 209 -84.98 15.15 -12.56
N SER D 210 -85.98 15.88 -13.07
CA SER D 210 -87.20 16.11 -12.31
C SER D 210 -88.08 14.86 -12.31
N PHE D 211 -88.87 14.74 -11.26
CA PHE D 211 -89.82 13.63 -11.11
C PHE D 211 -91.22 14.21 -10.98
N ASN D 212 -92.14 13.75 -11.83
CA ASN D 212 -93.52 14.19 -11.81
C ASN D 212 -94.35 13.18 -11.02
N ARG D 213 -95.01 13.64 -9.97
CA ARG D 213 -95.79 12.76 -9.10
C ARG D 213 -97.02 12.30 -9.85
N GLY D 214 -96.97 11.08 -10.39
CA GLY D 214 -98.10 10.50 -11.09
C GLY D 214 -98.30 9.05 -10.73
N GLU D 215 -97.49 8.54 -9.81
CA GLU D 215 -97.55 7.16 -9.35
C GLU D 215 -97.43 6.18 -10.52
N ASP E 1 -40.65 -15.66 10.97
CA ASP E 1 -40.95 -17.08 11.18
C ASP E 1 -40.46 -18.08 10.09
N PRO E 2 -40.38 -17.68 8.81
CA PRO E 2 -40.01 -18.70 7.80
C PRO E 2 -38.64 -19.29 8.03
N LYS E 3 -37.70 -18.50 8.53
CA LYS E 3 -36.39 -19.03 8.90
C LYS E 3 -36.51 -19.81 10.21
N ILE E 4 -35.96 -21.01 10.23
CA ILE E 4 -36.05 -21.89 11.38
C ILE E 4 -34.72 -22.63 11.54
N VAL E 5 -33.97 -22.28 12.57
CA VAL E 5 -32.68 -22.92 12.84
C VAL E 5 -32.91 -24.13 13.72
N ASN E 6 -31.93 -25.04 13.75
CA ASN E 6 -32.16 -26.40 14.21
C ASN E 6 -31.07 -26.87 15.18
N ILE E 7 -30.79 -26.09 16.22
CA ILE E 7 -29.76 -26.47 17.18
C ILE E 7 -30.08 -27.83 17.80
N GLY E 8 -29.16 -28.78 17.65
CA GLY E 8 -29.27 -30.07 18.27
C GLY E 8 -28.56 -30.11 19.62
N ALA E 9 -28.45 -31.33 20.16
CA ALA E 9 -27.77 -31.53 21.45
C ALA E 9 -27.63 -33.02 21.72
N VAL E 10 -26.72 -33.35 22.64
CA VAL E 10 -26.53 -34.71 23.13
C VAL E 10 -26.30 -34.68 24.63
N LEU E 11 -27.32 -35.00 25.41
CA LEU E 11 -27.23 -34.89 26.86
C LEU E 11 -27.04 -36.26 27.49
N SER E 12 -27.09 -36.31 28.83
CA SER E 12 -26.77 -37.52 29.58
C SER E 12 -28.02 -38.29 30.01
N THR E 13 -28.89 -37.66 30.78
CA THR E 13 -30.08 -38.31 31.30
C THR E 13 -31.33 -37.70 30.70
N ARG E 14 -32.41 -38.49 30.68
CA ARG E 14 -33.63 -38.03 30.04
C ARG E 14 -34.20 -36.78 30.71
N LYS E 15 -34.07 -36.69 32.04
CA LYS E 15 -34.64 -35.55 32.75
C LYS E 15 -34.00 -34.25 32.28
N HIS E 16 -32.67 -34.23 32.16
CA HIS E 16 -32.00 -33.04 31.65
C HIS E 16 -32.54 -32.64 30.30
N GLU E 17 -32.97 -33.64 29.51
CA GLU E 17 -33.70 -33.41 28.27
C GLU E 17 -34.72 -32.29 28.43
N GLN E 18 -35.68 -32.51 29.33
CA GLN E 18 -36.73 -31.52 29.54
C GLN E 18 -36.11 -30.16 29.84
N MET E 19 -35.13 -30.14 30.74
CA MET E 19 -34.48 -28.89 31.10
C MET E 19 -34.02 -28.16 29.84
N PHE E 20 -33.29 -28.87 28.99
CA PHE E 20 -32.78 -28.26 27.76
C PHE E 20 -33.89 -27.57 27.01
N ARG E 21 -35.00 -28.28 26.78
CA ARG E 21 -36.09 -27.69 26.02
C ARG E 21 -36.51 -26.37 26.63
N GLU E 22 -36.80 -26.37 27.93
CA GLU E 22 -37.27 -25.14 28.56
C GLU E 22 -36.26 -24.04 28.37
N ALA E 23 -34.97 -24.38 28.48
CA ALA E 23 -33.92 -23.37 28.32
C ALA E 23 -34.06 -22.66 26.97
N VAL E 24 -34.19 -23.44 25.89
CA VAL E 24 -34.20 -22.79 24.58
C VAL E 24 -35.44 -21.94 24.44
N ASN E 25 -36.52 -22.31 25.13
CA ASN E 25 -37.74 -21.50 25.05
C ASN E 25 -37.48 -20.11 25.60
N GLN E 26 -36.71 -20.01 26.69
CA GLN E 26 -36.36 -18.69 27.19
C GLN E 26 -35.59 -17.91 26.15
N ALA E 27 -34.73 -18.59 25.38
CA ALA E 27 -33.97 -17.92 24.34
C ALA E 27 -34.86 -17.33 23.26
N ASN E 28 -36.13 -17.73 23.21
CA ASN E 28 -37.08 -17.12 22.31
C ASN E 28 -38.05 -16.19 23.02
N LYS E 29 -38.22 -16.33 24.32
CA LYS E 29 -39.13 -15.46 25.04
C LYS E 29 -38.61 -14.04 25.14
N ARG E 30 -37.33 -13.83 24.90
CA ARG E 30 -36.70 -12.54 25.12
C ARG E 30 -36.16 -11.89 23.87
N HIS E 31 -35.94 -12.65 22.80
CA HIS E 31 -35.12 -12.17 21.71
C HIS E 31 -35.86 -11.89 20.41
N GLY E 32 -36.97 -12.54 20.15
CA GLY E 32 -37.75 -12.29 18.94
C GLY E 32 -38.21 -13.57 18.29
N SER E 33 -39.11 -13.43 17.32
CA SER E 33 -39.67 -14.59 16.65
C SER E 33 -39.93 -14.36 15.17
N TRP E 34 -39.09 -13.57 14.48
CA TRP E 34 -39.32 -13.29 13.06
C TRP E 34 -38.29 -13.98 12.18
N LYS E 35 -37.02 -13.69 12.38
CA LYS E 35 -35.91 -14.36 11.69
C LYS E 35 -35.12 -15.11 12.75
N ILE E 36 -35.60 -16.29 13.11
CA ILE E 36 -35.10 -17.01 14.27
C ILE E 36 -35.89 -18.30 14.45
N GLN E 37 -36.62 -18.39 15.56
CA GLN E 37 -37.36 -19.59 15.94
C GLN E 37 -36.43 -20.80 16.04
N LEU E 38 -35.52 -20.72 17.02
CA LEU E 38 -34.62 -21.83 17.28
C LEU E 38 -35.43 -23.06 17.67
N ASN E 39 -35.15 -24.18 17.02
CA ASN E 39 -35.86 -25.43 17.26
C ASN E 39 -34.88 -26.46 17.79
N ALA E 40 -35.23 -27.11 18.89
CA ALA E 40 -34.28 -27.90 19.66
C ALA E 40 -34.64 -29.38 19.57
N THR E 41 -33.68 -30.19 19.14
CA THR E 41 -33.80 -31.64 19.15
C THR E 41 -32.56 -32.23 19.81
N SER E 42 -32.68 -33.46 20.29
CA SER E 42 -31.57 -34.05 21.04
C SER E 42 -31.66 -35.56 20.96
N VAL E 43 -30.69 -36.21 21.58
CA VAL E 43 -30.62 -37.66 21.71
C VAL E 43 -29.98 -37.97 23.05
N THR E 44 -29.96 -39.25 23.40
CA THR E 44 -29.41 -39.69 24.66
C THR E 44 -28.31 -40.71 24.40
N HIS E 45 -27.55 -41.04 25.44
CA HIS E 45 -26.27 -41.71 25.26
C HIS E 45 -26.45 -43.19 24.93
N LYS E 46 -25.41 -43.77 24.31
CA LYS E 46 -25.26 -45.17 23.98
C LYS E 46 -23.87 -45.66 24.42
N PRO E 47 -23.71 -46.95 24.67
CA PRO E 47 -22.40 -47.46 25.12
C PRO E 47 -21.51 -48.07 24.05
N ASN E 48 -21.93 -48.15 22.80
CA ASN E 48 -21.24 -48.94 21.79
C ASN E 48 -20.31 -48.12 20.91
N ALA E 49 -19.73 -47.05 21.47
CA ALA E 49 -18.66 -46.28 20.84
C ALA E 49 -18.94 -45.92 19.37
N ILE E 50 -18.82 -46.90 18.48
CA ILE E 50 -19.11 -46.64 17.08
C ILE E 50 -20.59 -46.33 16.89
N GLN E 51 -21.44 -46.90 17.74
CA GLN E 51 -22.85 -46.53 17.72
C GLN E 51 -23.04 -45.04 17.96
N MET E 52 -22.16 -44.42 18.75
CA MET E 52 -22.21 -42.97 18.92
C MET E 52 -22.08 -42.25 17.60
N ALA E 53 -21.04 -42.56 16.83
CA ALA E 53 -20.84 -41.87 15.56
C ALA E 53 -21.99 -42.17 14.60
N LEU E 54 -22.40 -43.43 14.54
CA LEU E 54 -23.48 -43.79 13.63
C LEU E 54 -24.76 -43.04 13.97
N SER E 55 -25.12 -43.02 15.26
CA SER E 55 -26.34 -42.35 15.68
C SER E 55 -26.26 -40.85 15.46
N VAL E 56 -25.13 -40.24 15.83
CA VAL E 56 -25.03 -38.79 15.68
C VAL E 56 -25.15 -38.41 14.22
N CYS E 57 -24.45 -39.13 13.33
CA CYS E 57 -24.55 -38.87 11.91
C CYS E 57 -26.01 -38.97 11.50
N GLU E 58 -26.57 -40.18 11.62
CA GLU E 58 -27.87 -40.47 11.03
C GLU E 58 -28.96 -39.58 11.59
N ASP E 59 -28.98 -39.37 12.90
CA ASP E 59 -30.04 -38.59 13.50
C ASP E 59 -29.77 -37.09 13.40
N LEU E 60 -28.67 -36.63 14.03
CA LEU E 60 -28.49 -35.19 14.20
C LEU E 60 -28.16 -34.50 12.89
N ILE E 61 -27.41 -35.13 11.99
CA ILE E 61 -27.08 -34.42 10.76
C ILE E 61 -28.20 -34.52 9.75
N SER E 62 -29.16 -35.43 9.95
CA SER E 62 -30.30 -35.50 9.05
C SER E 62 -31.26 -34.33 9.23
N SER E 63 -31.09 -33.52 10.27
CA SER E 63 -31.94 -32.36 10.50
C SER E 63 -31.16 -31.05 10.34
N GLN E 64 -30.05 -31.09 9.62
CA GLN E 64 -29.19 -29.94 9.31
C GLN E 64 -29.00 -29.02 10.52
N VAL E 65 -28.43 -29.59 11.57
CA VAL E 65 -28.17 -28.87 12.81
C VAL E 65 -27.14 -27.79 12.56
N TYR E 66 -26.99 -26.86 13.50
CA TYR E 66 -26.03 -25.78 13.38
C TYR E 66 -24.89 -25.84 14.40
N ALA E 67 -25.13 -26.39 15.59
CA ALA E 67 -24.08 -26.50 16.59
C ALA E 67 -24.51 -27.51 17.64
N ILE E 68 -23.79 -28.61 17.75
CA ILE E 68 -24.16 -29.69 18.64
C ILE E 68 -23.60 -29.40 20.04
N LEU E 69 -24.33 -29.80 21.07
CA LEU E 69 -23.84 -29.78 22.44
C LEU E 69 -23.43 -31.18 22.86
N VAL E 70 -22.49 -31.25 23.80
CA VAL E 70 -21.92 -32.51 24.24
C VAL E 70 -21.72 -32.47 25.75
N SER E 71 -21.99 -33.59 26.41
CA SER E 71 -21.80 -33.67 27.84
C SER E 71 -21.45 -35.10 28.23
N HIS E 72 -20.83 -35.23 29.40
CA HIS E 72 -20.38 -36.54 29.87
C HIS E 72 -21.57 -37.45 30.17
N PRO E 73 -21.39 -38.77 30.03
CA PRO E 73 -22.44 -39.70 30.41
C PRO E 73 -22.55 -39.81 31.92
N PRO E 74 -23.63 -40.39 32.45
CA PRO E 74 -23.74 -40.54 33.90
C PRO E 74 -22.62 -41.36 34.52
N THR E 75 -22.11 -42.37 33.82
CA THR E 75 -20.98 -43.15 34.29
C THR E 75 -19.70 -42.67 33.61
N PRO E 76 -18.64 -42.39 34.39
CA PRO E 76 -17.45 -41.76 33.81
C PRO E 76 -16.51 -42.75 33.13
N ASN E 77 -15.93 -42.28 32.02
CA ASN E 77 -14.91 -43.02 31.28
C ASN E 77 -13.82 -42.08 30.78
N ASP E 78 -13.62 -40.96 31.46
CA ASP E 78 -12.63 -39.94 31.11
C ASP E 78 -12.98 -39.27 29.79
N HIS E 79 -12.75 -39.95 28.68
CA HIS E 79 -12.98 -39.39 27.35
C HIS E 79 -14.38 -39.71 26.84
N PHE E 80 -14.66 -41.00 26.63
CA PHE E 80 -15.93 -41.46 26.08
C PHE E 80 -16.40 -40.67 24.88
N THR E 81 -17.46 -39.88 25.07
CA THR E 81 -18.28 -39.38 23.99
C THR E 81 -17.72 -38.21 23.18
N PRO E 82 -17.02 -37.24 23.78
CA PRO E 82 -16.54 -36.12 22.97
C PRO E 82 -15.68 -36.51 21.79
N THR E 83 -14.92 -37.60 21.88
CA THR E 83 -14.10 -37.99 20.73
C THR E 83 -14.94 -38.36 19.51
N PRO E 84 -15.93 -39.26 19.59
CA PRO E 84 -16.70 -39.58 18.38
C PRO E 84 -17.45 -38.39 17.81
N VAL E 85 -18.18 -37.66 18.63
CA VAL E 85 -18.95 -36.53 18.14
C VAL E 85 -18.02 -35.46 17.58
N SER E 86 -16.90 -35.23 18.26
CA SER E 86 -15.95 -34.23 17.79
C SER E 86 -15.43 -34.58 16.41
N TYR E 87 -15.00 -35.84 16.21
CA TYR E 87 -14.51 -36.24 14.90
C TYR E 87 -15.59 -36.12 13.83
N THR E 88 -16.77 -36.69 14.11
CA THR E 88 -17.83 -36.73 13.11
C THR E 88 -18.27 -35.32 12.71
N ALA E 89 -18.59 -34.48 13.68
CA ALA E 89 -18.98 -33.11 13.35
C ALA E 89 -17.80 -32.28 12.87
N GLY E 90 -16.57 -32.73 13.11
CA GLY E 90 -15.44 -32.03 12.55
C GLY E 90 -15.17 -32.34 11.11
N PHE E 91 -15.74 -33.44 10.60
CA PHE E 91 -15.70 -33.67 9.17
C PHE E 91 -16.28 -32.49 8.40
N TYR E 92 -17.44 -31.99 8.83
CA TYR E 92 -18.14 -30.92 8.13
C TYR E 92 -17.88 -29.54 8.72
N ARG E 93 -16.98 -29.43 9.70
CA ARG E 93 -16.69 -28.16 10.38
C ARG E 93 -17.96 -27.55 10.96
N ILE E 94 -18.67 -28.33 11.75
CA ILE E 94 -19.85 -27.87 12.48
C ILE E 94 -19.43 -27.68 13.94
N PRO E 95 -19.29 -26.44 14.42
CA PRO E 95 -18.76 -26.23 15.77
C PRO E 95 -19.63 -26.87 16.83
N VAL E 96 -18.96 -27.48 17.83
CA VAL E 96 -19.64 -28.11 18.95
C VAL E 96 -19.22 -27.40 20.22
N LEU E 97 -19.98 -27.63 21.29
CA LEU E 97 -19.67 -27.06 22.60
C LEU E 97 -19.54 -28.17 23.63
N GLY E 98 -18.50 -28.09 24.46
CA GLY E 98 -18.38 -28.97 25.59
C GLY E 98 -19.05 -28.39 26.82
N LEU E 99 -19.31 -29.25 27.79
CA LEU E 99 -20.03 -28.77 28.96
C LEU E 99 -19.35 -29.20 30.26
N THR E 100 -18.64 -30.32 30.23
CA THR E 100 -17.93 -30.78 31.42
C THR E 100 -16.53 -31.29 31.14
N THR E 101 -16.20 -31.70 29.92
CA THR E 101 -15.00 -32.47 29.65
C THR E 101 -13.77 -31.59 29.77
N ARG E 102 -13.17 -31.58 30.95
CA ARG E 102 -11.96 -30.79 31.22
C ARG E 102 -10.72 -31.68 31.15
N MET E 103 -10.38 -32.16 29.98
CA MET E 103 -9.14 -32.90 29.83
C MET E 103 -8.38 -32.29 28.65
N SER E 104 -7.05 -32.31 28.75
CA SER E 104 -6.25 -31.31 28.08
C SER E 104 -6.02 -31.53 26.60
N ILE E 105 -6.25 -32.73 26.05
CA ILE E 105 -5.90 -32.94 24.65
C ILE E 105 -6.80 -32.12 23.74
N TYR E 106 -8.07 -31.97 24.12
CA TYR E 106 -9.05 -31.36 23.24
C TYR E 106 -8.67 -29.94 22.85
N SER E 107 -7.98 -29.23 23.73
CA SER E 107 -7.62 -27.83 23.47
C SER E 107 -6.42 -27.80 22.54
N ASP E 108 -6.61 -28.34 21.34
CA ASP E 108 -5.56 -28.37 20.32
C ASP E 108 -6.26 -28.37 18.97
N LYS E 109 -6.37 -27.19 18.35
CA LYS E 109 -7.16 -27.10 17.13
C LYS E 109 -6.34 -27.59 15.94
N SER E 110 -5.73 -28.75 16.08
CA SER E 110 -5.11 -29.46 14.97
C SER E 110 -5.46 -30.92 14.94
N ILE E 111 -5.86 -31.51 16.06
CA ILE E 111 -6.39 -32.87 16.11
C ILE E 111 -7.88 -32.89 16.41
N HIS E 112 -8.50 -31.73 16.60
CA HIS E 112 -9.93 -31.67 16.87
C HIS E 112 -10.67 -30.60 16.07
N LEU E 113 -10.00 -29.88 15.18
CA LEU E 113 -10.64 -28.98 14.23
C LEU E 113 -11.46 -27.90 14.91
N SER E 114 -12.70 -28.22 15.28
CA SER E 114 -13.64 -27.24 15.82
C SER E 114 -14.20 -27.77 17.13
N PHE E 115 -13.82 -27.15 18.24
CA PHE E 115 -14.27 -27.60 19.56
C PHE E 115 -14.10 -26.46 20.54
N LEU E 116 -15.22 -25.91 21.01
CA LEU E 116 -15.23 -24.87 22.03
C LEU E 116 -15.87 -25.42 23.29
N ARG E 117 -15.23 -25.27 24.43
CA ARG E 117 -15.80 -25.76 25.67
C ARG E 117 -16.02 -24.60 26.63
N THR E 118 -16.68 -24.88 27.75
CA THR E 118 -17.07 -23.83 28.68
C THR E 118 -16.53 -24.05 30.09
N VAL E 119 -15.53 -24.91 30.25
CA VAL E 119 -14.80 -25.01 31.52
C VAL E 119 -13.32 -25.05 31.20
N PRO E 120 -12.48 -24.31 31.93
CA PRO E 120 -11.06 -24.33 31.65
C PRO E 120 -10.50 -25.72 31.90
N PRO E 121 -9.50 -26.13 31.13
CA PRO E 121 -8.98 -27.49 31.25
C PRO E 121 -8.08 -27.60 32.48
N TYR E 122 -7.55 -28.82 32.69
CA TYR E 122 -6.66 -29.03 33.82
C TYR E 122 -5.43 -28.16 33.71
N SER E 123 -4.85 -28.08 32.51
CA SER E 123 -3.59 -27.37 32.33
C SER E 123 -3.67 -25.93 32.81
N HIS E 124 -4.80 -25.26 32.59
CA HIS E 124 -4.90 -23.85 32.94
C HIS E 124 -4.71 -23.63 34.44
N GLN E 125 -5.06 -24.62 35.27
CA GLN E 125 -4.89 -24.39 36.69
C GLN E 125 -3.43 -24.28 37.08
N SER E 126 -2.52 -24.61 36.17
CA SER E 126 -1.11 -24.33 36.39
C SER E 126 -0.87 -22.87 36.75
N SER E 127 -1.65 -21.96 36.17
CA SER E 127 -1.48 -20.55 36.51
C SER E 127 -1.68 -20.33 38.00
N VAL E 128 -2.67 -21.01 38.59
CA VAL E 128 -2.87 -20.87 40.03
C VAL E 128 -1.66 -21.40 40.79
N TRP E 129 -1.02 -22.45 40.28
CA TRP E 129 0.22 -22.92 40.91
C TRP E 129 1.21 -21.77 41.03
N PHE E 130 1.27 -20.90 40.02
CA PHE E 130 2.25 -19.82 40.04
C PHE E 130 1.84 -18.72 41.02
N GLU E 131 0.65 -18.14 40.81
CA GLU E 131 0.25 -16.97 41.59
C GLU E 131 0.36 -17.24 43.08
N MET E 132 -0.23 -18.34 43.54
CA MET E 132 -0.13 -18.68 44.96
C MET E 132 1.32 -18.77 45.40
N MET E 133 2.13 -19.54 44.67
CA MET E 133 3.53 -19.67 45.06
C MET E 133 4.28 -18.36 44.92
N ARG E 134 3.74 -17.41 44.15
CA ARG E 134 4.39 -16.11 44.03
C ARG E 134 4.16 -15.26 45.27
N VAL E 135 3.10 -15.52 46.03
CA VAL E 135 2.74 -14.60 47.10
C VAL E 135 3.26 -15.12 48.43
N TYR E 136 3.39 -16.43 48.57
CA TYR E 136 3.86 -16.98 49.84
C TYR E 136 5.38 -17.20 49.85
N SER E 137 6.12 -16.20 49.40
CA SER E 137 7.59 -16.13 49.50
C SER E 137 8.26 -17.48 49.21
N TRP E 138 7.91 -18.07 48.07
CA TRP E 138 8.49 -19.36 47.67
C TRP E 138 9.05 -19.25 46.27
N ASN E 139 10.20 -19.89 46.05
CA ASN E 139 10.84 -19.83 44.73
C ASN E 139 11.51 -21.14 44.33
N HIS E 140 11.00 -22.28 44.78
CA HIS E 140 11.65 -23.57 44.51
C HIS E 140 10.60 -24.65 44.27
N ILE E 141 10.86 -25.51 43.29
CA ILE E 141 9.89 -26.51 42.84
C ILE E 141 10.62 -27.83 42.63
N ILE E 142 9.96 -28.94 42.97
CA ILE E 142 10.49 -30.27 42.69
C ILE E 142 9.46 -31.11 41.95
N LEU E 143 8.55 -30.43 41.25
CA LEU E 143 7.33 -31.02 40.71
C LEU E 143 7.52 -32.40 40.11
N LEU E 144 6.63 -33.32 40.47
CA LEU E 144 6.46 -34.57 39.76
C LEU E 144 5.44 -34.37 38.64
N VAL E 145 5.34 -35.37 37.77
CA VAL E 145 4.34 -35.32 36.72
C VAL E 145 4.19 -36.69 36.08
N SER E 146 3.03 -36.97 35.51
CA SER E 146 2.83 -38.20 34.75
C SER E 146 3.42 -38.03 33.36
N ASP E 147 3.53 -39.15 32.64
CA ASP E 147 4.04 -39.12 31.27
C ASP E 147 2.94 -39.00 30.22
N ASP E 148 1.68 -39.05 30.63
CA ASP E 148 0.57 -38.90 29.70
C ASP E 148 0.54 -37.48 29.14
N HIS E 149 -0.33 -37.27 28.14
CA HIS E 149 -0.40 -35.97 27.50
C HIS E 149 -0.76 -34.87 28.49
N GLU E 150 -1.61 -35.19 29.46
CA GLU E 150 -1.99 -34.20 30.47
C GLU E 150 -0.76 -33.71 31.22
N GLY E 151 0.08 -34.63 31.68
CA GLY E 151 1.26 -34.23 32.41
C GLY E 151 2.21 -33.41 31.57
N ARG E 152 2.43 -33.84 30.32
CA ARG E 152 3.33 -33.11 29.43
C ARG E 152 2.85 -31.69 29.22
N ALA E 153 1.54 -31.53 28.94
CA ALA E 153 1.00 -30.20 28.70
C ALA E 153 1.09 -29.33 29.96
N ALA E 154 0.76 -29.89 31.12
CA ALA E 154 0.82 -29.11 32.34
C ALA E 154 2.24 -28.65 32.64
N GLN E 155 3.22 -29.56 32.51
CA GLN E 155 4.59 -29.19 32.81
C GLN E 155 5.11 -28.15 31.81
N LYS E 156 4.76 -28.29 30.53
CA LYS E 156 5.20 -27.29 29.57
C LYS E 156 4.58 -25.93 29.87
N ARG E 157 3.29 -25.90 30.22
CA ARG E 157 2.65 -24.63 30.53
C ARG E 157 3.31 -23.97 31.75
N LEU E 158 3.56 -24.75 32.80
CA LEU E 158 4.19 -24.18 33.98
C LEU E 158 5.59 -23.66 33.68
N GLU E 159 6.37 -24.43 32.91
CA GLU E 159 7.72 -23.98 32.57
C GLU E 159 7.68 -22.71 31.74
N THR E 160 6.76 -22.63 30.78
CA THR E 160 6.65 -21.44 29.94
C THR E 160 6.29 -20.22 30.78
N LEU E 161 5.35 -20.37 31.71
CA LEU E 161 5.00 -19.24 32.57
C LEU E 161 6.17 -18.87 33.45
N LEU E 162 6.87 -19.86 34.01
CA LEU E 162 7.88 -19.61 35.02
C LEU E 162 9.15 -19.02 34.45
N GLU E 163 9.50 -19.36 33.21
CA GLU E 163 10.72 -18.84 32.60
C GLU E 163 10.66 -17.33 32.40
N GLU E 164 9.47 -16.73 32.49
CA GLU E 164 9.37 -15.28 32.41
C GLU E 164 10.07 -14.61 33.59
N ARG E 165 10.13 -15.29 34.73
CA ARG E 165 10.82 -14.79 35.91
C ARG E 165 12.33 -14.95 35.83
N GLU E 166 12.85 -15.36 34.67
CA GLU E 166 14.27 -15.67 34.50
C GLU E 166 14.72 -16.72 35.52
N SER E 167 13.86 -17.72 35.76
CA SER E 167 14.10 -18.73 36.76
C SER E 167 13.66 -20.08 36.20
N LYS E 168 13.90 -21.14 36.98
CA LYS E 168 13.54 -22.48 36.58
C LYS E 168 13.39 -23.35 37.82
N ALA E 169 12.67 -24.46 37.66
CA ALA E 169 12.50 -25.40 38.74
C ALA E 169 13.78 -26.21 38.95
N GLU E 170 13.81 -26.95 40.06
CA GLU E 170 15.00 -27.74 40.35
C GLU E 170 14.99 -29.05 39.56
N LYS E 171 13.93 -29.83 39.69
CA LYS E 171 13.83 -31.12 39.01
C LYS E 171 12.45 -31.26 38.39
N VAL E 172 12.39 -31.97 37.26
CA VAL E 172 11.14 -32.19 36.55
C VAL E 172 10.98 -33.68 36.27
N LEU E 173 11.54 -34.52 37.14
CA LEU E 173 11.52 -35.96 36.93
C LEU E 173 10.08 -36.47 36.80
N GLN E 174 9.86 -37.34 35.83
CA GLN E 174 8.53 -37.84 35.52
C GLN E 174 8.50 -39.36 35.59
N PHE E 175 7.50 -39.89 36.26
CA PHE E 175 7.31 -41.33 36.39
C PHE E 175 6.42 -41.85 35.26
N ASP E 176 6.57 -43.13 34.97
CA ASP E 176 5.73 -43.76 33.96
C ASP E 176 4.30 -43.89 34.47
N PRO E 177 3.31 -43.79 33.59
CA PRO E 177 1.92 -43.98 34.02
C PRO E 177 1.66 -45.41 34.44
N GLY E 178 0.75 -45.56 35.39
CA GLY E 178 0.37 -46.88 35.87
C GLY E 178 1.51 -47.66 36.48
N THR E 179 2.35 -47.00 37.27
CA THR E 179 3.47 -47.67 37.91
C THR E 179 3.07 -48.19 39.29
N LYS E 180 3.76 -49.23 39.72
CA LYS E 180 3.56 -49.84 41.04
C LYS E 180 4.69 -49.56 42.01
N ASN E 181 5.92 -49.43 41.51
CA ASN E 181 7.08 -49.14 42.35
C ASN E 181 7.66 -47.80 41.92
N VAL E 182 7.63 -46.83 42.82
CA VAL E 182 8.16 -45.50 42.53
C VAL E 182 9.12 -45.12 43.66
N THR E 183 9.67 -46.13 44.34
CA THR E 183 10.57 -45.87 45.45
C THR E 183 11.81 -45.12 45.00
N ALA E 184 12.30 -45.42 43.79
CA ALA E 184 13.50 -44.77 43.30
C ALA E 184 13.31 -43.27 43.17
N LEU E 185 12.16 -42.85 42.65
CA LEU E 185 11.92 -41.42 42.44
C LEU E 185 11.89 -40.67 43.77
N LEU E 186 11.17 -41.22 44.75
CA LEU E 186 11.13 -40.58 46.06
C LEU E 186 12.51 -40.56 46.72
N MET E 187 13.26 -41.66 46.58
CA MET E 187 14.60 -41.70 47.15
C MET E 187 15.50 -40.64 46.54
N GLU E 188 15.43 -40.48 45.22
CA GLU E 188 16.21 -39.44 44.56
C GLU E 188 15.76 -38.06 44.99
N ALA E 189 14.45 -37.88 45.20
CA ALA E 189 13.94 -36.59 45.63
C ALA E 189 14.34 -36.24 47.06
N LYS E 190 14.57 -37.24 47.91
CA LYS E 190 14.81 -36.97 49.32
C LYS E 190 16.05 -36.11 49.53
N GLU E 191 17.14 -36.42 48.82
CA GLU E 191 18.40 -35.69 49.01
C GLU E 191 18.43 -34.47 48.09
N LEU E 192 17.57 -33.51 48.43
CA LEU E 192 17.47 -32.28 47.65
C LEU E 192 17.13 -31.13 48.58
N GLU E 193 17.43 -29.91 48.12
CA GLU E 193 17.28 -28.73 48.97
C GLU E 193 15.84 -28.23 49.00
N ALA E 194 15.22 -28.10 47.83
CA ALA E 194 13.87 -27.55 47.75
C ALA E 194 12.87 -28.47 48.42
N ARG E 195 11.84 -27.87 49.02
CA ARG E 195 10.89 -28.58 49.88
C ARG E 195 9.45 -28.28 49.45
N VAL E 196 9.18 -28.37 48.14
CA VAL E 196 7.85 -28.09 47.60
C VAL E 196 7.58 -29.08 46.48
N ILE E 197 6.54 -29.90 46.63
CA ILE E 197 6.17 -30.90 45.63
C ILE E 197 4.84 -30.51 44.99
N ILE E 198 4.72 -30.74 43.69
CA ILE E 198 3.58 -30.27 42.90
C ILE E 198 2.89 -31.45 42.20
N LEU E 199 2.80 -32.59 42.89
CA LEU E 199 2.15 -33.78 42.36
C LEU E 199 0.92 -33.43 41.52
N SER E 200 0.87 -33.96 40.29
CA SER E 200 -0.27 -33.72 39.42
C SER E 200 -0.34 -34.88 38.42
N ALA E 201 -1.21 -35.86 38.69
CA ALA E 201 -1.35 -37.02 37.83
C ALA E 201 -2.67 -37.70 38.16
N SER E 202 -2.84 -38.92 37.65
CA SER E 202 -4.07 -39.67 37.87
C SER E 202 -4.26 -39.99 39.35
N GLU E 203 -5.46 -40.47 39.68
CA GLU E 203 -5.80 -40.73 41.08
C GLU E 203 -5.00 -41.90 41.63
N ASP E 204 -4.93 -43.00 40.88
CA ASP E 204 -4.24 -44.19 41.40
C ASP E 204 -2.75 -43.94 41.56
N ASP E 205 -2.14 -43.24 40.59
CA ASP E 205 -0.74 -42.87 40.73
C ASP E 205 -0.55 -41.96 41.94
N ALA E 206 -1.51 -41.07 42.19
CA ALA E 206 -1.44 -40.24 43.38
C ALA E 206 -1.48 -41.08 44.65
N ALA E 207 -2.32 -42.12 44.67
CA ALA E 207 -2.36 -43.01 45.83
C ALA E 207 -1.03 -43.72 46.02
N THR E 208 -0.43 -44.19 44.93
CA THR E 208 0.85 -44.87 45.03
C THR E 208 1.94 -43.94 45.56
N VAL E 209 1.99 -42.72 45.04
CA VAL E 209 2.98 -41.76 45.52
C VAL E 209 2.71 -41.40 46.98
N TYR E 210 1.43 -41.35 47.37
CA TYR E 210 1.11 -41.09 48.78
C TYR E 210 1.64 -42.20 49.67
N ARG E 211 1.45 -43.46 49.25
CA ARG E 211 2.01 -44.57 50.02
C ARG E 211 3.52 -44.48 50.10
N ALA E 212 4.18 -44.15 48.98
CA ALA E 212 5.63 -44.05 48.96
C ALA E 212 6.12 -42.97 49.91
N ALA E 213 5.53 -41.77 49.83
CA ALA E 213 5.97 -40.67 50.68
C ALA E 213 5.65 -40.94 52.15
N ALA E 214 4.58 -41.69 52.43
CA ALA E 214 4.33 -42.11 53.79
C ALA E 214 5.42 -43.06 54.28
N MET E 215 5.83 -44.01 53.43
CA MET E 215 6.85 -44.96 53.83
C MET E 215 8.19 -44.27 54.06
N LEU E 216 8.54 -43.31 53.22
CA LEU E 216 9.85 -42.66 53.28
C LEU E 216 9.87 -41.46 54.22
N ASN E 217 8.79 -41.21 54.95
CA ASN E 217 8.70 -40.08 55.88
C ASN E 217 8.99 -38.77 55.18
N MET E 218 8.47 -38.63 53.97
CA MET E 218 8.56 -37.38 53.21
C MET E 218 7.56 -36.34 53.69
N THR E 219 6.54 -36.73 54.46
CA THR E 219 5.46 -35.85 54.87
C THR E 219 5.78 -35.08 56.15
N GLY E 220 7.06 -34.87 56.45
CA GLY E 220 7.45 -34.25 57.70
C GLY E 220 7.43 -32.73 57.64
N SER E 221 8.18 -32.13 58.56
CA SER E 221 8.21 -30.69 58.71
C SER E 221 8.83 -30.01 57.49
N GLY E 222 8.42 -28.77 57.24
CA GLY E 222 8.94 -28.01 56.12
C GLY E 222 8.67 -28.66 54.79
N TYR E 223 7.46 -29.17 54.58
CA TYR E 223 7.11 -29.90 53.37
C TYR E 223 5.75 -29.46 52.86
N VAL E 224 5.54 -28.14 52.73
CA VAL E 224 4.31 -27.64 52.16
C VAL E 224 4.06 -28.29 50.81
N TRP E 225 2.86 -28.82 50.64
CA TRP E 225 2.56 -29.66 49.49
C TRP E 225 1.40 -29.08 48.70
N LEU E 226 1.48 -29.21 47.38
CA LEU E 226 0.45 -28.74 46.46
C LEU E 226 0.01 -29.90 45.58
N VAL E 227 -1.28 -29.95 45.27
CA VAL E 227 -1.85 -31.13 44.62
C VAL E 227 -2.92 -30.70 43.64
N GLY E 228 -2.93 -31.35 42.48
CA GLY E 228 -3.92 -31.05 41.46
C GLY E 228 -5.32 -31.49 41.86
N GLU E 229 -6.29 -30.89 41.18
CA GLU E 229 -7.69 -30.98 41.62
C GLU E 229 -8.18 -32.42 41.65
N ARG E 230 -7.85 -33.20 40.63
CA ARG E 230 -8.33 -34.57 40.58
C ARG E 230 -7.73 -35.42 41.69
N GLU E 231 -6.51 -35.08 42.13
CA GLU E 231 -5.76 -35.92 43.05
C GLU E 231 -6.24 -35.81 44.50
N ILE E 232 -7.35 -35.14 44.77
CA ILE E 232 -7.95 -35.17 46.10
C ILE E 232 -9.40 -35.59 45.99
N SER E 233 -9.72 -36.38 44.96
CA SER E 233 -11.06 -36.87 44.75
C SER E 233 -11.04 -38.38 44.56
N GLY E 234 -12.18 -39.01 44.83
CA GLY E 234 -12.26 -40.45 44.67
C GLY E 234 -11.38 -41.17 45.69
N ASN E 235 -10.81 -42.30 45.26
CA ASN E 235 -10.04 -43.14 46.17
C ASN E 235 -8.79 -42.45 46.69
N ALA E 236 -8.36 -41.35 46.06
CA ALA E 236 -7.18 -40.65 46.53
C ALA E 236 -7.40 -40.01 47.90
N LEU E 237 -8.62 -39.62 48.22
CA LEU E 237 -8.90 -38.88 49.45
C LEU E 237 -8.88 -39.75 50.70
N ARG E 238 -8.48 -41.01 50.60
CA ARG E 238 -8.44 -41.88 51.76
C ARG E 238 -7.04 -42.17 52.26
N TYR E 239 -6.00 -41.83 51.50
CA TYR E 239 -4.64 -42.10 51.90
C TYR E 239 -3.75 -40.87 51.96
N ALA E 240 -4.23 -39.71 51.55
CA ALA E 240 -3.40 -38.53 51.56
C ALA E 240 -3.07 -38.12 53.00
N PRO E 241 -1.84 -37.66 53.26
CA PRO E 241 -1.52 -37.17 54.59
C PRO E 241 -2.22 -35.86 54.89
N ASP E 242 -2.46 -35.62 56.17
CA ASP E 242 -3.05 -34.37 56.60
C ASP E 242 -2.08 -33.23 56.35
N GLY E 243 -2.57 -32.13 55.78
CA GLY E 243 -1.75 -30.96 55.56
C GLY E 243 -1.71 -30.48 54.13
N ILE E 244 -2.18 -31.29 53.20
CA ILE E 244 -2.10 -30.90 51.79
C ILE E 244 -3.00 -29.70 51.52
N LEU E 245 -2.74 -29.04 50.40
CA LEU E 245 -3.57 -27.94 49.91
C LEU E 245 -4.16 -28.35 48.56
N GLY E 246 -5.47 -28.21 48.43
CA GLY E 246 -6.14 -28.57 47.20
C GLY E 246 -6.93 -27.42 46.59
N LEU E 247 -7.25 -27.53 45.31
CA LEU E 247 -7.97 -26.49 44.61
C LEU E 247 -9.02 -27.13 43.71
N GLN E 248 -10.10 -26.39 43.45
CA GLN E 248 -11.21 -26.95 42.68
C GLN E 248 -12.06 -25.82 42.11
N LEU E 249 -12.60 -26.06 40.92
CA LEU E 249 -13.52 -25.12 40.29
C LEU E 249 -14.88 -25.16 40.99
N ILE E 250 -15.54 -24.00 41.06
CA ILE E 250 -16.74 -23.88 41.88
C ILE E 250 -17.93 -24.56 41.21
N ASN E 251 -18.34 -24.06 40.05
CA ASN E 251 -19.47 -24.64 39.32
C ASN E 251 -18.96 -25.79 38.47
N GLY E 252 -18.74 -26.92 39.13
CA GLY E 252 -18.09 -28.04 38.49
C GLY E 252 -19.08 -29.04 37.96
N LYS E 253 -19.30 -30.11 38.70
CA LYS E 253 -20.22 -31.14 38.24
C LYS E 253 -21.66 -30.65 38.34
N ASN E 254 -21.98 -29.63 37.54
CA ASN E 254 -23.33 -29.10 37.41
C ASN E 254 -23.63 -28.98 35.93
N GLU E 255 -24.89 -29.13 35.57
CA GLU E 255 -25.23 -29.13 34.15
C GLU E 255 -26.28 -28.09 33.82
N SER E 256 -27.22 -27.85 34.73
CA SER E 256 -28.28 -26.89 34.47
C SER E 256 -27.70 -25.50 34.21
N ALA E 257 -26.80 -25.04 35.07
CA ALA E 257 -26.19 -23.74 34.87
C ALA E 257 -25.40 -23.70 33.57
N HIS E 258 -24.61 -24.74 33.31
CA HIS E 258 -23.81 -24.76 32.10
C HIS E 258 -24.68 -24.81 30.85
N ILE E 259 -25.76 -25.60 30.90
CA ILE E 259 -26.67 -25.68 29.76
C ILE E 259 -27.28 -24.31 29.48
N SER E 260 -27.74 -23.63 30.54
CA SER E 260 -28.33 -22.31 30.36
C SER E 260 -27.33 -21.34 29.73
N ASP E 261 -26.11 -21.32 30.26
CA ASP E 261 -25.12 -20.38 29.74
C ASP E 261 -24.77 -20.68 28.29
N ALA E 262 -24.57 -21.95 27.96
CA ALA E 262 -24.21 -22.30 26.59
C ALA E 262 -25.33 -21.93 25.62
N VAL E 263 -26.58 -22.20 25.99
CA VAL E 263 -27.69 -21.87 25.11
C VAL E 263 -27.75 -20.37 24.89
N GLY E 264 -27.55 -19.59 25.95
CA GLY E 264 -27.52 -18.14 25.78
C GLY E 264 -26.47 -17.70 24.78
N VAL E 265 -25.25 -18.22 24.92
CA VAL E 265 -24.16 -17.80 24.05
C VAL E 265 -24.44 -18.21 22.60
N VAL E 266 -24.91 -19.44 22.39
CA VAL E 266 -25.16 -19.90 21.03
C VAL E 266 -26.24 -19.08 20.37
N ALA E 267 -27.32 -18.78 21.11
CA ALA E 267 -28.39 -17.99 20.53
C ALA E 267 -27.89 -16.60 20.16
N GLN E 268 -27.09 -15.99 21.03
CA GLN E 268 -26.55 -14.67 20.72
C GLN E 268 -25.73 -14.72 19.44
N ALA E 269 -24.87 -15.73 19.30
CA ALA E 269 -24.01 -15.81 18.12
C ALA E 269 -24.83 -16.02 16.85
N VAL E 270 -25.85 -16.88 16.90
CA VAL E 270 -26.65 -17.13 15.70
C VAL E 270 -27.38 -15.88 15.28
N HIS E 271 -27.99 -15.17 16.24
CA HIS E 271 -28.69 -13.94 15.88
C HIS E 271 -27.73 -12.89 15.36
N GLU E 272 -26.49 -12.87 15.83
CA GLU E 272 -25.53 -11.94 15.27
C GLU E 272 -25.15 -12.30 13.84
N LEU E 273 -24.89 -13.59 13.59
CA LEU E 273 -24.42 -13.99 12.27
C LEU E 273 -25.50 -13.84 11.20
N LEU E 274 -26.75 -14.19 11.53
CA LEU E 274 -27.77 -14.31 10.50
C LEU E 274 -28.02 -13.01 9.72
N GLU E 275 -27.46 -11.90 10.16
CA GLU E 275 -27.54 -10.65 9.39
C GLU E 275 -26.25 -10.44 8.59
N LYS E 276 -26.06 -11.34 7.61
CA LYS E 276 -24.90 -11.25 6.74
C LYS E 276 -25.31 -11.29 5.27
N GLU E 277 -24.35 -11.41 4.37
CA GLU E 277 -24.61 -11.24 2.94
C GLU E 277 -24.91 -12.57 2.24
N ASN E 278 -23.95 -13.50 2.24
CA ASN E 278 -24.07 -14.77 1.53
C ASN E 278 -23.97 -15.90 2.55
N ILE E 279 -25.12 -16.48 2.91
CA ILE E 279 -25.20 -17.51 3.94
C ILE E 279 -25.84 -18.74 3.32
N THR E 280 -25.20 -19.88 3.50
CA THR E 280 -25.72 -21.15 3.01
C THR E 280 -26.50 -21.86 4.11
N ASP E 281 -26.89 -23.08 3.84
CA ASP E 281 -27.61 -23.90 4.79
C ASP E 281 -26.73 -25.03 5.29
N PRO E 282 -27.01 -25.56 6.49
CA PRO E 282 -26.23 -26.70 6.96
C PRO E 282 -26.42 -27.89 6.05
N PRO E 283 -25.41 -28.70 5.87
CA PRO E 283 -25.51 -29.82 4.93
C PRO E 283 -26.44 -30.90 5.43
N ARG E 284 -27.61 -31.02 4.78
CA ARG E 284 -28.57 -32.02 5.20
C ARG E 284 -28.11 -33.41 4.75
N GLY E 285 -28.13 -34.35 5.68
CA GLY E 285 -27.73 -35.70 5.39
C GLY E 285 -26.24 -35.87 5.45
N CYS E 286 -25.79 -36.91 6.15
CA CYS E 286 -24.38 -37.20 6.32
C CYS E 286 -23.90 -38.32 5.42
N VAL E 287 -24.72 -38.75 4.47
CA VAL E 287 -24.28 -39.64 3.40
C VAL E 287 -24.51 -38.91 2.07
N GLY E 288 -23.49 -38.90 1.23
CA GLY E 288 -23.56 -38.13 0.01
C GLY E 288 -22.75 -36.85 0.08
N ASN E 289 -23.42 -35.73 0.34
CA ASN E 289 -22.75 -34.43 0.42
C ASN E 289 -21.58 -34.48 1.39
N THR E 290 -20.37 -34.26 0.86
CA THR E 290 -19.14 -34.40 1.63
C THR E 290 -18.22 -33.22 1.39
N ASN E 291 -18.77 -32.02 1.49
CA ASN E 291 -18.02 -30.80 1.30
C ASN E 291 -17.91 -30.03 2.61
N ILE E 292 -17.36 -28.82 2.54
CA ILE E 292 -17.10 -28.01 3.72
C ILE E 292 -18.09 -26.85 3.75
N TRP E 293 -18.86 -26.76 4.83
CA TRP E 293 -19.87 -25.73 5.02
C TRP E 293 -19.17 -24.44 5.44
N LYS E 294 -18.74 -23.66 4.44
CA LYS E 294 -17.84 -22.53 4.67
C LYS E 294 -18.36 -21.56 5.73
N THR E 295 -19.67 -21.35 5.73
CA THR E 295 -20.24 -20.56 6.81
C THR E 295 -19.98 -21.19 8.16
N GLY E 296 -19.61 -22.47 8.21
CA GLY E 296 -19.20 -23.10 9.44
C GLY E 296 -17.95 -22.51 10.03
N PRO E 297 -16.86 -22.47 9.25
CA PRO E 297 -15.68 -21.72 9.72
C PRO E 297 -15.99 -20.27 10.01
N LEU E 298 -16.84 -19.62 9.21
CA LEU E 298 -17.19 -18.24 9.55
C LEU E 298 -17.89 -18.16 10.91
N PHE E 299 -18.81 -19.10 11.16
CA PHE E 299 -19.56 -19.16 12.41
C PHE E 299 -18.62 -19.40 13.58
N LYS E 300 -17.66 -20.30 13.43
CA LYS E 300 -16.70 -20.52 14.50
C LYS E 300 -15.90 -19.27 14.76
N ARG E 301 -15.49 -18.57 13.71
CA ARG E 301 -14.71 -17.35 13.87
C ARG E 301 -15.49 -16.31 14.66
N VAL E 302 -16.77 -16.10 14.31
CA VAL E 302 -17.54 -15.07 15.00
C VAL E 302 -17.86 -15.49 16.43
N LEU E 303 -18.25 -16.76 16.62
CA LEU E 303 -18.58 -17.25 17.94
C LEU E 303 -17.39 -17.23 18.88
N MET E 304 -16.17 -17.30 18.34
CA MET E 304 -14.98 -17.29 19.18
C MET E 304 -14.97 -16.10 20.12
N SER E 305 -15.43 -14.94 19.67
CA SER E 305 -15.39 -13.70 20.44
C SER E 305 -16.81 -13.17 20.60
N SER E 306 -17.42 -13.47 21.74
CA SER E 306 -18.74 -12.91 22.04
C SER E 306 -18.92 -12.93 23.56
N LYS E 307 -18.71 -11.77 24.19
CA LYS E 307 -18.93 -11.64 25.62
C LYS E 307 -20.42 -11.61 25.91
N TYR E 308 -20.82 -12.32 26.96
CA TYR E 308 -22.24 -12.38 27.34
C TYR E 308 -22.29 -12.56 28.85
N ALA E 309 -22.43 -11.45 29.56
CA ALA E 309 -22.46 -11.47 31.03
C ALA E 309 -23.90 -11.38 31.55
N ASP E 310 -24.71 -12.37 31.17
CA ASP E 310 -26.09 -12.44 31.64
C ASP E 310 -26.49 -13.88 31.96
N GLY E 311 -25.59 -14.63 32.59
CA GLY E 311 -25.89 -16.00 32.95
C GLY E 311 -25.26 -16.32 34.30
N VAL E 312 -25.79 -17.35 34.94
CA VAL E 312 -25.32 -17.72 36.29
C VAL E 312 -24.16 -18.67 36.09
N THR E 313 -23.03 -18.10 35.70
CA THR E 313 -21.72 -18.71 35.91
C THR E 313 -20.65 -17.65 36.10
N GLY E 314 -20.98 -16.38 35.92
CA GLY E 314 -20.00 -15.34 35.70
C GLY E 314 -19.93 -14.96 34.23
N ARG E 315 -19.24 -13.85 33.97
CA ARG E 315 -19.07 -13.41 32.58
C ARG E 315 -18.28 -14.46 31.82
N VAL E 316 -18.69 -14.71 30.57
CA VAL E 316 -18.10 -15.77 29.76
C VAL E 316 -17.51 -15.14 28.51
N GLU E 317 -16.23 -15.42 28.26
CA GLU E 317 -15.54 -14.89 27.09
C GLU E 317 -14.44 -15.86 26.70
N PHE E 318 -14.64 -16.56 25.59
CA PHE E 318 -13.68 -17.56 25.17
C PHE E 318 -12.36 -16.89 24.77
N ASN E 319 -11.25 -17.58 25.05
CA ASN E 319 -9.93 -17.04 24.76
C ASN E 319 -9.59 -17.29 23.30
N GLU E 320 -8.34 -17.02 22.93
CA GLU E 320 -7.92 -17.17 21.54
C GLU E 320 -7.72 -18.62 21.14
N ASP E 321 -7.26 -19.46 22.06
CA ASP E 321 -7.00 -20.85 21.74
C ASP E 321 -8.25 -21.68 21.63
N GLY E 322 -9.40 -21.16 22.04
CA GLY E 322 -10.64 -21.90 21.98
C GLY E 322 -10.96 -22.64 23.26
N ASP E 323 -10.91 -21.93 24.38
CA ASP E 323 -11.25 -22.50 25.68
C ASP E 323 -12.05 -21.45 26.44
N ARG E 324 -12.23 -21.69 27.74
CA ARG E 324 -12.91 -20.75 28.61
C ARG E 324 -11.89 -20.07 29.51
N LYS E 325 -11.93 -18.75 29.57
CA LYS E 325 -11.02 -17.98 30.40
C LYS E 325 -11.78 -17.28 31.52
N PHE E 326 -11.02 -16.80 32.51
CA PHE E 326 -11.56 -16.04 33.64
C PHE E 326 -12.56 -16.87 34.44
N ALA E 327 -12.07 -17.94 35.03
CA ALA E 327 -12.86 -18.73 35.96
C ALA E 327 -12.46 -18.39 37.39
N ASN E 328 -13.01 -19.13 38.35
CA ASN E 328 -12.67 -18.94 39.76
C ASN E 328 -12.60 -20.29 40.46
N TYR E 329 -11.58 -20.47 41.29
CA TYR E 329 -11.36 -21.72 42.00
C TYR E 329 -11.50 -21.51 43.50
N SER E 330 -11.72 -22.62 44.21
CA SER E 330 -11.80 -22.62 45.66
C SER E 330 -10.67 -23.48 46.20
N ILE E 331 -9.94 -22.94 47.18
CA ILE E 331 -8.76 -23.60 47.71
C ILE E 331 -9.15 -24.27 49.02
N MET E 332 -9.54 -25.54 48.95
CA MET E 332 -9.80 -26.31 50.15
C MET E 332 -8.49 -26.83 50.71
N ASN E 333 -8.31 -26.70 52.03
CA ASN E 333 -7.15 -27.23 52.72
C ASN E 333 -7.59 -28.36 53.65
N LEU E 334 -6.94 -29.51 53.53
CA LEU E 334 -7.31 -30.65 54.35
C LEU E 334 -6.97 -30.37 55.81
N GLN E 335 -7.87 -30.75 56.70
CA GLN E 335 -7.68 -30.52 58.13
C GLN E 335 -8.37 -31.65 58.89
N ASN E 336 -7.60 -32.68 59.25
CA ASN E 336 -8.11 -33.82 60.01
C ASN E 336 -9.31 -34.45 59.31
N ARG E 337 -9.14 -34.74 58.02
CA ARG E 337 -10.18 -35.36 57.20
C ARG E 337 -11.47 -34.54 57.21
N LYS E 338 -11.32 -33.22 57.18
CA LYS E 338 -12.45 -32.29 57.12
C LYS E 338 -12.05 -31.18 56.15
N LEU E 339 -12.50 -31.30 54.91
CA LEU E 339 -12.11 -30.35 53.87
C LEU E 339 -12.69 -28.97 54.21
N VAL E 340 -11.82 -28.06 54.63
CA VAL E 340 -12.22 -26.70 54.96
C VAL E 340 -11.62 -25.78 53.92
N GLN E 341 -12.46 -25.03 53.22
CA GLN E 341 -12.04 -24.17 52.14
C GLN E 341 -11.61 -22.82 52.68
N VAL E 342 -10.46 -22.34 52.22
CA VAL E 342 -9.95 -21.02 52.58
C VAL E 342 -9.53 -20.31 51.31
N GLY E 343 -9.71 -18.99 51.29
CA GLY E 343 -9.29 -18.19 50.17
C GLY E 343 -10.07 -18.43 48.90
N ILE E 344 -9.99 -17.49 47.97
CA ILE E 344 -10.68 -17.59 46.69
C ILE E 344 -9.80 -16.97 45.62
N TYR E 345 -9.65 -17.65 44.50
CA TYR E 345 -8.93 -17.13 43.35
C TYR E 345 -9.95 -16.71 42.30
N ASN E 346 -10.10 -15.40 42.10
CA ASN E 346 -11.02 -14.86 41.12
C ASN E 346 -10.29 -14.34 39.89
N GLY E 347 -9.08 -14.82 39.63
CA GLY E 347 -8.32 -14.41 38.47
C GLY E 347 -7.25 -13.40 38.82
N THR E 348 -6.01 -13.87 38.98
CA THR E 348 -4.86 -13.03 39.35
C THR E 348 -5.14 -12.21 40.60
N HIS E 349 -6.11 -12.62 41.40
CA HIS E 349 -6.59 -11.83 42.53
C HIS E 349 -6.82 -12.72 43.74
N VAL E 350 -5.86 -13.60 44.04
CA VAL E 350 -6.00 -14.53 45.14
C VAL E 350 -6.18 -13.77 46.45
N ILE E 351 -7.37 -13.90 47.05
CA ILE E 351 -7.73 -13.22 48.29
C ILE E 351 -7.89 -14.28 49.38
N PRO E 352 -7.12 -14.21 50.46
CA PRO E 352 -7.18 -15.28 51.47
C PRO E 352 -8.44 -15.24 52.33
N ASN E 353 -8.50 -16.13 53.30
CA ASN E 353 -9.60 -16.21 54.25
C ASN E 353 -9.03 -16.48 55.63
N ASP E 354 -9.75 -16.04 56.66
CA ASP E 354 -9.25 -16.12 58.03
C ASP E 354 -9.36 -17.56 58.53
N ARG E 355 -8.23 -18.26 58.55
CA ARG E 355 -8.13 -19.61 59.09
C ARG E 355 -6.67 -19.96 59.25
N LYS E 356 -6.31 -20.52 60.39
CA LYS E 356 -4.94 -20.93 60.64
C LYS E 356 -4.64 -22.15 59.78
N ILE E 357 -4.10 -21.93 58.60
CA ILE E 357 -3.90 -23.01 57.63
C ILE E 357 -2.80 -23.92 58.14
N ILE E 358 -3.18 -25.09 58.66
CA ILE E 358 -2.20 -26.02 59.20
C ILE E 358 -1.33 -26.55 58.07
N TRP E 359 -0.14 -26.83 58.38
CA TRP E 359 0.75 -27.47 57.44
C TRP E 359 1.05 -28.88 57.91
N PRO E 360 1.39 -29.80 57.01
CA PRO E 360 1.49 -31.22 57.40
C PRO E 360 2.42 -31.45 58.57
N GLY E 361 1.85 -31.88 59.70
CA GLY E 361 2.60 -32.02 60.94
C GLY E 361 1.97 -31.22 62.07
N GLY E 362 1.20 -30.19 61.73
CA GLY E 362 0.53 -29.37 62.72
C GLY E 362 1.20 -28.05 63.02
N GLU E 363 2.30 -27.73 62.33
CA GLU E 363 3.02 -26.50 62.61
C GLU E 363 2.22 -25.28 62.15
N THR E 364 2.60 -24.12 62.68
CA THR E 364 1.97 -22.85 62.36
C THR E 364 3.06 -21.85 62.03
N GLU E 365 3.47 -21.83 60.76
CA GLU E 365 4.52 -20.94 60.27
C GLU E 365 4.38 -20.83 58.76
N LYS E 366 5.42 -20.35 58.10
CA LYS E 366 5.45 -20.38 56.64
C LYS E 366 6.59 -21.30 56.20
N PRO E 367 6.59 -22.57 56.69
CA PRO E 367 7.79 -23.42 56.71
C PRO E 367 9.04 -22.91 56.00
N ARG E 368 9.50 -23.65 55.00
CA ARG E 368 10.72 -23.29 54.30
C ARG E 368 10.83 -24.11 53.03
N GLY E 369 11.44 -23.51 52.01
CA GLY E 369 11.70 -24.17 50.74
C GLY E 369 13.15 -24.62 50.64
N TYR E 370 13.97 -23.78 49.99
CA TYR E 370 15.40 -24.04 49.89
C TYR E 370 16.00 -24.39 51.24
N GLN E 371 17.00 -25.27 51.22
CA GLN E 371 17.72 -25.66 52.43
C GLN E 371 19.21 -25.60 52.16
N MET E 372 19.98 -25.24 53.19
CA MET E 372 21.42 -25.04 53.01
C MET E 372 22.12 -26.36 52.76
N SER E 373 22.09 -27.26 53.75
CA SER E 373 22.72 -28.58 53.66
C SER E 373 24.20 -28.46 53.25
N THR E 374 24.98 -27.88 54.17
CA THR E 374 26.35 -27.52 53.88
C THR E 374 27.28 -28.72 53.86
N ARG E 375 27.00 -29.68 52.97
CA ARG E 375 27.92 -30.75 52.63
C ARG E 375 28.35 -30.62 51.16
N LEU E 376 28.40 -29.38 50.68
CA LEU E 376 28.76 -29.09 49.30
C LEU E 376 30.18 -29.54 48.99
N LYS E 377 30.38 -30.04 47.78
CA LYS E 377 31.61 -30.73 47.40
C LYS E 377 32.46 -29.90 46.43
N ILE E 378 33.77 -30.02 46.58
CA ILE E 378 34.74 -29.39 45.70
C ILE E 378 35.36 -30.42 44.77
N VAL E 379 35.41 -30.09 43.48
CA VAL E 379 36.12 -30.87 42.47
C VAL E 379 37.19 -29.98 41.88
N THR E 380 38.43 -30.47 41.84
CA THR E 380 39.53 -29.65 41.37
C THR E 380 40.37 -30.38 40.33
N ILE E 381 41.47 -29.77 39.92
CA ILE E 381 42.38 -30.35 38.92
C ILE E 381 43.80 -29.93 39.29
N HIS E 382 44.73 -30.87 39.16
CA HIS E 382 46.11 -30.66 39.61
C HIS E 382 46.92 -29.94 38.54
N GLN E 383 47.53 -28.81 38.92
CA GLN E 383 48.42 -28.05 38.07
C GLN E 383 49.07 -26.96 38.90
N GLU E 384 50.30 -26.60 38.53
CA GLU E 384 50.98 -25.42 39.06
C GLU E 384 51.22 -25.52 40.56
N PRO E 385 51.88 -24.54 41.19
CA PRO E 385 51.87 -24.48 42.65
C PRO E 385 50.48 -24.31 43.25
N PHE E 386 49.48 -23.99 42.42
CA PHE E 386 48.12 -23.84 42.92
C PHE E 386 47.61 -25.12 43.55
N VAL E 387 47.88 -26.27 42.92
CA VAL E 387 47.46 -27.57 43.43
C VAL E 387 48.69 -28.47 43.51
N TYR E 388 48.93 -29.04 44.69
CA TYR E 388 50.04 -29.95 44.91
C TYR E 388 49.48 -31.35 45.15
N VAL E 389 49.88 -32.31 44.32
CA VAL E 389 49.30 -33.64 44.33
C VAL E 389 50.41 -34.68 44.34
N LYS E 390 50.30 -35.65 45.25
CA LYS E 390 51.18 -36.81 45.29
C LYS E 390 50.45 -37.93 46.01
N PRO E 391 50.79 -39.19 45.74
CA PRO E 391 50.16 -40.29 46.47
C PRO E 391 50.31 -40.12 47.98
N THR E 392 49.24 -40.42 48.70
CA THR E 392 49.24 -40.27 50.15
C THR E 392 50.16 -41.30 50.80
N LEU E 393 50.82 -40.89 51.88
CA LEU E 393 51.63 -41.82 52.66
C LEU E 393 50.73 -42.85 53.33
N SER E 394 51.27 -44.06 53.50
CA SER E 394 50.50 -45.16 54.07
C SER E 394 50.15 -44.95 55.53
N ASP E 395 50.74 -43.97 56.20
CA ASP E 395 50.43 -43.69 57.60
C ASP E 395 49.09 -43.01 57.79
N GLY E 396 48.30 -42.84 56.73
CA GLY E 396 47.02 -42.17 56.80
C GLY E 396 47.10 -40.68 56.49
N THR E 397 48.21 -40.05 56.84
CA THR E 397 48.47 -38.65 56.54
C THR E 397 49.69 -38.55 55.64
N CYS E 398 49.69 -37.55 54.77
CA CYS E 398 50.76 -37.37 53.79
C CYS E 398 52.11 -37.16 54.47
N LYS E 399 52.27 -36.05 55.19
CA LYS E 399 53.51 -35.71 55.85
C LYS E 399 53.26 -34.51 56.74
N GLU E 400 54.23 -34.23 57.61
CA GLU E 400 54.19 -33.11 58.54
C GLU E 400 55.34 -32.16 58.16
N GLU E 401 55.05 -31.24 57.25
CA GLU E 401 56.05 -30.36 56.66
C GLU E 401 55.97 -28.98 57.30
N PHE E 402 56.76 -28.05 56.76
CA PHE E 402 56.81 -26.68 57.24
C PHE E 402 57.10 -25.76 56.06
N THR E 403 57.44 -24.51 56.36
CA THR E 403 57.70 -23.51 55.34
C THR E 403 58.88 -22.68 55.79
N VAL E 404 59.06 -21.51 55.17
CA VAL E 404 60.23 -20.67 55.44
C VAL E 404 60.28 -20.26 56.91
N ASN E 405 59.14 -19.84 57.46
CA ASN E 405 59.07 -19.44 58.85
C ASN E 405 58.68 -20.61 59.77
N GLY E 406 58.84 -21.84 59.30
CA GLY E 406 58.54 -23.00 60.12
C GLY E 406 57.08 -23.16 60.49
N ASP E 407 56.16 -22.78 59.60
CA ASP E 407 54.75 -22.95 59.87
C ASP E 407 54.24 -24.20 59.17
N PRO E 408 53.55 -25.09 59.88
CA PRO E 408 53.03 -26.30 59.23
C PRO E 408 52.06 -25.97 58.12
N VAL E 409 52.10 -26.78 57.07
CA VAL E 409 51.29 -26.55 55.88
C VAL E 409 49.97 -27.29 56.01
N LYS E 410 48.86 -26.57 55.79
CA LYS E 410 47.55 -27.19 55.80
C LYS E 410 47.41 -28.13 54.61
N LYS E 411 46.76 -29.28 54.85
CA LYS E 411 46.56 -30.25 53.79
C LYS E 411 45.25 -30.98 54.01
N VAL E 412 44.69 -31.51 52.92
CA VAL E 412 43.53 -32.38 52.94
C VAL E 412 43.86 -33.61 52.10
N ILE E 413 42.92 -34.54 52.04
CA ILE E 413 43.10 -35.79 51.30
C ILE E 413 41.96 -35.89 50.30
N CYS E 414 42.20 -35.41 49.07
CA CYS E 414 41.25 -35.61 48.01
C CYS E 414 41.32 -37.05 47.50
N THR E 415 40.28 -37.46 46.78
CA THR E 415 40.09 -38.84 46.37
C THR E 415 39.89 -38.91 44.86
N GLY E 416 40.75 -38.23 44.12
CA GLY E 416 40.69 -38.24 42.67
C GLY E 416 41.33 -39.49 42.09
N PRO E 417 41.18 -39.64 40.77
CA PRO E 417 41.70 -40.83 40.10
C PRO E 417 43.21 -40.80 39.97
N ASN E 418 43.77 -41.98 39.72
CA ASN E 418 45.20 -42.16 39.53
C ASN E 418 45.49 -42.97 38.27
N ASP E 419 44.64 -42.83 37.26
CA ASP E 419 44.77 -43.59 36.02
C ASP E 419 44.92 -42.67 34.81
N THR E 420 45.79 -41.67 34.92
CA THR E 420 45.99 -40.72 33.82
C THR E 420 46.35 -41.43 32.52
N SER E 421 47.03 -42.58 32.61
CA SER E 421 47.29 -43.38 31.43
C SER E 421 46.02 -44.12 31.02
N PRO E 422 45.61 -44.03 29.75
CA PRO E 422 44.38 -44.71 29.33
C PRO E 422 44.49 -46.22 29.43
N GLY E 423 43.35 -46.84 29.73
CA GLY E 423 43.27 -48.29 29.84
C GLY E 423 43.67 -48.87 31.18
N SER E 424 44.08 -48.02 32.13
CA SER E 424 44.51 -48.50 33.44
C SER E 424 43.33 -48.87 34.31
N PRO E 425 43.55 -49.75 35.31
CA PRO E 425 42.45 -50.09 36.23
C PRO E 425 42.17 -48.98 37.23
N ARG E 426 41.30 -48.03 36.84
CA ARG E 426 41.01 -46.88 37.67
C ARG E 426 40.51 -47.30 39.05
N HIS E 427 41.06 -46.68 40.09
CA HIS E 427 40.67 -46.97 41.47
C HIS E 427 40.39 -45.72 42.29
N THR E 428 40.71 -44.52 41.80
CA THR E 428 40.48 -43.27 42.51
C THR E 428 41.10 -43.28 43.90
N VAL E 429 42.35 -43.76 43.96
CA VAL E 429 43.07 -43.83 45.24
C VAL E 429 43.33 -42.41 45.73
N PRO E 430 43.10 -42.11 47.01
CA PRO E 430 43.36 -40.75 47.52
C PRO E 430 44.82 -40.38 47.42
N GLN E 431 45.07 -39.09 47.21
CA GLN E 431 46.42 -38.56 47.05
C GLN E 431 46.60 -37.35 47.97
N CYS E 432 47.84 -36.84 47.99
CA CYS E 432 48.15 -35.63 48.73
C CYS E 432 47.47 -34.43 48.08
N CYS E 433 47.00 -33.50 48.92
CA CYS E 433 46.26 -32.33 48.43
C CYS E 433 46.78 -31.15 49.26
N TYR E 434 47.85 -30.51 48.79
CA TYR E 434 48.52 -29.49 49.58
C TYR E 434 48.97 -28.31 48.73
N GLY E 435 48.11 -27.86 47.82
CA GLY E 435 48.48 -26.75 46.96
C GLY E 435 48.25 -25.37 47.56
N PHE E 436 47.73 -24.46 46.75
CA PHE E 436 47.42 -23.08 47.13
C PHE E 436 45.93 -22.80 47.10
N CYS E 437 45.23 -23.37 46.12
CA CYS E 437 43.77 -23.31 46.14
C CYS E 437 43.21 -23.95 47.39
N ILE E 438 43.92 -24.93 47.97
CA ILE E 438 43.49 -25.47 49.26
C ILE E 438 43.61 -24.41 50.35
N ASP E 439 44.66 -23.60 50.31
CA ASP E 439 44.78 -22.50 51.27
C ASP E 439 43.61 -21.54 51.14
N LEU E 440 43.26 -21.18 49.90
CA LEU E 440 42.12 -20.30 49.69
C LEU E 440 40.82 -20.94 50.18
N LEU E 441 40.65 -22.24 49.90
CA LEU E 441 39.45 -22.94 50.33
C LEU E 441 39.34 -22.99 51.85
N ILE E 442 40.47 -23.22 52.54
CA ILE E 442 40.45 -23.28 53.99
C ILE E 442 40.14 -21.90 54.57
N LYS E 443 40.72 -20.85 53.98
CA LYS E 443 40.40 -19.49 54.43
C LYS E 443 38.90 -19.20 54.26
N LEU E 444 38.35 -19.57 53.10
CA LEU E 444 36.92 -19.36 52.87
C LEU E 444 36.06 -20.18 53.82
N ALA E 445 36.49 -21.41 54.12
CA ALA E 445 35.76 -22.26 55.05
C ALA E 445 35.74 -21.65 56.44
N ARG E 446 36.87 -21.10 56.89
CA ARG E 446 36.87 -20.38 58.15
C ARG E 446 36.13 -19.05 58.06
N THR E 447 35.90 -18.55 56.85
CA THR E 447 35.06 -17.38 56.68
C THR E 447 33.58 -17.74 56.68
N MET E 448 33.24 -18.98 56.32
CA MET E 448 31.86 -19.36 56.08
C MET E 448 31.38 -20.56 56.87
N ASN E 449 32.29 -21.31 57.52
CA ASN E 449 31.92 -22.39 58.42
C ASN E 449 31.13 -23.49 57.72
N PHE E 450 31.78 -24.16 56.77
CA PHE E 450 31.15 -25.29 56.08
C PHE E 450 32.09 -26.48 55.96
N THR E 451 31.63 -27.53 55.28
CA THR E 451 32.40 -28.75 55.05
C THR E 451 32.59 -28.97 53.54
N TYR E 452 33.21 -30.08 53.19
CA TYR E 452 33.53 -30.37 51.80
C TYR E 452 33.69 -31.87 51.59
N GLU E 453 33.68 -32.27 50.32
CA GLU E 453 33.77 -33.66 49.86
C GLU E 453 34.79 -33.77 48.73
N VAL E 454 36.00 -33.25 48.97
CA VAL E 454 36.96 -33.01 47.91
C VAL E 454 37.29 -34.29 47.13
N HIS E 455 37.36 -34.16 45.82
CA HIS E 455 37.84 -35.20 44.93
C HIS E 455 38.17 -34.58 43.57
N LEU E 456 39.20 -35.11 42.92
CA LEU E 456 39.68 -34.53 41.67
C LEU E 456 38.71 -34.84 40.53
N VAL E 457 39.10 -34.44 39.32
CA VAL E 457 38.31 -34.66 38.12
C VAL E 457 38.93 -35.80 37.33
N ALA E 458 38.08 -36.70 36.82
CA ALA E 458 38.56 -37.88 36.12
C ALA E 458 39.35 -37.49 34.87
N ASP E 459 38.70 -36.83 33.92
CA ASP E 459 39.39 -36.45 32.69
C ASP E 459 40.32 -35.27 32.93
N GLY E 460 39.76 -34.12 33.30
CA GLY E 460 40.55 -32.94 33.56
C GLY E 460 40.62 -32.03 32.36
N LYS E 461 39.88 -30.93 32.39
CA LYS E 461 39.88 -29.98 31.28
C LYS E 461 39.30 -28.66 31.78
N PHE E 462 39.78 -27.56 31.19
CA PHE E 462 39.25 -26.24 31.51
C PHE E 462 37.82 -26.06 31.04
N GLY E 463 37.31 -26.97 30.21
CA GLY E 463 35.96 -26.84 29.69
C GLY E 463 35.93 -26.58 28.21
N THR E 464 36.87 -27.18 27.47
CA THR E 464 36.91 -27.00 26.03
C THR E 464 35.76 -27.75 25.39
N GLN E 465 34.63 -27.07 25.19
CA GLN E 465 33.43 -27.73 24.71
C GLN E 465 33.63 -28.28 23.30
N GLU E 466 33.01 -29.43 23.03
CA GLU E 466 33.12 -30.09 21.74
C GLU E 466 31.74 -30.52 21.25
N ARG E 467 31.70 -31.33 20.20
CA ARG E 467 30.46 -31.86 19.66
C ARG E 467 30.40 -33.37 19.89
N VAL E 468 29.24 -33.85 20.35
CA VAL E 468 29.07 -35.27 20.57
C VAL E 468 29.18 -36.03 19.25
N ASN E 469 29.37 -37.34 19.37
CA ASN E 469 29.62 -38.19 18.21
C ASN E 469 28.43 -38.22 17.26
N ASN E 470 28.57 -37.57 16.11
CA ASN E 470 27.57 -37.58 15.04
C ASN E 470 26.19 -37.14 15.56
N SER E 471 26.19 -36.14 16.43
CA SER E 471 24.95 -35.63 16.99
C SER E 471 25.12 -34.21 17.52
N LYS E 473 24.53 -31.53 19.16
CA LYS E 473 24.46 -30.51 20.19
C LYS E 473 25.82 -30.24 20.80
N LYS E 474 26.01 -29.01 21.29
CA LYS E 474 27.28 -28.64 21.90
C LYS E 474 27.51 -29.46 23.16
N GLU E 475 28.71 -30.00 23.30
CA GLU E 475 29.05 -30.90 24.40
C GLU E 475 30.26 -30.34 25.15
N TRP E 476 30.08 -30.09 26.45
CA TRP E 476 31.18 -29.65 27.28
C TRP E 476 32.01 -30.86 27.72
N ASN E 477 33.04 -30.60 28.51
CA ASN E 477 33.96 -31.66 28.89
C ASN E 477 34.69 -31.28 30.17
N GLY E 478 35.29 -32.30 30.79
CA GLY E 478 36.23 -32.05 31.87
C GLY E 478 35.60 -31.39 33.07
N MET E 479 36.36 -30.47 33.67
CA MET E 479 35.94 -29.84 34.92
C MET E 479 34.65 -29.04 34.75
N MET E 480 34.57 -28.24 33.68
CA MET E 480 33.37 -27.46 33.44
C MET E 480 32.17 -28.36 33.13
N GLY E 481 32.38 -29.41 32.34
CA GLY E 481 31.29 -30.33 32.05
C GLY E 481 30.76 -31.02 33.29
N GLU E 482 31.66 -31.42 34.19
CA GLU E 482 31.22 -32.00 35.45
C GLU E 482 30.51 -30.97 36.31
N LEU E 483 31.01 -29.74 36.33
CA LEU E 483 30.41 -28.69 37.16
C LEU E 483 28.98 -28.39 36.73
N LEU E 484 28.76 -28.27 35.42
CA LEU E 484 27.41 -27.99 34.95
C LEU E 484 26.48 -29.18 35.19
N SER E 485 27.01 -30.40 35.15
CA SER E 485 26.19 -31.59 35.33
C SER E 485 25.94 -31.88 36.80
N GLY E 486 25.57 -30.84 37.56
CA GLY E 486 25.18 -30.98 38.95
C GLY E 486 26.14 -31.75 39.84
N GLN E 487 27.39 -31.92 39.41
CA GLN E 487 28.34 -32.71 40.18
C GLN E 487 29.16 -31.84 41.13
N ALA E 488 29.90 -30.88 40.58
CA ALA E 488 30.67 -29.97 41.42
C ALA E 488 29.79 -28.81 41.88
N ASP E 489 29.94 -28.43 43.15
CA ASP E 489 29.18 -27.31 43.69
C ASP E 489 29.91 -25.98 43.52
N MET E 490 31.09 -25.86 44.11
CA MET E 490 32.01 -24.77 43.79
C MET E 490 33.21 -25.34 43.04
N ILE E 491 33.87 -24.48 42.28
CA ILE E 491 34.84 -24.94 41.29
C ILE E 491 36.17 -24.18 41.43
N VAL E 492 36.47 -23.72 42.64
CA VAL E 492 37.64 -22.87 42.86
C VAL E 492 38.90 -23.57 42.36
N ALA E 493 39.51 -23.00 41.33
CA ALA E 493 40.62 -23.59 40.58
C ALA E 493 41.16 -22.51 39.64
N PRO E 494 42.21 -22.78 38.85
CA PRO E 494 42.52 -21.85 37.75
C PRO E 494 41.38 -21.82 36.75
N LEU E 495 40.68 -20.69 36.67
CA LEU E 495 39.43 -20.54 35.93
C LEU E 495 39.45 -19.26 35.10
N THR E 496 40.49 -19.10 34.28
CA THR E 496 40.59 -17.97 33.36
C THR E 496 39.25 -17.64 32.74
N ILE E 497 38.82 -16.39 32.90
CA ILE E 497 37.48 -16.00 32.49
C ILE E 497 37.40 -16.00 30.97
N ASN E 498 36.42 -16.73 30.43
CA ASN E 498 36.21 -16.84 29.00
C ASN E 498 34.73 -16.66 28.70
N ASN E 499 34.42 -15.94 27.62
CA ASN E 499 33.04 -15.74 27.23
C ASN E 499 32.34 -17.05 26.88
N GLU E 500 33.10 -18.06 26.45
CA GLU E 500 32.52 -19.37 26.23
C GLU E 500 32.01 -19.97 27.54
N ARG E 501 32.75 -19.80 28.63
CA ARG E 501 32.25 -20.21 29.92
C ARG E 501 31.27 -19.21 30.50
N ALA E 502 31.42 -17.92 30.16
CA ALA E 502 30.63 -16.87 30.78
C ALA E 502 29.18 -16.83 30.32
N GLN E 503 28.82 -17.60 29.29
CA GLN E 503 27.45 -17.55 28.79
C GLN E 503 26.45 -17.98 29.86
N TYR E 504 26.74 -19.09 30.55
CA TYR E 504 25.94 -19.54 31.70
C TYR E 504 26.88 -19.86 32.85
N ILE E 505 27.26 -18.82 33.59
CA ILE E 505 28.04 -18.95 34.82
C ILE E 505 28.04 -17.58 35.50
N GLU E 506 28.15 -17.57 36.83
CA GLU E 506 28.24 -16.31 37.57
C GLU E 506 29.64 -16.23 38.18
N PHE E 507 30.53 -15.50 37.52
CA PHE E 507 31.89 -15.34 38.02
C PHE E 507 31.91 -14.53 39.31
N SER E 508 32.85 -14.88 40.19
CA SER E 508 33.11 -14.10 41.38
C SER E 508 34.14 -13.02 41.07
N LYS E 509 34.47 -12.23 42.08
CA LYS E 509 35.45 -11.17 41.88
C LYS E 509 36.81 -11.76 41.55
N PRO E 510 37.56 -11.15 40.62
CA PRO E 510 38.85 -11.73 40.21
C PRO E 510 39.87 -11.72 41.33
N PHE E 511 40.27 -12.91 41.76
CA PHE E 511 41.27 -13.10 42.80
C PHE E 511 42.69 -13.14 42.26
N LYS E 512 42.86 -13.11 40.94
CA LYS E 512 44.18 -13.17 40.33
C LYS E 512 44.16 -12.30 39.08
N TYR E 513 45.36 -11.83 38.70
CA TYR E 513 45.52 -11.01 37.50
C TYR E 513 46.75 -11.53 36.75
N GLN E 514 46.51 -12.43 35.80
CA GLN E 514 47.57 -13.01 34.98
C GLN E 514 47.16 -12.97 33.52
N GLY E 515 48.16 -12.80 32.64
CA GLY E 515 47.94 -12.75 31.22
C GLY E 515 48.42 -14.00 30.51
N LEU E 516 48.42 -13.90 29.18
CA LEU E 516 48.86 -14.98 28.31
C LEU E 516 50.24 -14.63 27.76
N THR E 517 51.23 -15.47 28.04
CA THR E 517 52.61 -15.19 27.66
C THR E 517 53.26 -16.46 27.11
N ILE E 518 54.26 -16.27 26.26
CA ILE E 518 54.98 -17.37 25.64
C ILE E 518 56.23 -17.67 26.46
N LEU E 519 56.79 -18.87 26.26
CA LEU E 519 58.02 -19.26 26.92
C LEU E 519 58.85 -20.13 25.98
N VAL E 520 60.16 -19.89 25.95
CA VAL E 520 61.09 -20.66 25.16
C VAL E 520 62.31 -21.00 26.01
N LYS E 521 63.01 -22.05 25.62
CA LYS E 521 64.22 -22.46 26.32
C LYS E 521 65.32 -21.42 26.08
N LYS E 522 65.96 -20.98 27.15
CA LYS E 522 67.01 -19.98 27.04
C LYS E 522 68.27 -20.60 26.45
N GLU E 523 68.85 -19.92 25.47
CA GLU E 523 70.10 -20.38 24.87
C GLU E 523 71.24 -20.31 25.89
N ILE E 524 72.12 -21.29 25.84
CA ILE E 524 73.24 -21.38 26.79
C ILE E 524 74.16 -20.17 26.63
N PRO E 638 73.15 -12.73 19.67
CA PRO E 638 72.65 -12.47 18.31
C PRO E 638 71.15 -12.74 18.18
N GLU E 639 70.66 -13.79 18.83
CA GLU E 639 69.25 -14.13 18.77
C GLU E 639 68.41 -13.05 19.43
N GLU E 640 67.22 -12.83 18.89
CA GLU E 640 66.32 -11.78 19.34
C GLU E 640 65.15 -12.37 20.14
N ARG E 641 64.62 -11.56 21.05
CA ARG E 641 63.42 -11.95 21.78
C ARG E 641 62.20 -11.82 20.88
N ILE E 642 61.38 -12.85 20.86
CA ILE E 642 60.17 -12.85 20.04
C ILE E 642 59.08 -12.07 20.76
N THR E 643 58.51 -11.09 20.08
CA THR E 643 57.48 -10.22 20.67
C THR E 643 56.08 -10.82 20.55
N GLY E 644 55.93 -12.07 20.98
CA GLY E 644 54.65 -12.74 20.95
C GLY E 644 54.12 -12.93 19.55
N ILE E 645 52.80 -12.98 19.44
CA ILE E 645 52.17 -13.05 18.12
C ILE E 645 52.42 -11.78 17.32
N ASN E 646 52.70 -10.67 18.00
CA ASN E 646 53.03 -9.43 17.31
C ASN E 646 54.27 -9.60 16.43
N ASP E 647 55.13 -10.54 16.77
CA ASP E 647 56.27 -10.87 15.93
C ASP E 647 55.77 -11.50 14.63
N PRO E 648 56.11 -10.95 13.47
CA PRO E 648 55.67 -11.58 12.21
C PRO E 648 56.17 -13.00 12.03
N ARG E 649 57.35 -13.33 12.55
CA ARG E 649 57.85 -14.70 12.44
C ARG E 649 56.96 -15.67 13.20
N LEU E 650 56.49 -15.27 14.39
CA LEU E 650 55.48 -16.07 15.08
C LEU E 650 54.12 -15.97 14.39
N ARG E 651 53.92 -14.95 13.57
CA ARG E 651 52.67 -14.83 12.83
C ARG E 651 52.60 -15.83 11.68
N ASN E 652 53.73 -16.08 11.03
CA ASN E 652 53.79 -17.05 9.92
C ASN E 652 54.47 -18.32 10.40
N PRO E 653 53.76 -19.43 10.53
CA PRO E 653 54.39 -20.67 11.01
C PRO E 653 55.46 -21.16 10.04
N SER E 654 56.49 -21.78 10.61
CA SER E 654 57.58 -22.37 9.84
C SER E 654 57.85 -23.78 10.34
N ASP E 655 58.42 -24.59 9.45
CA ASP E 655 58.65 -26.00 9.78
C ASP E 655 59.62 -26.16 10.94
N LYS E 656 60.59 -25.26 11.08
CA LYS E 656 61.54 -25.30 12.17
C LYS E 656 61.01 -24.67 13.45
N PHE E 657 59.81 -24.09 13.41
CA PHE E 657 59.18 -23.46 14.56
C PHE E 657 57.94 -24.28 14.91
N ILE E 658 58.12 -25.30 15.73
CA ILE E 658 57.05 -26.18 16.15
C ILE E 658 56.65 -25.81 17.58
N TYR E 659 55.53 -25.12 17.71
CA TYR E 659 55.04 -24.66 19.00
C TYR E 659 53.67 -25.25 19.28
N ALA E 660 53.41 -25.51 20.57
CA ALA E 660 52.16 -26.11 20.98
C ALA E 660 51.95 -25.85 22.47
N THR E 661 50.76 -25.37 22.82
CA THR E 661 50.47 -25.14 24.23
C THR E 661 49.76 -26.33 24.87
N VAL E 662 48.53 -26.61 24.45
CA VAL E 662 47.77 -27.75 24.95
C VAL E 662 46.51 -27.94 24.10
N LYS E 663 45.99 -29.18 24.07
CA LYS E 663 44.73 -29.44 23.40
C LYS E 663 43.53 -28.99 24.22
N GLN E 664 43.69 -28.75 25.52
CA GLN E 664 42.57 -28.48 26.42
C GLN E 664 42.90 -27.30 27.32
N SER E 665 42.46 -26.11 26.92
CA SER E 665 42.56 -24.90 27.73
C SER E 665 41.71 -23.82 27.09
N SER E 666 41.73 -22.62 27.67
CA SER E 666 41.05 -21.47 27.12
C SER E 666 41.83 -20.82 25.99
N VAL E 667 43.09 -21.20 25.80
CA VAL E 667 43.90 -20.62 24.72
C VAL E 667 43.30 -20.96 23.37
N ASP E 668 42.97 -22.23 23.16
CA ASP E 668 42.39 -22.67 21.89
C ASP E 668 41.02 -22.03 21.65
N ILE E 669 40.19 -21.95 22.70
CA ILE E 669 38.85 -21.38 22.53
C ILE E 669 38.95 -19.89 22.25
N TYR E 670 39.92 -19.19 22.85
CA TYR E 670 40.13 -17.80 22.48
C TYR E 670 40.58 -17.67 21.03
N PHE E 671 41.50 -18.55 20.61
CA PHE E 671 41.98 -18.48 19.23
C PHE E 671 40.86 -18.70 18.23
N ARG E 672 39.97 -19.65 18.51
CA ARG E 672 38.84 -19.90 17.62
C ARG E 672 37.97 -18.66 17.47
N ARG E 673 37.82 -17.88 18.54
CA ARG E 673 36.99 -16.68 18.48
C ARG E 673 37.53 -15.66 17.49
N GLN E 674 38.84 -15.42 17.52
CA GLN E 674 39.48 -14.43 16.65
C GLN E 674 39.93 -15.12 15.38
N VAL E 675 39.14 -14.99 14.32
CA VAL E 675 39.43 -15.68 13.05
C VAL E 675 40.30 -14.73 12.23
N GLU E 676 41.60 -14.75 12.51
CA GLU E 676 42.56 -13.95 11.76
C GLU E 676 43.84 -14.69 11.39
N LEU E 677 44.21 -15.75 12.11
CA LEU E 677 45.48 -16.46 11.92
C LEU E 677 45.24 -17.96 11.87
N SER E 678 44.30 -18.38 11.03
CA SER E 678 43.85 -19.76 11.01
C SER E 678 44.98 -20.76 10.76
N THR E 679 46.04 -20.36 10.05
CA THR E 679 47.14 -21.29 9.82
C THR E 679 47.87 -21.63 11.11
N MET E 680 48.11 -20.63 11.97
CA MET E 680 48.74 -20.90 13.25
C MET E 680 47.84 -21.76 14.12
N TYR E 681 46.54 -21.50 14.09
CA TYR E 681 45.60 -22.31 14.88
C TYR E 681 45.58 -23.75 14.39
N ARG E 682 45.63 -23.94 13.07
CA ARG E 682 45.68 -25.29 12.52
C ARG E 682 46.96 -26.00 12.94
N HIS E 683 48.09 -25.31 12.91
CA HIS E 683 49.35 -25.91 13.38
C HIS E 683 49.24 -26.28 14.86
N MET E 684 48.66 -25.39 15.67
CA MET E 684 48.52 -25.65 17.10
C MET E 684 47.67 -26.90 17.33
N GLU E 685 46.54 -26.99 16.63
CA GLU E 685 45.67 -28.15 16.77
C GLU E 685 46.36 -29.43 16.30
N LYS E 686 47.10 -29.35 15.19
CA LYS E 686 47.77 -30.52 14.64
C LYS E 686 49.00 -30.94 15.45
N HIS E 687 49.49 -30.09 16.35
CA HIS E 687 50.59 -30.46 17.24
C HIS E 687 50.21 -30.37 18.71
N ASN E 688 48.91 -30.47 19.02
CA ASN E 688 48.42 -30.20 20.36
C ASN E 688 48.96 -31.20 21.38
N TYR E 689 49.17 -30.72 22.60
CA TYR E 689 49.57 -31.53 23.74
C TYR E 689 48.41 -31.63 24.72
N GLU E 690 48.60 -32.45 25.77
CA GLU E 690 47.53 -32.76 26.70
C GLU E 690 47.66 -32.10 28.07
N SER E 691 48.85 -31.64 28.43
CA SER E 691 49.05 -30.93 29.69
C SER E 691 50.35 -30.14 29.60
N ALA E 692 50.71 -29.48 30.70
CA ALA E 692 51.86 -28.60 30.73
C ALA E 692 53.13 -29.28 31.21
N ALA E 693 53.01 -30.36 31.98
CA ALA E 693 54.21 -31.06 32.45
C ALA E 693 54.95 -31.71 31.30
N GLU E 694 54.25 -32.49 30.49
CA GLU E 694 54.89 -33.06 29.30
C GLU E 694 55.27 -31.98 28.31
N ALA E 695 54.54 -30.86 28.28
CA ALA E 695 54.89 -29.76 27.41
C ALA E 695 56.25 -29.17 27.78
N ILE E 696 56.46 -28.90 29.08
CA ILE E 696 57.74 -28.34 29.50
C ILE E 696 58.86 -29.38 29.38
N GLN E 697 58.54 -30.66 29.60
CA GLN E 697 59.54 -31.70 29.38
C GLN E 697 59.97 -31.76 27.91
N ALA E 698 59.00 -31.62 26.99
CA ALA E 698 59.33 -31.67 25.57
C ALA E 698 60.11 -30.44 25.13
N VAL E 699 59.70 -29.25 25.58
CA VAL E 699 60.46 -28.05 25.23
C VAL E 699 61.83 -28.05 25.89
N ARG E 700 62.00 -28.82 26.97
CA ARG E 700 63.33 -28.97 27.56
C ARG E 700 64.30 -29.63 26.59
N ASP E 701 63.84 -30.68 25.90
CA ASP E 701 64.65 -31.37 24.91
C ASP E 701 64.38 -30.87 23.49
N ASN E 702 63.80 -29.68 23.35
CA ASN E 702 63.58 -29.00 22.08
C ASN E 702 62.62 -29.77 21.16
N LYS E 703 61.81 -30.67 21.71
CA LYS E 703 60.78 -31.32 20.90
C LYS E 703 59.77 -30.30 20.38
N LEU E 704 59.38 -29.37 21.23
CA LEU E 704 58.58 -28.21 20.84
C LEU E 704 59.45 -26.96 20.90
N HIS E 705 58.91 -25.86 20.39
CA HIS E 705 59.68 -24.62 20.28
C HIS E 705 59.12 -23.45 21.06
N ALA E 706 57.93 -23.57 21.64
CA ALA E 706 57.35 -22.47 22.40
C ALA E 706 56.26 -23.02 23.31
N PHE E 707 55.82 -22.17 24.24
CA PHE E 707 54.82 -22.56 25.23
C PHE E 707 54.10 -21.31 25.70
N ILE E 708 52.83 -21.16 25.31
CA ILE E 708 52.01 -20.03 25.75
C ILE E 708 51.08 -20.51 26.86
N TRP E 709 51.03 -19.75 27.95
CA TRP E 709 50.37 -20.14 29.18
C TRP E 709 50.11 -18.90 30.02
N ASP E 710 49.66 -19.11 31.26
CA ASP E 710 49.51 -18.02 32.20
C ASP E 710 50.88 -17.46 32.58
N SER E 711 50.95 -16.15 32.75
CA SER E 711 52.23 -15.50 33.05
C SER E 711 52.80 -15.99 34.37
N ALA E 712 51.96 -16.12 35.40
CA ALA E 712 52.45 -16.52 36.71
C ALA E 712 53.03 -17.93 36.69
N VAL E 713 52.38 -18.85 35.98
CA VAL E 713 52.84 -20.23 35.93
C VAL E 713 54.23 -20.29 35.31
N LEU E 714 54.42 -19.62 34.18
CA LEU E 714 55.72 -19.62 33.52
C LEU E 714 56.78 -18.93 34.35
N GLU E 715 56.42 -17.82 35.00
CA GLU E 715 57.39 -17.13 35.86
C GLU E 715 57.84 -18.01 37.02
N PHE E 716 56.89 -18.71 37.65
CA PHE E 716 57.24 -19.60 38.75
C PHE E 716 58.10 -20.77 38.27
N GLU E 717 57.77 -21.33 37.10
CA GLU E 717 58.55 -22.44 36.59
C GLU E 717 59.98 -22.00 36.25
N ALA E 718 60.14 -20.81 35.67
CA ALA E 718 61.46 -20.32 35.32
C ALA E 718 62.22 -19.75 36.52
N SER E 719 61.53 -19.47 37.63
CA SER E 719 62.21 -18.99 38.82
C SER E 719 62.94 -20.11 39.55
N GLN E 720 62.33 -21.29 39.63
CA GLN E 720 62.94 -22.40 40.35
C GLN E 720 64.00 -23.10 39.49
N LYS E 721 63.58 -23.69 38.37
CA LYS E 721 64.50 -24.34 37.44
C LYS E 721 64.80 -23.36 36.32
N CYS E 722 65.68 -22.41 36.62
CA CYS E 722 65.99 -21.32 35.68
C CYS E 722 66.84 -21.88 34.54
N ASP E 723 66.19 -22.59 33.63
CA ASP E 723 66.79 -23.07 32.41
C ASP E 723 66.25 -22.39 31.15
N LEU E 724 64.99 -21.94 31.19
CA LEU E 724 64.34 -21.26 30.08
C LEU E 724 64.25 -19.77 30.36
N VAL E 725 63.60 -19.05 29.45
CA VAL E 725 63.46 -17.60 29.51
C VAL E 725 61.98 -17.25 29.45
N THR E 726 61.68 -15.95 29.57
CA THR E 726 60.31 -15.47 29.61
C THR E 726 60.01 -14.54 28.44
N THR E 727 60.39 -14.97 27.23
CA THR E 727 60.16 -14.18 26.03
C THR E 727 58.68 -13.84 25.86
N GLY E 728 58.43 -12.83 25.03
CA GLY E 728 57.08 -12.42 24.71
C GLY E 728 56.50 -11.46 25.75
N GLU E 729 55.44 -10.77 25.35
CA GLU E 729 54.73 -9.85 26.21
C GLU E 729 53.43 -10.49 26.69
N LEU E 730 52.67 -9.72 27.48
CA LEU E 730 51.40 -10.18 28.03
C LEU E 730 50.25 -9.61 27.21
N PHE E 731 49.24 -10.43 26.99
CA PHE E 731 48.06 -10.04 26.23
C PHE E 731 46.91 -10.95 26.63
N PHE E 732 45.70 -10.55 26.26
CA PHE E 732 44.49 -11.29 26.60
C PHE E 732 44.40 -11.49 28.12
N ARG E 733 44.74 -10.42 28.85
CA ARG E 733 44.84 -10.49 30.30
C ARG E 733 43.49 -10.76 30.93
N SER E 734 43.30 -11.99 31.43
CA SER E 734 42.03 -12.42 32.02
C SER E 734 42.23 -12.64 33.51
N GLY E 735 41.56 -11.83 34.31
CA GLY E 735 41.60 -12.01 35.76
C GLY E 735 40.90 -13.28 36.16
N PHE E 736 41.62 -14.15 36.88
CA PHE E 736 41.05 -15.42 37.29
C PHE E 736 39.84 -15.20 38.18
N GLY E 737 38.71 -15.81 37.82
CA GLY E 737 37.48 -15.68 38.57
C GLY E 737 37.03 -17.01 39.15
N ILE E 738 35.85 -16.98 39.75
CA ILE E 738 35.23 -18.16 40.35
C ILE E 738 33.78 -18.16 39.91
N GLY E 739 33.46 -18.97 38.91
CA GLY E 739 32.12 -19.04 38.36
C GLY E 739 31.25 -20.06 39.07
N MET E 740 29.94 -19.82 39.06
CA MET E 740 28.97 -20.68 39.72
C MET E 740 27.78 -20.91 38.79
N ARG E 741 26.93 -21.85 39.17
CA ARG E 741 25.66 -21.99 38.48
C ARG E 741 24.80 -20.75 38.73
N LYS E 742 23.76 -20.60 37.90
CA LYS E 742 22.92 -19.42 38.00
C LYS E 742 22.24 -19.28 39.35
N ASP E 743 22.08 -20.38 40.09
CA ASP E 743 21.51 -20.35 41.43
C ASP E 743 22.58 -20.80 42.43
N SER E 744 22.89 -19.92 43.38
CA SER E 744 23.82 -20.23 44.45
C SER E 744 23.68 -19.19 45.55
N PRO E 745 23.52 -19.60 46.80
CA PRO E 745 23.40 -18.64 47.91
C PRO E 745 24.73 -18.14 48.46
N TRP E 746 25.84 -18.37 47.78
CA TRP E 746 27.15 -17.94 48.25
C TRP E 746 27.86 -17.00 47.30
N LYS E 747 27.27 -16.67 46.15
CA LYS E 747 27.96 -15.83 45.18
C LYS E 747 28.27 -14.46 45.75
N GLN E 748 27.26 -13.80 46.31
CA GLN E 748 27.47 -12.49 46.92
C GLN E 748 28.40 -12.59 48.12
N ASN E 749 28.22 -13.63 48.94
CA ASN E 749 29.05 -13.79 50.13
C ASN E 749 30.51 -14.03 49.76
N VAL E 750 30.75 -14.91 48.79
CA VAL E 750 32.13 -15.17 48.38
C VAL E 750 32.73 -13.93 47.71
N SER E 751 31.91 -13.17 46.98
CA SER E 751 32.41 -11.96 46.34
C SER E 751 32.86 -10.94 47.39
N LEU E 752 32.01 -10.70 48.40
CA LEU E 752 32.38 -9.73 49.42
C LEU E 752 33.56 -10.23 50.25
N SER E 753 33.63 -11.54 50.52
CA SER E 753 34.74 -12.07 51.30
C SER E 753 36.06 -11.92 50.54
N ILE E 754 36.08 -12.24 49.24
CA ILE E 754 37.31 -12.09 48.48
C ILE E 754 37.67 -10.63 48.31
N LEU E 755 36.67 -9.73 48.19
CA LEU E 755 36.96 -8.31 48.13
C LEU E 755 37.61 -7.83 49.43
N LYS E 756 37.08 -8.28 50.58
CA LYS E 756 37.67 -7.90 51.85
C LYS E 756 39.09 -8.44 51.99
N SER E 757 39.31 -9.69 51.57
CA SER E 757 40.65 -10.26 51.64
C SER E 757 41.63 -9.49 50.77
N HIS E 758 41.21 -9.12 49.55
CA HIS E 758 42.07 -8.32 48.68
C HIS E 758 42.37 -6.96 49.31
N GLU E 759 41.35 -6.31 49.89
CA GLU E 759 41.56 -4.99 50.46
C GLU E 759 42.50 -5.04 51.65
N ASN E 760 42.38 -6.06 52.51
CA ASN E 760 43.28 -6.18 53.64
C ASN E 760 44.61 -6.83 53.27
N GLY E 761 44.77 -7.27 52.02
CA GLY E 761 46.05 -7.79 51.58
C GLY E 761 46.38 -9.18 52.07
N PHE E 762 45.38 -9.97 52.46
CA PHE E 762 45.63 -11.33 52.93
C PHE E 762 46.23 -12.20 51.84
N MET E 763 45.84 -11.97 50.58
CA MET E 763 46.39 -12.77 49.48
C MET E 763 47.87 -12.49 49.26
N GLU E 764 48.31 -11.25 49.50
CA GLU E 764 49.71 -10.90 49.30
C GLU E 764 50.62 -11.69 50.22
N ASP E 765 50.21 -11.88 51.48
CA ASP E 765 50.99 -12.69 52.41
C ASP E 765 51.12 -14.13 51.91
N LEU E 766 50.02 -14.68 51.38
CA LEU E 766 50.08 -16.04 50.85
C LEU E 766 51.01 -16.11 49.64
N ASP E 767 50.98 -15.08 48.79
CA ASP E 767 51.91 -15.02 47.67
C ASP E 767 53.36 -15.01 48.15
N LYS E 768 53.63 -14.22 49.19
CA LYS E 768 54.98 -14.17 49.74
C LYS E 768 55.40 -15.52 50.31
N THR E 769 54.49 -16.19 51.01
CA THR E 769 54.83 -17.41 51.73
C THR E 769 54.64 -18.68 50.91
N TRP E 770 54.20 -18.59 49.66
CA TRP E 770 53.95 -19.83 48.94
C TRP E 770 54.66 -19.91 47.59
N VAL E 771 54.76 -18.80 46.86
CA VAL E 771 55.26 -18.88 45.49
C VAL E 771 56.48 -18.00 45.28
N ARG E 772 56.37 -16.70 45.59
CA ARG E 772 57.46 -15.75 45.38
C ARG E 772 58.42 -15.83 46.55
N TYR E 773 59.24 -16.90 46.54
CA TYR E 773 60.15 -17.17 47.65
C TYR E 773 61.53 -17.65 47.22
N GLN E 774 61.83 -17.73 45.93
CA GLN E 774 63.11 -18.25 45.48
C GLN E 774 63.60 -17.45 44.28
N GLU E 775 64.92 -17.46 44.10
CA GLU E 775 65.55 -16.80 42.97
C GLU E 775 66.91 -17.45 42.73
N CYS E 776 67.42 -17.28 41.51
CA CYS E 776 68.73 -17.84 41.16
C CYS E 776 69.57 -16.80 40.43
N LEU F 1 -4.83 -65.15 7.32
CA LEU F 1 -4.19 -63.89 6.95
C LEU F 1 -4.86 -63.26 5.74
N ASN F 2 -6.15 -62.95 5.87
CA ASN F 2 -6.91 -62.34 4.80
C ASN F 2 -7.03 -60.84 5.06
N ILE F 3 -6.61 -60.04 4.09
CA ILE F 3 -6.59 -58.59 4.21
C ILE F 3 -7.34 -57.99 3.03
N ALA F 4 -7.63 -56.69 3.14
CA ALA F 4 -8.40 -55.99 2.12
C ALA F 4 -7.73 -54.66 1.79
N VAL F 5 -7.96 -54.21 0.56
CA VAL F 5 -7.39 -52.96 0.07
C VAL F 5 -8.49 -52.17 -0.62
N MET F 6 -8.62 -50.90 -0.26
CA MET F 6 -9.59 -50.00 -0.88
C MET F 6 -8.86 -49.06 -1.82
N LEU F 7 -9.26 -49.06 -3.09
CA LEU F 7 -8.53 -48.35 -4.11
C LEU F 7 -8.98 -46.89 -4.17
N GLY F 8 -8.49 -46.17 -5.18
CA GLY F 8 -8.81 -44.76 -5.35
C GLY F 8 -9.92 -44.49 -6.33
N HIS F 9 -10.26 -45.48 -7.16
CA HIS F 9 -11.36 -45.42 -8.12
C HIS F 9 -11.14 -44.36 -9.21
N SER F 10 -9.99 -43.70 -9.22
CA SER F 10 -9.74 -42.60 -10.15
C SER F 10 -8.66 -42.91 -11.17
N HIS F 11 -7.46 -43.29 -10.73
CA HIS F 11 -6.35 -43.49 -11.67
C HIS F 11 -6.44 -44.87 -12.34
N ASP F 12 -6.36 -45.93 -11.55
CA ASP F 12 -6.42 -47.29 -12.07
C ASP F 12 -7.74 -47.96 -11.70
N VAL F 13 -8.84 -47.38 -12.19
CA VAL F 13 -10.18 -47.93 -11.89
C VAL F 13 -10.47 -48.95 -12.97
N THR F 14 -9.87 -50.14 -12.80
CA THR F 14 -10.03 -51.28 -13.70
C THR F 14 -9.22 -52.43 -13.14
N GLU F 15 -9.56 -53.64 -13.59
CA GLU F 15 -8.75 -54.84 -13.37
C GLU F 15 -8.45 -55.06 -11.88
N ARG F 16 -9.52 -55.32 -11.13
CA ARG F 16 -9.36 -55.70 -9.74
C ARG F 16 -8.51 -56.95 -9.60
N GLU F 17 -8.63 -57.88 -10.55
CA GLU F 17 -7.79 -59.06 -10.54
C GLU F 17 -6.32 -58.72 -10.71
N LEU F 18 -6.01 -57.64 -11.45
CA LEU F 18 -4.62 -57.24 -11.63
C LEU F 18 -3.98 -56.90 -10.29
N ARG F 19 -4.69 -56.16 -9.44
CA ARG F 19 -4.23 -55.95 -8.07
C ARG F 19 -4.23 -57.27 -7.30
N THR F 20 -5.26 -58.10 -7.52
CA THR F 20 -5.32 -59.39 -6.84
C THR F 20 -4.23 -60.35 -7.28
N LEU F 21 -3.61 -60.11 -8.44
CA LEU F 21 -2.58 -60.99 -8.97
C LEU F 21 -1.17 -60.56 -8.57
N TRP F 22 -1.01 -59.91 -7.43
CA TRP F 22 0.31 -59.50 -6.98
C TRP F 22 1.19 -60.73 -6.71
N GLY F 23 2.46 -60.62 -7.11
CA GLY F 23 3.42 -61.68 -6.92
C GLY F 23 2.89 -63.06 -7.29
N PRO F 24 2.57 -63.25 -8.57
CA PRO F 24 1.83 -64.46 -8.97
C PRO F 24 2.55 -65.76 -8.64
N GLU F 25 3.76 -65.94 -9.15
CA GLU F 25 4.50 -67.16 -8.86
C GLU F 25 4.93 -67.22 -7.41
N GLN F 26 5.49 -66.12 -6.89
CA GLN F 26 5.89 -66.03 -5.50
C GLN F 26 5.96 -64.56 -5.12
N ALA F 27 5.05 -64.12 -4.27
CA ALA F 27 5.03 -62.72 -3.85
C ALA F 27 6.07 -62.46 -2.76
N ALA F 28 5.92 -63.13 -1.62
CA ALA F 28 6.90 -63.04 -0.55
C ALA F 28 7.10 -64.37 0.16
N GLY F 29 6.52 -65.45 -0.35
CA GLY F 29 6.57 -66.76 0.30
C GLY F 29 5.19 -67.34 0.56
N LEU F 30 4.18 -66.49 0.78
CA LEU F 30 2.81 -66.88 1.02
C LEU F 30 2.74 -67.91 2.14
N PRO F 31 2.97 -67.53 3.40
CA PRO F 31 3.11 -68.53 4.47
C PRO F 31 1.88 -69.39 4.68
N LEU F 32 0.74 -68.81 5.06
CA LEU F 32 -0.45 -69.60 5.33
C LEU F 32 -1.63 -69.26 4.44
N ASP F 33 -2.11 -68.01 4.47
CA ASP F 33 -3.38 -67.66 3.84
C ASP F 33 -3.29 -66.28 3.17
N VAL F 34 -2.21 -66.03 2.44
CA VAL F 34 -2.01 -64.73 1.82
C VAL F 34 -2.99 -64.58 0.66
N ASN F 35 -4.10 -63.89 0.91
CA ASN F 35 -5.13 -63.70 -0.09
C ASN F 35 -5.67 -62.28 0.02
N VAL F 36 -6.02 -61.69 -1.12
CA VAL F 36 -6.51 -60.32 -1.17
C VAL F 36 -8.02 -60.34 -1.33
N VAL F 37 -8.71 -59.54 -0.53
CA VAL F 37 -10.16 -59.41 -0.58
C VAL F 37 -10.50 -57.97 -0.94
N ALA F 38 -9.65 -57.35 -1.74
CA ALA F 38 -9.74 -55.92 -2.01
C ALA F 38 -11.07 -55.56 -2.64
N LEU F 39 -11.58 -54.39 -2.28
CA LEU F 39 -12.86 -53.88 -2.75
C LEU F 39 -12.63 -52.60 -3.55
N LEU F 40 -13.73 -51.92 -3.88
CA LEU F 40 -13.69 -50.67 -4.63
C LEU F 40 -14.22 -49.54 -3.78
N MET F 41 -13.68 -48.34 -4.00
CA MET F 41 -14.09 -47.16 -3.28
C MET F 41 -14.97 -46.27 -4.15
N ASN F 42 -15.49 -45.22 -3.54
CA ASN F 42 -16.31 -44.22 -4.21
C ASN F 42 -16.26 -42.96 -3.36
N ARG F 43 -17.18 -42.03 -3.62
CA ARG F 43 -17.31 -40.83 -2.79
C ARG F 43 -17.47 -41.24 -1.33
N THR F 44 -16.53 -40.80 -0.50
CA THR F 44 -16.42 -41.28 0.88
C THR F 44 -17.11 -40.31 1.83
N ASP F 45 -17.95 -40.85 2.71
CA ASP F 45 -18.63 -40.15 3.78
C ASP F 45 -18.47 -40.96 5.07
N PRO F 46 -18.47 -40.30 6.22
CA PRO F 46 -18.25 -41.05 7.46
C PRO F 46 -19.27 -42.15 7.68
N LYS F 47 -20.52 -41.91 7.33
CA LYS F 47 -21.52 -42.97 7.41
C LYS F 47 -21.18 -44.11 6.47
N SER F 48 -20.92 -43.78 5.20
CA SER F 48 -20.60 -44.82 4.23
C SER F 48 -19.31 -45.55 4.59
N LEU F 49 -18.30 -44.80 5.04
CA LEU F 49 -17.04 -45.43 5.41
C LEU F 49 -17.22 -46.38 6.57
N ILE F 50 -17.89 -45.93 7.63
CA ILE F 50 -18.10 -46.79 8.79
C ILE F 50 -18.94 -48.00 8.41
N THR F 51 -19.98 -47.79 7.59
CA THR F 51 -20.84 -48.89 7.18
C THR F 51 -20.05 -49.94 6.41
N HIS F 52 -19.24 -49.50 5.44
CA HIS F 52 -18.48 -50.45 4.62
C HIS F 52 -17.45 -51.19 5.47
N VAL F 53 -16.75 -50.48 6.35
CA VAL F 53 -15.73 -51.14 7.15
C VAL F 53 -16.36 -52.12 8.14
N CYS F 54 -17.45 -51.72 8.79
CA CYS F 54 -18.12 -52.62 9.73
C CYS F 54 -18.70 -53.83 9.02
N ASP F 55 -19.30 -53.63 7.84
CA ASP F 55 -19.82 -54.75 7.07
C ASP F 55 -18.71 -55.71 6.67
N LEU F 56 -17.59 -55.17 6.19
CA LEU F 56 -16.48 -56.03 5.78
C LEU F 56 -15.89 -56.75 6.99
N MET F 57 -15.86 -56.09 8.14
CA MET F 57 -15.28 -56.71 9.33
C MET F 57 -16.06 -57.94 9.74
N SER F 58 -17.39 -57.88 9.66
CA SER F 58 -18.20 -59.06 9.88
C SER F 58 -18.23 -59.91 8.62
N GLY F 59 -17.04 -60.20 8.09
CA GLY F 59 -16.92 -60.98 6.87
C GLY F 59 -15.98 -62.15 7.05
N ALA F 60 -14.95 -62.23 6.22
CA ALA F 60 -14.03 -63.35 6.23
C ALA F 60 -12.82 -63.10 7.14
N ARG F 61 -13.09 -62.73 8.40
CA ARG F 61 -12.05 -62.54 9.42
C ARG F 61 -10.93 -61.64 8.88
N ILE F 62 -11.32 -60.39 8.63
CA ILE F 62 -10.43 -59.45 7.95
C ILE F 62 -9.23 -59.13 8.85
N HIS F 63 -8.12 -58.77 8.20
CA HIS F 63 -6.91 -58.36 8.89
C HIS F 63 -6.49 -57.00 8.39
N GLY F 64 -5.27 -56.57 8.73
CA GLY F 64 -4.76 -55.25 8.41
C GLY F 64 -5.15 -54.72 7.04
N LEU F 65 -5.77 -53.54 7.01
CA LEU F 65 -6.30 -52.97 5.78
C LEU F 65 -5.39 -51.85 5.29
N VAL F 66 -5.12 -51.86 3.99
CA VAL F 66 -4.35 -50.81 3.32
C VAL F 66 -5.33 -49.88 2.62
N PHE F 67 -5.20 -48.58 2.90
CA PHE F 67 -6.12 -47.58 2.38
C PHE F 67 -5.43 -46.73 1.31
N GLY F 68 -6.15 -46.48 0.23
CA GLY F 68 -5.58 -45.78 -0.91
C GLY F 68 -6.45 -44.66 -1.46
N ASP F 69 -7.07 -43.87 -0.58
CA ASP F 69 -8.02 -42.86 -1.02
C ASP F 69 -7.34 -41.88 -1.95
N ASP F 70 -8.10 -41.36 -2.92
CA ASP F 70 -7.58 -40.41 -3.90
C ASP F 70 -7.94 -38.97 -3.60
N THR F 71 -9.10 -38.71 -3.01
CA THR F 71 -9.52 -37.36 -2.70
C THR F 71 -8.82 -36.84 -1.45
N ASP F 72 -8.90 -35.53 -1.23
CA ASP F 72 -8.24 -34.86 -0.11
C ASP F 72 -9.30 -34.19 0.75
N GLN F 73 -9.85 -34.94 1.70
CA GLN F 73 -10.79 -34.40 2.68
C GLN F 73 -10.13 -34.15 4.03
N GLU F 74 -8.82 -34.35 4.14
CA GLU F 74 -8.04 -33.99 5.31
C GLU F 74 -8.48 -34.75 6.55
N ALA F 75 -9.66 -34.44 7.07
CA ALA F 75 -10.10 -35.03 8.33
C ALA F 75 -10.29 -36.53 8.24
N VAL F 76 -10.36 -37.09 7.03
CA VAL F 76 -10.58 -38.52 6.85
C VAL F 76 -9.56 -39.32 7.65
N ALA F 77 -8.30 -38.89 7.62
CA ALA F 77 -7.25 -39.58 8.35
C ALA F 77 -7.65 -39.77 9.80
N GLN F 78 -8.10 -38.71 10.45
CA GLN F 78 -8.49 -38.81 11.85
C GLN F 78 -9.54 -39.89 12.03
N MET F 79 -10.58 -39.86 11.18
CA MET F 79 -11.64 -40.85 11.28
C MET F 79 -11.08 -42.25 11.27
N LEU F 80 -10.07 -42.50 10.42
CA LEU F 80 -9.49 -43.84 10.34
C LEU F 80 -8.96 -44.28 11.68
N ASP F 81 -8.19 -43.42 12.35
CA ASP F 81 -7.68 -43.76 13.67
C ASP F 81 -8.82 -44.17 14.59
N PHE F 82 -9.94 -43.43 14.52
CA PHE F 82 -11.06 -43.73 15.39
C PHE F 82 -11.51 -45.18 15.25
N ILE F 83 -11.56 -45.69 14.01
CA ILE F 83 -11.93 -47.08 13.82
C ILE F 83 -10.92 -48.00 14.48
N SER F 84 -9.63 -47.76 14.20
CA SER F 84 -8.60 -48.54 14.87
C SER F 84 -8.59 -48.30 16.35
N SER F 85 -9.26 -47.24 16.81
CA SER F 85 -9.41 -47.02 18.24
C SER F 85 -10.23 -48.12 18.88
N HIS F 86 -11.34 -48.52 18.23
CA HIS F 86 -12.33 -49.36 18.90
C HIS F 86 -12.52 -50.70 18.23
N THR F 87 -11.58 -51.12 17.39
CA THR F 87 -11.56 -52.48 16.84
C THR F 87 -10.09 -52.81 16.60
N PHE F 88 -9.57 -53.79 17.35
CA PHE F 88 -8.15 -54.02 17.33
C PHE F 88 -7.73 -54.66 16.01
N VAL F 89 -7.90 -53.92 14.92
CA VAL F 89 -7.48 -54.36 13.60
C VAL F 89 -6.50 -53.32 13.06
N PRO F 90 -5.22 -53.64 12.93
CA PRO F 90 -4.26 -52.66 12.43
C PRO F 90 -4.63 -52.20 11.04
N ILE F 91 -4.28 -50.96 10.72
CA ILE F 91 -4.67 -50.35 9.47
C ILE F 91 -3.60 -49.34 9.08
N LEU F 92 -3.35 -49.23 7.78
CA LEU F 92 -2.38 -48.26 7.31
C LEU F 92 -2.82 -47.71 5.96
N GLY F 93 -2.59 -46.42 5.76
CA GLY F 93 -2.93 -45.74 4.52
C GLY F 93 -1.66 -45.30 3.81
N ILE F 94 -1.71 -45.25 2.48
CA ILE F 94 -0.54 -45.00 1.67
C ILE F 94 -0.69 -43.72 0.85
N HIS F 95 -1.79 -43.59 0.11
CA HIS F 95 -1.92 -42.54 -0.87
C HIS F 95 -3.12 -41.65 -0.56
N GLY F 96 -2.99 -40.37 -0.90
CA GLY F 96 -4.09 -39.44 -0.86
C GLY F 96 -4.38 -38.84 0.50
N GLY F 97 -5.66 -38.70 0.82
CA GLY F 97 -6.05 -38.01 2.04
C GLY F 97 -5.44 -38.62 3.28
N ALA F 98 -5.42 -39.95 3.35
CA ALA F 98 -4.75 -40.61 4.46
C ALA F 98 -3.26 -40.65 4.22
N SER F 99 -2.67 -39.51 3.88
CA SER F 99 -1.24 -39.38 3.69
C SER F 99 -0.65 -38.23 4.51
N MET F 100 -1.37 -37.13 4.66
CA MET F 100 -0.90 -36.04 5.50
C MET F 100 -0.82 -36.49 6.95
N ILE F 101 0.22 -36.04 7.65
CA ILE F 101 0.47 -36.53 9.00
C ILE F 101 -0.48 -35.86 9.99
N MET F 102 -0.75 -36.58 11.08
CA MET F 102 -1.71 -36.16 12.09
C MET F 102 -1.09 -35.94 13.46
N ALA F 103 0.16 -36.37 13.66
CA ALA F 103 0.89 -36.29 14.92
C ALA F 103 0.33 -37.24 15.97
N ASP F 104 0.13 -36.75 17.20
CA ASP F 104 -0.10 -37.63 18.35
C ASP F 104 -1.38 -38.43 18.18
N LYS F 105 -1.25 -39.74 18.06
CA LYS F 105 -2.38 -40.64 18.00
C LYS F 105 -2.64 -41.26 19.36
N ASP F 106 -3.75 -41.97 19.48
CA ASP F 106 -4.08 -42.62 20.74
C ASP F 106 -3.14 -43.79 20.96
N PRO F 107 -2.48 -43.87 22.13
CA PRO F 107 -1.51 -44.95 22.37
C PRO F 107 -2.13 -46.33 22.44
N THR F 108 -3.46 -46.44 22.38
CA THR F 108 -4.14 -47.73 22.43
C THR F 108 -4.68 -48.15 21.08
N SER F 109 -4.00 -47.77 20.00
CA SER F 109 -4.44 -48.08 18.66
C SER F 109 -3.23 -48.09 17.73
N THR F 110 -3.41 -48.70 16.56
CA THR F 110 -2.34 -48.82 15.58
C THR F 110 -2.83 -48.27 14.25
N PHE F 111 -2.14 -47.25 13.74
CA PHE F 111 -2.46 -46.67 12.45
C PHE F 111 -1.25 -45.87 11.99
N PHE F 112 -0.64 -46.29 10.88
CA PHE F 112 0.62 -45.70 10.42
C PHE F 112 0.46 -45.14 9.02
N GLN F 113 0.70 -43.84 8.87
CA GLN F 113 0.60 -43.18 7.59
C GLN F 113 1.86 -43.43 6.78
N PHE F 114 2.02 -42.72 5.67
CA PHE F 114 3.22 -42.87 4.86
C PHE F 114 3.71 -41.53 4.30
N GLY F 115 3.48 -40.44 5.01
CA GLY F 115 3.86 -39.11 4.54
C GLY F 115 5.12 -38.59 5.20
N ALA F 116 5.21 -37.27 5.27
CA ALA F 116 6.37 -36.58 5.79
C ALA F 116 5.97 -35.73 6.98
N SER F 117 6.70 -35.88 8.09
CA SER F 117 6.43 -35.09 9.27
C SER F 117 6.88 -33.65 9.06
N ILE F 118 6.51 -32.79 10.00
CA ILE F 118 6.97 -31.39 9.96
C ILE F 118 8.48 -31.33 10.13
N GLN F 119 9.01 -32.11 11.08
CA GLN F 119 10.42 -32.02 11.39
C GLN F 119 11.30 -32.43 10.22
N GLN F 120 10.93 -33.51 9.52
CA GLN F 120 11.72 -33.94 8.37
C GLN F 120 11.72 -32.89 7.28
N GLN F 121 10.56 -32.29 7.00
CA GLN F 121 10.48 -31.25 5.98
C GLN F 121 11.34 -30.05 6.37
N ALA F 122 11.29 -29.64 7.65
CA ALA F 122 12.11 -28.53 8.09
C ALA F 122 13.58 -28.85 7.96
N THR F 123 13.97 -30.08 8.30
CA THR F 123 15.37 -30.47 8.20
C THR F 123 15.85 -30.43 6.75
N VAL F 124 15.03 -30.93 5.83
CA VAL F 124 15.42 -30.89 4.41
C VAL F 124 15.50 -29.45 3.93
N MET F 125 14.60 -28.59 4.42
CA MET F 125 14.66 -27.18 4.09
C MET F 125 15.98 -26.56 4.52
N LEU F 126 16.35 -26.77 5.78
CA LEU F 126 17.60 -26.20 6.27
C LEU F 126 18.80 -26.77 5.54
N LYS F 127 18.73 -28.04 5.14
CA LYS F 127 19.82 -28.63 4.37
C LYS F 127 19.94 -27.96 3.00
N ILE F 128 18.81 -27.75 2.31
CA ILE F 128 18.87 -27.06 1.03
C ILE F 128 19.32 -25.62 1.21
N MET F 129 19.08 -25.03 2.38
CA MET F 129 19.60 -23.71 2.66
C MET F 129 21.11 -23.72 2.79
N GLN F 130 21.64 -24.67 3.58
CA GLN F 130 23.08 -24.67 3.84
C GLN F 130 23.88 -25.14 2.64
N ASP F 131 23.26 -25.92 1.74
CA ASP F 131 24.02 -26.42 0.60
C ASP F 131 24.24 -25.38 -0.48
N TYR F 132 23.66 -24.19 -0.34
CA TYR F 132 23.86 -23.12 -1.32
C TYR F 132 24.46 -21.86 -0.70
N ASP F 133 24.90 -21.93 0.55
CA ASP F 133 25.55 -20.82 1.23
C ASP F 133 24.63 -19.60 1.28
N TRP F 134 23.50 -19.77 1.97
CA TRP F 134 22.50 -18.72 2.10
C TRP F 134 22.19 -18.46 3.57
N HIS F 135 23.22 -18.31 4.39
CA HIS F 135 23.04 -18.34 5.83
C HIS F 135 22.39 -17.07 6.36
N VAL F 136 21.25 -16.69 5.80
CA VAL F 136 20.48 -15.56 6.32
C VAL F 136 19.04 -15.68 5.82
N PHE F 137 18.07 -15.53 6.72
CA PHE F 137 16.68 -15.65 6.34
C PHE F 137 15.80 -14.98 7.38
N SER F 138 14.57 -14.68 6.98
CA SER F 138 13.55 -14.15 7.88
C SER F 138 12.23 -14.76 7.48
N LEU F 139 11.56 -15.40 8.43
CA LEU F 139 10.35 -16.15 8.17
C LEU F 139 9.13 -15.44 8.75
N VAL F 140 8.02 -15.55 8.03
CA VAL F 140 6.75 -14.95 8.43
C VAL F 140 5.69 -16.04 8.50
N THR F 141 4.96 -16.09 9.60
CA THR F 141 3.97 -17.14 9.85
C THR F 141 2.61 -16.52 10.13
N THR F 142 1.56 -17.14 9.62
CA THR F 142 0.21 -16.76 9.98
C THR F 142 -0.20 -17.52 11.24
N ILE F 143 -1.43 -17.34 11.68
CA ILE F 143 -1.96 -18.05 12.84
C ILE F 143 -2.70 -19.27 12.30
N PHE F 144 -1.97 -20.37 12.15
CA PHE F 144 -2.52 -21.63 11.65
C PHE F 144 -2.02 -22.76 12.52
N PRO F 145 -2.84 -23.80 12.71
CA PRO F 145 -2.44 -24.90 13.60
C PRO F 145 -1.06 -25.45 13.27
N GLY F 146 -0.24 -25.62 14.30
CA GLY F 146 1.08 -26.18 14.15
C GLY F 146 2.21 -25.17 14.08
N TYR F 147 1.92 -23.86 14.13
CA TYR F 147 3.00 -22.88 14.06
C TYR F 147 3.93 -22.97 15.26
N ARG F 148 3.41 -23.42 16.42
CA ARG F 148 4.24 -23.47 17.62
C ARG F 148 5.36 -24.49 17.45
N GLU F 149 5.02 -25.69 16.99
CA GLU F 149 6.04 -26.72 16.79
C GLU F 149 7.05 -26.28 15.74
N PHE F 150 6.58 -25.67 14.65
CA PHE F 150 7.48 -25.23 13.60
C PHE F 150 8.46 -24.18 14.11
N ILE F 151 7.95 -23.17 14.80
CA ILE F 151 8.80 -22.09 15.31
C ILE F 151 9.79 -22.66 16.32
N SER F 152 9.31 -23.48 17.25
CA SER F 152 10.19 -24.02 18.28
C SER F 152 11.27 -24.89 17.67
N PHE F 153 10.93 -25.71 16.68
CA PHE F 153 11.93 -26.55 16.04
C PHE F 153 12.97 -25.72 15.31
N VAL F 154 12.52 -24.72 14.53
CA VAL F 154 13.48 -23.93 13.77
C VAL F 154 14.35 -23.11 14.70
N LYS F 155 13.84 -22.76 15.88
CA LYS F 155 14.65 -22.05 16.86
C LYS F 155 15.64 -22.99 17.54
N THR F 156 15.24 -24.24 17.77
CA THR F 156 16.12 -25.17 18.45
C THR F 156 17.25 -25.64 17.54
N THR F 157 16.96 -25.80 16.24
CA THR F 157 17.97 -26.34 15.35
C THR F 157 19.03 -25.30 15.00
N VAL F 158 18.67 -24.02 14.93
CA VAL F 158 19.62 -23.01 14.46
C VAL F 158 20.79 -22.86 15.43
N ASP F 159 20.51 -22.81 16.73
CA ASP F 159 21.54 -22.58 17.73
C ASP F 159 22.22 -23.86 18.19
N ASN F 160 21.75 -25.02 17.76
CA ASN F 160 22.44 -26.28 18.01
C ASN F 160 23.31 -26.70 16.84
N SER F 161 23.42 -25.87 15.81
CA SER F 161 24.22 -26.14 14.64
C SER F 161 25.44 -25.22 14.63
N PHE F 162 26.54 -25.72 14.07
CA PHE F 162 27.77 -24.96 13.96
C PHE F 162 27.92 -24.26 12.62
N VAL F 163 26.90 -24.30 11.77
CA VAL F 163 26.97 -23.63 10.48
C VAL F 163 27.11 -22.13 10.66
N GLY F 164 26.48 -21.57 11.68
CA GLY F 164 26.57 -20.14 11.91
C GLY F 164 25.51 -19.36 11.16
N TRP F 165 24.24 -19.68 11.41
CA TRP F 165 23.15 -19.01 10.75
C TRP F 165 22.99 -17.58 11.28
N ASP F 166 22.54 -16.69 10.39
CA ASP F 166 22.23 -15.31 10.73
C ASP F 166 20.72 -15.11 10.83
N MET F 167 20.02 -16.09 11.41
CA MET F 167 18.58 -16.09 11.48
C MET F 167 18.05 -14.76 12.01
N GLN F 168 17.30 -14.06 11.17
CA GLN F 168 16.81 -12.74 11.50
C GLN F 168 15.42 -12.84 12.13
N ASN F 169 14.73 -11.70 12.20
CA ASN F 169 13.47 -11.62 12.93
C ASN F 169 12.43 -12.57 12.36
N VAL F 170 11.60 -13.11 13.24
CA VAL F 170 10.43 -13.88 12.86
C VAL F 170 9.22 -12.96 12.90
N ILE F 171 8.24 -13.24 12.04
CA ILE F 171 7.07 -12.39 11.89
C ILE F 171 5.82 -13.25 12.02
N THR F 172 4.89 -12.81 12.84
CA THR F 172 3.62 -13.50 13.02
C THR F 172 2.49 -12.51 12.79
N LEU F 173 1.76 -12.69 11.69
CA LEU F 173 0.68 -11.77 11.34
C LEU F 173 -0.48 -11.99 12.30
N ASP F 174 -0.60 -11.10 13.29
CA ASP F 174 -1.68 -11.20 14.26
C ASP F 174 -3.04 -11.06 13.58
N THR F 175 -3.18 -10.08 12.68
CA THR F 175 -4.39 -9.87 11.93
C THR F 175 -4.09 -10.11 10.45
N SER F 176 -4.98 -10.84 9.79
CA SER F 176 -4.74 -11.22 8.40
C SER F 176 -5.28 -10.16 7.45
N PHE F 177 -4.43 -9.70 6.54
CA PHE F 177 -4.82 -8.79 5.46
C PHE F 177 -5.46 -7.51 6.00
N GLU F 178 -4.95 -7.03 7.13
CA GLU F 178 -5.42 -5.77 7.71
C GLU F 178 -4.47 -4.61 7.50
N ASP F 179 -3.20 -4.89 7.21
CA ASP F 179 -2.18 -3.91 6.87
C ASP F 179 -1.87 -2.95 8.02
N ALA F 180 -2.46 -3.16 9.19
CA ALA F 180 -2.13 -2.31 10.34
C ALA F 180 -0.69 -2.51 10.77
N LYS F 181 -0.34 -3.72 11.18
CA LYS F 181 1.04 -4.09 11.46
C LYS F 181 1.62 -5.04 10.42
N THR F 182 0.78 -5.69 9.62
CA THR F 182 1.28 -6.63 8.62
C THR F 182 2.14 -5.90 7.58
N GLN F 183 1.71 -4.71 7.16
CA GLN F 183 2.44 -3.99 6.12
C GLN F 183 3.82 -3.57 6.60
N VAL F 184 3.90 -2.96 7.79
CA VAL F 184 5.19 -2.55 8.31
C VAL F 184 6.05 -3.77 8.61
N GLN F 185 5.44 -4.86 9.06
CA GLN F 185 6.20 -6.09 9.29
C GLN F 185 6.81 -6.60 8.00
N LEU F 186 6.03 -6.61 6.92
CA LEU F 186 6.56 -7.03 5.63
C LEU F 186 7.63 -6.08 5.13
N LYS F 187 7.51 -4.80 5.45
CA LYS F 187 8.50 -3.83 4.98
C LYS F 187 9.85 -4.02 5.66
N LYS F 188 9.85 -4.37 6.95
CA LYS F 188 11.10 -4.48 7.68
C LYS F 188 11.78 -5.83 7.43
N ILE F 189 11.96 -6.18 6.16
CA ILE F 189 12.61 -7.42 5.76
C ILE F 189 13.78 -7.02 4.87
N HIS F 190 14.99 -7.01 5.42
CA HIS F 190 16.18 -6.64 4.67
C HIS F 190 16.89 -7.84 4.07
N SER F 191 16.43 -9.06 4.33
CA SER F 191 17.09 -10.26 3.85
C SER F 191 16.61 -10.58 2.44
N SER F 192 16.96 -11.78 1.95
CA SER F 192 16.58 -12.21 0.62
C SER F 192 15.84 -13.54 0.59
N VAL F 193 15.93 -14.35 1.64
CA VAL F 193 15.31 -15.67 1.69
C VAL F 193 14.27 -15.67 2.79
N ILE F 194 13.05 -16.07 2.46
CA ILE F 194 11.91 -16.00 3.38
C ILE F 194 11.30 -17.39 3.51
N LEU F 195 11.17 -17.86 4.75
CA LEU F 195 10.59 -19.17 5.05
C LEU F 195 9.13 -19.03 5.48
N LEU F 196 8.29 -18.71 4.50
CA LEU F 196 6.87 -18.55 4.79
C LEU F 196 6.21 -19.89 5.07
N TYR F 197 5.32 -19.92 6.06
CA TYR F 197 4.56 -21.11 6.42
C TYR F 197 3.13 -20.69 6.73
N CYS F 198 2.18 -21.17 5.93
CA CYS F 198 0.78 -20.77 6.05
C CYS F 198 -0.06 -21.73 5.22
N SER F 199 -1.36 -21.44 5.11
CA SER F 199 -2.26 -22.21 4.29
C SER F 199 -2.18 -21.75 2.83
N LYS F 200 -2.75 -22.56 1.94
CA LYS F 200 -2.63 -22.29 0.50
C LYS F 200 -3.25 -20.94 0.14
N ASP F 201 -4.50 -20.71 0.54
CA ASP F 201 -5.14 -19.44 0.25
C ASP F 201 -4.42 -18.28 0.95
N GLU F 202 -4.02 -18.49 2.20
CA GLU F 202 -3.28 -17.46 2.92
C GLU F 202 -1.96 -17.16 2.23
N ALA F 203 -1.26 -18.20 1.76
CA ALA F 203 0.00 -17.97 1.06
C ALA F 203 -0.22 -17.21 -0.24
N VAL F 204 -1.27 -17.55 -0.98
CA VAL F 204 -1.57 -16.83 -2.22
C VAL F 204 -1.84 -15.36 -1.93
N LEU F 205 -2.65 -15.09 -0.90
CA LEU F 205 -2.95 -13.71 -0.53
C LEU F 205 -1.69 -12.96 -0.13
N ILE F 206 -0.83 -13.59 0.67
CA ILE F 206 0.38 -12.92 1.15
C ILE F 206 1.33 -12.64 0.00
N LEU F 207 1.49 -13.59 -0.92
CA LEU F 207 2.36 -13.36 -2.06
C LEU F 207 1.81 -12.25 -2.96
N SER F 208 0.49 -12.23 -3.16
CA SER F 208 -0.10 -11.16 -3.96
C SER F 208 0.13 -9.81 -3.31
N GLU F 209 0.00 -9.72 -1.99
CA GLU F 209 0.25 -8.47 -1.29
C GLU F 209 1.71 -8.06 -1.40
N ALA F 210 2.64 -9.01 -1.23
CA ALA F 210 4.06 -8.68 -1.18
C ALA F 210 4.66 -8.43 -2.56
N ARG F 211 4.03 -8.91 -3.62
CA ARG F 211 4.56 -8.65 -4.96
C ARG F 211 4.58 -7.16 -5.26
N SER F 212 3.53 -6.45 -4.89
CA SER F 212 3.44 -5.01 -5.13
C SER F 212 4.30 -4.20 -4.19
N LEU F 213 4.98 -4.84 -3.23
CA LEU F 213 5.91 -4.16 -2.35
C LEU F 213 7.36 -4.31 -2.78
N GLY F 214 7.61 -5.00 -3.89
CA GLY F 214 8.97 -5.19 -4.37
C GLY F 214 9.74 -6.30 -3.69
N LEU F 215 9.12 -7.04 -2.79
CA LEU F 215 9.80 -8.13 -2.09
C LEU F 215 10.06 -9.33 -2.98
N THR F 216 9.74 -9.27 -4.26
CA THR F 216 10.04 -10.31 -5.21
C THR F 216 10.95 -9.76 -6.31
N GLY F 217 11.83 -10.61 -6.81
CA GLY F 217 12.75 -10.18 -7.86
C GLY F 217 13.64 -11.31 -8.30
N TYR F 218 14.69 -10.94 -9.04
CA TYR F 218 15.65 -11.94 -9.48
C TYR F 218 16.44 -12.53 -8.33
N ASP F 219 16.50 -11.86 -7.18
CA ASP F 219 17.11 -12.40 -5.96
C ASP F 219 16.12 -12.23 -4.82
N PHE F 220 15.17 -13.16 -4.73
CA PHE F 220 14.22 -13.20 -3.62
C PHE F 220 13.69 -14.64 -3.56
N PHE F 221 14.18 -15.41 -2.61
CA PHE F 221 13.96 -16.85 -2.60
C PHE F 221 12.96 -17.22 -1.51
N TRP F 222 11.75 -17.58 -1.93
CA TRP F 222 10.74 -18.09 -1.03
C TRP F 222 10.84 -19.60 -0.94
N ILE F 223 10.62 -20.14 0.26
CA ILE F 223 10.53 -21.58 0.46
C ILE F 223 9.35 -21.84 1.41
N VAL F 224 8.50 -22.78 1.04
CA VAL F 224 7.28 -23.04 1.80
C VAL F 224 7.14 -24.54 2.06
N PRO F 225 6.44 -24.94 3.11
CA PRO F 225 6.28 -26.37 3.41
C PRO F 225 5.37 -27.05 2.40
N SER F 226 5.33 -28.39 2.51
CA SER F 226 4.58 -29.20 1.56
C SER F 226 3.09 -28.90 1.59
N LEU F 227 2.58 -28.31 2.67
CA LEU F 227 1.17 -27.98 2.73
C LEU F 227 0.79 -26.96 1.67
N VAL F 228 1.65 -25.96 1.45
CA VAL F 228 1.40 -24.98 0.41
C VAL F 228 1.42 -25.64 -0.96
N SER F 229 2.29 -26.63 -1.14
CA SER F 229 2.33 -27.41 -2.38
C SER F 229 1.15 -28.37 -2.35
N GLY F 230 0.02 -27.92 -2.85
CA GLY F 230 -1.18 -28.72 -2.84
C GLY F 230 -1.43 -29.47 -4.14
N ASN F 231 -2.39 -29.00 -4.92
CA ASN F 231 -2.68 -29.64 -6.19
C ASN F 231 -1.51 -29.49 -7.15
N THR F 232 -1.30 -30.52 -7.97
CA THR F 232 -0.22 -30.52 -8.95
C THR F 232 -0.59 -29.80 -10.23
N GLU F 233 -1.83 -29.30 -10.34
CA GLU F 233 -2.26 -28.64 -11.56
C GLU F 233 -3.06 -27.36 -11.28
N LEU F 234 -2.88 -26.74 -10.12
CA LEU F 234 -3.63 -25.57 -9.72
C LEU F 234 -2.70 -24.44 -9.31
N ILE F 235 -1.71 -24.15 -10.16
CA ILE F 235 -0.78 -23.06 -9.90
C ILE F 235 -1.52 -21.74 -10.09
N PRO F 236 -1.62 -20.91 -9.05
CA PRO F 236 -2.35 -19.65 -9.16
C PRO F 236 -1.53 -18.58 -9.86
N LYS F 237 -2.16 -17.43 -10.08
CA LYS F 237 -1.52 -16.31 -10.76
C LYS F 237 -0.62 -15.50 -9.83
N GLU F 238 -0.69 -15.71 -8.52
CA GLU F 238 0.16 -15.01 -7.57
C GLU F 238 1.44 -15.77 -7.27
N PHE F 239 1.67 -16.91 -7.91
CA PHE F 239 2.87 -17.69 -7.69
C PHE F 239 3.97 -17.21 -8.64
N PRO F 240 5.07 -16.66 -8.13
CA PRO F 240 6.16 -16.25 -9.01
C PRO F 240 6.81 -17.44 -9.68
N SER F 241 7.31 -17.22 -10.89
CA SER F 241 7.95 -18.29 -11.65
C SER F 241 9.28 -18.64 -11.00
N GLY F 242 9.27 -19.71 -10.21
CA GLY F 242 10.46 -20.14 -9.51
C GLY F 242 10.38 -19.99 -8.02
N LEU F 243 10.07 -21.09 -7.33
CA LEU F 243 10.06 -21.16 -5.88
C LEU F 243 10.20 -22.61 -5.48
N ILE F 244 10.71 -22.83 -4.27
CA ILE F 244 11.14 -24.15 -3.83
C ILE F 244 10.24 -24.60 -2.68
N SER F 245 9.71 -25.82 -2.80
CA SER F 245 8.88 -26.40 -1.76
C SER F 245 9.02 -27.92 -1.82
N VAL F 246 9.41 -28.53 -0.71
CA VAL F 246 9.55 -29.98 -0.65
C VAL F 246 8.16 -30.61 -0.59
N SER F 247 8.04 -31.81 -1.16
CA SER F 247 6.80 -32.56 -1.08
C SER F 247 7.10 -34.04 -1.18
N TYR F 248 6.12 -34.86 -0.81
CA TYR F 248 6.25 -36.29 -0.97
C TYR F 248 6.33 -36.66 -2.44
N ASP F 249 7.00 -37.77 -2.72
CA ASP F 249 7.17 -38.23 -4.09
C ASP F 249 5.82 -38.59 -4.70
N ASP F 250 5.54 -38.03 -5.86
CA ASP F 250 4.33 -38.32 -6.61
C ASP F 250 4.61 -38.71 -8.05
N TRP F 251 5.63 -38.11 -8.66
CA TRP F 251 5.98 -38.46 -10.04
C TRP F 251 6.50 -39.88 -10.11
N ASP F 252 7.30 -40.30 -9.13
CA ASP F 252 7.78 -41.66 -9.03
C ASP F 252 6.95 -42.41 -8.00
N TYR F 253 7.37 -43.64 -7.68
CA TYR F 253 6.71 -44.48 -6.67
C TYR F 253 5.23 -44.68 -7.02
N SER F 254 5.02 -45.37 -8.14
CA SER F 254 3.66 -45.60 -8.64
C SER F 254 2.84 -46.37 -7.61
N LEU F 255 1.52 -46.26 -7.75
CA LEU F 255 0.61 -46.79 -6.74
C LEU F 255 0.78 -48.30 -6.56
N GLU F 256 0.97 -49.03 -7.66
CA GLU F 256 1.11 -50.47 -7.57
C GLU F 256 2.31 -50.86 -6.73
N ALA F 257 3.42 -50.14 -6.88
CA ALA F 257 4.61 -50.44 -6.07
C ALA F 257 4.32 -50.24 -4.59
N ARG F 258 3.63 -49.15 -4.24
CA ARG F 258 3.31 -48.90 -2.84
C ARG F 258 2.40 -49.99 -2.29
N VAL F 259 1.40 -50.40 -3.07
CA VAL F 259 0.48 -51.42 -2.62
C VAL F 259 1.22 -52.73 -2.37
N ARG F 260 2.07 -53.12 -3.33
CA ARG F 260 2.82 -54.36 -3.19
C ARG F 260 3.73 -54.29 -1.97
N ASP F 261 4.41 -53.16 -1.77
CA ASP F 261 5.26 -53.01 -0.60
C ASP F 261 4.47 -53.17 0.69
N GLY F 262 3.29 -52.54 0.77
CA GLY F 262 2.49 -52.64 1.98
C GLY F 262 2.04 -54.05 2.27
N ILE F 263 1.58 -54.76 1.23
CA ILE F 263 1.17 -56.14 1.44
C ILE F 263 2.34 -56.99 1.91
N GLY F 264 3.53 -56.76 1.33
CA GLY F 264 4.71 -57.46 1.79
C GLY F 264 5.04 -57.16 3.24
N ILE F 265 4.88 -55.90 3.64
CA ILE F 265 5.13 -55.52 5.04
C ILE F 265 4.22 -56.30 5.96
N LEU F 266 2.93 -56.31 5.64
CA LEU F 266 1.97 -57.00 6.50
C LEU F 266 2.27 -58.50 6.56
N THR F 267 2.58 -59.10 5.41
CA THR F 267 2.89 -60.53 5.39
C THR F 267 4.12 -60.85 6.23
N THR F 268 5.16 -60.03 6.11
CA THR F 268 6.36 -60.26 6.89
C THR F 268 6.10 -60.11 8.37
N ALA F 269 5.31 -59.11 8.76
CA ALA F 269 4.99 -58.92 10.17
C ALA F 269 4.21 -60.11 10.71
N ALA F 270 3.24 -60.60 9.93
CA ALA F 270 2.48 -61.77 10.37
C ALA F 270 3.38 -63.00 10.50
N SER F 271 4.29 -63.19 9.56
CA SER F 271 5.20 -64.32 9.63
C SER F 271 6.09 -64.23 10.86
N SER F 272 6.61 -63.04 11.15
CA SER F 272 7.45 -62.88 12.34
C SER F 272 6.66 -63.13 13.61
N MET F 273 5.42 -62.65 13.67
CA MET F 273 4.58 -62.89 14.84
C MET F 273 4.31 -64.37 15.04
N LEU F 274 4.03 -65.08 13.95
CA LEU F 274 3.80 -66.52 14.05
C LEU F 274 5.06 -67.25 14.48
N GLU F 275 6.21 -66.85 13.95
CA GLU F 275 7.47 -67.48 14.33
C GLU F 275 7.80 -67.24 15.79
N LYS F 276 7.43 -66.07 16.33
CA LYS F 276 7.66 -65.81 17.74
C LYS F 276 6.92 -66.81 18.61
N PHE F 277 5.67 -67.09 18.28
CA PHE F 277 4.88 -68.13 18.92
C PHE F 277 3.65 -68.42 18.07
N SER F 278 3.19 -69.67 18.10
CA SER F 278 2.09 -70.10 17.25
C SER F 278 0.77 -69.81 17.94
N TYR F 279 0.35 -68.55 17.85
CA TYR F 279 -0.95 -68.12 18.37
C TYR F 279 -1.49 -67.05 17.43
N ILE F 280 -2.31 -67.49 16.47
CA ILE F 280 -2.84 -66.61 15.44
C ILE F 280 -3.79 -65.62 16.11
N PRO F 281 -3.88 -64.38 15.64
CA PRO F 281 -4.84 -63.44 16.23
C PRO F 281 -6.21 -63.51 15.59
N GLU F 282 -7.25 -63.61 16.40
CA GLU F 282 -8.62 -63.70 15.92
C GLU F 282 -9.21 -62.31 15.73
N ALA F 283 -9.96 -62.14 14.65
CA ALA F 283 -10.60 -60.86 14.38
C ALA F 283 -11.71 -60.58 15.40
N LYS F 284 -12.17 -59.34 15.42
CA LYS F 284 -13.21 -58.95 16.36
C LYS F 284 -14.55 -59.58 15.97
N ALA F 285 -15.41 -59.76 16.98
CA ALA F 285 -16.70 -60.39 16.76
C ALA F 285 -17.57 -59.56 15.83
N SER F 286 -17.93 -58.35 16.26
CA SER F 286 -18.77 -57.47 15.45
C SER F 286 -18.65 -56.06 15.98
N CYS F 287 -18.24 -55.12 15.11
CA CYS F 287 -18.25 -53.71 15.49
C CYS F 287 -19.66 -53.23 15.77
N TYR F 288 -20.62 -53.66 14.94
CA TYR F 288 -22.02 -53.27 15.12
C TYR F 288 -22.67 -53.95 16.32
N GLY F 289 -22.03 -54.95 16.91
CA GLY F 289 -22.64 -55.73 17.97
C GLY F 289 -22.67 -55.04 19.31
N GLN F 290 -22.50 -55.82 20.38
CA GLN F 290 -22.58 -55.31 21.74
C GLN F 290 -21.27 -54.61 22.11
N MET F 291 -21.12 -54.29 23.40
CA MET F 291 -19.95 -53.57 23.86
C MET F 291 -18.70 -54.47 23.80
N GLU F 292 -17.55 -53.83 23.95
CA GLU F 292 -16.26 -54.51 23.88
C GLU F 292 -15.46 -54.26 25.15
N ARG F 293 -14.65 -55.24 25.52
CA ARG F 293 -13.78 -55.16 26.68
C ARG F 293 -12.38 -55.63 26.29
N PRO F 294 -11.34 -55.12 26.94
CA PRO F 294 -9.97 -55.54 26.61
C PRO F 294 -9.76 -57.00 26.96
N GLU F 295 -9.34 -57.79 25.97
CA GLU F 295 -9.14 -59.21 26.18
C GLU F 295 -7.88 -59.74 25.51
N VAL F 296 -7.08 -58.88 24.89
CA VAL F 296 -5.86 -59.32 24.22
C VAL F 296 -4.82 -59.71 25.28
N PRO F 297 -4.33 -60.95 25.28
CA PRO F 297 -3.28 -61.32 26.24
C PRO F 297 -2.02 -60.48 26.06
N MET F 298 -1.70 -60.10 24.84
CA MET F 298 -0.58 -59.22 24.55
C MET F 298 -0.87 -58.49 23.25
N HIS F 299 -0.09 -57.45 22.99
CA HIS F 299 -0.19 -56.72 21.73
C HIS F 299 0.07 -57.68 20.58
N THR F 300 -0.95 -57.89 19.74
CA THR F 300 -0.88 -58.94 18.73
C THR F 300 0.25 -58.69 17.74
N LEU F 301 0.20 -57.57 17.02
CA LEU F 301 1.24 -57.29 16.03
C LEU F 301 1.73 -55.86 16.07
N HIS F 302 1.36 -55.08 17.08
CA HIS F 302 1.92 -53.74 17.21
C HIS F 302 3.43 -53.74 17.39
N PRO F 303 4.01 -54.49 18.33
CA PRO F 303 5.49 -54.52 18.42
C PRO F 303 6.14 -55.17 17.22
N PHE F 304 5.41 -55.95 16.44
CA PHE F 304 5.94 -56.63 15.27
C PHE F 304 5.90 -55.74 14.03
N MET F 305 5.86 -54.43 14.20
CA MET F 305 5.79 -53.50 13.08
C MET F 305 7.09 -52.76 12.82
N VAL F 306 7.87 -52.49 13.84
CA VAL F 306 9.13 -51.79 13.67
C VAL F 306 10.22 -52.78 13.32
N ASN F 307 11.32 -52.28 12.76
CA ASN F 307 12.48 -53.08 12.37
C ASN F 307 12.07 -54.17 11.38
N VAL F 308 11.60 -53.74 10.22
CA VAL F 308 11.18 -54.64 9.16
C VAL F 308 11.79 -54.17 7.85
N THR F 309 12.33 -55.11 7.07
CA THR F 309 12.97 -54.82 5.80
C THR F 309 12.26 -55.58 4.68
N TRP F 310 12.44 -55.10 3.46
CA TRP F 310 11.84 -55.75 2.30
C TRP F 310 12.67 -55.40 1.07
N ASP F 311 13.49 -56.35 0.62
CA ASP F 311 14.34 -56.25 -0.57
C ASP F 311 14.93 -54.85 -0.73
N GLY F 312 15.70 -54.44 0.27
CA GLY F 312 16.41 -53.18 0.24
C GLY F 312 15.68 -52.02 0.86
N LYS F 313 14.37 -51.92 0.61
CA LYS F 313 13.56 -50.88 1.24
C LYS F 313 13.63 -51.04 2.75
N ASP F 314 13.89 -49.93 3.44
CA ASP F 314 14.16 -49.96 4.87
C ASP F 314 13.14 -49.12 5.65
N LEU F 315 11.86 -49.31 5.31
CA LEU F 315 10.79 -48.62 6.02
C LEU F 315 10.69 -49.10 7.47
N SER F 316 10.80 -48.16 8.39
CA SER F 316 11.04 -48.46 9.81
C SER F 316 10.19 -47.57 10.71
N PHE F 317 8.87 -47.56 10.47
CA PHE F 317 7.92 -46.68 11.16
C PHE F 317 8.29 -46.40 12.62
N THR F 318 8.35 -45.14 13.00
CA THR F 318 8.81 -44.74 14.32
C THR F 318 7.73 -44.93 15.37
N GLU F 319 8.08 -44.69 16.63
CA GLU F 319 7.11 -44.79 17.71
C GLU F 319 6.01 -43.76 17.57
N GLU F 320 6.32 -42.59 17.00
CA GLU F 320 5.28 -41.61 16.73
C GLU F 320 4.28 -42.14 15.70
N GLY F 321 4.76 -42.86 14.70
CA GLY F 321 3.87 -43.53 13.76
C GLY F 321 4.02 -43.17 12.29
N TYR F 322 5.21 -42.75 11.87
CA TYR F 322 5.45 -42.48 10.46
C TYR F 322 6.77 -43.10 10.03
N GLN F 323 6.96 -43.17 8.71
CA GLN F 323 8.16 -43.78 8.15
C GLN F 323 9.40 -42.97 8.49
N VAL F 324 10.51 -43.67 8.73
CA VAL F 324 11.76 -43.00 9.08
C VAL F 324 12.62 -42.68 7.87
N HIS F 325 12.28 -43.22 6.70
CA HIS F 325 13.03 -42.96 5.47
C HIS F 325 12.05 -42.60 4.35
N PRO F 326 11.41 -41.44 4.44
CA PRO F 326 10.46 -41.06 3.40
C PRO F 326 11.15 -40.72 2.09
N ARG F 327 10.41 -40.90 1.00
CA ARG F 327 10.92 -40.57 -0.33
C ARG F 327 10.52 -39.13 -0.65
N LEU F 328 11.37 -38.20 -0.21
CA LEU F 328 11.10 -36.78 -0.36
C LEU F 328 11.92 -36.21 -1.51
N VAL F 329 11.25 -35.47 -2.39
CA VAL F 329 11.88 -34.85 -3.55
C VAL F 329 11.46 -33.38 -3.59
N VAL F 330 12.44 -32.49 -3.67
CA VAL F 330 12.16 -31.05 -3.69
C VAL F 330 11.89 -30.61 -5.12
N ILE F 331 10.84 -29.83 -5.31
CA ILE F 331 10.39 -29.43 -6.63
C ILE F 331 10.43 -27.91 -6.74
N VAL F 332 10.53 -27.45 -7.98
CA VAL F 332 10.63 -26.02 -8.28
C VAL F 332 9.78 -25.71 -9.50
N LEU F 333 9.10 -24.57 -9.47
CA LEU F 333 8.29 -24.14 -10.61
C LEU F 333 9.17 -23.83 -11.80
N ASN F 334 8.75 -24.27 -12.98
CA ASN F 334 9.52 -24.09 -14.19
C ASN F 334 9.24 -22.72 -14.81
N LYS F 335 9.71 -22.51 -16.03
CA LYS F 335 9.42 -21.29 -16.79
C LYS F 335 8.14 -21.40 -17.60
N ASP F 336 7.43 -22.53 -17.54
CA ASP F 336 6.19 -22.73 -18.27
C ASP F 336 5.03 -23.04 -17.33
N ARG F 337 5.12 -22.57 -16.08
CA ARG F 337 4.08 -22.76 -15.07
C ARG F 337 3.78 -24.24 -14.84
N GLU F 338 4.84 -25.05 -14.76
CA GLU F 338 4.71 -26.46 -14.45
C GLU F 338 5.72 -26.83 -13.38
N TRP F 339 5.39 -27.84 -12.58
CA TRP F 339 6.27 -28.29 -11.51
C TRP F 339 7.37 -29.17 -12.10
N GLU F 340 8.62 -28.79 -11.84
CA GLU F 340 9.76 -29.59 -12.25
C GLU F 340 10.15 -30.51 -11.10
N LYS F 341 11.26 -31.23 -11.24
CA LYS F 341 11.76 -32.10 -10.20
C LYS F 341 13.27 -32.04 -10.17
N VAL F 342 13.83 -31.77 -8.99
CA VAL F 342 15.28 -31.66 -8.84
C VAL F 342 15.73 -32.16 -7.48
N GLY F 343 16.48 -33.26 -7.46
CA GLY F 343 17.09 -33.73 -6.23
C GLY F 343 16.21 -34.63 -5.39
N LYS F 344 16.71 -35.81 -5.04
CA LYS F 344 16.01 -36.75 -4.18
C LYS F 344 16.57 -36.69 -2.77
N TRP F 345 16.16 -37.64 -1.92
CA TRP F 345 16.68 -37.71 -0.56
C TRP F 345 16.62 -39.18 -0.13
N GLU F 346 17.73 -39.89 -0.32
CA GLU F 346 17.69 -41.36 -0.19
C GLU F 346 18.07 -41.83 1.21
N ASN F 347 19.31 -41.58 1.63
CA ASN F 347 19.69 -42.00 2.98
C ASN F 347 19.74 -40.81 3.91
N HIS F 348 20.65 -39.88 3.64
CA HIS F 348 20.67 -38.58 4.30
C HIS F 348 21.04 -37.44 3.37
N THR F 349 21.58 -37.72 2.20
CA THR F 349 22.17 -36.72 1.34
C THR F 349 21.10 -35.98 0.54
N LEU F 350 21.36 -34.68 0.32
CA LEU F 350 20.48 -33.90 -0.56
C LEU F 350 20.61 -34.38 -1.99
N SER F 351 21.82 -34.75 -2.41
CA SER F 351 22.09 -35.21 -3.77
C SER F 351 21.51 -34.24 -4.80
N LEU F 352 21.79 -32.95 -4.57
CA LEU F 352 21.21 -31.90 -5.41
C LEU F 352 21.62 -32.08 -6.87
N ARG F 353 20.78 -31.57 -7.76
CA ARG F 353 20.99 -31.69 -9.20
C ARG F 353 21.27 -30.34 -9.83
N HIS F 354 22.06 -29.51 -9.14
CA HIS F 354 22.54 -28.28 -9.74
C HIS F 354 23.74 -27.79 -8.95
N ALA F 355 24.92 -27.79 -9.58
CA ALA F 355 26.11 -27.28 -8.91
C ALA F 355 25.96 -25.80 -8.57
N VAL F 356 25.41 -25.03 -9.52
CA VAL F 356 25.14 -23.61 -9.32
C VAL F 356 23.66 -23.37 -9.60
N TRP F 357 23.03 -22.62 -8.72
CA TRP F 357 21.60 -22.33 -8.88
C TRP F 357 21.37 -21.47 -10.11
N PRO F 358 20.52 -21.90 -11.05
CA PRO F 358 20.21 -21.07 -12.22
C PRO F 358 19.34 -19.89 -11.80
N ARG F 359 19.78 -18.68 -12.16
CA ARG F 359 18.96 -17.51 -11.90
C ARG F 359 17.71 -17.55 -12.75
N TYR F 360 16.57 -17.76 -12.10
CA TYR F 360 15.31 -17.95 -12.80
C TYR F 360 14.56 -16.63 -12.95
N LYS F 361 13.91 -16.46 -14.10
CA LYS F 361 13.08 -15.28 -14.33
C LYS F 361 11.94 -15.27 -13.33
N SER F 362 11.95 -14.31 -12.41
CA SER F 362 10.90 -14.24 -11.40
C SER F 362 9.54 -14.00 -12.03
N PHE F 363 9.47 -13.13 -13.04
CA PHE F 363 8.22 -12.83 -13.70
C PHE F 363 8.49 -12.35 -15.11
N SER F 364 7.44 -12.38 -15.94
CA SER F 364 7.53 -11.82 -17.28
C SER F 364 7.60 -10.30 -17.25
N ASP F 365 7.08 -9.68 -16.20
CA ASP F 365 7.15 -8.24 -15.99
C ASP F 365 7.96 -7.99 -14.73
N CYS F 366 9.29 -7.95 -14.89
CA CYS F 366 10.20 -7.73 -13.77
C CYS F 366 11.47 -7.11 -14.29
N GLU F 367 12.20 -6.46 -13.38
CA GLU F 367 13.44 -5.80 -13.78
C GLU F 367 14.47 -6.84 -14.22
N PRO F 368 15.24 -6.55 -15.27
CA PRO F 368 16.26 -7.50 -15.72
C PRO F 368 17.36 -7.69 -14.69
N ASP F 369 17.96 -8.88 -14.70
CA ASP F 369 19.06 -9.18 -13.80
C ASP F 369 20.32 -8.46 -14.26
N ASP F 370 20.56 -7.26 -13.72
CA ASP F 370 21.68 -6.43 -14.14
C ASP F 370 22.65 -6.17 -12.99
N ASN F 371 22.81 -7.14 -12.10
CA ASN F 371 23.77 -6.98 -11.01
C ASN F 371 24.55 -8.26 -10.73
N HIS F 372 24.54 -9.22 -11.65
CA HIS F 372 25.30 -10.45 -11.50
C HIS F 372 26.40 -10.50 -12.56
N LEU F 373 27.64 -10.71 -12.11
CA LEU F 373 28.79 -10.78 -12.99
C LEU F 373 29.49 -12.11 -12.78
N SER F 374 29.64 -12.88 -13.86
CA SER F 374 30.28 -14.18 -13.80
C SER F 374 31.80 -13.97 -13.94
N ILE F 375 32.42 -13.63 -12.82
CA ILE F 375 33.87 -13.42 -12.81
C ILE F 375 34.60 -14.73 -13.10
N VAL F 376 35.84 -14.61 -13.56
CA VAL F 376 36.69 -15.76 -13.83
C VAL F 376 38.09 -15.49 -13.29
N THR F 377 38.86 -16.55 -13.12
CA THR F 377 40.21 -16.46 -12.60
C THR F 377 41.04 -17.60 -13.15
N LEU F 378 42.34 -17.56 -12.86
CA LEU F 378 43.26 -18.64 -13.20
C LEU F 378 44.12 -18.93 -11.98
N GLU F 379 44.44 -20.21 -11.78
CA GLU F 379 45.16 -20.65 -10.59
C GLU F 379 46.62 -20.24 -10.70
N GLU F 380 47.06 -19.33 -9.85
CA GLU F 380 48.45 -18.94 -9.71
C GLU F 380 48.89 -19.18 -8.26
N ALA F 381 50.14 -18.90 -7.98
CA ALA F 381 50.63 -19.11 -6.62
C ALA F 381 50.17 -18.01 -5.66
N PRO F 382 50.49 -16.72 -5.91
CA PRO F 382 50.23 -15.72 -4.87
C PRO F 382 48.90 -14.99 -5.05
N PHE F 383 48.22 -15.22 -6.16
CA PHE F 383 46.98 -14.51 -6.46
C PHE F 383 45.77 -15.25 -5.89
N VAL F 384 45.59 -16.51 -6.30
CA VAL F 384 44.48 -17.33 -5.84
C VAL F 384 45.05 -18.66 -5.34
N ILE F 385 44.52 -19.16 -4.22
CA ILE F 385 44.90 -20.46 -3.70
C ILE F 385 43.64 -21.28 -3.50
N VAL F 386 43.59 -22.45 -4.13
CA VAL F 386 42.41 -23.28 -4.07
C VAL F 386 42.51 -24.25 -2.89
N GLU F 387 41.35 -24.72 -2.43
CA GLU F 387 41.29 -25.66 -1.33
C GLU F 387 40.04 -26.52 -1.52
N ASP F 388 39.71 -27.31 -0.50
CA ASP F 388 38.53 -28.16 -0.53
C ASP F 388 37.75 -27.96 0.76
N ILE F 389 36.44 -28.20 0.69
CA ILE F 389 35.57 -27.98 1.83
C ILE F 389 35.90 -28.98 2.93
N ASP F 390 36.08 -28.48 4.15
CA ASP F 390 36.45 -29.34 5.26
C ASP F 390 35.25 -30.16 5.73
N PRO F 391 35.50 -31.36 6.25
CA PRO F 391 34.36 -32.22 6.65
C PRO F 391 33.48 -31.62 7.74
N LEU F 392 34.06 -30.87 8.67
CA LEU F 392 33.29 -30.30 9.77
C LEU F 392 32.47 -29.12 9.26
N THR F 393 31.15 -29.24 9.34
CA THR F 393 30.23 -28.24 8.82
C THR F 393 30.55 -27.93 7.35
N GLU F 394 30.32 -28.94 6.53
CA GLU F 394 30.89 -28.98 5.19
C GLU F 394 30.23 -27.97 4.26
N THR F 395 30.46 -26.69 4.50
CA THR F 395 30.13 -25.63 3.56
C THR F 395 31.39 -24.95 3.05
N CYS F 396 32.19 -24.37 3.95
CA CYS F 396 33.55 -23.89 3.69
C CYS F 396 34.08 -23.30 4.98
N VAL F 397 35.36 -22.95 4.97
CA VAL F 397 35.95 -22.20 6.07
C VAL F 397 35.36 -20.78 6.07
N ARG F 398 35.22 -20.20 7.26
CA ARG F 398 34.60 -18.89 7.41
C ARG F 398 35.55 -17.75 7.04
N ASN F 399 36.63 -18.02 6.30
CA ASN F 399 37.61 -17.00 5.96
C ASN F 399 37.83 -16.88 4.46
N THR F 400 36.91 -17.36 3.62
CA THR F 400 37.06 -17.27 2.18
C THR F 400 35.72 -17.49 1.49
N VAL F 401 35.78 -17.55 0.16
CA VAL F 401 34.59 -17.57 -0.70
C VAL F 401 34.61 -18.82 -1.57
N PRO F 402 33.46 -19.45 -1.81
CA PRO F 402 33.42 -20.61 -2.72
C PRO F 402 33.59 -20.20 -4.16
N CYS F 403 34.50 -20.88 -4.85
CA CYS F 403 34.75 -20.71 -6.28
C CYS F 403 34.54 -22.06 -6.95
N ARG F 404 33.49 -22.16 -7.77
CA ARG F 404 33.26 -23.39 -8.50
C ARG F 404 34.35 -23.57 -9.56
N LYS F 405 34.61 -24.83 -9.91
CA LYS F 405 35.66 -25.13 -10.87
C LYS F 405 35.29 -26.38 -11.64
N PHE F 406 36.01 -26.59 -12.75
CA PHE F 406 35.81 -27.73 -13.63
C PHE F 406 36.98 -28.67 -13.48
N VAL F 407 36.71 -29.92 -13.13
CA VAL F 407 37.74 -30.94 -12.97
C VAL F 407 37.39 -32.12 -13.85
N LYS F 408 38.36 -32.62 -14.61
CA LYS F 408 38.18 -33.77 -15.48
C LYS F 408 38.72 -35.00 -14.78
N ILE F 409 37.86 -36.02 -14.63
CA ILE F 409 38.25 -37.25 -13.97
C ILE F 409 39.24 -37.99 -14.85
N ASN F 410 40.42 -38.29 -14.30
CA ASN F 410 41.51 -38.93 -15.04
C ASN F 410 41.86 -38.04 -16.24
N ASN F 411 42.26 -38.65 -17.35
CA ASN F 411 42.62 -37.91 -18.56
C ASN F 411 41.70 -38.24 -19.73
N SER F 412 41.55 -39.53 -20.06
CA SER F 412 40.70 -39.91 -21.19
C SER F 412 39.24 -39.55 -20.96
N THR F 413 38.74 -39.80 -19.76
CA THR F 413 37.34 -39.55 -19.45
C THR F 413 37.12 -38.05 -19.24
N ASN F 414 36.19 -37.48 -19.99
CA ASN F 414 35.82 -36.07 -19.83
C ASN F 414 34.67 -35.90 -18.83
N GLU F 415 34.86 -36.42 -17.63
CA GLU F 415 33.83 -36.37 -16.58
C GLU F 415 33.91 -35.01 -15.93
N GLY F 416 33.00 -34.11 -16.30
CA GLY F 416 32.99 -32.77 -15.79
C GLY F 416 32.15 -32.56 -14.55
N MET F 417 32.52 -33.23 -13.46
CA MET F 417 31.84 -33.01 -12.18
C MET F 417 32.25 -31.67 -11.63
N ASN F 418 31.37 -30.68 -11.73
CA ASN F 418 31.72 -29.33 -11.30
C ASN F 418 31.78 -29.26 -9.79
N VAL F 419 32.95 -29.57 -9.23
CA VAL F 419 33.09 -29.70 -7.79
C VAL F 419 32.94 -28.34 -7.11
N LYS F 420 32.41 -28.37 -5.90
CA LYS F 420 32.24 -27.17 -5.09
C LYS F 420 33.40 -27.09 -4.09
N LYS F 421 34.20 -26.04 -4.21
CA LYS F 421 35.33 -25.81 -3.33
C LYS F 421 35.44 -24.30 -3.12
N CYS F 422 36.15 -23.91 -2.07
CA CYS F 422 36.29 -22.49 -1.73
C CYS F 422 37.77 -22.11 -1.69
N CYS F 423 38.08 -20.93 -2.20
CA CYS F 423 39.46 -20.51 -2.43
C CYS F 423 39.68 -19.07 -1.99
N LYS F 424 40.90 -18.79 -1.53
CA LYS F 424 41.28 -17.44 -1.14
C LYS F 424 42.56 -17.00 -1.84
N GLY F 425 43.11 -15.87 -1.43
CA GLY F 425 44.31 -15.33 -2.04
C GLY F 425 44.31 -13.81 -1.91
N PHE F 426 44.82 -13.15 -2.96
CA PHE F 426 44.95 -11.70 -2.98
C PHE F 426 43.83 -11.03 -3.76
N CYS F 427 43.69 -11.38 -5.04
CA CYS F 427 42.71 -10.69 -5.88
C CYS F 427 41.30 -10.86 -5.37
N ILE F 428 41.00 -12.01 -4.76
CA ILE F 428 39.66 -12.23 -4.24
C ILE F 428 39.34 -11.27 -3.11
N ASP F 429 40.34 -10.91 -2.30
CA ASP F 429 40.09 -9.93 -1.25
C ASP F 429 39.67 -8.60 -1.83
N ILE F 430 40.36 -8.13 -2.86
CA ILE F 430 39.98 -6.89 -3.53
C ILE F 430 38.60 -7.03 -4.16
N LEU F 431 38.31 -8.21 -4.70
CA LEU F 431 36.99 -8.43 -5.29
C LEU F 431 35.89 -8.31 -4.24
N LYS F 432 36.11 -8.89 -3.06
CA LYS F 432 35.13 -8.78 -1.98
C LYS F 432 34.96 -7.33 -1.56
N LYS F 433 36.07 -6.62 -1.39
CA LYS F 433 36.00 -5.23 -0.98
C LYS F 433 35.24 -4.40 -2.01
N LEU F 434 35.51 -4.64 -3.29
CA LEU F 434 34.84 -3.90 -4.36
C LEU F 434 33.35 -4.23 -4.39
N SER F 435 33.01 -5.51 -4.25
CA SER F 435 31.61 -5.91 -4.29
C SER F 435 30.84 -5.35 -3.11
N ARG F 436 31.50 -5.14 -1.98
CA ARG F 436 30.83 -4.50 -0.85
C ARG F 436 30.40 -3.08 -1.17
N THR F 437 31.25 -2.33 -1.87
CA THR F 437 31.01 -0.92 -2.14
C THR F 437 30.27 -0.68 -3.45
N VAL F 438 30.05 -1.72 -4.26
CA VAL F 438 29.31 -1.57 -5.50
C VAL F 438 28.12 -2.51 -5.59
N LYS F 439 27.87 -3.30 -4.55
CA LYS F 439 26.64 -4.08 -4.35
C LYS F 439 26.21 -4.81 -5.63
N PHE F 440 27.05 -5.76 -6.04
CA PHE F 440 26.71 -6.65 -7.14
C PHE F 440 27.06 -8.09 -6.76
N THR F 441 26.19 -9.01 -7.12
CA THR F 441 26.42 -10.42 -6.84
C THR F 441 27.29 -11.04 -7.92
N TYR F 442 27.80 -12.23 -7.63
CA TYR F 442 28.76 -12.88 -8.52
C TYR F 442 28.74 -14.38 -8.30
N ASP F 443 28.80 -15.12 -9.40
CA ASP F 443 28.94 -16.59 -9.38
C ASP F 443 30.15 -16.89 -10.26
N LEU F 444 31.33 -16.84 -9.67
CA LEU F 444 32.57 -16.90 -10.42
C LEU F 444 33.07 -18.33 -10.56
N TYR F 445 33.74 -18.60 -11.68
CA TYR F 445 34.24 -19.93 -11.98
C TYR F 445 35.64 -19.86 -12.55
N LEU F 446 36.41 -20.91 -12.31
CA LEU F 446 37.77 -20.98 -12.80
C LEU F 446 37.80 -21.18 -14.31
N VAL F 447 38.94 -20.87 -14.90
CA VAL F 447 39.15 -21.11 -16.32
C VAL F 447 39.38 -22.61 -16.55
N THR F 448 38.96 -23.10 -17.72
CA THR F 448 38.99 -24.53 -18.01
C THR F 448 40.19 -24.93 -18.86
N ASN F 449 40.32 -24.36 -20.05
CA ASN F 449 41.33 -24.77 -21.02
C ASN F 449 42.44 -23.73 -21.09
N GLY F 450 43.67 -24.18 -20.93
CA GLY F 450 44.82 -23.31 -20.99
C GLY F 450 44.96 -22.45 -19.75
N LYS F 451 46.07 -21.71 -19.72
CA LYS F 451 46.36 -20.81 -18.60
C LYS F 451 46.78 -19.46 -19.15
N HIS F 452 46.42 -18.40 -18.43
CA HIS F 452 46.70 -17.01 -18.82
C HIS F 452 46.04 -16.78 -20.18
N GLY F 453 46.73 -16.23 -21.17
CA GLY F 453 46.13 -16.01 -22.46
C GLY F 453 47.18 -15.88 -23.54
N LYS F 454 46.81 -16.26 -24.75
CA LYS F 454 47.73 -16.20 -25.88
C LYS F 454 46.92 -16.19 -27.17
N LYS F 455 47.39 -15.42 -28.15
CA LYS F 455 46.74 -15.36 -29.47
C LYS F 455 47.27 -16.50 -30.33
N VAL F 456 46.84 -17.71 -29.99
CA VAL F 456 47.28 -18.91 -30.67
C VAL F 456 46.35 -19.14 -31.86
N ASN F 457 46.91 -19.03 -33.08
CA ASN F 457 46.15 -19.21 -34.31
C ASN F 457 44.92 -18.29 -34.36
N ASN F 458 45.12 -17.04 -33.96
CA ASN F 458 44.12 -15.97 -33.96
C ASN F 458 42.98 -16.20 -32.99
N VAL F 459 42.99 -17.30 -32.23
CA VAL F 459 41.96 -17.57 -31.22
C VAL F 459 42.63 -17.61 -29.86
N TRP F 460 42.07 -16.89 -28.90
CA TRP F 460 42.64 -16.79 -27.57
C TRP F 460 42.05 -17.83 -26.64
N ASN F 461 42.90 -18.38 -25.77
CA ASN F 461 42.49 -19.33 -24.76
C ASN F 461 42.82 -18.78 -23.39
N GLY F 462 42.09 -19.25 -22.39
CA GLY F 462 42.20 -18.70 -21.05
C GLY F 462 41.10 -17.71 -20.75
N MET F 463 41.39 -16.82 -19.80
CA MET F 463 40.41 -15.80 -19.44
C MET F 463 40.16 -14.84 -20.60
N ILE F 464 41.18 -14.58 -21.42
CA ILE F 464 41.00 -13.70 -22.58
C ILE F 464 40.01 -14.31 -23.54
N GLY F 465 40.11 -15.62 -23.78
CA GLY F 465 39.15 -16.28 -24.67
C GLY F 465 37.73 -16.18 -24.17
N GLU F 466 37.55 -16.22 -22.84
CA GLU F 466 36.21 -16.09 -22.28
C GLU F 466 35.65 -14.70 -22.51
N VAL F 467 36.41 -13.66 -22.17
CA VAL F 467 35.90 -12.30 -22.29
C VAL F 467 35.78 -11.90 -23.75
N VAL F 468 36.74 -12.29 -24.59
CA VAL F 468 36.67 -11.96 -26.00
C VAL F 468 35.47 -12.62 -26.68
N TYR F 469 34.91 -13.66 -26.07
CA TYR F 469 33.73 -14.33 -26.58
C TYR F 469 32.46 -13.91 -25.87
N GLN F 470 32.53 -12.88 -25.03
CA GLN F 470 31.38 -12.40 -24.26
C GLN F 470 30.77 -13.52 -23.44
N ARG F 471 31.62 -14.40 -22.90
CA ARG F 471 31.16 -15.53 -22.10
C ARG F 471 31.23 -15.26 -20.60
N ALA F 472 32.05 -14.33 -20.16
CA ALA F 472 32.19 -14.04 -18.73
C ALA F 472 32.73 -12.63 -18.55
N VAL F 473 31.92 -11.75 -17.98
CA VAL F 473 32.40 -10.42 -17.63
C VAL F 473 33.36 -10.52 -16.45
N MET F 474 34.40 -9.68 -16.47
CA MET F 474 35.45 -9.62 -15.44
C MET F 474 36.37 -10.83 -15.55
N ALA F 475 37.66 -10.61 -15.42
CA ALA F 475 38.67 -11.66 -15.46
C ALA F 475 39.68 -11.46 -14.34
N VAL F 476 39.17 -11.25 -13.12
CA VAL F 476 40.02 -10.88 -11.99
C VAL F 476 41.09 -11.93 -11.78
N GLY F 477 42.34 -11.48 -11.77
CA GLY F 477 43.47 -12.38 -11.64
C GLY F 477 44.75 -11.65 -12.02
N SER F 478 45.85 -12.38 -11.89
CA SER F 478 47.18 -11.80 -12.17
C SER F 478 47.33 -11.66 -13.68
N LEU F 479 46.82 -10.55 -14.19
CA LEU F 479 46.82 -10.27 -15.62
C LEU F 479 47.76 -9.09 -15.91
N THR F 480 48.66 -9.28 -16.86
CA THR F 480 49.62 -8.24 -17.22
C THR F 480 49.08 -7.39 -18.37
N ILE F 481 49.30 -6.09 -18.27
CA ILE F 481 48.83 -5.15 -19.28
C ILE F 481 49.75 -5.23 -20.50
N ASN F 482 49.15 -5.42 -21.67
CA ASN F 482 49.89 -5.49 -22.91
C ASN F 482 49.13 -4.75 -24.01
N GLU F 483 49.87 -4.22 -24.98
CA GLU F 483 49.26 -3.42 -26.04
C GLU F 483 48.30 -4.25 -26.87
N GLU F 484 48.72 -5.46 -27.26
CA GLU F 484 47.82 -6.34 -28.00
C GLU F 484 46.62 -6.72 -27.15
N ARG F 485 46.85 -7.03 -25.88
CA ARG F 485 45.74 -7.32 -24.98
C ARG F 485 44.82 -6.12 -24.84
N SER F 486 45.40 -4.93 -24.68
CA SER F 486 44.58 -3.72 -24.61
C SER F 486 43.84 -3.49 -25.92
N GLU F 487 44.46 -3.79 -27.04
CA GLU F 487 43.79 -3.64 -28.33
C GLU F 487 42.60 -4.58 -28.46
N VAL F 488 42.72 -5.80 -27.92
CA VAL F 488 41.64 -6.78 -28.03
C VAL F 488 40.55 -6.53 -27.00
N VAL F 489 40.93 -6.42 -25.73
CA VAL F 489 39.98 -6.30 -24.63
C VAL F 489 40.38 -5.12 -23.76
N ASP F 490 39.40 -4.31 -23.36
CA ASP F 490 39.69 -3.14 -22.55
C ASP F 490 40.20 -3.55 -21.17
N PHE F 491 41.01 -2.67 -20.59
CA PHE F 491 41.57 -2.84 -19.25
C PHE F 491 41.09 -1.69 -18.36
N SER F 492 41.37 -1.83 -17.07
CA SER F 492 41.19 -0.76 -16.10
C SER F 492 42.55 -0.27 -15.65
N VAL F 493 42.55 0.77 -14.81
CA VAL F 493 43.79 1.35 -14.33
C VAL F 493 44.43 0.39 -13.33
N PRO F 494 45.76 0.38 -13.23
CA PRO F 494 46.42 -0.60 -12.35
C PRO F 494 46.31 -0.22 -10.88
N PHE F 495 46.56 -1.21 -10.04
CA PHE F 495 46.56 -1.00 -8.59
C PHE F 495 47.87 -1.50 -7.97
N VAL F 496 48.43 -2.58 -8.50
CA VAL F 496 49.71 -3.10 -8.05
C VAL F 496 50.68 -3.07 -9.22
N GLU F 497 51.85 -2.49 -9.00
CA GLU F 497 52.86 -2.38 -10.03
C GLU F 497 53.74 -3.63 -10.06
N THR F 498 54.25 -3.94 -11.23
CA THR F 498 55.16 -5.07 -11.42
C THR F 498 55.83 -4.90 -12.78
N GLY F 499 56.63 -5.89 -13.17
CA GLY F 499 57.33 -5.83 -14.44
C GLY F 499 58.26 -7.00 -14.60
N ILE F 500 59.22 -6.84 -15.51
CA ILE F 500 60.21 -7.89 -15.78
C ILE F 500 61.33 -7.79 -14.75
N SER F 501 61.67 -8.93 -14.15
CA SER F 501 62.75 -9.01 -13.18
C SER F 501 63.65 -10.19 -13.51
N VAL F 502 64.89 -10.11 -13.03
CA VAL F 502 65.91 -11.12 -13.27
C VAL F 502 66.17 -11.86 -11.98
N MET F 503 66.03 -13.18 -12.01
CA MET F 503 66.21 -14.03 -10.83
C MET F 503 67.52 -14.79 -10.98
N VAL F 504 68.61 -14.15 -10.56
CA VAL F 504 69.92 -14.79 -10.46
C VAL F 504 70.48 -14.48 -9.08
N SER F 505 70.98 -15.51 -8.39
CA SER F 505 71.47 -15.32 -7.04
C SER F 505 72.89 -15.83 -6.86
N ARG F 506 73.37 -15.84 -5.62
CA ARG F 506 74.71 -16.31 -5.29
C ARG F 506 74.63 -17.76 -4.83
N SER F 507 75.46 -18.61 -5.44
CA SER F 507 75.48 -20.02 -5.05
C SER F 507 75.94 -20.18 -3.60
N ASN F 508 76.97 -19.44 -3.20
CA ASN F 508 77.48 -19.50 -1.84
C ASN F 508 77.62 -18.11 -1.25
N VAL F 626 78.30 -5.96 -4.38
CA VAL F 626 78.55 -6.17 -5.80
C VAL F 626 77.48 -7.07 -6.40
N ASP F 627 76.63 -6.49 -7.23
CA ASP F 627 75.56 -7.24 -7.87
C ASP F 627 76.12 -8.29 -8.81
N GLN F 628 75.40 -9.41 -8.93
CA GLN F 628 75.88 -10.53 -9.74
C GLN F 628 75.93 -10.14 -11.23
N VAL F 629 74.84 -9.59 -11.75
CA VAL F 629 74.78 -9.22 -13.16
C VAL F 629 74.46 -7.73 -13.29
N THR F 630 73.30 -7.32 -12.79
CA THR F 630 72.86 -5.92 -12.81
C THR F 630 72.87 -5.36 -14.24
N GLY F 631 72.42 -6.16 -15.19
CA GLY F 631 72.35 -5.70 -16.57
C GLY F 631 71.36 -6.47 -17.41
N LEU F 632 70.47 -5.74 -18.09
CA LEU F 632 69.46 -6.36 -18.93
C LEU F 632 69.93 -6.48 -20.38
N SER F 633 70.38 -5.37 -20.96
CA SER F 633 71.07 -5.40 -22.25
C SER F 633 72.58 -5.44 -22.04
N ASP F 634 73.01 -6.39 -21.21
CA ASP F 634 74.40 -6.45 -20.76
C ASP F 634 75.27 -7.15 -21.80
N LYS F 635 76.58 -7.15 -21.52
CA LYS F 635 77.53 -7.83 -22.40
C LYS F 635 77.27 -9.32 -22.46
N LYS F 636 77.01 -9.94 -21.30
CA LYS F 636 76.89 -11.38 -21.23
C LYS F 636 75.64 -11.87 -21.95
N PHE F 637 74.46 -11.41 -21.53
CA PHE F 637 73.22 -11.93 -22.09
C PHE F 637 72.76 -11.12 -23.29
N GLN F 638 73.69 -10.94 -24.23
CA GLN F 638 73.39 -10.47 -25.58
C GLN F 638 74.05 -11.32 -26.64
N ARG F 639 75.07 -12.10 -26.29
CA ARG F 639 75.73 -13.10 -27.13
C ARG F 639 76.41 -14.10 -26.21
N PRO F 640 75.64 -14.95 -25.52
CA PRO F 640 76.22 -15.78 -24.45
C PRO F 640 76.87 -17.07 -24.92
N HIS F 641 76.86 -17.36 -26.23
CA HIS F 641 77.47 -18.58 -26.70
C HIS F 641 78.98 -18.55 -26.51
N ASP F 642 79.64 -17.49 -26.96
CA ASP F 642 81.08 -17.36 -26.83
C ASP F 642 81.48 -16.57 -25.58
N TYR F 643 80.91 -16.95 -24.42
CA TYR F 643 81.32 -16.35 -23.15
C TYR F 643 80.95 -17.37 -22.06
N SER F 644 81.96 -18.12 -21.61
CA SER F 644 81.80 -19.14 -20.57
C SER F 644 80.84 -20.23 -21.06
N PRO F 645 80.62 -21.29 -20.29
CA PRO F 645 79.51 -22.20 -20.59
C PRO F 645 78.19 -21.45 -20.57
N PRO F 646 77.28 -21.75 -21.49
CA PRO F 646 76.03 -20.99 -21.57
C PRO F 646 75.22 -21.11 -20.30
N PHE F 647 74.57 -20.01 -19.92
CA PHE F 647 73.77 -19.97 -18.70
C PHE F 647 72.36 -20.47 -18.97
N ARG F 648 71.74 -21.00 -17.92
CA ARG F 648 70.38 -21.51 -18.03
C ARG F 648 69.37 -20.38 -17.94
N PHE F 649 68.30 -20.48 -18.73
CA PHE F 649 67.24 -19.49 -18.76
C PHE F 649 65.97 -20.06 -18.14
N GLY F 650 65.33 -19.24 -17.30
CA GLY F 650 64.02 -19.57 -16.78
C GLY F 650 62.93 -18.90 -17.57
N THR F 651 62.20 -19.68 -18.37
CA THR F 651 61.13 -19.13 -19.20
C THR F 651 60.08 -20.20 -19.42
N VAL F 652 58.88 -19.76 -19.79
CA VAL F 652 57.73 -20.65 -19.95
C VAL F 652 56.98 -20.29 -21.22
N PRO F 653 56.55 -21.26 -22.02
CA PRO F 653 55.72 -20.93 -23.19
C PRO F 653 54.38 -20.35 -22.79
N ASN F 654 53.83 -19.51 -23.67
CA ASN F 654 52.53 -18.88 -23.48
C ASN F 654 52.49 -18.06 -22.19
N GLY F 655 53.36 -17.04 -22.14
CA GLY F 655 53.45 -16.15 -21.02
C GLY F 655 53.38 -14.69 -21.48
N SER F 656 54.09 -13.84 -20.75
CA SER F 656 54.18 -12.42 -21.07
C SER F 656 55.59 -11.97 -21.34
N THR F 657 56.55 -12.33 -20.48
CA THR F 657 57.92 -11.87 -20.65
C THR F 657 58.56 -12.43 -21.92
N GLU F 658 58.28 -13.69 -22.24
CA GLU F 658 58.94 -14.32 -23.37
C GLU F 658 58.56 -13.66 -24.68
N ARG F 659 57.30 -13.24 -24.82
CA ARG F 659 56.88 -12.56 -26.04
C ARG F 659 57.60 -11.22 -26.19
N ASN F 660 57.71 -10.47 -25.09
CA ASN F 660 58.42 -9.19 -25.14
C ASN F 660 59.89 -9.39 -25.50
N ILE F 661 60.53 -10.40 -24.90
CA ILE F 661 61.93 -10.65 -25.19
C ILE F 661 62.10 -11.06 -26.65
N ARG F 662 61.21 -11.91 -27.15
CA ARG F 662 61.29 -12.37 -28.53
C ARG F 662 61.12 -11.22 -29.52
N ASN F 663 60.12 -10.36 -29.30
CA ASN F 663 59.91 -9.25 -30.23
C ASN F 663 60.94 -8.13 -30.03
N ASN F 664 61.64 -8.10 -28.90
CA ASN F 664 62.69 -7.11 -28.70
C ASN F 664 63.99 -7.56 -29.37
N TYR F 665 64.50 -8.72 -28.96
CA TYR F 665 65.68 -9.31 -29.58
C TYR F 665 65.52 -10.83 -29.53
N PRO F 666 65.13 -11.45 -30.65
CA PRO F 666 64.88 -12.90 -30.63
C PRO F 666 66.11 -13.75 -30.36
N TYR F 667 67.31 -13.23 -30.58
CA TYR F 667 68.52 -14.04 -30.41
C TYR F 667 68.62 -14.56 -28.98
N MET F 668 68.40 -13.69 -27.99
CA MET F 668 68.30 -14.15 -26.62
C MET F 668 67.16 -15.13 -26.46
N HIS F 669 66.01 -14.84 -27.07
CA HIS F 669 64.90 -15.80 -27.07
C HIS F 669 65.27 -17.06 -27.84
N GLN F 670 66.04 -16.92 -28.92
CA GLN F 670 66.47 -18.09 -29.69
C GLN F 670 67.28 -19.04 -28.82
N TYR F 671 68.17 -18.51 -28.00
CA TYR F 671 68.92 -19.38 -27.08
C TYR F 671 68.03 -19.86 -25.94
N MET F 672 67.14 -18.99 -25.43
CA MET F 672 66.31 -19.35 -24.29
C MET F 672 65.29 -20.43 -24.63
N THR F 673 64.99 -20.64 -25.91
CA THR F 673 64.12 -21.75 -26.30
C THR F 673 64.75 -23.09 -25.97
N LYS F 674 66.07 -23.13 -25.72
CA LYS F 674 66.71 -24.38 -25.33
C LYS F 674 66.18 -24.89 -24.00
N PHE F 675 65.97 -23.99 -23.04
CA PHE F 675 65.47 -24.36 -21.72
C PHE F 675 64.06 -23.83 -21.55
N ASN F 676 63.11 -24.74 -21.36
CA ASN F 676 61.71 -24.40 -21.14
C ASN F 676 61.18 -25.20 -19.97
N GLN F 677 60.50 -24.53 -19.05
CA GLN F 677 60.01 -25.15 -17.82
C GLN F 677 58.51 -25.40 -17.91
N LYS F 678 58.02 -26.21 -16.98
CA LYS F 678 56.60 -26.53 -16.90
C LYS F 678 55.89 -25.71 -15.82
N GLY F 679 56.38 -25.79 -14.59
CA GLY F 679 55.77 -25.06 -13.50
C GLY F 679 56.70 -24.02 -12.88
N VAL F 680 56.12 -23.05 -12.18
CA VAL F 680 56.93 -22.01 -11.55
C VAL F 680 57.78 -22.60 -10.43
N GLU F 681 57.27 -23.60 -9.72
CA GLU F 681 58.06 -24.27 -8.70
C GLU F 681 59.11 -25.18 -9.31
N ASP F 682 58.84 -25.72 -10.50
CA ASP F 682 59.83 -26.57 -11.17
C ASP F 682 61.09 -25.78 -11.51
N ALA F 683 60.92 -24.55 -12.01
CA ALA F 683 62.08 -23.72 -12.31
C ALA F 683 62.87 -23.38 -11.05
N LEU F 684 62.18 -23.06 -9.96
CA LEU F 684 62.87 -22.77 -8.71
C LEU F 684 63.61 -23.97 -8.19
N VAL F 685 62.99 -25.16 -8.27
CA VAL F 685 63.65 -26.39 -7.80
C VAL F 685 64.88 -26.69 -8.64
N SER F 686 64.76 -26.53 -9.97
CA SER F 686 65.91 -26.77 -10.83
C SER F 686 67.03 -25.77 -10.56
N LEU F 687 66.69 -24.50 -10.30
CA LEU F 687 67.69 -23.51 -9.96
C LEU F 687 68.40 -23.86 -8.67
N LYS F 688 67.63 -24.29 -7.66
CA LYS F 688 68.24 -24.68 -6.39
C LYS F 688 69.14 -25.89 -6.56
N THR F 689 68.71 -26.87 -7.37
CA THR F 689 69.49 -28.09 -7.59
C THR F 689 70.69 -27.86 -8.49
N GLY F 690 70.81 -26.69 -9.12
CA GLY F 690 71.94 -26.38 -9.99
C GLY F 690 71.67 -26.53 -11.46
N LYS F 691 70.54 -27.14 -11.85
CA LYS F 691 70.23 -27.30 -13.27
C LYS F 691 69.90 -25.96 -13.93
N LEU F 692 69.44 -24.99 -13.15
CA LEU F 692 69.10 -23.67 -13.66
C LEU F 692 69.92 -22.61 -12.93
N ASP F 693 70.22 -21.51 -13.64
CA ASP F 693 70.98 -20.41 -13.06
C ASP F 693 70.21 -19.09 -13.08
N ALA F 694 69.59 -18.74 -14.21
CA ALA F 694 68.90 -17.47 -14.37
C ALA F 694 67.43 -17.70 -14.66
N PHE F 695 66.58 -16.82 -14.14
CA PHE F 695 65.14 -16.91 -14.33
C PHE F 695 64.62 -15.51 -14.61
N ILE F 696 63.86 -15.37 -15.70
CA ILE F 696 63.20 -14.13 -16.07
C ILE F 696 61.70 -14.35 -15.99
N TYR F 697 61.02 -13.49 -15.25
CA TYR F 697 59.58 -13.64 -15.03
C TYR F 697 59.03 -12.30 -14.53
N ASP F 698 57.77 -12.31 -14.12
CA ASP F 698 57.16 -11.12 -13.55
C ASP F 698 57.81 -10.76 -12.22
N ALA F 699 58.01 -9.47 -11.99
CA ALA F 699 58.74 -9.03 -10.80
C ALA F 699 58.00 -9.37 -9.52
N ALA F 700 56.67 -9.19 -9.51
CA ALA F 700 55.92 -9.34 -8.26
C ALA F 700 55.97 -10.77 -7.74
N VAL F 701 55.77 -11.75 -8.62
CA VAL F 701 55.74 -13.15 -8.18
C VAL F 701 57.12 -13.59 -7.73
N LEU F 702 58.17 -13.19 -8.45
CA LEU F 702 59.53 -13.53 -8.02
C LEU F 702 59.85 -12.89 -6.68
N ASN F 703 59.43 -11.64 -6.48
CA ASN F 703 59.65 -10.99 -5.19
C ASN F 703 58.93 -11.72 -4.07
N TYR F 704 57.68 -12.13 -4.33
CA TYR F 704 56.92 -12.85 -3.31
C TYR F 704 57.58 -14.18 -2.98
N LYS F 705 58.03 -14.91 -3.99
CA LYS F 705 58.68 -16.20 -3.77
C LYS F 705 59.99 -16.03 -3.00
N ALA F 706 60.79 -15.02 -3.35
CA ALA F 706 62.07 -14.83 -2.67
C ALA F 706 61.89 -14.28 -1.27
N GLY F 707 60.80 -13.55 -1.02
CA GLY F 707 60.59 -13.00 0.31
C GLY F 707 60.38 -14.06 1.36
N ARG F 708 59.61 -15.10 1.03
CA ARG F 708 59.30 -16.19 1.95
C ARG F 708 60.07 -17.46 1.63
N ASP F 709 61.23 -17.32 0.99
CA ASP F 709 62.07 -18.47 0.73
C ASP F 709 62.63 -19.03 2.03
N GLU F 710 62.77 -20.35 2.08
CA GLU F 710 63.27 -21.03 3.27
C GLU F 710 64.75 -20.73 3.43
N GLY F 711 65.08 -19.80 4.32
CA GLY F 711 66.44 -19.40 4.57
C GLY F 711 66.95 -18.27 3.71
N CYS F 712 66.17 -17.85 2.70
CA CYS F 712 66.56 -16.73 1.83
C CYS F 712 67.92 -16.96 1.18
N LYS F 713 68.15 -18.18 0.71
CA LYS F 713 69.40 -18.51 0.06
C LYS F 713 69.53 -17.84 -1.31
N LEU F 714 68.43 -17.34 -1.86
CA LEU F 714 68.41 -16.75 -3.19
C LEU F 714 67.95 -15.30 -3.12
N VAL F 715 68.66 -14.43 -3.82
CA VAL F 715 68.34 -13.01 -3.91
C VAL F 715 68.31 -12.60 -5.38
N THR F 716 67.35 -11.76 -5.74
CA THR F 716 67.19 -11.36 -7.12
C THR F 716 68.43 -10.62 -7.62
N ILE F 717 68.53 -10.49 -8.94
CA ILE F 717 69.73 -9.95 -9.57
C ILE F 717 69.93 -8.49 -9.20
N GLY F 718 68.87 -7.69 -9.26
CA GLY F 718 68.97 -6.27 -9.02
C GLY F 718 68.35 -5.88 -7.69
N SER F 719 68.87 -4.81 -7.10
CA SER F 719 68.34 -4.29 -5.83
C SER F 719 67.12 -3.43 -6.13
N GLY F 720 65.98 -4.11 -6.31
CA GLY F 720 64.73 -3.43 -6.58
C GLY F 720 64.71 -2.66 -7.87
N TYR F 721 65.17 -3.29 -8.96
CA TYR F 721 65.22 -2.66 -10.27
C TYR F 721 64.34 -3.44 -11.24
N ILE F 722 63.60 -2.71 -12.07
CA ILE F 722 62.68 -3.29 -13.03
C ILE F 722 63.02 -2.76 -14.42
N PHE F 723 62.63 -3.53 -15.44
CA PHE F 723 62.91 -3.22 -16.83
C PHE F 723 61.68 -2.80 -17.61
N ALA F 724 60.55 -3.48 -17.41
CA ALA F 724 59.34 -3.31 -18.21
C ALA F 724 58.16 -2.98 -17.31
N THR F 725 58.34 -1.98 -16.45
CA THR F 725 57.35 -1.60 -15.44
C THR F 725 55.95 -1.49 -16.00
N THR F 726 55.06 -2.37 -15.55
CA THR F 726 53.67 -2.36 -15.97
C THR F 726 52.85 -3.08 -14.90
N GLY F 727 51.84 -2.40 -14.37
CA GLY F 727 51.06 -2.97 -13.29
C GLY F 727 50.06 -4.00 -13.75
N TYR F 728 49.40 -4.61 -12.76
CA TYR F 728 48.36 -5.59 -13.02
C TYR F 728 47.07 -4.86 -13.37
N GLY F 729 45.97 -5.60 -13.48
CA GLY F 729 44.69 -5.00 -13.78
C GLY F 729 43.64 -6.06 -13.97
N ILE F 730 42.41 -5.60 -14.21
CA ILE F 730 41.26 -6.47 -14.41
C ILE F 730 40.71 -6.22 -15.81
N ALA F 731 40.57 -7.29 -16.59
CA ALA F 731 40.03 -7.19 -17.93
C ALA F 731 38.52 -6.92 -17.89
N LEU F 732 38.04 -6.14 -18.85
CA LEU F 732 36.63 -5.77 -18.91
C LEU F 732 36.15 -5.82 -20.35
N GLN F 733 34.89 -6.23 -20.52
CA GLN F 733 34.29 -6.28 -21.84
C GLN F 733 34.30 -4.90 -22.49
N LYS F 734 34.58 -4.87 -23.79
CA LYS F 734 34.68 -3.60 -24.52
C LYS F 734 33.37 -2.82 -24.42
N GLY F 735 33.44 -1.63 -23.82
CA GLY F 735 32.27 -0.79 -23.65
C GLY F 735 31.36 -1.17 -22.51
N SER F 736 31.80 -2.02 -21.60
CA SER F 736 30.94 -2.43 -20.49
C SER F 736 30.68 -1.24 -19.56
N PRO F 737 29.44 -1.07 -19.11
CA PRO F 737 29.09 0.06 -18.22
C PRO F 737 29.54 -0.14 -16.78
N TRP F 738 30.80 -0.57 -16.61
CA TRP F 738 31.37 -0.76 -15.30
C TRP F 738 32.69 -0.02 -15.11
N LYS F 739 33.26 0.56 -16.17
CA LYS F 739 34.62 1.08 -16.10
C LYS F 739 34.74 2.20 -15.07
N ARG F 740 33.89 3.22 -15.19
CA ARG F 740 34.04 4.40 -14.35
C ARG F 740 33.86 4.06 -12.87
N GLN F 741 32.83 3.26 -12.56
CA GLN F 741 32.53 2.97 -11.16
C GLN F 741 33.68 2.23 -10.48
N ILE F 742 34.13 1.14 -11.08
CA ILE F 742 35.19 0.34 -10.47
C ILE F 742 36.49 1.13 -10.46
N ASP F 743 36.75 1.91 -11.52
CA ASP F 743 37.98 2.70 -11.58
C ASP F 743 38.03 3.70 -10.43
N LEU F 744 36.96 4.48 -10.26
CA LEU F 744 36.94 5.46 -9.19
C LEU F 744 36.99 4.77 -7.82
N ALA F 745 36.32 3.62 -7.70
CA ALA F 745 36.32 2.91 -6.43
C ALA F 745 37.73 2.50 -6.02
N LEU F 746 38.48 1.89 -6.95
CA LEU F 746 39.82 1.45 -6.55
C LEU F 746 40.81 2.60 -6.49
N LEU F 747 40.57 3.71 -7.20
CA LEU F 747 41.36 4.91 -6.94
C LEU F 747 41.14 5.40 -5.51
N GLN F 748 39.90 5.42 -5.05
CA GLN F 748 39.65 5.79 -3.66
C GLN F 748 40.31 4.81 -2.71
N PHE F 749 40.28 3.52 -3.06
CA PHE F 749 40.91 2.50 -2.22
C PHE F 749 42.41 2.76 -2.08
N VAL F 750 43.09 3.04 -3.19
CA VAL F 750 44.53 3.30 -3.11
C VAL F 750 44.77 4.63 -2.41
N GLY F 751 43.84 5.57 -2.50
CA GLY F 751 44.00 6.83 -1.80
C GLY F 751 43.93 6.69 -0.29
N ASP F 752 43.02 5.84 0.19
CA ASP F 752 42.80 5.71 1.63
C ASP F 752 43.71 4.67 2.28
N GLY F 753 44.57 4.00 1.53
CA GLY F 753 45.57 3.13 2.11
C GLY F 753 45.12 1.72 2.43
N GLU F 754 43.97 1.27 1.91
CA GLU F 754 43.55 -0.11 2.13
C GLU F 754 44.44 -1.09 1.37
N MET F 755 44.86 -0.72 0.16
CA MET F 755 45.75 -1.59 -0.61
C MET F 755 47.06 -1.78 0.12
N GLU F 756 47.61 -0.70 0.70
CA GLU F 756 48.86 -0.82 1.44
C GLU F 756 48.71 -1.73 2.65
N GLU F 757 47.59 -1.61 3.38
CA GLU F 757 47.36 -2.48 4.51
C GLU F 757 47.26 -3.93 4.09
N LEU F 758 46.54 -4.19 2.99
CA LEU F 758 46.41 -5.57 2.52
C LEU F 758 47.75 -6.11 2.06
N GLU F 759 48.56 -5.28 1.41
CA GLU F 759 49.89 -5.71 1.00
C GLU F 759 50.77 -6.03 2.20
N THR F 760 50.71 -5.20 3.24
CA THR F 760 51.48 -5.48 4.44
C THR F 760 51.04 -6.77 5.10
N LEU F 761 49.72 -7.01 5.14
CA LEU F 761 49.22 -8.23 5.76
C LEU F 761 49.54 -9.47 4.92
N TRP F 762 49.59 -9.33 3.59
CA TRP F 762 49.74 -10.46 2.69
C TRP F 762 51.09 -10.46 1.98
N LEU F 763 51.42 -9.38 1.27
CA LEU F 763 52.65 -9.32 0.48
C LEU F 763 53.82 -8.94 1.40
N THR F 764 54.13 -9.85 2.31
CA THR F 764 55.26 -9.71 3.21
C THR F 764 56.07 -10.99 3.19
N GLY F 765 57.39 -10.85 3.13
CA GLY F 765 58.27 -12.01 3.05
C GLY F 765 58.54 -12.61 4.41
N ILE F 766 59.47 -13.58 4.41
CA ILE F 766 59.92 -14.18 5.65
C ILE F 766 61.04 -13.35 6.28
N CYS F 767 62.15 -13.21 5.55
CA CYS F 767 63.27 -12.39 6.01
C CYS F 767 63.32 -11.05 5.28
N HIS F 768 63.38 -11.07 3.95
CA HIS F 768 63.47 -9.90 3.10
C HIS F 768 64.34 -8.80 3.71
N ASN F 769 63.71 -7.73 4.18
CA ASN F 769 64.43 -6.60 4.75
C ASN F 769 65.02 -6.91 6.12
N GLU F 770 64.57 -7.97 6.79
CA GLU F 770 65.06 -8.31 8.13
C GLU F 770 66.43 -8.95 7.99
N LYS F 771 67.44 -8.09 7.79
CA LYS F 771 68.81 -8.54 7.66
C LYS F 771 69.74 -7.73 8.56
N ASP G 1 -37.65 19.57 -26.91
CA ASP G 1 -37.44 20.91 -27.45
C ASP G 1 -35.97 21.31 -27.34
N PRO G 2 -35.52 22.17 -28.26
CA PRO G 2 -34.11 22.56 -28.26
C PRO G 2 -33.76 23.42 -27.07
N LYS G 3 -32.50 23.34 -26.65
CA LYS G 3 -31.91 24.26 -25.70
C LYS G 3 -30.82 25.05 -26.40
N ILE G 4 -30.83 26.36 -26.22
CA ILE G 4 -29.95 27.25 -26.97
C ILE G 4 -28.61 27.36 -26.27
N VAL G 5 -27.53 27.29 -27.04
CA VAL G 5 -26.17 27.54 -26.57
C VAL G 5 -25.50 28.45 -27.59
N ASN G 6 -24.56 29.28 -27.15
CA ASN G 6 -24.13 30.45 -27.91
C ASN G 6 -22.63 30.50 -28.09
N ILE G 7 -22.01 29.41 -28.56
CA ILE G 7 -20.60 29.49 -28.90
C ILE G 7 -20.41 30.49 -30.04
N GLY G 8 -19.21 31.05 -30.12
CA GLY G 8 -18.91 31.99 -31.19
C GLY G 8 -18.24 33.26 -30.70
N ALA G 9 -17.22 33.72 -31.41
CA ALA G 9 -16.41 34.80 -30.87
C ALA G 9 -15.63 35.51 -31.97
N VAL G 10 -14.61 36.27 -31.56
CA VAL G 10 -13.95 37.23 -32.43
C VAL G 10 -13.33 36.58 -33.65
N LEU G 11 -13.52 37.21 -34.80
CA LEU G 11 -12.87 36.81 -36.05
C LEU G 11 -12.15 38.03 -36.63
N SER G 12 -11.58 37.84 -37.82
CA SER G 12 -10.80 38.92 -38.44
C SER G 12 -11.69 39.91 -39.19
N THR G 13 -12.37 39.44 -40.24
CA THR G 13 -13.10 40.31 -41.15
C THR G 13 -14.51 39.80 -41.34
N ARG G 14 -15.34 40.66 -41.95
CA ARG G 14 -16.76 40.34 -42.09
C ARG G 14 -16.98 39.10 -42.95
N LYS G 15 -16.20 38.95 -44.02
CA LYS G 15 -16.29 37.72 -44.81
C LYS G 15 -16.01 36.50 -43.96
N HIS G 16 -15.01 36.60 -43.08
CA HIS G 16 -14.73 35.50 -42.17
C HIS G 16 -15.90 35.26 -41.22
N GLU G 17 -16.56 36.33 -40.77
CA GLU G 17 -17.72 36.15 -39.89
C GLU G 17 -18.84 35.39 -40.59
N GLN G 18 -19.13 35.76 -41.84
CA GLN G 18 -20.15 35.04 -42.59
C GLN G 18 -19.75 33.59 -42.80
N MET G 19 -18.47 33.35 -43.08
CA MET G 19 -18.00 31.97 -43.25
C MET G 19 -18.19 31.18 -41.95
N PHE G 20 -17.92 31.81 -40.81
CA PHE G 20 -18.15 31.16 -39.53
C PHE G 20 -19.61 30.81 -39.34
N ARG G 21 -20.51 31.73 -39.67
CA ARG G 21 -21.93 31.45 -39.51
C ARG G 21 -22.37 30.28 -40.39
N GLU G 22 -21.94 30.27 -41.66
CA GLU G 22 -22.29 29.16 -42.53
C GLU G 22 -21.70 27.85 -42.03
N ALA G 23 -20.51 27.92 -41.44
CA ALA G 23 -19.91 26.70 -40.90
C ALA G 23 -20.72 26.15 -39.73
N VAL G 24 -21.19 27.02 -38.84
CA VAL G 24 -21.98 26.50 -37.72
C VAL G 24 -23.32 25.97 -38.22
N ASN G 25 -23.90 26.60 -39.24
CA ASN G 25 -25.13 26.06 -39.80
C ASN G 25 -24.89 24.69 -40.42
N GLN G 26 -23.74 24.50 -41.06
CA GLN G 26 -23.38 23.17 -41.55
C GLN G 26 -23.25 22.19 -40.40
N ALA G 27 -22.67 22.63 -39.29
CA ALA G 27 -22.50 21.74 -38.14
C ALA G 27 -23.81 21.44 -37.44
N ASN G 28 -24.86 22.24 -37.67
CA ASN G 28 -26.15 21.92 -37.07
C ASN G 28 -26.88 20.82 -37.85
N LYS G 29 -26.80 20.85 -39.18
CA LYS G 29 -27.54 19.89 -39.98
C LYS G 29 -27.16 18.46 -39.64
N ARG G 30 -25.88 18.21 -39.42
CA ARG G 30 -25.48 16.89 -39.01
C ARG G 30 -25.90 16.65 -37.55
N HIS G 31 -26.06 15.37 -37.22
CA HIS G 31 -26.60 14.90 -35.95
C HIS G 31 -27.72 15.78 -35.40
N ALA G 32 -27.64 16.11 -34.11
CA ALA G 32 -28.79 16.61 -33.38
C ALA G 32 -29.27 17.95 -33.92
N SER G 33 -30.58 18.13 -33.92
CA SER G 33 -31.21 19.44 -34.07
C SER G 33 -32.40 19.61 -33.15
N TRP G 34 -32.94 18.56 -32.56
CA TRP G 34 -34.14 18.59 -31.74
C TRP G 34 -33.85 18.72 -30.25
N LYS G 35 -32.58 18.68 -29.86
CA LYS G 35 -32.17 18.89 -28.48
C LYS G 35 -31.35 20.14 -28.29
N ILE G 36 -30.47 20.45 -29.23
CA ILE G 36 -29.51 21.54 -29.12
C ILE G 36 -29.45 22.26 -30.45
N GLN G 37 -29.28 23.57 -30.40
CA GLN G 37 -29.25 24.40 -31.61
C GLN G 37 -27.92 25.07 -31.88
N LEU G 38 -27.32 25.69 -30.86
CA LEU G 38 -26.02 26.36 -30.94
C LEU G 38 -25.94 27.35 -32.10
N ASN G 39 -26.77 28.39 -32.02
CA ASN G 39 -26.57 29.53 -32.88
C ASN G 39 -25.33 30.29 -32.44
N ALA G 40 -24.74 31.04 -33.37
CA ALA G 40 -23.45 31.67 -33.14
C ALA G 40 -23.51 33.17 -33.37
N THR G 41 -22.63 33.89 -32.68
CA THR G 41 -22.48 35.33 -32.77
C THR G 41 -21.13 35.67 -33.40
N SER G 42 -20.79 36.96 -33.42
CA SER G 42 -19.51 37.39 -33.97
C SER G 42 -19.23 38.82 -33.52
N VAL G 43 -17.97 39.21 -33.65
CA VAL G 43 -17.54 40.59 -33.42
C VAL G 43 -16.12 40.73 -33.99
N THR G 44 -15.81 41.88 -34.56
CA THR G 44 -14.53 42.08 -35.22
C THR G 44 -13.51 42.73 -34.29
N HIS G 45 -12.27 42.79 -34.76
CA HIS G 45 -11.15 43.27 -33.98
C HIS G 45 -11.13 44.80 -33.91
N LYS G 46 -10.37 45.31 -32.95
CA LYS G 46 -10.20 46.74 -32.71
C LYS G 46 -8.76 47.00 -32.35
N PRO G 47 -8.22 48.16 -32.70
CA PRO G 47 -6.82 48.45 -32.34
C PRO G 47 -6.58 48.61 -30.84
N ASN G 48 -7.38 49.43 -30.17
CA ASN G 48 -7.16 49.70 -28.75
C ASN G 48 -7.43 48.45 -27.92
N ALA G 49 -6.52 48.15 -26.99
CA ALA G 49 -6.63 46.91 -26.24
C ALA G 49 -7.77 46.95 -25.23
N ILE G 50 -7.88 48.05 -24.48
CA ILE G 50 -8.89 48.11 -23.43
C ILE G 50 -10.28 48.11 -24.02
N GLN G 51 -10.45 48.74 -25.18
CA GLN G 51 -11.73 48.67 -25.88
C GLN G 51 -12.08 47.23 -26.24
N MET G 52 -11.09 46.46 -26.70
CA MET G 52 -11.33 45.06 -27.00
C MET G 52 -11.71 44.27 -25.76
N ALA G 53 -11.06 44.56 -24.63
CA ALA G 53 -11.43 43.86 -23.39
C ALA G 53 -12.86 44.18 -23.00
N LEU G 54 -13.25 45.44 -23.10
CA LEU G 54 -14.62 45.81 -22.79
C LEU G 54 -15.62 45.15 -23.74
N SER G 55 -15.28 45.11 -25.03
CA SER G 55 -16.16 44.48 -26.00
C SER G 55 -16.31 42.99 -25.73
N VAL G 56 -15.22 42.30 -25.40
CA VAL G 56 -15.33 40.88 -25.16
C VAL G 56 -16.08 40.61 -23.87
N CYS G 57 -16.00 41.52 -22.90
CA CYS G 57 -16.78 41.33 -21.69
C CYS G 57 -18.27 41.55 -21.98
N GLU G 58 -18.58 42.52 -22.85
CA GLU G 58 -19.96 42.65 -23.33
C GLU G 58 -20.43 41.36 -24.00
N ASP G 59 -19.60 40.80 -24.86
CA ASP G 59 -19.93 39.56 -25.56
C ASP G 59 -20.21 38.43 -24.57
N LEU G 60 -19.37 38.30 -23.55
CA LEU G 60 -19.63 37.31 -22.52
C LEU G 60 -20.96 37.58 -21.83
N ILE G 61 -21.24 38.84 -21.51
CA ILE G 61 -22.41 39.17 -20.72
C ILE G 61 -23.69 38.88 -21.50
N SER G 62 -23.76 39.36 -22.73
CA SER G 62 -25.03 39.37 -23.44
C SER G 62 -25.45 38.03 -24.00
N SER G 63 -24.58 37.01 -23.95
CA SER G 63 -24.90 35.75 -24.59
C SER G 63 -24.66 34.52 -23.73
N GLN G 64 -23.84 34.60 -22.68
CA GLN G 64 -23.50 33.43 -21.86
C GLN G 64 -22.88 32.33 -22.71
N VAL G 65 -21.72 32.65 -23.29
CA VAL G 65 -21.10 31.75 -24.25
C VAL G 65 -20.56 30.51 -23.56
N TYR G 66 -20.21 29.52 -24.38
CA TYR G 66 -19.60 28.29 -23.89
C TYR G 66 -18.19 28.06 -24.43
N ALA G 67 -17.73 28.89 -25.36
CA ALA G 67 -16.38 28.80 -25.92
C ALA G 67 -16.13 30.09 -26.68
N ILE G 68 -14.91 30.24 -27.18
CA ILE G 68 -14.47 31.51 -27.76
C ILE G 68 -13.44 31.20 -28.84
N LEU G 69 -13.66 31.71 -30.06
CA LEU G 69 -12.70 31.60 -31.14
C LEU G 69 -12.00 32.93 -31.31
N VAL G 70 -10.68 32.90 -31.49
CA VAL G 70 -9.87 34.09 -31.34
C VAL G 70 -8.89 34.35 -32.49
N SER G 71 -9.24 33.94 -33.70
CA SER G 71 -8.33 34.03 -34.85
C SER G 71 -7.69 35.40 -34.97
N HIS G 72 -6.50 35.43 -35.55
CA HIS G 72 -5.64 36.60 -35.51
C HIS G 72 -6.06 37.65 -36.56
N PRO G 73 -5.77 38.92 -36.30
CA PRO G 73 -6.20 40.00 -37.20
C PRO G 73 -5.35 40.04 -38.46
N PRO G 74 -5.63 40.96 -39.39
CA PRO G 74 -4.79 41.03 -40.61
C PRO G 74 -3.52 41.83 -40.47
N THR G 75 -3.41 42.73 -39.48
CA THR G 75 -2.17 43.46 -39.27
C THR G 75 -1.18 42.56 -38.53
N PRO G 76 -0.06 42.19 -39.14
CA PRO G 76 0.81 41.18 -38.53
C PRO G 76 1.85 41.76 -37.59
N ASN G 77 2.71 40.87 -37.08
CA ASN G 77 3.90 41.25 -36.32
C ASN G 77 3.53 41.97 -35.01
N ASP G 78 2.58 41.39 -34.28
CA ASP G 78 2.24 41.94 -32.98
C ASP G 78 2.19 40.85 -31.91
N HIS G 79 1.80 39.63 -32.30
CA HIS G 79 1.59 38.49 -31.41
C HIS G 79 0.55 38.77 -30.33
N PHE G 80 -0.16 39.90 -30.42
CA PHE G 80 -1.12 40.31 -29.41
C PHE G 80 -2.48 39.65 -29.55
N THR G 81 -2.73 38.95 -30.65
CA THR G 81 -4.09 38.60 -31.03
C THR G 81 -4.92 37.97 -29.91
N PRO G 82 -4.45 36.96 -29.20
CA PRO G 82 -5.34 36.33 -28.22
C PRO G 82 -5.16 36.81 -26.78
N THR G 83 -4.10 37.56 -26.47
CA THR G 83 -3.82 37.78 -25.05
C THR G 83 -4.96 38.49 -24.31
N PRO G 84 -5.46 39.65 -24.74
CA PRO G 84 -6.46 40.32 -23.88
C PRO G 84 -7.69 39.48 -23.70
N VAL G 85 -8.28 39.02 -24.81
CA VAL G 85 -9.41 38.09 -24.75
C VAL G 85 -9.13 37.00 -23.72
N SER G 86 -7.97 36.34 -23.84
CA SER G 86 -7.69 35.20 -22.98
C SER G 86 -7.82 35.58 -21.52
N TYR G 87 -7.20 36.71 -21.14
CA TYR G 87 -7.24 37.12 -19.74
C TYR G 87 -8.67 37.21 -19.24
N THR G 88 -9.54 37.85 -20.01
CA THR G 88 -10.93 37.97 -19.58
C THR G 88 -11.54 36.58 -19.42
N ALA G 89 -11.43 35.75 -20.45
CA ALA G 89 -11.97 34.41 -20.32
C ALA G 89 -11.17 33.57 -19.36
N GLY G 90 -9.96 34.01 -19.00
CA GLY G 90 -9.22 33.35 -17.95
C GLY G 90 -9.79 33.60 -16.57
N PHE G 91 -10.53 34.70 -16.39
CA PHE G 91 -11.13 34.97 -15.10
C PHE G 91 -12.07 33.84 -14.70
N TYR G 92 -12.86 33.37 -15.64
CA TYR G 92 -13.69 32.19 -15.47
C TYR G 92 -12.97 31.03 -16.13
N ARG G 93 -13.64 29.89 -16.25
CA ARG G 93 -13.04 28.71 -16.83
C ARG G 93 -13.71 28.32 -18.16
N ILE G 94 -14.06 29.32 -18.96
CA ILE G 94 -14.62 29.08 -20.29
C ILE G 94 -13.46 28.96 -21.27
N PRO G 95 -13.25 27.80 -21.89
CA PRO G 95 -12.10 27.64 -22.77
C PRO G 95 -12.20 28.51 -24.01
N VAL G 96 -11.05 28.91 -24.52
CA VAL G 96 -10.96 29.63 -25.78
C VAL G 96 -10.09 28.82 -26.72
N LEU G 97 -10.30 29.00 -28.02
CA LEU G 97 -9.52 28.31 -29.04
C LEU G 97 -8.74 29.35 -29.84
N GLY G 98 -7.51 29.01 -30.17
CA GLY G 98 -6.71 29.83 -31.05
C GLY G 98 -6.74 29.26 -32.45
N LEU G 99 -6.51 30.11 -33.45
CA LEU G 99 -6.58 29.66 -34.83
C LEU G 99 -5.25 29.79 -35.55
N THR G 100 -4.63 30.96 -35.57
CA THR G 100 -3.26 31.10 -36.08
C THR G 100 -2.50 31.99 -35.11
N THR G 101 -1.95 31.38 -34.06
CA THR G 101 -1.22 32.11 -33.02
C THR G 101 0.02 31.35 -32.60
N ARG G 102 0.85 30.95 -33.57
CA ARG G 102 2.01 30.13 -33.24
C ARG G 102 3.02 30.90 -32.43
N MET G 103 2.93 30.79 -31.10
CA MET G 103 3.92 31.39 -30.22
C MET G 103 3.97 30.56 -28.95
N SER G 104 5.08 30.67 -28.23
CA SER G 104 5.40 29.72 -27.18
C SER G 104 4.99 30.17 -25.79
N ILE G 105 4.68 31.45 -25.59
CA ILE G 105 4.24 31.90 -24.26
C ILE G 105 2.90 31.29 -23.90
N TYR G 106 1.99 31.20 -24.86
CA TYR G 106 0.67 30.65 -24.60
C TYR G 106 0.71 29.18 -24.20
N SER G 107 1.77 28.46 -24.57
CA SER G 107 1.84 27.06 -24.23
C SER G 107 1.86 26.84 -22.73
N ASP G 108 2.25 27.85 -21.95
CA ASP G 108 2.24 27.72 -20.50
C ASP G 108 0.82 27.57 -19.99
N LYS G 109 0.67 26.88 -18.86
CA LYS G 109 -0.63 26.68 -18.26
C LYS G 109 -0.75 27.27 -16.86
N SER G 110 0.29 27.91 -16.35
CA SER G 110 0.18 28.66 -15.10
C SER G 110 -0.18 30.11 -15.33
N ILE G 111 -0.24 30.55 -16.58
CA ILE G 111 -0.48 31.96 -16.87
C ILE G 111 -1.61 32.17 -17.88
N HIS G 112 -2.01 31.17 -18.65
CA HIS G 112 -3.08 31.25 -19.64
C HIS G 112 -3.99 30.05 -19.50
N LEU G 113 -4.46 29.82 -18.27
CA LEU G 113 -4.97 28.54 -17.83
C LEU G 113 -6.23 28.04 -18.57
N SER G 114 -6.67 28.74 -19.59
CA SER G 114 -7.87 28.33 -20.33
C SER G 114 -7.66 28.48 -21.83
N PHE G 115 -6.52 28.03 -22.35
CA PHE G 115 -6.18 28.25 -23.75
C PHE G 115 -5.91 26.93 -24.46
N LEU G 116 -6.52 26.77 -25.62
CA LEU G 116 -6.27 25.68 -26.55
C LEU G 116 -5.89 26.28 -27.90
N ARG G 117 -5.37 25.44 -28.81
CA ARG G 117 -4.99 25.93 -30.12
C ARG G 117 -4.84 24.77 -31.09
N THR G 118 -5.35 24.93 -32.29
CA THR G 118 -5.16 23.91 -33.32
C THR G 118 -4.00 24.25 -34.24
N VAL G 119 -2.85 24.63 -33.68
CA VAL G 119 -1.61 24.78 -34.44
C VAL G 119 -0.47 24.38 -33.50
N PRO G 120 0.62 23.80 -33.97
CA PRO G 120 1.73 23.49 -33.08
C PRO G 120 2.69 24.65 -32.97
N PRO G 121 3.24 24.90 -31.78
CA PRO G 121 4.21 25.99 -31.62
C PRO G 121 5.62 25.58 -32.01
N TYR G 122 6.61 26.45 -31.75
CA TYR G 122 7.94 26.30 -32.33
C TYR G 122 8.75 25.19 -31.68
N SER G 123 8.44 24.82 -30.45
CA SER G 123 9.18 23.73 -29.81
C SER G 123 9.09 22.46 -30.62
N HIS G 124 7.97 22.22 -31.29
CA HIS G 124 7.89 21.07 -32.16
C HIS G 124 8.81 21.23 -33.37
N GLN G 125 9.07 22.46 -33.77
CA GLN G 125 10.09 22.69 -34.78
C GLN G 125 11.44 22.23 -34.28
N SER G 126 11.74 22.48 -33.01
CA SER G 126 12.96 21.91 -32.43
C SER G 126 12.94 20.39 -32.49
N SER G 127 11.79 19.79 -32.22
CA SER G 127 11.69 18.33 -32.26
C SER G 127 12.02 17.79 -33.63
N VAL G 128 11.50 18.42 -34.68
CA VAL G 128 11.81 17.94 -36.03
C VAL G 128 13.28 18.18 -36.36
N TRP G 129 13.86 19.28 -35.87
CA TRP G 129 15.30 19.48 -36.00
C TRP G 129 16.03 18.25 -35.52
N PHE G 130 15.69 17.80 -34.31
CA PHE G 130 16.38 16.67 -33.70
C PHE G 130 16.17 15.40 -34.51
N GLU G 131 14.94 15.16 -34.97
CA GLU G 131 14.68 13.92 -35.70
C GLU G 131 15.50 13.87 -36.98
N MET G 132 15.54 14.97 -37.73
CA MET G 132 16.30 14.97 -38.98
C MET G 132 17.79 14.83 -38.72
N MET G 133 18.33 15.56 -37.74
CA MET G 133 19.77 15.45 -37.49
C MET G 133 20.11 14.04 -37.02
N ARG G 134 19.25 13.44 -36.20
CA ARG G 134 19.51 12.08 -35.72
C ARG G 134 19.55 11.10 -36.87
N VAL G 135 18.52 11.06 -37.71
CA VAL G 135 18.70 10.31 -38.95
C VAL G 135 19.14 11.26 -40.04
N TYR G 136 20.35 11.78 -39.90
CA TYR G 136 21.10 12.26 -41.05
C TYR G 136 22.60 12.09 -40.85
N SER G 137 23.04 11.46 -39.76
CA SER G 137 24.46 11.32 -39.40
C SER G 137 25.15 12.68 -39.28
N TRP G 138 24.68 13.48 -38.31
CA TRP G 138 25.17 14.84 -38.16
C TRP G 138 25.31 15.26 -36.70
N ASN G 139 25.65 14.34 -35.81
CA ASN G 139 25.47 14.58 -34.36
C ASN G 139 26.59 15.45 -33.79
N HIS G 140 26.55 16.75 -34.15
CA HIS G 140 27.34 17.74 -33.42
C HIS G 140 26.50 18.87 -32.83
N ILE G 141 25.75 19.60 -33.66
CA ILE G 141 24.84 20.67 -33.24
C ILE G 141 25.56 21.82 -32.55
N ILE G 142 25.44 23.02 -33.12
CA ILE G 142 25.90 24.26 -32.49
C ILE G 142 24.79 25.30 -32.66
N LEU G 143 23.96 25.47 -31.64
CA LEU G 143 22.73 26.23 -31.80
C LEU G 143 22.86 27.65 -31.26
N LEU G 144 22.21 28.59 -31.96
CA LEU G 144 22.15 29.99 -31.60
C LEU G 144 20.74 30.36 -31.17
N VAL G 145 20.63 31.33 -30.26
CA VAL G 145 19.36 31.68 -29.65
C VAL G 145 19.36 33.17 -29.33
N SER G 146 18.18 33.78 -29.40
CA SER G 146 17.95 35.13 -28.92
C SER G 146 17.43 35.07 -27.49
N ASP G 147 18.01 35.90 -26.61
CA ASP G 147 17.71 35.87 -25.18
C ASP G 147 16.32 36.48 -24.96
N ASP G 148 15.32 35.63 -25.13
CA ASP G 148 13.92 35.99 -24.95
C ASP G 148 13.20 34.76 -24.43
N HIS G 149 11.87 34.73 -24.53
CA HIS G 149 11.19 33.53 -24.08
C HIS G 149 11.25 32.41 -25.10
N GLU G 150 10.85 32.69 -26.35
CA GLU G 150 10.69 31.62 -27.32
C GLU G 150 12.01 30.90 -27.58
N GLY G 151 13.12 31.64 -27.62
CA GLY G 151 14.41 30.99 -27.75
C GLY G 151 14.69 30.04 -26.60
N ARG G 152 14.35 30.45 -25.37
CA ARG G 152 14.59 29.60 -24.22
C ARG G 152 13.76 28.33 -24.31
N ALA G 153 12.50 28.44 -24.74
CA ALA G 153 11.66 27.25 -24.89
C ALA G 153 12.23 26.32 -25.94
N ALA G 154 12.64 26.86 -27.09
CA ALA G 154 13.18 26.01 -28.14
C ALA G 154 14.43 25.28 -27.68
N GLN G 155 15.34 26.00 -27.03
CA GLN G 155 16.57 25.37 -26.57
C GLN G 155 16.28 24.32 -25.51
N LYS G 156 15.33 24.59 -24.62
CA LYS G 156 14.99 23.61 -23.59
C LYS G 156 14.43 22.34 -24.22
N ARG G 157 13.55 22.49 -25.20
CA ARG G 157 12.99 21.31 -25.85
C ARG G 157 14.06 20.51 -26.58
N LEU G 158 14.94 21.20 -27.32
CA LEU G 158 15.98 20.48 -28.05
C LEU G 158 16.90 19.72 -27.12
N GLU G 159 17.36 20.38 -26.05
CA GLU G 159 18.25 19.71 -25.12
C GLU G 159 17.54 18.54 -24.44
N THR G 160 16.27 18.72 -24.08
CA THR G 160 15.52 17.65 -23.44
C THR G 160 15.40 16.44 -24.35
N LEU G 161 15.15 16.67 -25.64
CA LEU G 161 15.15 15.55 -26.58
C LEU G 161 16.53 14.91 -26.68
N LEU G 162 17.58 15.74 -26.70
CA LEU G 162 18.93 15.22 -26.89
C LEU G 162 19.38 14.38 -25.71
N GLU G 163 18.81 14.62 -24.53
CA GLU G 163 19.24 13.87 -23.34
C GLU G 163 18.88 12.40 -23.46
N GLU G 164 17.71 12.08 -24.03
CA GLU G 164 17.25 10.69 -24.09
C GLU G 164 18.19 9.83 -24.92
N ARG G 165 18.64 10.36 -26.07
CA ARG G 165 19.62 9.67 -26.90
C ARG G 165 21.01 9.69 -26.30
N GLU G 166 21.20 10.40 -25.19
CA GLU G 166 22.49 10.49 -24.49
C GLU G 166 23.56 11.08 -25.42
N SER G 167 23.35 12.34 -25.79
CA SER G 167 24.34 13.11 -26.51
C SER G 167 24.42 14.50 -25.89
N LYS G 168 25.13 15.41 -26.55
CA LYS G 168 25.30 16.76 -26.01
C LYS G 168 25.55 17.72 -27.16
N ALA G 169 25.13 18.97 -26.98
CA ALA G 169 25.38 20.02 -27.94
C ALA G 169 26.81 20.50 -27.79
N GLU G 170 27.14 21.62 -28.44
CA GLU G 170 28.47 22.19 -28.32
C GLU G 170 28.47 23.57 -27.67
N LYS G 171 27.51 24.42 -28.00
CA LYS G 171 27.45 25.76 -27.44
C LYS G 171 26.02 26.26 -27.48
N VAL G 172 25.71 27.19 -26.58
CA VAL G 172 24.37 27.78 -26.50
C VAL G 172 24.51 29.29 -26.66
N LEU G 173 25.47 29.73 -27.47
CA LEU G 173 25.75 31.15 -27.64
C LEU G 173 24.46 31.92 -27.92
N GLN G 174 24.11 32.80 -27.00
CA GLN G 174 22.86 33.54 -27.07
C GLN G 174 23.17 35.03 -27.20
N PHE G 175 22.27 35.76 -27.86
CA PHE G 175 22.48 37.17 -28.11
C PHE G 175 21.26 37.98 -27.73
N ASP G 176 21.49 39.23 -27.36
CA ASP G 176 20.40 40.09 -26.90
C ASP G 176 19.43 40.38 -28.05
N PRO G 177 18.13 40.31 -27.80
CA PRO G 177 17.15 40.53 -28.87
C PRO G 177 17.18 41.97 -29.37
N GLY G 178 16.90 42.13 -30.65
CA GLY G 178 16.83 43.45 -31.24
C GLY G 178 18.11 44.25 -31.22
N THR G 179 19.25 43.59 -31.04
CA THR G 179 20.53 44.28 -30.96
C THR G 179 21.00 44.62 -32.37
N LYS G 180 22.20 45.21 -32.47
CA LYS G 180 22.73 45.65 -33.76
C LYS G 180 24.09 45.09 -34.10
N ASN G 181 24.89 44.65 -33.13
CA ASN G 181 26.18 44.05 -33.40
C ASN G 181 26.20 42.62 -32.85
N VAL G 182 26.58 41.68 -33.70
CA VAL G 182 26.70 40.28 -33.32
C VAL G 182 28.04 39.75 -33.80
N THR G 183 28.94 40.65 -34.18
CA THR G 183 30.21 40.25 -34.76
C THR G 183 31.04 39.42 -33.79
N ALA G 184 31.07 39.82 -32.52
CA ALA G 184 31.89 39.10 -31.55
C ALA G 184 31.41 37.67 -31.38
N LEU G 185 30.09 37.46 -31.35
CA LEU G 185 29.56 36.12 -31.15
C LEU G 185 29.92 35.20 -32.30
N LEU G 186 29.77 35.68 -33.54
CA LEU G 186 30.17 34.86 -34.69
C LEU G 186 31.66 34.59 -34.69
N MET G 187 32.46 35.60 -34.35
CA MET G 187 33.91 35.39 -34.29
C MET G 187 34.26 34.33 -33.26
N GLU G 188 33.61 34.36 -32.10
CA GLU G 188 33.85 33.34 -31.09
C GLU G 188 33.42 31.97 -31.60
N ALA G 189 32.30 31.92 -32.33
CA ALA G 189 31.80 30.64 -32.84
C ALA G 189 32.65 30.09 -33.98
N LYS G 190 33.47 30.92 -34.62
CA LYS G 190 34.21 30.47 -35.80
C LYS G 190 35.17 29.33 -35.46
N GLU G 191 35.89 29.47 -34.34
CA GLU G 191 36.98 28.55 -34.02
C GLU G 191 36.44 27.44 -33.11
N LEU G 192 35.72 26.51 -33.72
CA LEU G 192 35.22 25.35 -33.01
C LEU G 192 35.29 24.15 -33.97
N GLU G 193 34.64 23.07 -33.57
CA GLU G 193 34.66 21.85 -34.38
C GLU G 193 33.24 21.47 -34.80
N ALA G 194 32.47 22.44 -35.28
CA ALA G 194 31.08 22.21 -35.65
C ALA G 194 30.80 22.84 -37.01
N ARG G 195 29.81 22.29 -37.71
CA ARG G 195 29.46 22.75 -39.05
C ARG G 195 27.96 22.79 -39.31
N VAL G 196 27.13 22.74 -38.26
CA VAL G 196 25.69 22.56 -38.43
C VAL G 196 24.89 23.69 -37.78
N ILE G 197 25.39 24.92 -37.88
CA ILE G 197 24.77 26.08 -37.23
C ILE G 197 23.25 26.04 -37.31
N ILE G 198 22.59 26.17 -36.17
CA ILE G 198 21.14 26.12 -36.06
C ILE G 198 20.69 27.37 -35.32
N LEU G 199 19.87 28.20 -35.95
CA LEU G 199 19.47 29.46 -35.35
C LEU G 199 17.96 29.61 -35.41
N SER G 200 17.38 30.12 -34.32
CA SER G 200 15.95 30.41 -34.23
C SER G 200 15.79 31.84 -33.70
N ALA G 201 15.85 32.80 -34.61
CA ALA G 201 15.72 34.21 -34.30
C ALA G 201 14.33 34.70 -34.68
N SER G 202 14.14 36.02 -34.68
CA SER G 202 12.86 36.63 -35.05
C SER G 202 13.09 37.68 -36.14
N GLU G 203 12.93 37.28 -37.40
CA GLU G 203 12.89 38.19 -38.54
C GLU G 203 14.13 39.06 -38.66
N ASP G 204 14.04 40.32 -38.22
CA ASP G 204 15.09 41.29 -38.48
C ASP G 204 16.41 40.89 -37.80
N ASP G 205 16.33 40.32 -36.61
CA ASP G 205 17.55 39.81 -35.98
C ASP G 205 18.19 38.74 -36.85
N ALA G 206 17.39 37.84 -37.40
CA ALA G 206 17.93 36.82 -38.29
C ALA G 206 18.53 37.46 -39.54
N ALA G 207 17.91 38.52 -40.05
CA ALA G 207 18.45 39.21 -41.23
C ALA G 207 19.81 39.81 -40.93
N THR G 208 19.95 40.48 -39.79
CA THR G 208 21.24 41.07 -39.47
C THR G 208 22.30 40.01 -39.19
N VAL G 209 21.89 38.87 -38.63
CA VAL G 209 22.84 37.78 -38.45
C VAL G 209 23.26 37.20 -39.80
N TYR G 210 22.32 37.11 -40.73
CA TYR G 210 22.65 36.69 -42.08
C TYR G 210 23.69 37.63 -42.70
N ARG G 211 23.47 38.94 -42.54
CA ARG G 211 24.40 39.91 -43.11
C ARG G 211 25.78 39.78 -42.47
N ALA G 212 25.83 39.67 -41.15
CA ALA G 212 27.12 39.56 -40.46
C ALA G 212 27.85 38.30 -40.89
N ALA G 213 27.14 37.18 -40.97
CA ALA G 213 27.79 35.94 -41.40
C ALA G 213 28.23 36.02 -42.85
N ALA G 214 27.49 36.75 -43.69
CA ALA G 214 27.92 36.96 -45.06
C ALA G 214 29.22 37.75 -45.11
N MET G 215 29.33 38.80 -44.30
CA MET G 215 30.56 39.59 -44.28
C MET G 215 31.72 38.78 -43.71
N LEU G 216 31.48 38.01 -42.66
CA LEU G 216 32.55 37.29 -41.96
C LEU G 216 33.03 36.05 -42.70
N ASN G 217 32.53 35.80 -43.92
CA ASN G 217 32.94 34.64 -44.71
C ASN G 217 32.68 33.34 -43.94
N MET G 218 31.41 33.10 -43.66
CA MET G 218 30.97 31.86 -43.03
C MET G 218 30.11 31.00 -43.95
N THR G 219 29.50 31.60 -44.97
CA THR G 219 28.69 30.85 -45.91
C THR G 219 29.57 29.98 -46.81
N GLY G 220 29.05 28.80 -47.14
CA GLY G 220 29.70 27.93 -48.11
C GLY G 220 30.85 27.14 -47.52
N SER G 221 31.35 26.20 -48.33
CA SER G 221 32.47 25.34 -47.97
C SER G 221 32.26 24.69 -46.61
N GLY G 222 31.24 23.85 -46.54
CA GLY G 222 30.85 23.27 -45.28
C GLY G 222 30.14 24.28 -44.40
N TYR G 223 29.98 23.91 -43.14
CA TYR G 223 29.24 24.71 -42.17
C TYR G 223 27.80 24.93 -42.66
N VAL G 224 27.06 23.82 -42.75
CA VAL G 224 25.70 23.84 -43.29
C VAL G 224 24.75 24.50 -42.31
N TRP G 225 23.77 25.23 -42.83
CA TRP G 225 22.82 25.98 -42.02
C TRP G 225 21.53 25.20 -41.79
N LEU G 226 20.73 25.73 -40.87
CA LEU G 226 19.35 25.31 -40.62
C LEU G 226 18.63 26.52 -40.03
N VAL G 227 17.33 26.63 -40.29
CA VAL G 227 16.60 27.83 -39.88
C VAL G 227 15.13 27.49 -39.65
N GLY G 228 14.51 28.22 -38.73
CA GLY G 228 13.12 28.02 -38.38
C GLY G 228 12.16 28.61 -39.40
N GLU G 229 10.86 28.44 -39.12
CA GLU G 229 9.84 28.78 -40.11
C GLU G 229 9.83 30.27 -40.43
N ARG G 230 9.99 31.12 -39.44
CA ARG G 230 9.90 32.55 -39.65
C ARG G 230 11.24 33.16 -40.06
N GLU G 231 12.30 32.38 -40.08
CA GLU G 231 13.63 32.90 -40.40
C GLU G 231 13.89 33.00 -41.90
N ILE G 232 12.94 32.61 -42.74
CA ILE G 232 13.15 32.65 -44.18
C ILE G 232 12.02 33.41 -44.88
N SER G 233 11.14 34.02 -44.12
CA SER G 233 10.02 34.77 -44.69
C SER G 233 10.12 36.23 -44.25
N GLY G 234 9.72 37.13 -45.15
CA GLY G 234 9.87 38.54 -44.90
C GLY G 234 11.17 39.07 -45.44
N ASN G 235 11.73 40.09 -44.79
CA ASN G 235 13.01 40.64 -45.22
C ASN G 235 14.14 39.63 -45.10
N ALA G 236 14.00 38.62 -44.24
CA ALA G 236 15.06 37.64 -44.06
C ALA G 236 15.35 36.88 -45.34
N LEU G 237 14.33 36.67 -46.19
CA LEU G 237 14.54 35.94 -47.42
C LEU G 237 15.46 36.70 -48.38
N ARG G 238 15.51 38.04 -48.26
CA ARG G 238 16.37 38.83 -49.13
C ARG G 238 17.83 38.50 -48.89
N TYR G 239 18.23 38.39 -47.64
CA TYR G 239 19.63 38.18 -47.26
C TYR G 239 19.77 36.73 -46.82
N ALA G 240 20.26 35.88 -47.70
CA ALA G 240 20.29 34.46 -47.37
C ALA G 240 21.32 33.74 -48.20
N PRO G 241 22.13 32.86 -47.60
CA PRO G 241 23.02 32.02 -48.39
C PRO G 241 22.29 30.79 -48.90
N ASP G 242 22.73 30.31 -50.06
CA ASP G 242 22.12 29.12 -50.63
C ASP G 242 22.39 27.91 -49.75
N GLY G 243 21.38 27.04 -49.63
CA GLY G 243 21.52 25.81 -48.89
C GLY G 243 20.73 25.75 -47.59
N ILE G 244 20.07 26.83 -47.19
CA ILE G 244 19.28 26.78 -45.98
C ILE G 244 18.20 25.71 -46.12
N LEU G 245 17.80 25.14 -44.99
CA LEU G 245 16.64 24.25 -44.94
C LEU G 245 15.60 24.96 -44.07
N GLY G 246 14.82 25.83 -44.71
CA GLY G 246 13.84 26.63 -44.00
C GLY G 246 12.55 25.89 -43.74
N LEU G 247 12.56 24.98 -42.77
CA LEU G 247 11.41 24.15 -42.47
C LEU G 247 10.18 25.00 -42.20
N GLN G 248 9.03 24.56 -42.70
CA GLN G 248 7.80 25.34 -42.58
C GLN G 248 6.58 24.43 -42.60
N LEU G 249 5.47 24.97 -42.11
CA LEU G 249 4.24 24.21 -41.90
C LEU G 249 3.36 24.24 -43.14
N ILE G 250 2.77 23.08 -43.45
CA ILE G 250 1.90 22.93 -44.61
C ILE G 250 0.47 23.23 -44.19
N ASN G 251 -0.19 24.10 -44.95
CA ASN G 251 -1.60 24.44 -44.72
C ASN G 251 -1.78 25.08 -43.34
N GLY G 252 -1.02 26.13 -43.08
CA GLY G 252 -1.09 26.81 -41.80
C GLY G 252 -1.49 28.26 -41.94
N LYS G 253 -1.19 28.86 -43.09
CA LYS G 253 -1.64 30.22 -43.34
C LYS G 253 -3.14 30.26 -43.61
N ASN G 254 -3.70 29.15 -44.09
CA ASN G 254 -5.14 29.06 -44.31
C ASN G 254 -5.88 29.11 -42.99
N GLU G 255 -7.13 29.59 -43.06
CA GLU G 255 -7.98 29.63 -41.87
C GLU G 255 -9.35 29.01 -42.11
N SER G 256 -9.75 28.79 -43.35
CA SER G 256 -11.05 28.17 -43.62
C SER G 256 -11.10 26.76 -43.03
N ALA G 257 -10.10 25.94 -43.36
CA ALA G 257 -10.05 24.61 -42.81
C ALA G 257 -10.01 24.63 -41.30
N HIS G 258 -9.34 25.62 -40.72
CA HIS G 258 -9.25 25.69 -39.27
C HIS G 258 -10.58 26.05 -38.63
N ILE G 259 -11.32 27.00 -39.22
CA ILE G 259 -12.65 27.30 -38.69
C ILE G 259 -13.53 26.06 -38.77
N SER G 260 -13.46 25.34 -39.88
CA SER G 260 -14.26 24.12 -40.01
C SER G 260 -13.91 23.12 -38.92
N ASP G 261 -12.61 22.84 -38.75
CA ASP G 261 -12.22 21.85 -37.76
C ASP G 261 -12.60 22.27 -36.35
N ALA G 262 -12.47 23.57 -36.05
CA ALA G 262 -12.78 24.04 -34.71
C ALA G 262 -14.26 23.90 -34.39
N VAL G 263 -15.13 24.33 -35.32
CA VAL G 263 -16.56 24.22 -35.03
C VAL G 263 -16.95 22.76 -34.93
N GLY G 264 -16.36 21.90 -35.76
CA GLY G 264 -16.66 20.49 -35.67
C GLY G 264 -16.30 19.89 -34.32
N VAL G 265 -15.09 20.16 -33.84
CA VAL G 265 -14.65 19.57 -32.58
C VAL G 265 -15.43 20.14 -31.41
N VAL G 266 -15.73 21.44 -31.44
CA VAL G 266 -16.48 22.04 -30.34
C VAL G 266 -17.90 21.46 -30.28
N ALA G 267 -18.56 21.33 -31.44
CA ALA G 267 -19.89 20.75 -31.44
C ALA G 267 -19.87 19.31 -30.93
N GLN G 268 -18.88 18.54 -31.37
CA GLN G 268 -18.78 17.16 -30.89
C GLN G 268 -18.64 17.12 -29.38
N ALA G 269 -17.77 17.98 -28.83
CA ALA G 269 -17.56 17.96 -27.38
C ALA G 269 -18.83 18.37 -26.63
N VAL G 270 -19.55 19.37 -27.14
CA VAL G 270 -20.76 19.82 -26.43
C VAL G 270 -21.81 18.71 -26.43
N HIS G 271 -22.03 18.07 -27.58
CA HIS G 271 -22.98 16.97 -27.61
C HIS G 271 -22.53 15.83 -26.72
N GLU G 272 -21.22 15.66 -26.52
CA GLU G 272 -20.77 14.64 -25.60
C GLU G 272 -21.00 15.06 -24.15
N LEU G 273 -20.95 16.36 -23.86
CA LEU G 273 -20.99 16.79 -22.47
C LEU G 273 -22.41 16.91 -21.92
N LEU G 274 -23.38 17.35 -22.72
CA LEU G 274 -24.71 17.52 -22.14
C LEU G 274 -25.39 16.22 -21.70
N GLU G 275 -24.69 15.09 -21.78
CA GLU G 275 -25.10 13.88 -21.07
C GLU G 275 -24.27 13.80 -19.80
N LYS G 276 -24.73 14.48 -18.76
CA LYS G 276 -24.01 14.54 -17.48
C LYS G 276 -25.00 14.88 -16.38
N GLU G 277 -24.46 15.28 -15.23
CA GLU G 277 -25.25 15.63 -14.06
C GLU G 277 -25.76 17.06 -14.27
N ASN G 278 -26.27 17.72 -13.24
CA ASN G 278 -26.73 19.10 -13.37
C ASN G 278 -25.60 20.03 -13.77
N ILE G 279 -25.70 20.59 -14.97
CA ILE G 279 -24.75 21.59 -15.49
C ILE G 279 -25.38 22.97 -15.37
N THR G 280 -24.61 23.93 -14.88
CA THR G 280 -25.07 25.29 -14.71
C THR G 280 -24.77 26.11 -15.95
N ASP G 281 -25.68 27.02 -16.28
CA ASP G 281 -25.44 27.94 -17.37
C ASP G 281 -24.27 28.87 -17.01
N PRO G 282 -23.53 29.35 -18.01
CA PRO G 282 -22.33 30.13 -17.72
C PRO G 282 -22.68 31.51 -17.20
N PRO G 283 -21.75 32.16 -16.51
CA PRO G 283 -22.06 33.47 -15.92
C PRO G 283 -22.25 34.52 -17.00
N ARG G 284 -23.05 35.53 -16.66
CA ARG G 284 -23.29 36.64 -17.56
C ARG G 284 -23.05 37.96 -16.84
N GLY G 285 -23.42 39.07 -17.46
CA GLY G 285 -23.41 40.36 -16.78
C GLY G 285 -22.12 41.14 -16.85
N CYS G 286 -21.01 40.55 -16.41
CA CYS G 286 -19.70 41.19 -16.27
C CYS G 286 -19.64 42.25 -15.18
N VAL G 287 -20.77 42.61 -14.56
CA VAL G 287 -20.76 43.61 -13.51
C VAL G 287 -21.47 43.15 -12.25
N GLY G 288 -22.32 42.13 -12.31
CA GLY G 288 -23.02 41.68 -11.13
C GLY G 288 -22.54 40.33 -10.63
N ASN G 289 -21.59 39.73 -11.34
CA ASN G 289 -21.09 38.41 -11.00
C ASN G 289 -19.56 38.45 -10.89
N THR G 290 -19.03 37.66 -9.95
CA THR G 290 -17.60 37.62 -9.72
C THR G 290 -17.09 36.20 -9.43
N ASN G 291 -17.87 35.18 -9.76
CA ASN G 291 -17.50 33.81 -9.43
C ASN G 291 -17.32 32.98 -10.70
N ILE G 292 -16.45 31.99 -10.61
CA ILE G 292 -16.21 31.04 -11.70
C ILE G 292 -17.26 29.94 -11.62
N TRP G 293 -17.69 29.43 -12.77
CA TRP G 293 -18.68 28.37 -12.71
C TRP G 293 -17.99 27.02 -12.52
N LYS G 294 -18.75 26.07 -11.97
CA LYS G 294 -18.16 24.81 -11.56
C LYS G 294 -17.75 23.95 -12.75
N THR G 295 -18.53 23.96 -13.83
CA THR G 295 -18.34 23.04 -14.94
C THR G 295 -17.32 23.54 -15.96
N GLY G 296 -16.44 24.45 -15.58
CA GLY G 296 -15.42 24.92 -16.48
C GLY G 296 -14.34 23.89 -16.75
N PRO G 297 -13.60 23.51 -15.70
CA PRO G 297 -12.55 22.51 -15.88
C PRO G 297 -13.06 21.19 -16.41
N LEU G 298 -14.27 20.78 -16.05
CA LEU G 298 -14.84 19.57 -16.63
C LEU G 298 -15.01 19.71 -18.13
N PHE G 299 -15.49 20.88 -18.58
CA PHE G 299 -15.64 21.12 -20.01
C PHE G 299 -14.28 21.07 -20.70
N LYS G 300 -13.27 21.70 -20.11
CA LYS G 300 -11.95 21.66 -20.72
C LYS G 300 -11.40 20.24 -20.79
N ARG G 301 -11.61 19.46 -19.73
CA ARG G 301 -11.14 18.09 -19.72
C ARG G 301 -11.83 17.26 -20.80
N VAL G 302 -13.15 17.44 -20.97
CA VAL G 302 -13.86 16.75 -22.02
C VAL G 302 -13.31 17.15 -23.38
N LEU G 303 -13.08 18.45 -23.58
CA LEU G 303 -12.59 18.95 -24.86
C LEU G 303 -11.21 18.38 -25.17
N MET G 304 -10.36 18.26 -24.16
CA MET G 304 -8.99 17.79 -24.38
C MET G 304 -8.97 16.44 -25.09
N SER G 305 -9.72 15.48 -24.56
CA SER G 305 -9.80 14.16 -25.17
C SER G 305 -10.94 14.17 -26.17
N SER G 306 -10.60 14.39 -27.44
CA SER G 306 -11.61 14.45 -28.50
C SER G 306 -10.91 14.20 -29.82
N LYS G 307 -11.45 13.28 -30.61
CA LYS G 307 -10.83 12.85 -31.87
C LYS G 307 -11.80 13.11 -33.02
N TYR G 308 -11.74 14.32 -33.56
CA TYR G 308 -12.51 14.68 -34.75
C TYR G 308 -11.82 14.07 -35.96
N ALA G 309 -12.39 12.99 -36.49
CA ALA G 309 -11.68 12.21 -37.50
C ALA G 309 -11.78 12.85 -38.88
N ASP G 310 -13.00 12.96 -39.42
CA ASP G 310 -13.19 13.37 -40.80
C ASP G 310 -13.14 14.89 -40.87
N GLY G 311 -11.93 15.43 -40.95
CA GLY G 311 -11.73 16.86 -41.07
C GLY G 311 -10.88 17.19 -42.29
N VAL G 312 -10.71 18.50 -42.50
CA VAL G 312 -9.90 18.99 -43.61
C VAL G 312 -8.41 18.95 -43.30
N THR G 313 -8.04 18.76 -42.03
CA THR G 313 -6.63 18.75 -41.65
C THR G 313 -6.24 17.47 -40.92
N GLY G 314 -6.97 16.38 -41.12
CA GLY G 314 -6.59 15.10 -40.58
C GLY G 314 -7.18 14.82 -39.21
N ARG G 315 -6.64 13.79 -38.56
CA ARG G 315 -7.09 13.39 -37.24
C ARG G 315 -6.60 14.40 -36.22
N VAL G 316 -7.38 15.47 -36.05
CA VAL G 316 -7.03 16.50 -35.09
C VAL G 316 -7.17 15.91 -33.69
N GLU G 317 -6.11 15.99 -32.91
CA GLU G 317 -6.09 15.49 -31.54
C GLU G 317 -5.21 16.40 -30.70
N PHE G 318 -5.45 16.41 -29.40
CA PHE G 318 -4.89 17.43 -28.53
C PHE G 318 -3.92 16.81 -27.54
N ASN G 319 -2.66 17.26 -27.58
CA ASN G 319 -1.67 16.89 -26.59
C ASN G 319 -2.06 17.46 -25.24
N GLU G 320 -1.66 16.76 -24.17
CA GLU G 320 -2.17 17.06 -22.84
C GLU G 320 -1.83 18.47 -22.38
N ASP G 321 -0.83 19.11 -22.97
CA ASP G 321 -0.49 20.47 -22.58
C ASP G 321 -1.37 21.52 -23.26
N GLY G 322 -2.25 21.12 -24.15
CA GLY G 322 -3.12 22.04 -24.84
C GLY G 322 -2.71 22.43 -26.23
N ASP G 323 -1.64 21.85 -26.76
CA ASP G 323 -1.22 22.13 -28.12
C ASP G 323 -1.88 21.15 -29.08
N ARG G 324 -1.43 21.13 -30.33
CA ARG G 324 -1.95 20.22 -31.33
C ARG G 324 -0.84 19.25 -31.74
N LYS G 325 -1.17 17.97 -31.78
CA LYS G 325 -0.21 16.92 -32.08
C LYS G 325 -0.30 16.53 -33.56
N PHE G 326 0.80 15.95 -34.06
CA PHE G 326 0.84 15.32 -35.37
C PHE G 326 0.53 16.33 -36.50
N ALA G 327 1.44 17.28 -36.66
CA ALA G 327 1.34 18.20 -37.78
C ALA G 327 2.11 17.66 -38.97
N ASN G 328 2.21 18.47 -40.03
CA ASN G 328 2.92 18.07 -41.25
C ASN G 328 3.74 19.25 -41.74
N TYR G 329 5.06 19.16 -41.64
CA TYR G 329 5.95 20.21 -42.09
C TYR G 329 6.54 19.86 -43.45
N SER G 330 6.81 20.88 -44.24
CA SER G 330 7.44 20.73 -45.55
C SER G 330 8.83 21.35 -45.49
N ILE G 331 9.86 20.55 -45.75
CA ILE G 331 11.26 20.98 -45.58
C ILE G 331 11.67 21.66 -46.89
N MET G 332 11.33 22.94 -47.01
CA MET G 332 11.64 23.69 -48.21
C MET G 332 13.11 24.06 -48.20
N ASN G 333 13.85 23.64 -49.22
CA ASN G 333 15.24 24.00 -49.40
C ASN G 333 15.37 25.07 -50.49
N LEU G 334 16.40 25.91 -50.36
CA LEU G 334 16.60 27.01 -51.28
C LEU G 334 17.72 26.68 -52.25
N GLN G 335 17.49 26.97 -53.53
CA GLN G 335 18.55 26.91 -54.54
C GLN G 335 18.20 27.89 -55.65
N ARG G 336 19.13 28.80 -55.94
CA ARG G 336 18.94 29.95 -56.82
C ARG G 336 17.54 30.55 -56.66
N ARG G 337 17.24 30.93 -55.42
CA ARG G 337 15.97 31.53 -55.03
C ARG G 337 14.80 30.61 -55.32
N LYS G 338 13.58 31.05 -55.00
CA LYS G 338 12.36 30.27 -55.26
C LYS G 338 12.45 28.90 -54.59
N LEU G 339 12.40 28.94 -53.25
CA LEU G 339 12.48 27.75 -52.41
C LEU G 339 11.75 26.57 -53.03
N VAL G 340 12.46 25.46 -53.16
CA VAL G 340 11.95 24.27 -53.82
C VAL G 340 11.73 23.19 -52.78
N GLN G 341 10.57 22.54 -52.83
CA GLN G 341 10.25 21.51 -51.86
C GLN G 341 11.21 20.34 -52.03
N VAL G 342 11.57 19.71 -50.90
CA VAL G 342 12.54 18.61 -50.91
C VAL G 342 12.06 17.39 -50.16
N GLY G 343 11.13 17.49 -49.22
CA GLY G 343 10.70 16.31 -48.52
C GLY G 343 9.43 16.58 -47.75
N ILE G 344 9.07 15.62 -46.90
CA ILE G 344 7.87 15.70 -46.08
C ILE G 344 8.14 15.01 -44.75
N TYR G 345 7.82 15.69 -43.66
CA TYR G 345 7.93 15.13 -42.32
C TYR G 345 6.54 14.99 -41.73
N ASN G 346 6.29 13.86 -41.06
CA ASN G 346 4.96 13.63 -40.52
C ASN G 346 4.98 13.02 -39.12
N GLY G 347 6.07 13.17 -38.38
CA GLY G 347 6.15 12.66 -37.03
C GLY G 347 6.91 11.34 -36.99
N THR G 348 8.20 11.40 -36.64
CA THR G 348 9.08 10.23 -36.72
C THR G 348 8.98 9.55 -38.08
N HIS G 349 8.68 10.35 -39.10
CA HIS G 349 8.25 9.82 -40.39
C HIS G 349 8.91 10.58 -41.53
N VAL G 350 10.10 11.12 -41.31
CA VAL G 350 10.71 12.02 -42.28
C VAL G 350 11.02 11.27 -43.56
N ILE G 351 10.57 11.80 -44.69
CA ILE G 351 10.71 11.17 -46.00
C ILE G 351 11.04 12.24 -47.03
N PRO G 352 12.15 12.14 -47.74
CA PRO G 352 12.51 13.16 -48.73
C PRO G 352 11.76 12.95 -50.04
N ASN G 353 11.99 13.89 -50.96
CA ASN G 353 11.46 13.82 -52.31
C ASN G 353 12.53 13.33 -53.27
N ASP G 354 12.19 13.28 -54.54
CA ASP G 354 13.11 12.85 -55.59
C ASP G 354 13.96 13.99 -56.13
N ARG G 355 13.82 15.19 -55.56
CA ARG G 355 14.58 16.35 -56.03
C ARG G 355 16.03 16.22 -55.57
N LYS G 356 16.83 17.25 -55.86
CA LYS G 356 18.25 17.24 -55.54
C LYS G 356 18.55 18.29 -54.48
N ILE G 357 19.35 17.91 -53.49
CA ILE G 357 19.72 18.79 -52.38
C ILE G 357 21.10 19.37 -52.66
N ILE G 358 21.20 20.68 -52.59
CA ILE G 358 22.50 21.37 -52.68
C ILE G 358 22.74 22.08 -51.36
N TRP G 359 23.98 22.02 -50.91
CA TRP G 359 24.41 22.60 -49.65
C TRP G 359 25.07 23.95 -49.90
N PRO G 360 25.39 24.70 -48.84
CA PRO G 360 26.14 25.95 -49.05
C PRO G 360 27.43 25.67 -49.80
N GLY G 361 27.78 26.58 -50.70
CA GLY G 361 28.76 26.21 -51.70
C GLY G 361 28.08 25.75 -52.96
N GLY G 362 27.86 24.44 -53.07
CA GLY G 362 27.30 23.86 -54.28
C GLY G 362 27.81 22.44 -54.50
N GLU G 363 28.75 22.02 -53.67
CA GLU G 363 29.18 20.62 -53.69
C GLU G 363 28.01 19.71 -53.37
N THR G 364 27.84 18.67 -54.18
CA THR G 364 26.73 17.74 -53.98
C THR G 364 26.92 16.91 -52.73
N GLU G 365 28.15 16.56 -52.38
CA GLU G 365 28.40 15.73 -51.22
C GLU G 365 28.01 16.47 -49.94
N LYS G 366 27.38 15.74 -49.02
CA LYS G 366 26.97 16.34 -47.76
C LYS G 366 28.18 16.57 -46.87
N PRO G 367 28.37 17.77 -46.35
CA PRO G 367 29.53 18.01 -45.48
C PRO G 367 29.36 17.37 -44.11
N ARG G 368 30.32 17.62 -43.22
CA ARG G 368 30.30 17.04 -41.89
C ARG G 368 30.77 18.09 -40.89
N GLY G 369 30.44 17.87 -39.62
CA GLY G 369 30.89 18.75 -38.57
C GLY G 369 32.19 18.30 -37.94
N TYR G 370 33.14 17.86 -38.77
CA TYR G 370 34.38 17.28 -38.25
C TYR G 370 35.56 17.84 -39.03
N GLN G 371 36.47 18.52 -38.33
CA GLN G 371 37.76 18.90 -38.89
C GLN G 371 38.94 18.61 -37.98
N MET G 372 38.76 18.60 -36.66
CA MET G 372 39.75 18.22 -35.67
C MET G 372 40.85 19.26 -35.55
N SER G 373 40.91 20.18 -36.51
CA SER G 373 41.64 21.44 -36.44
C SER G 373 43.16 21.30 -36.32
N THR G 374 43.64 20.09 -36.02
CA THR G 374 45.07 19.75 -35.96
C THR G 374 45.95 20.88 -35.43
N ARG G 375 45.51 21.57 -34.40
CA ARG G 375 46.20 22.77 -33.93
C ARG G 375 46.22 22.83 -32.40
N LEU G 376 46.56 21.70 -31.77
CA LEU G 376 46.53 21.63 -30.32
C LEU G 376 47.49 22.65 -29.70
N LYS G 377 47.08 23.21 -28.56
CA LYS G 377 47.88 24.18 -27.82
C LYS G 377 47.92 23.76 -26.36
N ILE G 378 49.06 23.24 -25.92
CA ILE G 378 49.19 22.54 -24.65
C ILE G 378 49.65 23.51 -23.57
N VAL G 379 49.22 23.25 -22.34
CA VAL G 379 49.70 23.98 -21.18
C VAL G 379 50.51 23.03 -20.31
N THR G 380 51.31 23.59 -19.42
CA THR G 380 52.21 22.80 -18.58
C THR G 380 52.55 23.63 -17.34
N ILE G 381 53.54 23.16 -16.58
CA ILE G 381 53.96 23.82 -15.35
C ILE G 381 55.47 23.72 -15.22
N HIS G 382 56.09 24.79 -14.74
CA HIS G 382 57.52 24.79 -14.49
C HIS G 382 57.88 23.74 -13.44
N GLN G 383 58.91 22.94 -13.73
CA GLN G 383 59.39 21.93 -12.80
C GLN G 383 60.89 21.77 -12.97
N GLU G 384 61.62 21.80 -11.86
CA GLU G 384 63.08 21.78 -11.92
C GLU G 384 63.63 20.55 -12.62
N PRO G 385 63.23 19.31 -12.29
CA PRO G 385 63.82 18.16 -12.99
C PRO G 385 63.05 17.76 -14.23
N PHE G 386 61.85 18.32 -14.42
CA PHE G 386 60.95 17.88 -15.48
C PHE G 386 60.86 18.88 -16.62
N VAL G 387 60.52 20.13 -16.32
CA VAL G 387 60.32 21.16 -17.36
C VAL G 387 61.11 22.39 -16.90
N TYR G 388 62.33 22.52 -17.38
CA TYR G 388 63.14 23.70 -17.08
C TYR G 388 62.57 24.92 -17.79
N VAL G 389 62.71 26.08 -17.15
CA VAL G 389 62.33 27.35 -17.75
C VAL G 389 63.48 28.34 -17.58
N LYS G 390 63.65 29.21 -18.57
CA LYS G 390 64.70 30.21 -18.54
C LYS G 390 64.37 31.27 -19.56
N PRO G 391 64.69 32.54 -19.30
CA PRO G 391 64.45 33.58 -20.31
C PRO G 391 65.31 33.37 -21.54
N THR G 392 64.78 33.77 -22.69
CA THR G 392 65.50 33.59 -23.94
C THR G 392 66.72 34.49 -23.98
N LEU G 393 67.63 34.17 -24.91
CA LEU G 393 68.86 34.92 -25.03
C LEU G 393 68.59 36.33 -25.57
N SER G 394 69.64 37.14 -25.61
CA SER G 394 69.50 38.51 -26.11
C SER G 394 69.06 38.52 -27.57
N ASP G 395 69.49 37.54 -28.35
CA ASP G 395 69.04 37.41 -29.74
C ASP G 395 67.59 36.99 -29.84
N GLY G 396 67.00 36.48 -28.76
CA GLY G 396 65.63 36.00 -28.77
C GLY G 396 65.47 34.56 -29.22
N THR G 397 66.50 33.98 -29.83
CA THR G 397 66.49 32.58 -30.26
C THR G 397 67.47 31.81 -29.39
N CYS G 398 67.00 30.69 -28.84
CA CYS G 398 67.83 29.90 -27.94
C CYS G 398 68.99 29.26 -28.69
N LYS G 399 70.13 29.19 -28.02
CA LYS G 399 71.33 28.60 -28.59
C LYS G 399 72.04 27.80 -27.48
N GLU G 400 73.29 27.42 -27.74
CA GLU G 400 74.10 26.66 -26.80
C GLU G 400 73.42 25.34 -26.40
N GLU G 401 73.24 24.49 -27.40
CA GLU G 401 72.62 23.18 -27.21
C GLU G 401 73.68 22.11 -27.40
N PHE G 402 73.93 21.34 -26.33
CA PHE G 402 74.91 20.26 -26.37
C PHE G 402 74.70 19.37 -25.15
N THR G 403 74.72 18.06 -25.37
CA THR G 403 74.61 17.08 -24.32
C THR G 403 75.99 16.55 -23.94
N VAL G 404 76.04 15.86 -22.79
CA VAL G 404 77.29 15.26 -22.34
C VAL G 404 77.74 14.17 -23.32
N ASN G 405 76.81 13.30 -23.71
CA ASN G 405 77.12 12.24 -24.66
C ASN G 405 77.27 12.76 -26.09
N GLY G 406 76.69 13.92 -26.39
CA GLY G 406 76.77 14.48 -27.72
C GLY G 406 75.50 14.25 -28.51
N ASP G 407 74.63 15.24 -28.55
CA ASP G 407 73.33 15.14 -29.20
C ASP G 407 72.64 16.51 -29.19
N PRO G 408 71.74 16.77 -30.12
CA PRO G 408 71.01 18.04 -30.08
C PRO G 408 70.13 18.13 -28.84
N VAL G 409 70.04 19.33 -28.29
CA VAL G 409 69.18 19.63 -27.17
C VAL G 409 67.97 20.36 -27.72
N LYS G 410 66.87 19.64 -27.89
CA LYS G 410 65.66 20.25 -28.42
C LYS G 410 65.01 21.13 -27.36
N LYS G 411 64.77 22.39 -27.72
CA LYS G 411 64.13 23.34 -26.83
C LYS G 411 63.06 24.09 -27.61
N VAL G 412 61.95 24.38 -26.96
CA VAL G 412 60.80 24.99 -27.60
C VAL G 412 60.62 26.41 -27.09
N ILE G 413 59.93 27.22 -27.88
CA ILE G 413 59.72 28.63 -27.56
C ILE G 413 58.36 28.73 -26.88
N CYS G 414 58.34 28.52 -25.58
CA CYS G 414 57.11 28.62 -24.81
C CYS G 414 56.87 30.04 -24.35
N THR G 415 55.60 30.35 -24.10
CA THR G 415 55.14 31.71 -23.83
C THR G 415 54.41 31.73 -22.49
N GLY G 416 55.12 32.08 -21.44
CA GLY G 416 54.54 32.19 -20.12
C GLY G 416 54.75 33.56 -19.51
N PRO G 417 53.87 33.94 -18.59
CA PRO G 417 54.02 35.24 -17.92
C PRO G 417 55.24 35.24 -17.02
N ASN G 418 56.12 36.24 -17.22
CA ASN G 418 57.35 36.33 -16.45
C ASN G 418 57.15 36.93 -15.07
N ASP G 419 55.96 37.46 -14.78
CA ASP G 419 55.67 38.05 -13.48
C ASP G 419 55.08 36.98 -12.59
N THR G 420 55.96 36.24 -11.90
CA THR G 420 55.51 35.16 -11.02
C THR G 420 54.79 35.70 -9.80
N SER G 421 55.15 36.90 -9.33
CA SER G 421 54.51 37.47 -8.16
C SER G 421 53.06 37.81 -8.45
N PRO G 422 52.16 37.67 -7.48
CA PRO G 422 50.75 37.99 -7.72
C PRO G 422 50.49 39.49 -7.75
N GLY G 423 50.19 40.01 -8.94
CA GLY G 423 49.91 41.43 -9.11
C GLY G 423 51.10 42.18 -9.65
N SER G 424 51.10 42.42 -10.97
CA SER G 424 52.23 43.01 -11.65
C SER G 424 51.87 43.28 -13.12
N PRO G 425 52.66 44.07 -13.85
CA PRO G 425 52.44 44.18 -15.29
C PRO G 425 52.82 42.89 -15.99
N ARG G 426 51.92 41.92 -15.98
CA ARG G 426 52.19 40.58 -16.48
C ARG G 426 52.81 40.63 -17.88
N HIS G 427 54.05 40.15 -17.97
CA HIS G 427 54.82 40.16 -19.21
C HIS G 427 54.88 38.74 -19.74
N THR G 428 54.15 38.48 -20.81
CA THR G 428 54.18 37.16 -21.46
C THR G 428 55.39 37.08 -22.38
N VAL G 429 56.58 37.34 -21.83
CA VAL G 429 57.81 37.34 -22.60
C VAL G 429 58.09 35.92 -23.08
N PRO G 430 58.69 35.76 -24.25
CA PRO G 430 59.00 34.42 -24.76
C PRO G 430 60.22 33.83 -24.06
N GLN G 431 60.00 32.86 -23.17
CA GLN G 431 61.07 32.23 -22.44
C GLN G 431 61.60 31.02 -23.20
N CYS G 432 62.69 30.45 -22.68
CA CYS G 432 63.29 29.23 -23.21
C CYS G 432 63.04 28.11 -22.24
N CYS G 433 62.65 26.95 -22.77
CA CYS G 433 62.24 25.84 -21.91
C CYS G 433 62.55 24.52 -22.59
N TYR G 434 62.66 23.48 -21.77
CA TYR G 434 62.95 22.13 -22.22
C TYR G 434 62.73 21.20 -21.04
N GLY G 435 63.05 19.94 -21.23
CA GLY G 435 63.03 18.98 -20.15
C GLY G 435 62.34 17.70 -20.56
N PHE G 436 62.08 16.86 -19.56
CA PHE G 436 61.56 15.52 -19.79
C PHE G 436 60.20 15.56 -20.49
N CYS G 437 59.26 16.32 -19.92
CA CYS G 437 57.93 16.39 -20.50
C CYS G 437 57.97 16.96 -21.91
N ILE G 438 58.88 17.89 -22.18
CA ILE G 438 59.01 18.43 -23.53
C ILE G 438 59.43 17.33 -24.50
N ASP G 439 60.39 16.49 -24.09
CA ASP G 439 60.80 15.38 -24.95
C ASP G 439 59.63 14.43 -25.19
N LEU G 440 58.87 14.13 -24.14
CA LEU G 440 57.71 13.25 -24.32
C LEU G 440 56.70 13.87 -25.27
N LEU G 441 56.48 15.18 -25.15
CA LEU G 441 55.56 15.87 -26.05
C LEU G 441 56.05 15.80 -27.48
N ILE G 442 57.36 15.97 -27.68
CA ILE G 442 57.92 15.89 -29.03
C ILE G 442 57.70 14.51 -29.61
N LYS G 443 57.96 13.47 -28.82
CA LYS G 443 57.75 12.11 -29.31
C LYS G 443 56.29 11.85 -29.63
N LEU G 444 55.38 12.31 -28.78
CA LEU G 444 53.96 12.12 -29.02
C LEU G 444 53.51 12.85 -30.28
N ALA G 445 54.00 14.07 -30.49
CA ALA G 445 53.68 14.79 -31.71
C ALA G 445 54.23 14.05 -32.93
N ARG G 446 55.39 13.42 -32.78
CA ARG G 446 55.95 12.67 -33.89
C ARG G 446 55.12 11.43 -34.22
N THR G 447 54.65 10.70 -33.20
CA THR G 447 53.91 9.48 -33.47
C THR G 447 52.50 9.77 -33.97
N MET G 448 51.90 10.87 -33.52
CA MET G 448 50.68 11.39 -34.12
C MET G 448 51.07 12.39 -35.19
N ASN G 449 50.12 13.19 -35.67
CA ASN G 449 50.40 14.21 -36.66
C ASN G 449 49.61 15.48 -36.31
N PHE G 450 50.30 16.44 -35.69
CA PHE G 450 49.68 17.72 -35.37
C PHE G 450 50.78 18.73 -35.11
N THR G 451 50.40 19.90 -34.60
CA THR G 451 51.34 20.96 -34.27
C THR G 451 51.06 21.46 -32.87
N TYR G 452 52.12 21.81 -32.15
CA TYR G 452 52.02 22.21 -30.75
C TYR G 452 52.29 23.71 -30.61
N GLU G 453 51.49 24.36 -29.78
CA GLU G 453 51.60 25.78 -29.48
C GLU G 453 51.69 25.99 -27.98
N VAL G 454 52.59 25.22 -27.34
CA VAL G 454 52.62 25.13 -25.90
C VAL G 454 52.92 26.49 -25.28
N HIS G 455 52.16 26.85 -24.25
CA HIS G 455 52.41 28.02 -23.45
C HIS G 455 52.34 27.66 -21.98
N LEU G 456 53.13 28.35 -21.16
CA LEU G 456 53.22 28.02 -19.75
C LEU G 456 51.94 28.45 -19.02
N VAL G 457 51.83 27.99 -17.77
CA VAL G 457 50.69 28.33 -16.94
C VAL G 457 50.69 29.81 -16.61
N ALA G 458 49.51 30.39 -16.50
CA ALA G 458 49.39 31.79 -16.07
C ALA G 458 49.45 31.91 -14.55
N ASP G 459 48.76 31.02 -13.83
CA ASP G 459 48.68 31.14 -12.38
C ASP G 459 49.90 30.54 -11.69
N GLY G 460 50.09 29.22 -11.85
CA GLY G 460 51.21 28.51 -11.26
C GLY G 460 50.80 27.37 -10.34
N LYS G 461 49.67 27.52 -9.65
CA LYS G 461 49.20 26.49 -8.74
C LYS G 461 48.84 25.22 -9.53
N PHE G 462 49.08 24.06 -8.89
CA PHE G 462 48.78 22.79 -9.53
C PHE G 462 47.29 22.57 -9.75
N GLY G 463 46.44 23.25 -8.98
CA GLY G 463 45.01 23.16 -9.22
C GLY G 463 44.28 22.15 -8.35
N THR G 464 43.45 22.66 -7.43
CA THR G 464 42.57 21.81 -6.62
C THR G 464 41.14 22.30 -6.75
N GLN G 465 40.25 21.78 -5.91
CA GLN G 465 38.88 22.25 -5.86
C GLN G 465 38.76 23.30 -4.76
N GLU G 466 38.30 24.49 -5.12
CA GLU G 466 38.16 25.58 -4.17
C GLU G 466 36.90 26.37 -4.49
N ARG G 467 36.13 26.69 -3.46
CA ARG G 467 34.96 27.54 -3.63
C ARG G 467 35.40 28.95 -4.04
N VAL G 468 34.67 29.54 -4.99
CA VAL G 468 35.00 30.88 -5.45
C VAL G 468 34.83 31.86 -4.29
N ASN G 469 35.78 32.79 -4.17
CA ASN G 469 35.76 33.75 -3.07
C ASN G 469 34.53 34.66 -3.17
N ASN G 470 34.07 35.12 -2.01
CA ASN G 470 32.86 35.94 -1.91
C ASN G 470 31.65 35.22 -2.50
N SER G 471 31.62 33.89 -2.36
CA SER G 471 30.53 33.07 -2.87
C SER G 471 30.60 31.72 -2.18
N ASN G 472 29.84 30.75 -2.69
CA ASN G 472 29.86 29.39 -2.15
C ASN G 472 29.98 28.31 -3.22
N LYS G 473 29.84 28.65 -4.50
CA LYS G 473 29.96 27.66 -5.56
C LYS G 473 31.39 27.15 -5.65
N LYS G 474 31.53 25.90 -6.09
CA LYS G 474 32.82 25.24 -6.15
C LYS G 474 33.30 25.15 -7.60
N GLU G 475 34.55 25.56 -7.83
CA GLU G 475 35.13 25.53 -9.16
C GLU G 475 36.54 24.95 -9.07
N TRP G 476 36.99 24.35 -10.16
CA TRP G 476 38.31 23.74 -10.23
C TRP G 476 39.32 24.82 -10.61
N ASN G 477 39.97 25.39 -9.60
CA ASN G 477 40.92 26.47 -9.82
C ASN G 477 42.28 25.90 -10.21
N GLY G 478 43.25 26.80 -10.40
CA GLY G 478 44.60 26.36 -10.74
C GLY G 478 44.66 25.82 -12.15
N MET G 479 45.37 24.69 -12.29
CA MET G 479 45.59 24.10 -13.61
C MET G 479 44.28 23.68 -14.27
N MET G 480 43.36 23.10 -13.48
CA MET G 480 42.16 22.50 -14.05
C MET G 480 41.28 23.50 -14.78
N GLY G 481 41.36 24.77 -14.42
CA GLY G 481 40.51 25.76 -15.07
C GLY G 481 40.73 25.81 -16.57
N GLU G 482 41.99 25.76 -17.01
CA GLU G 482 42.29 25.78 -18.43
C GLU G 482 41.66 24.59 -19.13
N LEU G 483 41.78 23.40 -18.54
CA LEU G 483 41.19 22.22 -19.15
C LEU G 483 39.67 22.31 -19.18
N LEU G 484 39.09 22.99 -18.20
CA LEU G 484 37.66 23.29 -18.23
C LEU G 484 37.37 24.58 -18.98
N SER G 485 38.37 25.14 -19.67
CA SER G 485 38.17 26.32 -20.51
C SER G 485 38.66 26.03 -21.93
N GLY G 486 38.74 27.08 -22.75
CA GLY G 486 39.07 26.87 -24.15
C GLY G 486 40.47 26.32 -24.37
N GLN G 487 41.42 26.72 -23.52
CA GLN G 487 42.81 26.34 -23.72
C GLN G 487 43.00 24.84 -23.69
N ALA G 488 42.77 24.22 -22.53
CA ALA G 488 42.67 22.78 -22.36
C ALA G 488 43.68 21.98 -23.18
N ASP G 489 43.19 21.34 -24.24
CA ASP G 489 44.01 20.59 -25.20
C ASP G 489 44.63 19.40 -24.49
N MET G 490 45.96 19.29 -24.42
CA MET G 490 46.63 18.02 -24.12
C MET G 490 47.75 18.26 -23.10
N ILE G 491 47.40 18.88 -21.98
CA ILE G 491 48.33 19.17 -20.90
C ILE G 491 49.24 18.00 -20.60
N VAL G 492 50.56 18.24 -20.63
CA VAL G 492 51.56 17.23 -20.33
C VAL G 492 52.48 17.79 -19.26
N ALA G 493 52.48 17.16 -18.09
CA ALA G 493 53.15 17.69 -16.92
C ALA G 493 53.20 16.64 -15.82
N PRO G 494 53.99 16.83 -14.76
CA PRO G 494 53.98 15.85 -13.66
C PRO G 494 52.68 15.87 -12.86
N LEU G 495 51.56 15.74 -13.53
CA LEU G 495 50.27 15.65 -12.85
C LEU G 495 50.14 14.30 -12.16
N THR G 496 49.42 14.30 -11.04
CA THR G 496 49.15 13.08 -10.30
C THR G 496 47.75 12.58 -10.61
N ILE G 497 47.49 11.33 -10.27
CA ILE G 497 46.19 10.72 -10.46
C ILE G 497 45.47 10.68 -9.11
N ASN G 498 44.29 11.28 -9.06
CA ASN G 498 43.50 11.30 -7.84
C ASN G 498 42.04 11.06 -8.19
N ASN G 499 41.29 10.59 -7.19
CA ASN G 499 39.88 10.28 -7.39
C ASN G 499 39.11 11.54 -7.80
N GLU G 500 39.32 12.64 -7.08
CA GLU G 500 38.62 13.87 -7.40
C GLU G 500 38.96 14.35 -8.80
N ARG G 501 40.24 14.33 -9.16
CA ARG G 501 40.65 14.74 -10.50
C ARG G 501 40.02 13.84 -11.56
N ALA G 502 40.05 12.53 -11.31
CA ALA G 502 39.49 11.59 -12.29
C ALA G 502 37.99 11.72 -12.42
N GLN G 503 37.30 12.24 -11.41
CA GLN G 503 35.86 12.43 -11.52
C GLN G 503 35.52 13.43 -12.62
N TYR G 504 36.24 14.55 -12.67
CA TYR G 504 35.94 15.59 -13.64
C TYR G 504 36.43 15.21 -15.04
N ILE G 505 37.73 15.00 -15.19
CA ILE G 505 38.32 14.75 -16.50
C ILE G 505 38.80 13.31 -16.59
N GLU G 506 39.29 12.93 -17.76
CA GLU G 506 39.78 11.58 -18.02
C GLU G 506 41.29 11.62 -18.22
N PHE G 507 41.91 10.48 -17.97
CA PHE G 507 43.36 10.35 -17.99
C PHE G 507 43.78 9.29 -19.01
N SER G 508 45.08 9.01 -19.02
CA SER G 508 45.65 7.91 -19.79
C SER G 508 46.49 7.06 -18.84
N LYS G 509 47.09 6.01 -19.38
CA LYS G 509 47.91 5.14 -18.54
C LYS G 509 49.14 5.89 -18.06
N PRO G 510 49.59 5.64 -16.84
CA PRO G 510 50.76 6.37 -16.32
C PRO G 510 52.03 5.99 -17.08
N PHE G 511 53.00 6.90 -17.04
CA PHE G 511 54.29 6.67 -17.68
C PHE G 511 55.43 6.54 -16.69
N LYS G 512 55.22 6.85 -15.42
CA LYS G 512 56.26 6.69 -14.40
C LYS G 512 55.61 6.68 -13.04
N TYR G 513 55.89 5.64 -12.26
CA TYR G 513 55.32 5.50 -10.93
C TYR G 513 56.25 6.12 -9.89
N GLN G 514 55.69 6.93 -9.00
CA GLN G 514 56.48 7.59 -7.97
C GLN G 514 55.64 7.74 -6.71
N GLY G 515 56.23 7.35 -5.57
CA GLY G 515 55.58 7.54 -4.29
C GLY G 515 55.77 8.96 -3.79
N LEU G 516 55.98 9.12 -2.49
CA LEU G 516 56.22 10.45 -1.93
C LEU G 516 57.60 10.61 -1.34
N THR G 517 58.00 9.75 -0.40
CA THR G 517 59.37 9.68 0.11
C THR G 517 59.83 11.04 0.68
N ILE G 518 59.18 11.41 1.78
CA ILE G 518 59.45 12.65 2.50
C ILE G 518 60.94 12.89 2.67
N LEU G 519 61.39 14.11 2.40
CA LEU G 519 62.78 14.51 2.53
C LEU G 519 62.97 15.38 3.76
N VAL G 520 63.98 15.07 4.57
CA VAL G 520 64.43 15.90 5.67
C VAL G 520 65.90 16.19 5.45
N LYS G 521 66.29 17.44 5.66
CA LYS G 521 67.67 17.86 5.42
C LYS G 521 68.64 16.98 6.21
N LYS G 522 69.66 16.48 5.52
CA LYS G 522 70.62 15.59 6.16
C LYS G 522 71.49 16.35 7.14
N GLU G 523 71.78 15.73 8.28
CA GLU G 523 72.61 16.34 9.31
C GLU G 523 74.09 16.17 8.95
N ILE G 524 74.95 16.63 9.86
CA ILE G 524 76.39 16.55 9.66
C ILE G 524 76.93 15.21 10.13
N PRO G 638 73.57 8.90 15.97
CA PRO G 638 73.11 10.25 16.33
C PRO G 638 71.91 10.69 15.50
N GLU G 639 71.56 9.91 14.48
CA GLU G 639 70.44 10.21 13.60
C GLU G 639 69.22 9.43 14.06
N GLU G 640 68.17 10.15 14.44
CA GLU G 640 66.91 9.57 14.89
C GLU G 640 65.76 10.13 14.07
N ARG G 641 65.93 10.17 12.76
CA ARG G 641 64.90 10.69 11.88
C ARG G 641 63.69 9.78 11.88
N ILE G 642 62.52 10.37 11.62
CA ILE G 642 61.26 9.64 11.70
C ILE G 642 61.23 8.55 10.63
N THR G 643 60.87 7.34 11.04
CA THR G 643 60.73 6.19 10.15
C THR G 643 59.24 5.92 9.97
N GLY G 644 58.68 6.41 8.88
CA GLY G 644 57.25 6.30 8.65
C GLY G 644 56.49 7.47 9.23
N ILE G 645 55.39 7.85 8.58
CA ILE G 645 54.61 9.00 9.03
C ILE G 645 53.99 8.73 10.40
N ASN G 646 53.61 7.49 10.66
CA ASN G 646 52.99 7.11 11.92
C ASN G 646 53.95 7.14 13.10
N ASP G 647 55.16 7.63 12.91
CA ASP G 647 56.11 7.75 14.02
C ASP G 647 55.52 8.67 15.08
N PRO G 648 55.52 8.24 16.36
CA PRO G 648 54.85 9.06 17.39
C PRO G 648 55.41 10.45 17.52
N ARG G 649 56.72 10.63 17.29
CA ARG G 649 57.28 11.98 17.28
C ARG G 649 56.68 12.81 16.14
N LEU G 650 56.51 12.19 14.97
CA LEU G 650 55.93 12.88 13.83
C LEU G 650 54.40 12.84 13.84
N ARG G 651 53.81 11.71 14.20
CA ARG G 651 52.35 11.59 14.22
C ARG G 651 51.74 12.56 15.22
N ASN G 652 52.25 12.57 16.44
CA ASN G 652 51.82 13.57 17.41
C ASN G 652 52.41 14.92 17.03
N PRO G 653 51.69 16.02 17.28
CA PRO G 653 52.21 17.34 16.90
C PRO G 653 53.49 17.69 17.68
N SER G 654 54.35 18.44 17.01
CA SER G 654 55.62 18.86 17.60
C SER G 654 55.82 20.35 17.30
N ASP G 655 56.97 20.89 17.73
CA ASP G 655 57.25 22.30 17.51
C ASP G 655 58.69 22.58 17.08
N LYS G 656 59.51 21.55 16.86
CA LYS G 656 60.89 21.79 16.41
C LYS G 656 60.91 22.16 14.94
N PHE G 657 60.44 21.25 14.08
CA PHE G 657 60.29 21.51 12.65
C PHE G 657 58.85 21.23 12.26
N ILE G 658 58.37 21.96 11.26
CA ILE G 658 56.96 21.90 10.85
C ILE G 658 56.89 21.38 9.42
N TYR G 659 55.92 20.49 9.18
CA TYR G 659 55.77 19.85 7.89
C TYR G 659 55.38 20.85 6.82
N ALA G 660 55.92 20.66 5.62
CA ALA G 660 55.68 21.54 4.49
C ALA G 660 55.06 20.76 3.33
N THR G 661 53.99 21.31 2.77
CA THR G 661 53.28 20.68 1.67
C THR G 661 53.51 21.35 0.32
N VAL G 662 53.94 22.62 0.32
CA VAL G 662 54.30 23.35 -0.91
C VAL G 662 53.08 23.53 -1.81
N LYS G 663 52.51 24.74 -1.79
CA LYS G 663 51.44 25.20 -2.66
C LYS G 663 50.09 24.54 -2.37
N GLN G 664 50.02 23.57 -1.46
CA GLN G 664 48.76 22.93 -1.07
C GLN G 664 48.03 22.36 -2.28
N SER G 665 48.67 21.38 -2.93
CA SER G 665 48.08 20.72 -4.08
C SER G 665 48.78 19.39 -4.30
N SER G 666 48.00 18.38 -4.69
CA SER G 666 48.45 17.02 -5.00
C SER G 666 48.85 16.27 -3.74
N VAL G 667 48.91 16.99 -2.61
CA VAL G 667 49.08 16.39 -1.29
C VAL G 667 47.92 16.74 -0.38
N ASP G 668 47.44 17.98 -0.46
CA ASP G 668 46.29 18.42 0.32
C ASP G 668 45.09 17.52 0.09
N ILE G 669 44.94 16.97 -1.11
CA ILE G 669 43.81 16.08 -1.39
C ILE G 669 43.87 14.83 -0.51
N TYR G 670 45.06 14.22 -0.43
CA TYR G 670 45.21 13.05 0.43
C TYR G 670 45.07 13.44 1.90
N PHE G 671 45.62 14.60 2.28
CA PHE G 671 45.56 15.02 3.67
C PHE G 671 44.12 15.24 4.13
N ARG G 672 43.29 15.84 3.27
CA ARG G 672 41.86 15.95 3.57
C ARG G 672 41.16 14.61 3.47
N ARG G 673 41.71 13.68 2.68
CA ARG G 673 41.10 12.36 2.56
C ARG G 673 41.12 11.62 3.90
N GLN G 674 42.23 11.69 4.62
CA GLN G 674 42.42 10.94 5.84
C GLN G 674 42.23 11.84 7.05
N VAL G 675 41.36 11.42 7.97
CA VAL G 675 41.14 12.20 9.19
C VAL G 675 42.30 12.03 10.17
N GLU G 676 43.04 10.91 10.07
CA GLU G 676 44.20 10.74 10.91
C GLU G 676 45.24 11.81 10.63
N LEU G 677 45.45 12.15 9.36
CA LEU G 677 46.28 13.29 9.02
C LEU G 677 45.65 14.59 9.51
N SER G 678 44.32 14.69 9.48
CA SER G 678 43.64 15.87 9.98
C SER G 678 43.84 16.06 11.47
N THR G 679 44.18 15.00 12.20
CA THR G 679 44.59 15.15 13.59
C THR G 679 45.85 16.01 13.70
N MET G 680 46.82 15.79 12.80
CA MET G 680 48.04 16.57 12.74
C MET G 680 48.03 17.56 11.57
N TYR G 681 46.85 17.95 11.11
CA TYR G 681 46.77 18.85 9.97
C TYR G 681 47.34 20.23 10.29
N ARG G 682 47.13 20.72 11.51
CA ARG G 682 47.40 22.11 11.83
C ARG G 682 48.82 22.51 11.46
N HIS G 683 49.80 21.66 11.79
CA HIS G 683 51.19 21.97 11.46
C HIS G 683 51.39 22.13 9.96
N MET G 684 50.91 21.16 9.18
CA MET G 684 51.03 21.26 7.73
C MET G 684 50.09 22.33 7.16
N GLU G 685 48.96 22.57 7.83
CA GLU G 685 47.97 23.51 7.29
C GLU G 685 48.44 24.95 7.39
N LYS G 686 49.00 25.34 8.54
CA LYS G 686 49.33 26.73 8.78
C LYS G 686 50.79 27.06 8.48
N HIS G 687 51.53 26.15 7.85
CA HIS G 687 52.93 26.40 7.53
C HIS G 687 53.33 26.00 6.13
N ASN G 688 52.41 25.47 5.32
CA ASN G 688 52.75 25.12 3.95
C ASN G 688 53.01 26.38 3.13
N TYR G 689 53.99 26.30 2.23
CA TYR G 689 54.34 27.43 1.39
C TYR G 689 53.45 27.45 0.15
N GLU G 690 53.77 28.33 -0.80
CA GLU G 690 53.00 28.45 -2.03
C GLU G 690 53.79 28.05 -3.27
N SER G 691 55.07 27.76 -3.14
CA SER G 691 55.90 27.38 -4.29
C SER G 691 56.88 26.31 -3.86
N ALA G 692 57.30 25.51 -4.85
CA ALA G 692 58.27 24.45 -4.59
C ALA G 692 59.62 25.03 -4.19
N ALA G 693 60.08 26.06 -4.89
CA ALA G 693 61.39 26.64 -4.60
C ALA G 693 61.43 27.27 -3.21
N GLU G 694 60.32 27.86 -2.77
CA GLU G 694 60.30 28.50 -1.45
C GLU G 694 60.53 27.48 -0.35
N ALA G 695 59.86 26.32 -0.43
CA ALA G 695 60.08 25.27 0.57
C ALA G 695 61.49 24.72 0.50
N ILE G 696 62.03 24.57 -0.72
CA ILE G 696 63.39 24.06 -0.88
C ILE G 696 64.38 25.00 -0.20
N GLN G 697 64.22 26.31 -0.42
CA GLN G 697 65.14 27.26 0.18
C GLN G 697 64.93 27.38 1.69
N ALA G 698 63.69 27.19 2.16
CA ALA G 698 63.47 27.16 3.60
C ALA G 698 64.17 25.98 4.25
N VAL G 699 64.12 24.82 3.59
CA VAL G 699 64.84 23.65 4.11
C VAL G 699 66.35 23.88 4.07
N ARG G 700 66.84 24.43 2.95
CA ARG G 700 68.28 24.68 2.82
C ARG G 700 68.78 25.74 3.80
N ASP G 701 67.93 26.68 4.20
CA ASP G 701 68.27 27.69 5.19
C ASP G 701 67.96 27.24 6.60
N ASN G 702 67.58 25.98 6.79
CA ASN G 702 67.27 25.41 8.10
C ASN G 702 66.08 26.09 8.77
N LYS G 703 65.18 26.65 7.97
CA LYS G 703 63.92 27.14 8.52
C LYS G 703 63.08 25.98 9.04
N LEU G 704 63.05 24.88 8.29
CA LEU G 704 62.40 23.64 8.70
C LEU G 704 63.20 22.47 8.16
N HIS G 705 62.95 21.29 8.72
CA HIS G 705 63.44 20.04 8.15
C HIS G 705 62.24 19.10 8.05
N ALA G 706 61.44 19.31 7.01
CA ALA G 706 60.28 18.48 6.69
C ALA G 706 59.77 18.87 5.32
N PHE G 707 59.62 17.92 4.41
CA PHE G 707 59.22 18.26 3.05
C PHE G 707 58.64 17.01 2.40
N ILE G 708 57.41 17.11 1.91
CA ILE G 708 56.67 15.97 1.39
C ILE G 708 56.22 16.33 -0.02
N TRP G 709 56.76 15.64 -1.02
CA TRP G 709 56.37 15.87 -2.41
C TRP G 709 56.49 14.61 -3.25
N ASP G 710 56.50 14.76 -4.57
CA ASP G 710 56.63 13.60 -5.45
C ASP G 710 57.99 12.95 -5.28
N SER G 711 58.02 11.63 -5.49
CA SER G 711 59.26 10.88 -5.25
C SER G 711 60.34 11.24 -6.25
N ALA G 712 59.98 11.39 -7.53
CA ALA G 712 60.98 11.58 -8.57
C ALA G 712 61.70 12.92 -8.40
N VAL G 713 60.94 14.00 -8.18
CA VAL G 713 61.55 15.31 -8.03
C VAL G 713 62.43 15.35 -6.79
N LEU G 714 61.97 14.75 -5.69
CA LEU G 714 62.78 14.70 -4.48
C LEU G 714 64.07 13.94 -4.69
N GLU G 715 63.98 12.78 -5.36
CA GLU G 715 65.19 11.99 -5.59
C GLU G 715 66.19 12.76 -6.45
N PHE G 716 65.71 13.39 -7.52
CA PHE G 716 66.62 14.13 -8.39
C PHE G 716 67.24 15.32 -7.66
N GLU G 717 66.44 16.04 -6.87
CA GLU G 717 66.96 17.19 -6.15
C GLU G 717 67.97 16.78 -5.09
N ALA G 718 67.73 15.66 -4.41
CA ALA G 718 68.70 15.16 -3.45
C ALA G 718 69.98 14.73 -4.15
N SER G 719 69.86 14.11 -5.31
CA SER G 719 71.05 13.65 -6.03
C SER G 719 71.89 14.82 -6.51
N GLN G 720 71.28 15.79 -7.19
CA GLN G 720 72.05 16.89 -7.75
C GLN G 720 72.71 17.73 -6.65
N LYS G 721 71.97 18.01 -5.59
CA LYS G 721 72.53 18.69 -4.42
C LYS G 721 72.93 17.61 -3.41
N CYS G 722 74.12 17.04 -3.63
CA CYS G 722 74.58 15.93 -2.81
C CYS G 722 75.07 16.44 -1.46
N ASP G 723 74.18 17.09 -0.72
CA ASP G 723 74.47 17.55 0.64
C ASP G 723 73.37 17.05 1.57
N LEU G 724 72.17 16.90 1.03
CA LEU G 724 71.02 16.40 1.77
C LEU G 724 70.61 15.04 1.18
N VAL G 725 70.20 14.14 2.05
CA VAL G 725 69.84 12.77 1.66
C VAL G 725 68.38 12.54 2.00
N THR G 726 67.63 12.04 1.02
CA THR G 726 66.22 11.74 1.22
C THR G 726 66.06 10.39 1.91
N THR G 727 65.38 10.38 3.04
CA THR G 727 65.09 9.16 3.79
C THR G 727 63.59 9.06 3.99
N GLY G 728 63.00 7.97 3.53
CA GLY G 728 61.56 7.79 3.68
C GLY G 728 61.13 6.50 3.03
N GLU G 729 59.88 6.14 3.29
CA GLU G 729 59.27 4.93 2.77
C GLU G 729 58.38 5.27 1.58
N LEU G 730 57.81 4.22 0.98
CA LEU G 730 56.96 4.37 -0.20
C LEU G 730 55.51 4.31 0.25
N PHE G 731 54.87 5.47 0.34
CA PHE G 731 53.48 5.59 0.76
C PHE G 731 52.73 6.46 -0.24
N PHE G 732 51.49 6.07 -0.54
CA PHE G 732 50.69 6.70 -1.59
C PHE G 732 51.51 6.71 -2.88
N ARG G 733 51.69 5.51 -3.41
CA ARG G 733 52.55 5.30 -4.57
C ARG G 733 51.67 5.25 -5.81
N SER G 734 51.55 6.38 -6.50
CA SER G 734 50.74 6.47 -7.71
C SER G 734 51.57 7.14 -8.80
N GLY G 735 51.39 6.66 -10.03
CA GLY G 735 52.13 7.22 -11.15
C GLY G 735 51.57 8.54 -11.62
N PHE G 736 52.29 9.16 -12.54
CA PHE G 736 51.85 10.40 -13.16
C PHE G 736 50.85 10.07 -14.27
N GLY G 737 50.54 11.05 -15.11
CA GLY G 737 49.60 10.82 -16.20
C GLY G 737 49.58 11.99 -17.14
N ILE G 738 48.86 11.82 -18.24
CA ILE G 738 48.70 12.85 -19.24
C ILE G 738 47.26 13.33 -19.19
N GLY G 739 47.08 14.62 -18.90
CA GLY G 739 45.74 15.15 -18.76
C GLY G 739 45.00 15.23 -20.08
N MET G 740 43.69 15.33 -19.98
CA MET G 740 42.85 15.47 -21.17
C MET G 740 41.49 16.01 -20.75
N ARG G 741 40.70 16.39 -21.75
CA ARG G 741 39.46 17.12 -21.53
C ARG G 741 38.27 16.30 -22.02
N LYS G 742 37.37 15.97 -21.09
CA LYS G 742 36.05 15.43 -21.40
C LYS G 742 36.10 14.25 -22.38
N ASP G 743 35.83 14.52 -23.65
CA ASP G 743 35.78 13.48 -24.68
C ASP G 743 36.42 14.06 -25.94
N SER G 744 37.66 13.67 -26.19
CA SER G 744 38.40 14.14 -27.36
C SER G 744 38.96 12.94 -28.12
N PRO G 745 39.10 13.06 -29.44
CA PRO G 745 39.52 11.89 -30.23
C PRO G 745 40.89 11.35 -29.89
N TRP G 746 41.80 12.17 -29.37
CA TRP G 746 43.18 11.72 -29.22
C TRP G 746 43.37 10.69 -28.11
N LYS G 747 42.35 10.42 -27.30
CA LYS G 747 42.57 9.65 -26.08
C LYS G 747 43.05 8.24 -26.38
N GLN G 748 42.33 7.51 -27.22
CA GLN G 748 42.69 6.12 -27.49
C GLN G 748 44.03 6.03 -28.20
N ASN G 749 44.25 6.87 -29.22
CA ASN G 749 45.50 6.82 -29.95
C ASN G 749 46.69 7.15 -29.06
N VAL G 750 46.56 8.17 -28.21
CA VAL G 750 47.68 8.56 -27.37
C VAL G 750 47.93 7.52 -26.29
N SER G 751 46.87 6.89 -25.77
CA SER G 751 47.09 5.83 -24.80
C SER G 751 47.82 4.65 -25.41
N LEU G 752 47.40 4.25 -26.62
CA LEU G 752 48.09 3.16 -27.30
C LEU G 752 49.54 3.53 -27.59
N SER G 753 49.78 4.77 -28.00
CA SER G 753 51.14 5.19 -28.31
C SER G 753 52.03 5.19 -27.07
N ILE G 754 51.52 5.70 -25.95
CA ILE G 754 52.35 5.73 -24.74
C ILE G 754 52.62 4.31 -24.26
N LEU G 755 51.63 3.43 -24.33
CA LEU G 755 51.86 2.05 -23.92
C LEU G 755 52.88 1.38 -24.83
N LYS G 756 52.80 1.63 -26.14
CA LYS G 756 53.77 1.02 -27.05
C LYS G 756 55.17 1.55 -26.81
N SER G 757 55.30 2.85 -26.56
CA SER G 757 56.60 3.42 -26.26
C SER G 757 57.15 2.85 -24.96
N HIS G 758 56.28 2.56 -23.99
CA HIS G 758 56.72 1.90 -22.78
C HIS G 758 57.20 0.48 -23.06
N GLU G 759 56.47 -0.25 -23.91
CA GLU G 759 56.88 -1.61 -24.26
C GLU G 759 58.13 -1.60 -25.13
N ASN G 760 58.28 -0.59 -25.99
CA ASN G 760 59.46 -0.50 -26.86
C ASN G 760 60.74 -0.28 -26.09
N GLY G 761 60.66 0.08 -24.81
CA GLY G 761 61.85 0.41 -24.04
C GLY G 761 62.35 1.81 -24.25
N PHE G 762 61.75 2.56 -25.17
CA PHE G 762 62.20 3.93 -25.45
C PHE G 762 62.08 4.81 -24.22
N MET G 763 61.07 4.54 -23.37
CA MET G 763 60.96 5.28 -22.12
C MET G 763 62.18 5.06 -21.24
N GLU G 764 62.67 3.82 -21.16
CA GLU G 764 63.84 3.54 -20.35
C GLU G 764 65.04 4.35 -20.84
N ASP G 765 65.25 4.38 -22.16
CA ASP G 765 66.39 5.12 -22.69
C ASP G 765 66.25 6.62 -22.47
N LEU G 766 65.08 7.20 -22.77
CA LEU G 766 64.96 8.64 -22.60
C LEU G 766 65.02 9.03 -21.13
N ASP G 767 64.64 8.13 -20.22
CA ASP G 767 64.93 8.36 -18.81
C ASP G 767 66.43 8.31 -18.55
N LYS G 768 67.13 7.39 -19.23
CA LYS G 768 68.55 7.20 -19.00
C LYS G 768 69.36 8.42 -19.45
N THR G 769 69.13 8.87 -20.69
CA THR G 769 69.93 9.96 -21.23
C THR G 769 69.60 11.31 -20.62
N TRP G 770 68.54 11.41 -19.82
CA TRP G 770 68.15 12.69 -19.24
C TRP G 770 68.36 12.76 -17.73
N VAL G 771 67.74 11.87 -16.96
CA VAL G 771 67.80 11.92 -15.50
C VAL G 771 68.16 10.54 -14.98
N ARG G 772 69.46 10.26 -14.91
CA ARG G 772 69.98 9.18 -14.07
C ARG G 772 71.31 9.53 -13.42
N TYR G 773 71.83 10.74 -13.63
CA TYR G 773 73.14 11.12 -13.11
C TYR G 773 73.07 12.55 -12.62
N GLN G 774 73.34 12.73 -11.33
CA GLN G 774 73.28 14.07 -10.72
C GLN G 774 74.25 14.06 -9.54
N GLU G 775 75.42 14.69 -9.74
CA GLU G 775 76.46 14.74 -8.72
C GLU G 775 76.87 13.35 -8.28
N CYS G 776 76.52 12.97 -7.05
CA CYS G 776 76.86 11.66 -6.51
C CYS G 776 76.12 10.54 -7.25
N ASN H 2 -0.70 63.20 -6.28
CA ASN H 2 -0.41 61.96 -6.98
C ASN H 2 -0.61 60.75 -6.08
N ILE H 3 0.04 59.64 -6.47
CA ILE H 3 -0.02 58.31 -5.87
C ILE H 3 -1.36 58.02 -5.17
N ALA H 4 -2.20 57.25 -5.84
CA ALA H 4 -3.52 56.88 -5.32
C ALA H 4 -3.51 55.43 -4.86
N VAL H 5 -4.26 55.15 -3.79
CA VAL H 5 -4.35 53.82 -3.22
C VAL H 5 -5.83 53.42 -3.19
N MET H 6 -6.12 52.21 -3.65
CA MET H 6 -7.49 51.72 -3.74
C MET H 6 -7.68 50.52 -2.82
N LEU H 7 -8.81 50.51 -2.13
CA LEU H 7 -9.16 49.54 -1.11
C LEU H 7 -10.68 49.43 -1.07
N GLY H 8 -11.27 49.10 0.07
CA GLY H 8 -12.70 48.93 0.15
C GLY H 8 -13.17 47.97 1.22
N HIS H 9 -12.21 47.32 1.89
CA HIS H 9 -12.46 46.65 3.17
C HIS H 9 -13.54 45.58 3.03
N SER H 10 -13.21 44.56 2.24
CA SER H 10 -14.08 43.39 2.13
C SER H 10 -14.21 42.70 3.49
N HIS H 11 -13.09 42.54 4.19
CA HIS H 11 -13.08 41.93 5.52
C HIS H 11 -12.60 42.87 6.60
N ASP H 12 -11.41 43.47 6.41
CA ASP H 12 -10.82 44.35 7.42
C ASP H 12 -11.31 45.77 7.18
N VAL H 13 -12.27 46.21 7.98
CA VAL H 13 -12.87 47.54 7.82
C VAL H 13 -12.03 48.57 8.56
N THR H 14 -10.86 48.18 9.04
CA THR H 14 -9.95 49.08 9.74
C THR H 14 -9.29 49.99 8.71
N GLU H 15 -10.03 51.02 8.30
CA GLU H 15 -9.54 51.94 7.28
C GLU H 15 -10.15 53.33 7.45
N ARG H 16 -11.13 53.64 6.60
CA ARG H 16 -11.77 54.97 6.56
C ARG H 16 -10.68 56.01 6.27
N GLU H 17 -10.89 57.25 6.73
CA GLU H 17 -9.89 58.30 6.52
C GLU H 17 -8.63 58.07 7.33
N LEU H 18 -8.65 57.16 8.31
CA LEU H 18 -7.46 56.90 9.12
C LEU H 18 -6.32 56.35 8.26
N ARG H 19 -6.65 55.60 7.21
CA ARG H 19 -5.60 55.10 6.32
C ARG H 19 -4.88 56.24 5.61
N THR H 20 -5.63 57.27 5.19
CA THR H 20 -5.05 58.41 4.49
C THR H 20 -4.45 59.38 5.51
N LEU H 21 -3.38 58.91 6.16
CA LEU H 21 -2.69 59.67 7.18
C LEU H 21 -1.22 59.81 6.81
N TRP H 22 -0.69 61.02 6.95
CA TRP H 22 0.73 61.33 6.77
C TRP H 22 1.28 60.73 5.49
N GLY H 23 2.31 59.89 5.63
CA GLY H 23 2.92 59.22 4.50
C GLY H 23 4.21 59.87 4.06
N PRO H 24 4.19 60.50 2.88
CA PRO H 24 5.41 61.11 2.34
C PRO H 24 5.97 62.24 3.19
N GLU H 25 5.14 62.91 3.98
CA GLU H 25 5.62 64.02 4.80
C GLU H 25 6.66 63.53 5.79
N GLN H 26 6.23 62.71 6.76
CA GLN H 26 7.10 62.03 7.73
C GLN H 26 8.33 62.85 8.09
N ALA H 27 9.51 62.32 7.76
CA ALA H 27 10.75 63.07 7.77
C ALA H 27 11.41 63.08 6.40
N ALA H 28 10.69 62.64 5.37
CA ALA H 28 11.28 62.51 4.04
C ALA H 28 11.59 63.88 3.44
N GLY H 29 12.76 63.99 2.82
CA GLY H 29 13.19 65.23 2.22
C GLY H 29 12.96 65.26 0.72
N LEU H 30 11.81 64.75 0.28
CA LEU H 30 11.43 64.73 -1.14
C LEU H 30 10.04 65.33 -1.28
N PRO H 31 9.90 66.64 -1.10
CA PRO H 31 8.58 67.28 -1.23
C PRO H 31 8.34 67.84 -2.63
N LEU H 32 7.10 67.69 -3.08
CA LEU H 32 6.65 68.26 -4.34
C LEU H 32 5.12 68.25 -4.33
N ASP H 33 4.52 68.55 -5.49
CA ASP H 33 3.06 68.60 -5.62
C ASP H 33 2.53 67.18 -5.66
N VAL H 34 2.46 66.57 -4.47
CA VAL H 34 1.97 65.21 -4.31
C VAL H 34 0.99 65.17 -3.14
N ASN H 35 0.10 64.19 -3.17
CA ASN H 35 -0.85 63.95 -2.09
C ASN H 35 -0.92 62.46 -1.83
N VAL H 36 -1.84 62.05 -0.96
CA VAL H 36 -1.91 60.67 -0.49
C VAL H 36 -3.32 60.15 -0.83
N VAL H 37 -3.86 60.60 -1.97
CA VAL H 37 -5.24 60.31 -2.32
C VAL H 37 -5.51 58.81 -2.22
N ALA H 38 -6.65 58.48 -1.63
CA ALA H 38 -7.06 57.10 -1.41
C ALA H 38 -8.44 56.88 -2.03
N LEU H 39 -8.84 55.61 -2.09
CA LEU H 39 -10.14 55.25 -2.66
C LEU H 39 -10.56 53.90 -2.11
N LEU H 40 -11.88 53.73 -1.96
CA LEU H 40 -12.48 52.49 -1.50
C LEU H 40 -13.33 51.89 -2.61
N MET H 41 -13.50 50.57 -2.54
CA MET H 41 -14.14 49.83 -3.62
C MET H 41 -14.87 48.63 -3.02
N ASN H 42 -15.20 47.66 -3.86
CA ASN H 42 -15.89 46.44 -3.47
C ASN H 42 -15.28 45.27 -4.23
N ARG H 43 -15.99 44.15 -4.27
CA ARG H 43 -15.49 42.97 -4.97
C ARG H 43 -15.25 43.29 -6.44
N THR H 44 -14.14 42.75 -6.97
CA THR H 44 -13.62 43.17 -8.27
C THR H 44 -14.14 42.28 -9.39
N ASP H 45 -14.62 42.91 -10.45
CA ASP H 45 -14.96 42.29 -11.71
C ASP H 45 -14.25 43.04 -12.83
N PRO H 46 -13.91 42.36 -13.93
CA PRO H 46 -13.07 43.01 -14.95
C PRO H 46 -13.61 44.33 -15.46
N LYS H 47 -14.92 44.42 -15.72
CA LYS H 47 -15.49 45.67 -16.19
C LYS H 47 -15.37 46.75 -15.12
N SER H 48 -15.78 46.42 -13.89
CA SER H 48 -15.72 47.39 -12.80
C SER H 48 -14.28 47.81 -12.52
N LEU H 49 -13.36 46.84 -12.47
CA LEU H 49 -11.96 47.15 -12.19
C LEU H 49 -11.36 48.04 -13.28
N ILE H 50 -11.63 47.70 -14.54
CA ILE H 50 -11.11 48.50 -15.65
C ILE H 50 -11.65 49.92 -15.57
N THR H 51 -12.96 50.05 -15.34
CA THR H 51 -13.56 51.38 -15.29
C THR H 51 -12.98 52.20 -14.14
N HIS H 52 -12.83 51.57 -12.97
CA HIS H 52 -12.31 52.30 -11.82
C HIS H 52 -10.88 52.76 -12.04
N VAL H 53 -10.03 51.89 -12.58
CA VAL H 53 -8.64 52.28 -12.79
C VAL H 53 -8.54 53.34 -13.88
N CYS H 54 -9.37 53.24 -14.92
CA CYS H 54 -9.39 54.27 -15.95
C CYS H 54 -9.83 55.62 -15.39
N ASP H 55 -10.86 55.61 -14.53
CA ASP H 55 -11.32 56.86 -13.92
C ASP H 55 -10.22 57.46 -13.04
N LEU H 56 -9.53 56.63 -12.28
CA LEU H 56 -8.40 57.11 -11.49
C LEU H 56 -7.28 57.64 -12.38
N MET H 57 -7.19 57.18 -13.63
CA MET H 57 -6.18 57.68 -14.54
C MET H 57 -6.47 59.09 -15.02
N SER H 58 -7.66 59.63 -14.73
CA SER H 58 -7.99 60.99 -15.13
C SER H 58 -7.26 62.03 -14.28
N GLY H 59 -6.82 61.67 -13.07
CA GLY H 59 -6.13 62.60 -12.20
C GLY H 59 -4.75 62.15 -11.80
N ALA H 60 -4.49 60.84 -11.90
CA ALA H 60 -3.22 60.26 -11.47
C ALA H 60 -2.14 60.47 -12.54
N ARG H 61 -1.92 61.74 -12.87
CA ARG H 61 -1.12 62.10 -14.03
C ARG H 61 0.31 61.57 -13.93
N ILE H 62 0.97 61.80 -12.80
CA ILE H 62 2.32 61.32 -12.57
C ILE H 62 2.31 60.41 -11.35
N HIS H 63 1.20 59.70 -11.17
CA HIS H 63 0.92 58.94 -9.97
C HIS H 63 1.08 57.44 -10.22
N GLY H 64 0.74 56.66 -9.19
CA GLY H 64 0.74 55.22 -9.26
C GLY H 64 -0.32 54.67 -8.33
N LEU H 65 -0.50 53.36 -8.36
CA LEU H 65 -1.49 52.69 -7.53
C LEU H 65 -0.81 51.60 -6.73
N VAL H 66 -1.30 51.39 -5.51
CA VAL H 66 -0.69 50.45 -4.58
C VAL H 66 -1.80 49.46 -4.22
N PHE H 67 -2.63 49.14 -5.21
CA PHE H 67 -3.81 48.31 -5.03
C PHE H 67 -3.53 47.05 -4.22
N GLY H 68 -4.53 46.64 -3.44
CA GLY H 68 -4.49 45.36 -2.78
C GLY H 68 -5.88 44.73 -2.78
N ASP H 69 -5.90 43.41 -2.67
CA ASP H 69 -7.13 42.64 -2.72
C ASP H 69 -7.23 41.77 -1.48
N ASP H 70 -8.30 40.97 -1.42
CA ASP H 70 -8.48 40.03 -0.32
C ASP H 70 -8.94 38.64 -0.75
N THR H 71 -9.42 38.46 -1.98
CA THR H 71 -9.96 37.19 -2.41
C THR H 71 -8.83 36.28 -2.90
N ASP H 72 -9.20 35.16 -3.54
CA ASP H 72 -8.22 34.20 -4.03
C ASP H 72 -8.34 33.98 -5.54
N GLN H 73 -9.02 34.85 -6.27
CA GLN H 73 -9.12 34.70 -7.71
C GLN H 73 -7.77 34.95 -8.35
N GLU H 74 -7.27 33.95 -9.08
CA GLU H 74 -5.90 34.01 -9.60
C GLU H 74 -5.73 35.06 -10.69
N ALA H 75 -6.76 35.29 -11.49
CA ALA H 75 -6.62 36.18 -12.63
C ALA H 75 -6.47 37.64 -12.25
N VAL H 76 -6.65 37.98 -10.97
CA VAL H 76 -6.56 39.38 -10.56
C VAL H 76 -5.17 39.93 -10.84
N ALA H 77 -4.14 39.15 -10.49
CA ALA H 77 -2.77 39.60 -10.75
C ALA H 77 -2.53 39.78 -12.23
N GLN H 78 -3.03 38.86 -13.06
CA GLN H 78 -2.80 38.97 -14.50
C GLN H 78 -3.50 40.20 -15.07
N MET H 79 -4.73 40.48 -14.64
CA MET H 79 -5.43 41.66 -15.12
C MET H 79 -4.70 42.92 -14.69
N LEU H 80 -4.20 42.94 -13.46
CA LEU H 80 -3.38 44.06 -13.01
C LEU H 80 -2.16 44.22 -13.90
N ASP H 81 -1.53 43.11 -14.27
CA ASP H 81 -0.36 43.17 -15.14
C ASP H 81 -0.71 43.77 -16.50
N PHE H 82 -1.86 43.38 -17.04
CA PHE H 82 -2.28 43.91 -18.34
C PHE H 82 -2.53 45.41 -18.26
N ILE H 83 -3.22 45.85 -17.22
CA ILE H 83 -3.48 47.28 -17.05
C ILE H 83 -2.17 48.04 -16.93
N SER H 84 -1.27 47.56 -16.08
CA SER H 84 0.04 48.20 -15.95
C SER H 84 0.76 48.25 -17.28
N SER H 85 0.63 47.19 -18.08
CA SER H 85 1.28 47.16 -19.38
C SER H 85 0.78 48.30 -20.25
N HIS H 86 -0.52 48.28 -20.59
CA HIS H 86 -0.98 49.32 -21.51
C HIS H 86 -1.54 50.54 -20.80
N THR H 87 -0.81 51.01 -19.78
CA THR H 87 -1.08 52.33 -19.21
C THR H 87 0.18 53.08 -18.79
N PHE H 88 1.32 52.42 -18.66
CA PHE H 88 2.56 53.05 -18.19
C PHE H 88 2.39 53.68 -16.82
N VAL H 89 1.81 52.94 -15.88
CA VAL H 89 1.71 53.41 -14.50
C VAL H 89 2.18 52.32 -13.55
N PRO H 90 3.38 52.45 -12.98
CA PRO H 90 3.88 51.41 -12.07
C PRO H 90 2.96 51.21 -10.87
N ILE H 91 2.75 49.96 -10.51
CA ILE H 91 1.85 49.58 -9.43
C ILE H 91 2.45 48.39 -8.69
N LEU H 92 1.93 48.13 -7.50
CA LEU H 92 2.38 47.03 -6.66
C LEU H 92 1.18 46.27 -6.12
N GLY H 93 1.45 45.06 -5.62
CA GLY H 93 0.42 44.24 -5.03
C GLY H 93 0.77 43.87 -3.61
N ILE H 94 -0.26 43.75 -2.77
CA ILE H 94 -0.02 43.63 -1.34
C ILE H 94 -0.64 42.37 -0.75
N HIS H 95 -1.96 42.25 -0.79
CA HIS H 95 -2.67 41.25 0.01
C HIS H 95 -3.47 40.31 -0.88
N GLY H 96 -3.37 39.02 -0.58
CA GLY H 96 -4.24 38.02 -1.20
C GLY H 96 -4.10 37.86 -2.69
N GLY H 97 -5.11 38.31 -3.42
CA GLY H 97 -5.16 38.07 -4.86
C GLY H 97 -3.95 38.61 -5.58
N ALA H 98 -3.55 39.84 -5.27
CA ALA H 98 -2.33 40.39 -5.82
C ALA H 98 -1.13 40.06 -4.94
N SER H 99 -1.00 38.78 -4.60
CA SER H 99 0.11 38.30 -3.78
C SER H 99 0.73 37.00 -4.29
N MET H 100 0.02 36.21 -5.08
CA MET H 100 0.63 35.04 -5.71
C MET H 100 1.42 35.48 -6.93
N ILE H 101 2.72 35.23 -6.91
CA ILE H 101 3.61 35.72 -7.95
C ILE H 101 3.38 34.93 -9.23
N MET H 102 3.22 35.63 -10.34
CA MET H 102 3.10 34.98 -11.64
C MET H 102 4.47 34.87 -12.29
N ALA H 103 4.65 33.82 -13.09
CA ALA H 103 5.98 33.42 -13.53
C ALA H 103 6.64 34.50 -14.38
N ASP H 104 6.07 34.79 -15.55
CA ASP H 104 6.68 35.69 -16.51
C ASP H 104 5.81 36.91 -16.74
N LYS H 105 6.45 38.04 -17.00
CA LYS H 105 5.77 39.29 -17.31
C LYS H 105 6.31 39.84 -18.62
N ASP H 106 5.45 40.51 -19.36
CA ASP H 106 5.88 41.16 -20.59
C ASP H 106 6.89 42.27 -20.25
N PRO H 107 7.94 42.43 -21.06
CA PRO H 107 8.91 43.48 -20.79
C PRO H 107 8.32 44.88 -20.77
N THR H 108 7.34 45.16 -21.64
CA THR H 108 6.70 46.47 -21.68
C THR H 108 5.63 46.59 -20.61
N SER H 109 6.05 46.30 -19.38
CA SER H 109 5.16 46.34 -18.22
C SER H 109 5.94 46.84 -17.02
N THR H 110 5.21 47.32 -16.03
CA THR H 110 5.85 47.82 -14.81
C THR H 110 4.92 47.56 -13.63
N PHE H 111 5.14 46.43 -12.95
CA PHE H 111 4.57 46.23 -11.63
C PHE H 111 5.34 45.11 -10.96
N PHE H 112 5.45 45.17 -9.64
CA PHE H 112 6.27 44.22 -8.88
C PHE H 112 5.56 43.87 -7.58
N GLN H 113 4.78 42.79 -7.61
CA GLN H 113 4.24 42.25 -6.37
C GLN H 113 5.39 41.66 -5.55
N PHE H 114 5.29 41.77 -4.23
CA PHE H 114 6.39 41.38 -3.35
C PHE H 114 6.17 40.04 -2.67
N GLY H 115 5.62 39.06 -3.40
CA GLY H 115 5.55 37.71 -2.87
C GLY H 115 6.91 37.04 -2.87
N ALA H 116 6.95 35.72 -3.06
CA ALA H 116 8.20 35.00 -3.02
C ALA H 116 8.20 33.89 -4.06
N SER H 117 9.31 33.76 -4.77
CA SER H 117 9.42 32.77 -5.84
C SER H 117 9.42 31.35 -5.27
N ILE H 118 8.90 30.42 -6.07
CA ILE H 118 8.89 29.01 -5.68
C ILE H 118 10.31 28.53 -5.41
N GLN H 119 11.26 28.97 -6.23
CA GLN H 119 12.65 28.57 -6.04
C GLN H 119 13.17 29.03 -4.67
N GLN H 120 12.76 30.21 -4.22
CA GLN H 120 13.12 30.64 -2.88
C GLN H 120 12.57 29.70 -1.83
N GLN H 121 11.32 29.27 -2.00
CA GLN H 121 10.72 28.32 -1.07
C GLN H 121 11.52 27.02 -1.03
N ALA H 122 11.89 26.51 -2.21
CA ALA H 122 12.65 25.27 -2.26
C ALA H 122 14.01 25.44 -1.59
N THR H 123 14.66 26.59 -1.79
CA THR H 123 15.95 26.82 -1.17
C THR H 123 15.83 26.84 0.35
N VAL H 124 14.83 27.54 0.88
CA VAL H 124 14.64 27.60 2.32
C VAL H 124 14.33 26.21 2.87
N MET H 125 13.54 25.44 2.14
CA MET H 125 13.18 24.09 2.58
C MET H 125 14.40 23.17 2.59
N LEU H 126 15.25 23.27 1.57
CA LEU H 126 16.48 22.49 1.59
C LEU H 126 17.36 22.90 2.75
N LYS H 127 17.41 24.21 3.05
CA LYS H 127 18.21 24.68 4.17
C LYS H 127 17.73 24.08 5.48
N ILE H 128 16.42 24.09 5.71
CA ILE H 128 15.91 23.56 6.98
C ILE H 128 16.09 22.04 7.03
N MET H 129 15.92 21.37 5.89
CA MET H 129 16.09 19.92 5.88
C MET H 129 17.52 19.53 6.21
N GLN H 130 18.50 20.20 5.59
CA GLN H 130 19.89 19.88 5.89
C GLN H 130 20.27 20.30 7.30
N ASP H 131 19.62 21.34 7.84
CA ASP H 131 19.90 21.75 9.21
C ASP H 131 19.57 20.65 10.20
N TYR H 132 18.53 19.87 9.93
CA TYR H 132 18.19 18.73 10.77
C TYR H 132 18.87 17.45 10.31
N ASP H 133 19.66 17.51 9.25
CA ASP H 133 20.49 16.39 8.78
C ASP H 133 19.64 15.16 8.46
N TRP H 134 18.79 15.30 7.46
CA TRP H 134 17.96 14.21 6.98
C TRP H 134 18.36 13.72 5.60
N HIS H 135 18.69 14.64 4.68
CA HIS H 135 19.36 14.31 3.42
C HIS H 135 18.55 13.40 2.51
N VAL H 136 18.33 12.15 2.91
CA VAL H 136 17.59 11.22 2.07
C VAL H 136 16.13 11.63 2.03
N PHE H 137 15.57 11.73 0.82
CA PHE H 137 14.19 12.13 0.67
C PHE H 137 13.69 11.77 -0.72
N SER H 138 12.37 11.73 -0.85
CA SER H 138 11.68 11.47 -2.11
C SER H 138 10.95 12.72 -2.56
N LEU H 139 10.47 12.69 -3.82
CA LEU H 139 9.88 13.86 -4.44
C LEU H 139 8.59 13.47 -5.15
N VAL H 140 7.69 12.81 -4.42
CA VAL H 140 6.37 12.50 -4.97
C VAL H 140 5.65 13.80 -5.30
N THR H 141 5.00 13.84 -6.46
CA THR H 141 4.27 15.02 -6.89
C THR H 141 3.13 14.58 -7.81
N THR H 142 2.47 15.56 -8.42
CA THR H 142 1.41 15.34 -9.39
C THR H 142 1.65 16.25 -10.59
N ILE H 143 0.74 16.18 -11.56
CA ILE H 143 0.80 17.05 -12.73
C ILE H 143 0.12 18.38 -12.38
N PHE H 144 0.86 19.46 -12.55
CA PHE H 144 0.38 20.81 -12.28
C PHE H 144 1.41 21.80 -12.83
N PRO H 145 0.98 22.98 -13.27
CA PRO H 145 1.94 23.93 -13.86
C PRO H 145 3.05 24.28 -12.88
N GLY H 146 4.26 24.36 -13.41
CA GLY H 146 5.44 24.63 -12.61
C GLY H 146 6.06 23.42 -11.97
N TYR H 147 5.46 22.24 -12.11
CA TYR H 147 6.03 21.04 -11.52
C TYR H 147 7.37 20.69 -12.15
N ARG H 148 7.50 20.87 -13.47
CA ARG H 148 8.73 20.50 -14.16
C ARG H 148 9.89 21.38 -13.74
N GLU H 149 9.68 22.70 -13.76
CA GLU H 149 10.73 23.60 -13.31
C GLU H 149 11.02 23.41 -11.83
N PHE H 150 10.00 23.11 -11.03
CA PHE H 150 10.22 22.77 -9.63
C PHE H 150 11.19 21.60 -9.50
N ILE H 151 10.93 20.52 -10.24
CA ILE H 151 11.77 19.33 -10.15
C ILE H 151 13.19 19.65 -10.62
N SER H 152 13.30 20.34 -11.75
CA SER H 152 14.62 20.62 -12.31
C SER H 152 15.44 21.50 -11.38
N PHE H 153 14.81 22.55 -10.81
CA PHE H 153 15.51 23.41 -9.88
C PHE H 153 15.94 22.64 -8.64
N VAL H 154 15.06 21.77 -8.13
CA VAL H 154 15.42 20.95 -6.97
C VAL H 154 16.63 20.10 -7.28
N LYS H 155 16.63 19.44 -8.44
CA LYS H 155 17.75 18.57 -8.81
C LYS H 155 19.05 19.37 -8.93
N THR H 156 19.00 20.50 -9.63
CA THR H 156 20.21 21.30 -9.85
C THR H 156 20.75 21.84 -8.54
N THR H 157 19.87 22.32 -7.65
CA THR H 157 20.32 22.80 -6.35
C THR H 157 20.89 21.67 -5.52
N VAL H 158 20.33 20.47 -5.64
CA VAL H 158 20.87 19.33 -4.92
C VAL H 158 22.29 19.02 -5.40
N ASP H 159 22.50 19.04 -6.71
CA ASP H 159 23.77 18.59 -7.25
C ASP H 159 24.89 19.61 -7.07
N ASN H 160 24.55 20.89 -6.92
CA ASN H 160 25.56 21.95 -6.92
C ASN H 160 25.91 22.35 -5.48
N SER H 161 26.50 21.40 -4.77
CA SER H 161 27.01 21.60 -3.41
C SER H 161 27.72 20.31 -3.00
N PHE H 162 28.51 20.41 -1.93
CA PHE H 162 29.16 19.24 -1.36
C PHE H 162 28.67 19.06 0.09
N VAL H 163 27.51 18.44 0.22
CA VAL H 163 27.00 18.00 1.51
C VAL H 163 26.44 16.59 1.33
N GLY H 164 26.28 16.18 0.09
CA GLY H 164 25.87 14.82 -0.24
C GLY H 164 24.43 14.46 0.06
N TRP H 165 23.48 15.04 -0.67
CA TRP H 165 22.09 14.61 -0.59
C TRP H 165 21.90 13.28 -1.31
N ASP H 166 21.07 12.41 -0.74
CA ASP H 166 20.72 11.15 -1.37
C ASP H 166 19.44 11.34 -2.16
N MET H 167 19.56 11.37 -3.48
CA MET H 167 18.42 11.58 -4.38
C MET H 167 17.93 10.23 -4.88
N GLN H 168 16.67 9.92 -4.58
CA GLN H 168 16.03 8.70 -5.06
C GLN H 168 14.52 8.85 -4.92
N ASN H 169 13.80 7.93 -5.55
CA ASN H 169 12.35 7.83 -5.41
C ASN H 169 11.64 9.10 -5.87
N VAL H 170 11.83 9.43 -7.14
CA VAL H 170 11.11 10.53 -7.77
C VAL H 170 9.82 9.97 -8.35
N ILE H 171 8.69 10.45 -7.84
CA ILE H 171 7.37 9.97 -8.23
C ILE H 171 6.58 11.13 -8.78
N THR H 172 6.03 10.95 -9.98
CA THR H 172 5.30 12.00 -10.68
C THR H 172 4.01 11.41 -11.24
N LEU H 173 3.24 10.76 -10.37
CA LEU H 173 2.00 10.11 -10.80
C LEU H 173 1.07 11.12 -11.46
N ASP H 174 0.57 10.77 -12.65
CA ASP H 174 -0.30 11.65 -13.43
C ASP H 174 -1.41 10.88 -14.12
N THR H 175 -1.87 9.78 -13.53
CA THR H 175 -2.82 8.90 -14.18
C THR H 175 -4.06 8.67 -13.32
N SER H 176 -4.63 9.77 -12.80
CA SER H 176 -5.69 9.72 -11.80
C SER H 176 -5.17 8.98 -10.57
N PHE H 177 -6.07 8.42 -9.76
CA PHE H 177 -5.68 7.81 -8.50
C PHE H 177 -6.42 6.50 -8.28
N GLU H 178 -6.49 5.66 -9.31
CA GLU H 178 -7.20 4.38 -9.22
C GLU H 178 -6.43 3.19 -9.73
N ASP H 179 -5.43 3.36 -10.59
CA ASP H 179 -4.73 2.24 -11.19
C ASP H 179 -3.63 1.71 -10.27
N ALA H 180 -2.92 0.69 -10.75
CA ALA H 180 -1.87 0.06 -9.96
C ALA H 180 -0.59 0.88 -9.93
N LYS H 181 -0.40 1.80 -10.87
CA LYS H 181 0.80 2.63 -10.87
C LYS H 181 0.90 3.46 -9.60
N THR H 182 -0.21 4.07 -9.18
CA THR H 182 -0.22 4.80 -7.93
C THR H 182 0.11 3.89 -6.76
N GLN H 183 -0.46 2.69 -6.74
CA GLN H 183 -0.23 1.77 -5.64
C GLN H 183 1.24 1.38 -5.54
N VAL H 184 1.84 0.99 -6.67
CA VAL H 184 3.24 0.56 -6.64
C VAL H 184 4.15 1.74 -6.33
N GLN H 185 3.83 2.92 -6.85
CA GLN H 185 4.65 4.09 -6.55
C GLN H 185 4.60 4.43 -5.07
N LEU H 186 3.42 4.32 -4.46
CA LEU H 186 3.30 4.56 -3.03
C LEU H 186 4.03 3.50 -2.22
N LYS H 187 3.98 2.24 -2.68
CA LYS H 187 4.62 1.17 -1.92
C LYS H 187 6.14 1.22 -2.04
N LYS H 188 6.65 1.74 -3.15
CA LYS H 188 8.10 1.67 -3.40
C LYS H 188 8.87 2.54 -2.40
N ILE H 189 8.36 3.72 -2.07
CA ILE H 189 9.08 4.62 -1.18
C ILE H 189 9.17 4.02 0.21
N HIS H 190 10.33 4.19 0.85
CA HIS H 190 10.56 3.66 2.18
C HIS H 190 11.32 4.62 3.08
N SER H 191 11.60 5.84 2.62
CA SER H 191 12.35 6.82 3.41
C SER H 191 11.44 7.44 4.46
N SER H 192 12.04 8.30 5.30
CA SER H 192 11.29 8.99 6.34
C SER H 192 10.98 10.45 5.99
N VAL H 193 11.64 11.02 5.00
CA VAL H 193 11.41 12.40 4.58
C VAL H 193 10.72 12.37 3.23
N ILE H 194 9.50 12.89 3.18
CA ILE H 194 8.69 12.91 1.96
C ILE H 194 8.41 14.35 1.61
N LEU H 195 8.70 14.73 0.37
CA LEU H 195 8.40 16.06 -0.14
C LEU H 195 7.33 15.93 -1.21
N LEU H 196 6.21 16.63 -1.01
CA LEU H 196 5.07 16.60 -1.92
C LEU H 196 4.93 17.96 -2.61
N TYR H 197 4.18 17.97 -3.71
CA TYR H 197 3.83 19.22 -4.38
C TYR H 197 2.57 18.95 -5.19
N CYS H 198 1.45 19.53 -4.76
CA CYS H 198 0.17 19.32 -5.42
C CYS H 198 -0.64 20.60 -5.34
N SER H 199 -1.93 20.51 -5.68
CA SER H 199 -2.82 21.66 -5.74
C SER H 199 -4.05 21.38 -4.88
N LYS H 200 -4.00 21.81 -3.63
CA LYS H 200 -5.16 21.82 -2.73
C LYS H 200 -5.78 20.44 -2.59
N ASP H 201 -6.91 20.21 -3.27
CA ASP H 201 -7.64 18.95 -3.11
C ASP H 201 -6.83 17.76 -3.60
N GLU H 202 -5.94 17.97 -4.58
CA GLU H 202 -5.07 16.90 -5.00
C GLU H 202 -4.19 16.42 -3.86
N ALA H 203 -3.61 17.35 -3.10
CA ALA H 203 -2.76 16.99 -1.97
C ALA H 203 -3.55 16.26 -0.90
N VAL H 204 -4.77 16.71 -0.61
CA VAL H 204 -5.54 16.08 0.45
C VAL H 204 -5.97 14.68 0.03
N LEU H 205 -6.30 14.49 -1.26
CA LEU H 205 -6.65 13.16 -1.74
C LEU H 205 -5.43 12.23 -1.68
N ILE H 206 -4.26 12.76 -2.06
CA ILE H 206 -3.04 11.96 -2.00
C ILE H 206 -2.73 11.55 -0.57
N LEU H 207 -2.90 12.47 0.38
CA LEU H 207 -2.63 12.14 1.78
C LEU H 207 -3.65 11.14 2.32
N SER H 208 -4.91 11.27 1.91
CA SER H 208 -5.93 10.32 2.33
C SER H 208 -5.65 8.93 1.78
N GLU H 209 -5.09 8.83 0.57
CA GLU H 209 -4.68 7.53 0.06
C GLU H 209 -3.45 7.02 0.79
N ALA H 210 -2.50 7.91 1.12
CA ALA H 210 -1.24 7.47 1.70
C ALA H 210 -1.38 7.03 3.15
N ARG H 211 -2.32 7.62 3.89
CA ARG H 211 -2.50 7.21 5.28
C ARG H 211 -2.91 5.75 5.39
N SER H 212 -3.67 5.24 4.42
CA SER H 212 -4.09 3.85 4.44
C SER H 212 -2.92 2.89 4.17
N LEU H 213 -1.82 3.38 3.63
CA LEU H 213 -0.63 2.54 3.44
C LEU H 213 0.22 2.44 4.70
N GLY H 214 0.22 3.48 5.53
CA GLY H 214 1.02 3.49 6.74
C GLY H 214 2.22 4.40 6.71
N LEU H 215 2.45 5.12 5.61
CA LEU H 215 3.56 6.07 5.54
C LEU H 215 3.34 7.29 6.43
N THR H 216 2.23 7.35 7.15
CA THR H 216 1.91 8.47 8.04
C THR H 216 2.13 8.10 9.50
N GLY H 217 3.18 7.33 9.78
CA GLY H 217 3.49 6.92 11.13
C GLY H 217 4.05 8.04 11.98
N TYR H 218 4.81 7.65 13.00
CA TYR H 218 5.36 8.60 13.96
C TYR H 218 6.74 9.10 13.57
N ASP H 219 7.31 8.63 12.46
CA ASP H 219 8.66 8.99 12.04
C ASP H 219 8.69 9.36 10.57
N PHE H 220 7.74 10.21 10.14
CA PHE H 220 7.66 10.65 8.76
C PHE H 220 7.34 12.13 8.72
N PHE H 221 7.76 12.78 7.64
CA PHE H 221 7.59 14.23 7.49
C PHE H 221 7.04 14.55 6.12
N TRP H 222 6.22 15.61 6.07
CA TRP H 222 5.72 16.17 4.83
C TRP H 222 5.97 17.67 4.84
N ILE H 223 6.59 18.17 3.78
CA ILE H 223 7.09 19.55 3.77
C ILE H 223 6.44 20.31 2.61
N VAL H 224 5.17 20.01 2.35
CA VAL H 224 4.39 20.57 1.24
C VAL H 224 4.64 22.07 1.06
N PRO H 225 4.93 22.54 -0.16
CA PRO H 225 5.27 23.95 -0.38
C PRO H 225 4.03 24.81 -0.55
N SER H 226 3.75 25.65 0.45
CA SER H 226 2.59 26.52 0.43
C SER H 226 1.36 25.73 0.02
N LEU H 227 0.96 25.87 -1.24
CA LEU H 227 -0.12 25.09 -1.84
C LEU H 227 -1.30 24.93 -0.89
N VAL H 228 -1.26 23.92 -0.04
CA VAL H 228 -2.31 23.72 0.96
C VAL H 228 -1.90 24.55 2.18
N SER H 229 -2.14 25.85 2.08
CA SER H 229 -2.02 26.75 3.21
C SER H 229 -3.13 27.79 3.30
N GLY H 230 -3.79 28.12 2.19
CA GLY H 230 -4.82 29.13 2.20
C GLY H 230 -4.28 30.46 2.68
N ASN H 231 -5.16 31.20 3.37
CA ASN H 231 -4.78 32.45 4.01
C ASN H 231 -5.27 32.50 5.46
N THR H 232 -5.64 31.35 6.00
CA THR H 232 -6.17 31.26 7.36
C THR H 232 -5.95 29.85 7.88
N GLU H 233 -6.61 29.53 8.99
CA GLU H 233 -6.55 28.18 9.58
C GLU H 233 -7.67 27.31 9.02
N LEU H 234 -7.72 27.19 7.70
CA LEU H 234 -8.74 26.41 7.00
C LEU H 234 -8.17 25.08 6.55
N ILE H 235 -7.36 24.46 7.38
CA ILE H 235 -6.76 23.17 7.01
C ILE H 235 -7.87 22.14 6.83
N PRO H 236 -7.78 21.24 5.87
CA PRO H 236 -8.79 20.19 5.75
C PRO H 236 -8.75 19.24 6.93
N LYS H 237 -9.92 18.66 7.23
CA LYS H 237 -10.06 17.84 8.43
C LYS H 237 -9.25 16.55 8.33
N GLU H 238 -9.01 16.06 7.12
CA GLU H 238 -8.23 14.84 6.90
C GLU H 238 -6.73 15.08 6.94
N PHE H 239 -6.29 16.33 7.04
CA PHE H 239 -4.87 16.59 7.27
C PHE H 239 -4.53 16.12 8.68
N PRO H 240 -3.75 15.05 8.86
CA PRO H 240 -3.64 14.42 10.18
C PRO H 240 -3.10 15.35 11.27
N SER H 241 -1.86 15.78 11.13
CA SER H 241 -1.22 16.75 12.02
C SER H 241 0.22 16.91 11.56
N GLY H 242 0.92 17.86 12.19
CA GLY H 242 2.37 17.95 12.08
C GLY H 242 2.88 18.12 10.66
N LEU H 243 2.20 18.91 9.84
CA LEU H 243 2.62 19.14 8.47
C LEU H 243 3.54 20.36 8.42
N ILE H 244 4.78 20.14 7.99
CA ILE H 244 5.77 21.21 7.93
C ILE H 244 5.49 22.05 6.70
N SER H 245 5.52 23.37 6.86
CA SER H 245 5.24 24.23 5.72
C SER H 245 5.93 25.58 5.90
N VAL H 246 6.03 26.31 4.80
CA VAL H 246 6.54 27.68 4.80
C VAL H 246 5.57 28.55 4.02
N SER H 247 5.48 29.82 4.41
CA SER H 247 4.53 30.73 3.79
C SER H 247 4.95 32.16 4.06
N TYR H 248 4.26 33.09 3.38
CA TYR H 248 4.49 34.51 3.58
C TYR H 248 3.97 34.96 4.94
N ASP H 249 4.66 35.93 5.53
CA ASP H 249 4.32 36.39 6.87
C ASP H 249 3.23 37.44 6.82
N ASP H 250 2.29 37.36 7.76
CA ASP H 250 1.22 38.34 7.90
C ASP H 250 0.99 38.79 9.34
N TRP H 251 1.62 38.14 10.32
CA TRP H 251 1.45 38.49 11.73
C TRP H 251 2.58 39.35 12.26
N ASP H 252 3.78 39.21 11.71
CA ASP H 252 4.88 40.12 11.99
C ASP H 252 4.92 41.29 11.00
N TYR H 253 3.95 41.36 10.09
CA TYR H 253 3.88 42.43 9.10
C TYR H 253 2.41 42.75 8.86
N SER H 254 2.02 43.98 9.19
CA SER H 254 0.64 44.42 9.05
C SER H 254 0.49 45.33 7.84
N LEU H 255 -0.73 45.35 7.29
CA LEU H 255 -0.99 46.17 6.12
C LEU H 255 -0.75 47.65 6.38
N GLU H 256 -0.95 48.09 7.62
CA GLU H 256 -0.69 49.49 7.96
C GLU H 256 0.77 49.85 7.75
N ALA H 257 1.67 48.87 7.86
CA ALA H 257 3.08 49.10 7.55
C ALA H 257 3.40 48.83 6.09
N ARG H 258 2.69 47.89 5.46
CA ARG H 258 2.91 47.64 4.04
C ARG H 258 2.57 48.86 3.20
N VAL H 259 1.46 49.52 3.52
CA VAL H 259 1.09 50.73 2.79
C VAL H 259 2.14 51.81 2.99
N ARG H 260 2.65 51.95 4.22
CA ARG H 260 3.70 52.94 4.49
C ARG H 260 4.94 52.64 3.67
N ASP H 261 5.34 51.37 3.62
CA ASP H 261 6.50 50.98 2.84
C ASP H 261 6.30 51.30 1.37
N GLY H 262 5.11 51.02 0.84
CA GLY H 262 4.84 51.34 -0.56
C GLY H 262 4.91 52.83 -0.84
N ILE H 263 4.32 53.64 0.05
CA ILE H 263 4.37 55.09 -0.12
C ILE H 263 5.82 55.54 -0.12
N GLY H 264 6.62 55.04 0.81
CA GLY H 264 8.01 55.41 0.89
C GLY H 264 8.78 55.01 -0.36
N ILE H 265 8.49 53.82 -0.90
CA ILE H 265 9.16 53.38 -2.11
C ILE H 265 8.83 54.31 -3.27
N LEU H 266 7.56 54.66 -3.42
CA LEU H 266 7.19 55.57 -4.50
C LEU H 266 7.89 56.92 -4.35
N THR H 267 7.90 57.46 -3.12
CA THR H 267 8.53 58.76 -2.91
C THR H 267 10.03 58.71 -3.16
N THR H 268 10.69 57.63 -2.72
CA THR H 268 12.12 57.49 -2.94
C THR H 268 12.43 57.36 -4.42
N ALA H 269 11.59 56.62 -5.15
CA ALA H 269 11.78 56.50 -6.59
C ALA H 269 11.63 57.86 -7.27
N ALA H 270 10.64 58.64 -6.84
CA ALA H 270 10.47 59.98 -7.39
C ALA H 270 11.69 60.85 -7.08
N SER H 271 12.21 60.75 -5.86
CA SER H 271 13.39 61.52 -5.49
C SER H 271 14.59 61.13 -6.35
N SER H 272 14.78 59.83 -6.58
CA SER H 272 15.88 59.38 -7.43
C SER H 272 15.71 59.88 -8.86
N MET H 273 14.48 59.83 -9.38
CA MET H 273 14.23 60.31 -10.74
C MET H 273 14.54 61.80 -10.86
N LEU H 274 14.12 62.59 -9.86
CA LEU H 274 14.41 64.02 -9.89
C LEU H 274 15.89 64.30 -9.69
N GLU H 275 16.59 63.46 -8.94
CA GLU H 275 18.02 63.61 -8.78
C GLU H 275 18.80 63.18 -10.02
N LYS H 276 18.19 62.37 -10.89
CA LYS H 276 18.86 61.91 -12.10
C LYS H 276 18.31 62.51 -13.38
N PHE H 277 17.06 62.97 -13.38
CA PHE H 277 16.45 63.55 -14.57
C PHE H 277 15.91 64.96 -14.37
N SER H 278 15.79 65.43 -13.13
CA SER H 278 15.39 66.79 -12.79
C SER H 278 14.01 67.17 -13.30
N TYR H 279 13.21 66.19 -13.75
CA TYR H 279 11.89 66.48 -14.30
C TYR H 279 11.12 65.17 -14.39
N ILE H 280 9.89 65.16 -13.88
CA ILE H 280 9.02 64.00 -13.98
C ILE H 280 7.79 64.38 -14.78
N PRO H 281 7.62 63.82 -15.98
CA PRO H 281 6.42 64.12 -16.77
C PRO H 281 5.19 63.37 -16.28
N GLU H 282 4.09 63.49 -17.01
CA GLU H 282 2.84 62.82 -16.68
C GLU H 282 2.37 62.01 -17.88
N ALA H 283 1.40 61.13 -17.63
CA ALA H 283 0.81 60.30 -18.67
C ALA H 283 -0.71 60.26 -18.52
N LYS H 284 -1.32 61.42 -18.32
CA LYS H 284 -2.76 61.53 -18.10
C LYS H 284 -3.51 61.88 -19.39
N ALA H 285 -3.03 61.40 -20.53
CA ALA H 285 -3.70 61.69 -21.79
C ALA H 285 -5.12 61.13 -21.80
N SER H 286 -5.25 59.80 -21.73
CA SER H 286 -6.54 59.15 -21.70
C SER H 286 -6.36 57.67 -21.43
N CYS H 287 -7.30 57.09 -20.68
CA CYS H 287 -7.35 55.64 -20.55
C CYS H 287 -8.01 55.00 -21.76
N TYR H 288 -9.25 55.40 -22.04
CA TYR H 288 -9.92 54.96 -23.25
C TYR H 288 -9.34 55.67 -24.47
N GLY H 289 -9.83 55.30 -25.65
CA GLY H 289 -9.33 55.89 -26.87
C GLY H 289 -7.85 55.68 -27.08
N GLN H 290 -7.36 54.50 -26.72
CA GLN H 290 -5.93 54.19 -26.79
C GLN H 290 -5.55 53.86 -28.23
N MET H 291 -4.36 53.28 -28.41
CA MET H 291 -3.81 52.97 -29.73
C MET H 291 -3.68 54.23 -30.58
N GLU H 292 -3.32 55.33 -29.93
CA GLU H 292 -3.13 56.61 -30.60
C GLU H 292 -1.70 57.12 -30.51
N ARG H 293 -0.80 56.39 -29.86
CA ARG H 293 0.58 56.84 -29.70
C ARG H 293 1.51 55.66 -29.50
N PRO H 294 2.70 55.68 -30.10
CA PRO H 294 3.68 54.61 -29.87
C PRO H 294 4.45 54.78 -28.58
N GLU H 295 5.47 53.95 -28.38
CA GLU H 295 6.24 53.97 -27.13
C GLU H 295 6.94 55.31 -26.93
N VAL H 296 7.06 55.72 -25.67
CA VAL H 296 7.73 56.96 -25.30
C VAL H 296 8.51 56.74 -24.00
N PRO H 297 9.81 56.41 -24.08
CA PRO H 297 10.61 56.19 -22.87
C PRO H 297 11.17 57.48 -22.26
N MET H 298 10.32 58.17 -21.50
CA MET H 298 10.70 59.44 -20.90
C MET H 298 11.23 59.28 -19.48
N HIS H 299 10.38 58.83 -18.56
CA HIS H 299 10.71 58.73 -17.15
C HIS H 299 10.29 57.36 -16.61
N THR H 300 10.63 56.30 -17.33
CA THR H 300 10.28 54.96 -16.91
C THR H 300 10.86 54.67 -15.52
N LEU H 301 10.03 54.08 -14.66
CA LEU H 301 10.43 53.78 -13.29
C LEU H 301 11.36 52.58 -13.22
N HIS H 302 11.53 51.85 -14.31
CA HIS H 302 12.31 50.61 -14.31
C HIS H 302 13.71 50.76 -13.73
N PRO H 303 14.50 51.78 -14.07
CA PRO H 303 15.83 51.92 -13.47
C PRO H 303 15.85 52.66 -12.14
N PHE H 304 14.70 53.12 -11.64
CA PHE H 304 14.67 53.97 -10.46
C PHE H 304 14.10 53.26 -9.23
N MET H 305 13.96 51.94 -9.28
CA MET H 305 13.32 51.24 -8.18
C MET H 305 14.14 50.03 -7.76
N VAL H 306 14.91 49.47 -8.71
CA VAL H 306 15.54 48.18 -8.51
C VAL H 306 16.54 48.15 -7.35
N ASN H 307 17.03 49.30 -6.91
CA ASN H 307 18.00 49.37 -5.83
C ASN H 307 17.61 50.45 -4.83
N VAL H 308 16.36 50.44 -4.41
CA VAL H 308 15.79 51.48 -3.55
C VAL H 308 15.56 50.91 -2.16
N THR H 309 16.09 51.59 -1.15
CA THR H 309 15.89 51.27 0.25
C THR H 309 14.93 52.29 0.86
N TRP H 310 14.70 52.16 2.16
CA TRP H 310 13.80 53.09 2.86
C TRP H 310 14.14 53.08 4.34
N ASP H 311 14.49 54.26 4.88
CA ASP H 311 14.73 54.45 6.30
C ASP H 311 15.73 53.42 6.84
N GLY H 312 16.76 53.16 6.05
CA GLY H 312 17.71 52.11 6.39
C GLY H 312 17.32 50.74 5.87
N LYS H 313 16.07 50.34 6.12
CA LYS H 313 15.60 49.05 5.65
C LYS H 313 15.60 49.01 4.12
N ASP H 314 16.10 47.91 3.56
CA ASP H 314 16.18 47.75 2.11
C ASP H 314 15.34 46.57 1.69
N LEU H 315 14.52 46.77 0.66
CA LEU H 315 13.69 45.71 0.10
C LEU H 315 13.69 45.79 -1.43
N SER H 316 14.83 46.11 -2.01
CA SER H 316 14.92 46.32 -3.45
C SER H 316 14.57 45.04 -4.22
N PHE H 317 13.87 45.22 -5.34
CA PHE H 317 13.42 44.10 -6.14
C PHE H 317 14.43 43.78 -7.24
N THR H 318 14.11 42.80 -8.07
CA THR H 318 15.00 42.41 -9.17
C THR H 318 14.21 41.70 -10.25
N GLU H 319 14.32 42.21 -11.48
CA GLU H 319 13.69 41.58 -12.65
C GLU H 319 12.20 41.38 -12.44
N GLU H 320 11.81 40.18 -12.02
CA GLU H 320 10.42 39.88 -11.71
C GLU H 320 10.11 40.40 -10.30
N GLY H 321 8.97 39.99 -9.75
CA GLY H 321 8.55 40.49 -8.46
C GLY H 321 9.35 39.99 -7.28
N TYR H 322 10.52 39.42 -7.53
CA TYR H 322 11.35 38.91 -6.45
C TYR H 322 11.98 40.05 -5.68
N GLN H 323 11.83 40.02 -4.36
CA GLN H 323 12.27 41.10 -3.49
C GLN H 323 13.59 40.82 -2.78
N VAL H 324 14.31 39.78 -3.21
CA VAL H 324 15.63 39.46 -2.70
C VAL H 324 15.59 39.10 -1.22
N HIS H 325 14.87 39.88 -0.42
CA HIS H 325 14.79 39.68 1.04
C HIS H 325 13.33 39.60 1.46
N PRO H 326 12.66 38.48 1.17
CA PRO H 326 11.29 38.30 1.65
C PRO H 326 11.27 37.79 3.08
N ARG H 327 10.16 38.08 3.76
CA ARG H 327 9.99 37.70 5.16
C ARG H 327 9.22 36.39 5.28
N LEU H 328 9.80 35.34 4.72
CA LEU H 328 9.18 34.02 4.78
C LEU H 328 9.20 33.48 6.20
N VAL H 329 8.15 32.75 6.57
CA VAL H 329 8.01 32.19 7.91
C VAL H 329 7.63 30.72 7.80
N VAL H 330 8.21 29.90 8.67
CA VAL H 330 7.98 28.46 8.69
C VAL H 330 6.99 28.13 9.80
N ILE H 331 5.99 27.31 9.47
CA ILE H 331 4.94 26.93 10.41
C ILE H 331 4.77 25.42 10.39
N VAL H 332 4.17 24.92 11.48
CA VAL H 332 3.84 23.51 11.64
C VAL H 332 2.38 23.42 12.04
N LEU H 333 1.76 22.26 11.74
CA LEU H 333 0.39 22.02 12.16
C LEU H 333 0.34 21.76 13.65
N ASN H 334 -0.62 22.40 14.33
CA ASN H 334 -0.77 22.27 15.77
C ASN H 334 -1.62 21.05 16.13
N LYS H 335 -1.56 20.66 17.40
CA LYS H 335 -2.41 19.59 17.88
C LYS H 335 -3.89 19.95 17.76
N ASP H 336 -4.21 21.22 18.03
CA ASP H 336 -5.59 21.72 17.95
C ASP H 336 -5.96 22.20 16.55
N ARG H 337 -5.29 21.67 15.52
CA ARG H 337 -5.56 22.02 14.13
C ARG H 337 -5.41 23.53 13.89
N GLU H 338 -4.18 23.99 14.13
CA GLU H 338 -3.81 25.38 13.90
C GLU H 338 -2.39 25.40 13.36
N TRP H 339 -1.87 26.60 13.12
CA TRP H 339 -0.53 26.79 12.58
C TRP H 339 0.36 27.43 13.63
N GLU H 340 1.49 26.79 13.91
CA GLU H 340 2.46 27.32 14.87
C GLU H 340 3.29 28.39 14.19
N LYS H 341 4.35 28.84 14.86
CA LYS H 341 5.27 29.82 14.28
C LYS H 341 6.66 29.55 14.86
N VAL H 342 7.45 28.78 14.11
CA VAL H 342 8.80 28.42 14.53
C VAL H 342 9.76 28.93 13.47
N GLY H 343 10.72 29.76 13.90
CA GLY H 343 11.73 30.28 13.01
C GLY H 343 11.22 31.31 12.02
N LYS H 344 12.10 32.17 11.56
CA LYS H 344 11.74 33.21 10.60
C LYS H 344 12.93 33.46 9.69
N TRP H 345 12.70 33.36 8.38
CA TRP H 345 13.75 33.60 7.39
C TRP H 345 13.96 35.10 7.30
N GLU H 346 14.84 35.62 8.18
CA GLU H 346 15.19 37.03 8.18
C GLU H 346 16.50 37.29 7.45
N ASN H 347 17.57 36.65 7.90
CA ASN H 347 18.84 36.64 7.21
C ASN H 347 18.99 35.31 6.49
N HIS H 348 20.18 35.05 5.95
CA HIS H 348 20.44 33.75 5.34
C HIS H 348 20.40 32.63 6.36
N THR H 349 20.45 32.95 7.65
CA THR H 349 20.28 31.98 8.71
C THR H 349 18.80 31.83 9.04
N LEU H 350 18.41 30.61 9.42
CA LEU H 350 17.01 30.32 9.68
C LEU H 350 16.54 30.90 11.00
N SER H 351 17.37 30.79 12.04
CA SER H 351 17.02 31.24 13.40
C SER H 351 15.76 30.53 13.89
N LEU H 352 15.87 29.21 14.01
CA LEU H 352 14.77 28.39 14.50
C LEU H 352 14.65 28.48 16.01
N ARG H 353 13.51 28.03 16.53
CA ARG H 353 13.21 28.08 17.95
C ARG H 353 13.33 26.73 18.65
N HIS H 354 13.15 25.62 17.93
CA HIS H 354 13.15 24.30 18.53
C HIS H 354 14.55 23.68 18.44
N ALA H 355 15.11 23.31 19.59
CA ALA H 355 16.37 22.60 19.58
C ALA H 355 16.22 21.19 19.03
N VAL H 356 15.12 20.52 19.36
CA VAL H 356 14.82 19.18 18.88
C VAL H 356 13.37 19.13 18.42
N TRP H 357 13.04 18.09 17.67
CA TRP H 357 11.69 18.07 17.12
C TRP H 357 10.70 17.54 18.14
N PRO H 358 9.52 18.16 18.23
CA PRO H 358 8.55 17.78 19.29
C PRO H 358 7.90 16.42 19.07
N ARG H 359 8.12 15.77 17.93
CA ARG H 359 7.51 14.47 17.63
C ARG H 359 5.99 14.56 17.70
N TYR H 360 5.44 15.35 16.78
CA TYR H 360 4.00 15.57 16.72
C TYR H 360 3.27 14.26 16.49
N LYS H 361 2.15 14.09 17.20
CA LYS H 361 1.30 12.92 17.01
C LYS H 361 0.72 12.96 15.60
N SER H 362 0.98 11.90 14.82
CA SER H 362 0.58 11.89 13.42
C SER H 362 -0.93 12.00 13.27
N PHE H 363 -1.65 10.99 13.74
CA PHE H 363 -3.10 10.94 13.62
C PHE H 363 -3.74 11.02 15.00
N SER H 364 -5.06 11.24 14.99
CA SER H 364 -5.82 11.34 16.22
C SER H 364 -5.86 10.01 16.97
N ASP H 370 12.53 4.52 18.87
CA ASP H 370 12.21 4.72 20.28
C ASP H 370 13.39 4.37 21.17
N ASN H 371 14.60 4.65 20.68
CA ASN H 371 15.82 4.36 21.42
C ASN H 371 16.64 5.60 21.74
N HIS H 372 16.20 6.78 21.31
CA HIS H 372 16.96 8.01 21.53
C HIS H 372 16.91 8.37 23.01
N LEU H 373 18.08 8.55 23.62
CA LEU H 373 18.18 8.84 25.05
C LEU H 373 19.00 10.10 25.26
N SER H 374 19.18 10.46 26.52
CA SER H 374 19.94 11.65 26.91
C SER H 374 21.18 11.19 27.68
N ILE H 375 22.31 11.15 26.99
CA ILE H 375 23.60 10.86 27.60
C ILE H 375 24.19 12.17 28.12
N VAL H 376 24.67 12.16 29.35
CA VAL H 376 25.18 13.36 30.00
C VAL H 376 26.63 13.12 30.40
N THR H 377 27.51 14.04 30.02
CA THR H 377 28.92 13.96 30.38
C THR H 377 29.52 15.36 30.32
N LEU H 378 30.68 15.51 30.93
CA LEU H 378 31.44 16.75 30.92
C LEU H 378 32.88 16.44 30.54
N GLU H 379 33.61 17.48 30.15
CA GLU H 379 34.97 17.30 29.66
C GLU H 379 35.95 17.20 30.82
N GLU H 380 36.91 16.30 30.68
CA GLU H 380 38.01 16.15 31.63
C GLU H 380 39.04 15.21 31.04
N ALA H 381 40.33 15.53 31.27
CA ALA H 381 41.43 14.63 30.95
C ALA H 381 41.48 14.35 29.45
N PRO H 382 42.41 13.49 28.97
CA PRO H 382 42.30 12.94 27.60
C PRO H 382 41.25 11.85 27.49
N PHE H 383 40.06 12.11 28.04
CA PHE H 383 38.92 11.21 27.97
C PHE H 383 37.72 11.85 27.29
N VAL H 384 37.41 13.10 27.62
CA VAL H 384 36.45 13.91 26.89
C VAL H 384 37.08 15.28 26.67
N ILE H 385 37.08 15.76 25.43
CA ILE H 385 37.73 17.00 25.05
C ILE H 385 36.69 17.93 24.43
N VAL H 386 36.71 19.19 24.85
CA VAL H 386 35.79 20.20 24.35
C VAL H 386 36.50 21.00 23.27
N GLU H 387 35.83 21.19 22.13
CA GLU H 387 36.35 21.99 21.03
C GLU H 387 35.26 22.92 20.53
N ASP H 388 35.65 24.12 20.15
CA ASP H 388 34.70 25.09 19.64
C ASP H 388 34.25 24.72 18.22
N ILE H 389 33.04 25.17 17.87
CA ILE H 389 32.51 24.91 16.53
C ILE H 389 33.30 25.73 15.51
N ASP H 390 33.32 25.24 14.28
CA ASP H 390 34.09 25.88 13.22
C ASP H 390 33.19 26.74 12.36
N PRO H 391 33.32 28.08 12.40
CA PRO H 391 32.54 28.92 11.48
C PRO H 391 32.78 28.63 10.01
N LEU H 392 34.02 28.30 9.63
CA LEU H 392 34.32 27.99 8.24
C LEU H 392 33.81 26.60 7.90
N THR H 393 32.99 26.52 6.85
CA THR H 393 32.32 25.27 6.45
C THR H 393 31.57 24.68 7.65
N GLU H 394 30.54 25.42 8.06
CA GLU H 394 29.91 25.22 9.37
C GLU H 394 29.50 23.78 9.61
N THR H 395 30.18 23.14 10.56
CA THR H 395 29.97 21.75 10.93
C THR H 395 30.90 21.47 12.10
N CYS H 396 30.83 20.24 12.62
CA CYS H 396 31.75 19.80 13.67
C CYS H 396 32.88 18.98 13.05
N VAL H 397 33.76 19.71 12.35
CA VAL H 397 34.91 19.16 11.65
C VAL H 397 34.46 18.02 10.76
N ARG H 398 34.88 16.80 11.06
CA ARG H 398 34.47 15.62 10.32
C ARG H 398 33.95 14.51 11.21
N ASN H 399 34.50 14.35 12.41
CA ASN H 399 34.15 13.26 13.30
C ASN H 399 33.63 13.68 14.65
N THR H 400 33.92 14.90 15.10
CA THR H 400 33.42 15.37 16.39
C THR H 400 31.89 15.45 16.38
N VAL H 401 31.29 15.11 17.51
CA VAL H 401 29.84 15.05 17.61
C VAL H 401 29.30 16.30 18.31
N PRO H 402 28.14 16.81 17.91
CA PRO H 402 27.56 18.04 18.49
C PRO H 402 26.93 17.86 19.87
N CYS H 403 27.76 17.93 20.90
CA CYS H 403 27.27 18.00 22.28
C CYS H 403 26.99 19.46 22.60
N ARG H 404 25.77 19.75 23.06
CA ARG H 404 25.31 21.12 23.23
C ARG H 404 25.46 21.53 24.68
N LYS H 405 26.40 22.43 24.95
CA LYS H 405 26.60 22.93 26.30
C LYS H 405 25.54 23.94 26.67
N PHE H 406 25.18 23.95 27.95
CA PHE H 406 24.33 25.00 28.49
C PHE H 406 25.14 26.29 28.53
N VAL H 407 24.81 27.24 27.66
CA VAL H 407 25.62 28.43 27.49
C VAL H 407 25.71 29.17 28.82
N LYS H 408 26.95 29.37 29.29
CA LYS H 408 27.21 29.97 30.59
C LYS H 408 27.63 31.43 30.41
N ILE H 409 27.04 32.31 31.21
CA ILE H 409 27.36 33.72 31.22
C ILE H 409 27.54 34.17 32.66
N ASN H 410 27.84 35.45 32.85
CA ASN H 410 28.05 36.05 34.15
C ASN H 410 26.89 36.98 34.48
N ASN H 411 27.02 37.67 35.61
CA ASN H 411 26.02 38.62 36.11
C ASN H 411 24.69 37.87 36.31
N SER H 412 23.57 38.58 36.17
CA SER H 412 22.26 37.96 36.33
C SER H 412 21.76 37.31 35.05
N THR H 413 22.48 37.46 33.92
CA THR H 413 22.08 36.89 32.65
C THR H 413 22.74 35.53 32.41
N ASN H 414 23.04 34.77 33.46
CA ASN H 414 23.64 33.46 33.31
C ASN H 414 22.68 32.43 32.73
N GLU H 415 21.39 32.76 32.62
CA GLU H 415 20.40 31.84 32.08
C GLU H 415 20.51 31.81 30.56
N GLY H 416 21.61 31.22 30.09
CA GLY H 416 21.85 31.10 28.67
C GLY H 416 21.09 29.95 28.04
N MET H 417 21.15 29.89 26.72
CA MET H 417 20.50 28.84 25.95
C MET H 417 21.42 27.62 25.88
N ASN H 418 21.07 26.67 25.02
CA ASN H 418 21.86 25.46 24.81
C ASN H 418 22.62 25.61 23.49
N VAL H 419 23.84 26.12 23.58
CA VAL H 419 24.67 26.38 22.41
C VAL H 419 25.45 25.11 22.06
N LYS H 420 25.61 24.88 20.77
CA LYS H 420 26.28 23.67 20.28
C LYS H 420 27.79 23.79 20.44
N LYS H 421 28.45 22.63 20.50
CA LYS H 421 29.91 22.55 20.53
C LYS H 421 30.35 21.25 19.89
N CYS H 422 31.62 21.21 19.49
CA CYS H 422 32.22 20.03 18.90
C CYS H 422 33.02 19.30 19.97
N CYS H 423 32.64 18.04 20.23
CA CYS H 423 33.10 17.34 21.43
C CYS H 423 33.58 15.96 21.06
N LYS H 424 34.76 15.59 21.58
CA LYS H 424 35.37 14.29 21.36
C LYS H 424 36.14 13.90 22.61
N GLY H 425 36.95 12.86 22.50
CA GLY H 425 37.74 12.38 23.61
C GLY H 425 37.96 10.88 23.49
N PHE H 426 38.33 10.28 24.61
CA PHE H 426 38.61 8.85 24.66
C PHE H 426 37.37 8.01 24.94
N CYS H 427 36.25 8.63 25.31
CA CYS H 427 35.02 7.92 25.57
C CYS H 427 34.00 8.06 24.46
N ILE H 428 34.10 9.11 23.62
CA ILE H 428 33.14 9.32 22.56
C ILE H 428 33.24 8.22 21.52
N ASP H 429 34.46 7.76 21.22
CA ASP H 429 34.63 6.66 20.29
C ASP H 429 34.00 5.37 20.82
N ILE H 430 34.17 5.11 22.11
CA ILE H 430 33.53 3.93 22.71
C ILE H 430 32.02 4.06 22.65
N LEU H 431 31.50 5.26 22.93
CA LEU H 431 30.06 5.47 22.84
C LEU H 431 29.55 5.24 21.42
N LYS H 432 30.28 5.73 20.42
CA LYS H 432 29.80 5.60 19.05
C LYS H 432 29.93 4.17 18.53
N LYS H 433 30.94 3.42 18.96
CA LYS H 433 31.00 2.02 18.57
C LYS H 433 29.92 1.20 19.28
N LEU H 434 29.62 1.54 20.53
CA LEU H 434 28.49 0.92 21.21
C LEU H 434 27.19 1.24 20.49
N SER H 435 27.05 2.47 20.00
CA SER H 435 25.89 2.83 19.20
C SER H 435 25.83 2.03 17.90
N ARG H 436 26.98 1.80 17.28
CA ARG H 436 27.02 0.98 16.08
C ARG H 436 26.53 -0.43 16.37
N THR H 437 26.96 -1.00 17.50
CA THR H 437 26.57 -2.37 17.83
C THR H 437 25.21 -2.48 18.49
N VAL H 438 24.58 -1.37 18.86
CA VAL H 438 23.33 -1.42 19.61
C VAL H 438 22.26 -0.61 18.88
N LYS H 439 22.68 0.37 18.08
CA LYS H 439 21.78 1.24 17.32
C LYS H 439 20.88 2.06 18.26
N PHE H 440 21.54 2.87 19.07
CA PHE H 440 20.85 3.82 19.94
C PHE H 440 21.38 5.23 19.66
N THR H 441 20.46 6.20 19.59
CA THR H 441 20.83 7.57 19.30
C THR H 441 21.27 8.28 20.58
N TYR H 442 21.42 9.60 20.53
CA TYR H 442 21.94 10.33 21.68
C TYR H 442 21.36 11.74 21.72
N ASP H 443 21.41 12.33 22.91
CA ASP H 443 21.08 13.73 23.13
C ASP H 443 22.16 14.35 24.02
N LEU H 444 23.41 14.11 23.68
CA LEU H 444 24.52 14.50 24.54
C LEU H 444 24.56 16.01 24.72
N TYR H 445 24.67 16.44 25.99
CA TYR H 445 24.77 17.84 26.32
C TYR H 445 25.64 17.99 27.55
N LEU H 446 26.45 19.05 27.58
CA LEU H 446 27.40 19.25 28.67
C LEU H 446 26.65 19.54 29.97
N VAL H 447 27.14 18.94 31.05
CA VAL H 447 26.63 19.24 32.39
C VAL H 447 27.54 20.28 33.03
N THR H 448 26.94 21.36 33.52
CA THR H 448 27.66 22.42 34.25
C THR H 448 26.88 22.70 35.53
N ASN H 449 27.13 21.88 36.55
CA ASN H 449 26.53 22.09 37.86
C ASN H 449 27.51 21.75 38.98
N GLY H 450 28.76 21.46 38.66
CA GLY H 450 29.68 20.93 39.64
C GLY H 450 30.82 20.16 39.01
N LYS H 451 31.00 18.92 39.42
CA LYS H 451 32.12 18.09 39.00
C LYS H 451 31.64 16.65 38.91
N HIS H 452 32.58 15.71 38.92
CA HIS H 452 32.24 14.29 38.81
C HIS H 452 31.19 13.88 39.83
N GLY H 453 31.35 14.29 41.09
CA GLY H 453 30.34 14.03 42.09
C GLY H 453 30.86 13.30 43.31
N LYS H 454 30.27 13.61 44.47
CA LYS H 454 30.68 12.98 45.72
C LYS H 454 29.51 13.05 46.70
N LYS H 455 29.61 12.26 47.76
CA LYS H 455 28.58 12.21 48.79
C LYS H 455 28.83 13.32 49.80
N VAL H 456 28.44 14.53 49.42
CA VAL H 456 28.59 15.72 50.26
C VAL H 456 27.19 16.22 50.59
N ASN H 457 26.88 16.32 51.88
CA ASN H 457 25.57 16.77 52.36
C ASN H 457 24.43 15.92 51.79
N ASN H 458 24.70 14.63 51.58
CA ASN H 458 23.69 13.67 51.12
C ASN H 458 23.05 14.11 49.80
N VAL H 459 23.86 14.68 48.90
CA VAL H 459 23.39 15.09 47.59
C VAL H 459 24.57 15.05 46.62
N TRP H 460 24.35 14.45 45.47
CA TRP H 460 25.38 14.33 44.44
C TRP H 460 25.19 15.45 43.41
N ASN H 461 26.28 16.14 43.10
CA ASN H 461 26.25 17.25 42.14
C ASN H 461 27.06 16.85 40.92
N GLY H 462 26.44 16.93 39.74
CA GLY H 462 27.11 16.60 38.50
C GLY H 462 27.17 15.12 38.22
N MET H 463 26.92 14.73 36.98
CA MET H 463 26.97 13.34 36.54
C MET H 463 26.03 12.45 37.35
N ILE H 464 26.60 11.78 38.37
CA ILE H 464 25.88 10.75 39.11
C ILE H 464 24.63 11.31 39.75
N GLY H 465 24.64 12.59 40.14
CA GLY H 465 23.45 13.19 40.71
C GLY H 465 22.27 13.11 39.75
N GLU H 466 22.49 13.42 38.47
CA GLU H 466 21.45 13.24 37.48
C GLU H 466 20.98 11.79 37.45
N VAL H 467 21.91 10.84 37.55
CA VAL H 467 21.56 9.43 37.56
C VAL H 467 20.69 9.11 38.78
N VAL H 468 20.89 9.82 39.89
CA VAL H 468 20.06 9.61 41.06
C VAL H 468 18.90 10.59 41.13
N TYR H 469 18.72 11.43 40.11
CA TYR H 469 17.63 12.41 40.11
C TYR H 469 16.88 12.40 38.78
N GLN H 470 16.89 11.27 38.07
CA GLN H 470 16.08 11.06 36.87
C GLN H 470 16.37 12.11 35.80
N ARG H 471 17.66 12.44 35.63
CA ARG H 471 18.08 13.38 34.61
C ARG H 471 19.12 12.82 33.65
N ALA H 472 19.65 11.62 33.90
CA ALA H 472 20.62 11.00 33.01
C ALA H 472 20.53 9.50 33.20
N VAL H 473 19.94 8.80 32.22
CA VAL H 473 19.89 7.35 32.25
C VAL H 473 21.30 6.78 32.15
N MET H 474 22.12 7.34 31.28
CA MET H 474 23.53 6.99 31.16
C MET H 474 24.38 8.22 31.41
N ALA H 475 25.52 8.02 32.07
CA ALA H 475 26.44 9.10 32.38
C ALA H 475 27.86 8.67 32.09
N VAL H 476 28.08 8.10 30.90
CA VAL H 476 29.40 7.59 30.52
C VAL H 476 30.42 8.72 30.53
N GLY H 477 31.69 8.36 30.68
CA GLY H 477 32.75 9.34 30.74
C GLY H 477 34.00 8.81 31.44
N SER H 478 34.49 9.57 32.43
CA SER H 478 35.69 9.22 33.17
C SER H 478 35.37 8.79 34.60
N LEU H 479 34.28 8.03 34.75
CA LEU H 479 33.82 7.63 36.07
C LEU H 479 34.78 6.62 36.71
N THR H 480 34.90 6.70 38.03
CA THR H 480 35.74 5.79 38.80
C THR H 480 34.85 4.90 39.65
N ILE H 481 35.10 3.59 39.61
CA ILE H 481 34.31 2.64 40.37
C ILE H 481 34.64 2.76 41.85
N ASN H 482 33.59 2.86 42.67
CA ASN H 482 33.74 2.88 44.12
C ASN H 482 32.59 2.12 44.74
N GLU H 483 32.70 1.85 46.04
CA GLU H 483 31.69 1.05 46.73
C GLU H 483 30.37 1.81 46.88
N GLU H 484 30.44 3.09 47.27
CA GLU H 484 29.22 3.85 47.48
C GLU H 484 28.58 4.28 46.16
N ARG H 485 29.39 4.51 45.12
CA ARG H 485 28.83 4.96 43.85
C ARG H 485 28.15 3.81 43.12
N SER H 486 28.71 2.61 43.20
CA SER H 486 28.14 1.46 42.50
C SER H 486 26.78 1.07 43.06
N GLU H 487 26.59 1.21 44.37
CA GLU H 487 25.32 0.86 44.98
C GLU H 487 24.20 1.78 44.48
N VAL H 488 24.48 3.08 44.38
CA VAL H 488 23.44 4.04 43.99
C VAL H 488 23.38 4.27 42.48
N VAL H 489 24.45 3.99 41.75
CA VAL H 489 24.49 4.14 40.29
C VAL H 489 24.92 2.80 39.71
N ASP H 490 24.09 2.25 38.82
CA ASP H 490 24.37 0.95 38.23
C ASP H 490 25.60 1.06 37.33
N PHE H 491 26.74 0.56 37.80
CA PHE H 491 28.00 0.68 37.09
C PHE H 491 28.21 -0.52 36.18
N SER H 492 29.42 -0.65 35.65
CA SER H 492 29.76 -1.71 34.70
C SER H 492 31.13 -2.29 35.04
N VAL H 493 31.46 -3.37 34.33
CA VAL H 493 32.74 -4.06 34.46
C VAL H 493 33.84 -3.09 34.02
N PRO H 494 34.98 -3.03 34.72
CA PRO H 494 36.04 -2.11 34.30
C PRO H 494 36.60 -2.45 32.93
N PHE H 495 36.90 -1.39 32.17
CA PHE H 495 37.53 -1.52 30.86
C PHE H 495 38.95 -0.99 30.81
N VAL H 496 39.35 -0.15 31.76
CA VAL H 496 40.72 0.33 31.87
C VAL H 496 41.15 0.20 33.32
N GLU H 497 42.46 0.13 33.53
CA GLU H 497 43.02 0.03 34.88
C GLU H 497 43.37 1.42 35.38
N THR H 498 42.86 1.77 36.56
CA THR H 498 43.13 3.05 37.17
C THR H 498 43.31 2.86 38.67
N GLY H 499 44.09 3.75 39.28
CA GLY H 499 44.35 3.70 40.70
C GLY H 499 44.92 4.98 41.24
N ILE H 500 45.78 4.88 42.26
CA ILE H 500 46.43 6.04 42.87
C ILE H 500 47.94 5.87 42.71
N SER H 501 48.58 6.90 42.14
CA SER H 501 50.01 6.89 41.92
C SER H 501 50.62 8.20 42.37
N VAL H 502 51.85 8.14 42.84
CA VAL H 502 52.61 9.30 43.30
C VAL H 502 53.54 9.74 42.18
N MET H 503 53.44 11.00 41.80
CA MET H 503 54.27 11.58 40.75
C MET H 503 55.14 12.68 41.35
N VAL H 504 56.40 12.71 40.94
CA VAL H 504 57.38 13.67 41.43
C VAL H 504 58.06 14.31 40.23
N SER H 505 58.29 15.62 40.32
CA SER H 505 59.09 16.35 39.33
C SER H 505 60.55 16.34 39.80
N ARG H 506 61.20 15.20 39.58
CA ARG H 506 62.56 14.96 40.01
C ARG H 506 63.52 14.95 38.82
N SER H 507 63.25 15.82 37.84
CA SER H 507 64.10 15.93 36.66
C SER H 507 65.32 16.81 36.89
N ASN H 508 65.43 17.46 38.04
CA ASN H 508 66.56 18.33 38.32
C ASN H 508 67.64 17.61 39.12
N VAL H 626 65.58 2.94 39.03
CA VAL H 626 65.66 3.11 40.48
C VAL H 626 64.38 3.76 40.99
N ASP H 627 63.72 3.08 41.93
CA ASP H 627 62.47 3.58 42.52
C ASP H 627 62.49 3.61 44.04
N GLN H 628 63.29 2.78 44.70
CA GLN H 628 63.39 2.73 46.15
C GLN H 628 62.03 2.40 46.78
N VAL H 629 61.36 3.41 47.32
CA VAL H 629 60.09 3.23 48.01
C VAL H 629 58.95 3.54 47.05
N THR H 630 58.06 2.57 46.86
CA THR H 630 56.87 2.73 46.03
C THR H 630 55.64 2.43 46.86
N GLY H 631 54.71 3.38 46.91
CA GLY H 631 53.50 3.26 47.69
C GLY H 631 53.48 4.19 48.87
N LEU H 632 52.70 3.82 49.88
CA LEU H 632 52.50 4.61 51.08
C LEU H 632 53.16 4.00 52.31
N SER H 633 54.12 3.10 52.11
CA SER H 633 54.85 2.47 53.21
C SER H 633 56.20 3.15 53.34
N ASP H 634 56.19 4.31 54.01
CA ASP H 634 57.41 5.08 54.21
C ASP H 634 57.22 5.99 55.42
N LYS H 635 58.34 6.48 55.95
CA LYS H 635 58.32 7.39 57.09
C LYS H 635 57.98 8.82 56.71
N LYS H 636 58.04 9.16 55.43
CA LYS H 636 57.74 10.52 54.98
C LYS H 636 56.30 10.69 54.49
N PHE H 637 55.63 9.59 54.13
CA PHE H 637 54.25 9.64 53.64
C PHE H 637 53.25 9.18 54.68
N GLN H 638 53.49 8.03 55.31
CA GLN H 638 52.53 7.51 56.29
C GLN H 638 52.44 8.44 57.50
N ARG H 639 53.57 8.97 57.97
CA ARG H 639 53.57 9.86 59.12
C ARG H 639 53.34 11.29 58.66
N PRO H 640 52.24 11.93 59.05
CA PRO H 640 52.00 13.32 58.63
C PRO H 640 52.99 14.31 59.25
N HIS H 641 53.72 13.92 60.27
CA HIS H 641 54.61 14.81 61.01
C HIS H 641 56.06 14.35 60.86
N ASP H 642 56.94 14.97 61.64
CA ASP H 642 58.37 14.69 61.65
C ASP H 642 59.00 15.02 60.30
N TYR H 643 59.95 14.19 59.85
CA TYR H 643 60.74 14.43 58.63
C TYR H 643 61.38 15.81 58.76
N SER H 644 61.35 16.65 57.72
CA SER H 644 61.93 17.99 57.78
C SER H 644 61.44 18.87 56.62
N PRO H 645 61.64 18.48 55.36
CA PRO H 645 61.24 19.37 54.27
C PRO H 645 59.74 19.36 54.07
N PRO H 646 59.16 20.48 53.63
CA PRO H 646 57.71 20.50 53.36
C PRO H 646 57.33 19.73 52.11
N PHE H 647 56.66 18.60 52.28
CA PHE H 647 56.28 17.75 51.17
C PHE H 647 54.85 18.07 50.75
N ARG H 648 54.30 17.33 49.80
CA ARG H 648 53.00 17.63 49.23
C ARG H 648 52.11 16.40 49.20
N PHE H 649 50.81 16.63 49.37
CA PHE H 649 49.77 15.62 49.20
C PHE H 649 48.62 16.20 48.39
N GLY H 650 48.95 16.94 47.34
CA GLY H 650 47.97 17.65 46.55
C GLY H 650 46.91 16.76 45.93
N THR H 651 45.67 16.91 46.38
CA THR H 651 44.53 16.17 45.86
C THR H 651 43.37 17.12 45.68
N VAL H 652 42.93 17.29 44.43
CA VAL H 652 41.82 18.21 44.14
C VAL H 652 40.54 17.67 44.76
N PRO H 653 39.64 18.52 45.23
CA PRO H 653 38.40 18.03 45.84
C PRO H 653 37.47 17.44 44.80
N ASN H 654 36.45 16.74 45.31
CA ASN H 654 35.44 16.08 44.48
C ASN H 654 36.10 15.10 43.51
N GLY H 655 36.83 14.15 44.09
CA GLY H 655 37.56 13.19 43.28
C GLY H 655 37.75 11.88 44.02
N SER H 656 38.31 10.91 43.28
CA SER H 656 38.54 9.58 43.85
C SER H 656 39.72 9.55 44.82
N THR H 657 40.76 10.35 44.56
CA THR H 657 41.96 10.28 45.38
C THR H 657 41.68 10.69 46.82
N GLU H 658 41.04 11.84 47.01
CA GLU H 658 40.77 12.33 48.37
C GLU H 658 39.84 11.39 49.12
N ARG H 659 38.77 10.92 48.45
CA ARG H 659 37.83 10.01 49.10
C ARG H 659 38.52 8.71 49.49
N ASN H 660 39.34 8.15 48.60
CA ASN H 660 40.05 6.92 48.90
C ASN H 660 41.03 7.11 50.06
N ILE H 661 41.74 8.24 50.06
CA ILE H 661 42.71 8.51 51.13
C ILE H 661 41.99 8.61 52.47
N ARG H 662 40.90 9.38 52.52
CA ARG H 662 40.20 9.56 53.78
C ARG H 662 39.44 8.31 54.21
N ASN H 663 39.08 7.44 53.27
CA ASN H 663 38.44 6.18 53.64
C ASN H 663 39.45 5.17 54.17
N ASN H 664 40.65 5.13 53.58
CA ASN H 664 41.64 4.14 53.95
C ASN H 664 42.56 4.64 55.06
N TYR H 665 43.28 5.74 54.82
CA TYR H 665 44.25 6.29 55.76
C TYR H 665 43.94 7.76 55.98
N PRO H 666 42.98 8.07 56.87
CA PRO H 666 42.60 9.46 57.14
C PRO H 666 43.54 10.18 58.10
N TYR H 667 44.83 10.15 57.77
CA TYR H 667 45.86 10.79 58.59
C TYR H 667 46.60 11.90 57.85
N MET H 668 47.01 11.66 56.60
CA MET H 668 47.74 12.67 55.85
C MET H 668 46.81 13.72 55.23
N HIS H 669 45.52 13.45 55.14
CA HIS H 669 44.60 14.42 54.56
C HIS H 669 44.53 15.70 55.39
N GLN H 670 44.45 15.56 56.72
CA GLN H 670 44.38 16.75 57.57
C GLN H 670 45.66 17.57 57.49
N TYR H 671 46.81 16.92 57.32
CA TYR H 671 48.07 17.64 57.21
C TYR H 671 48.09 18.53 55.98
N MET H 672 47.58 18.03 54.86
CA MET H 672 47.56 18.75 53.59
C MET H 672 46.15 19.11 53.15
N THR H 673 45.28 19.43 54.11
CA THR H 673 43.93 19.83 53.77
C THR H 673 43.93 21.16 53.00
N LYS H 674 44.75 22.11 53.43
CA LYS H 674 44.89 23.40 52.74
C LYS H 674 46.04 23.37 51.75
N PHE H 675 46.05 22.36 50.88
CA PHE H 675 47.11 22.22 49.89
C PHE H 675 46.59 21.84 48.51
N ASN H 676 45.28 21.64 48.34
CA ASN H 676 44.74 21.22 47.07
C ASN H 676 44.90 22.31 46.02
N GLN H 677 45.38 21.93 44.84
CA GLN H 677 45.51 22.87 43.73
C GLN H 677 44.14 23.14 43.11
N LYS H 678 44.07 24.23 42.35
CA LYS H 678 42.81 24.61 41.71
C LYS H 678 42.36 23.55 40.71
N GLY H 679 43.22 23.23 39.75
CA GLY H 679 42.91 22.22 38.76
C GLY H 679 44.05 21.25 38.57
N VAL H 680 44.24 20.79 37.33
CA VAL H 680 45.36 19.91 37.01
C VAL H 680 46.44 20.63 36.22
N GLU H 681 46.10 21.65 35.43
CA GLU H 681 47.11 22.43 34.73
C GLU H 681 47.90 23.30 35.70
N ASP H 682 47.19 23.98 36.61
CA ASP H 682 47.87 24.71 37.67
C ASP H 682 48.60 23.77 38.61
N ALA H 683 48.07 22.56 38.80
CA ALA H 683 48.79 21.55 39.58
C ALA H 683 50.12 21.19 38.93
N LEU H 684 50.11 20.99 37.60
CA LEU H 684 51.36 20.72 36.89
C LEU H 684 52.30 21.92 36.95
N VAL H 685 51.75 23.13 36.90
CA VAL H 685 52.56 24.34 36.99
C VAL H 685 53.26 24.41 38.34
N SER H 686 52.52 24.12 39.42
CA SER H 686 53.11 24.13 40.76
C SER H 686 54.09 22.98 40.92
N LEU H 687 53.86 21.84 40.25
CA LEU H 687 54.83 20.76 40.27
C LEU H 687 56.13 21.19 39.60
N LYS H 688 56.04 21.87 38.46
CA LYS H 688 57.24 22.36 37.79
C LYS H 688 57.89 23.49 38.58
N THR H 689 57.10 24.47 39.01
CA THR H 689 57.61 25.57 39.81
C THR H 689 57.89 25.06 41.21
N GLY H 690 59.15 24.72 41.48
CA GLY H 690 59.50 23.99 42.68
C GLY H 690 59.11 24.64 43.99
N LYS H 691 58.08 24.10 44.63
CA LYS H 691 57.75 24.42 46.01
C LYS H 691 57.51 23.13 46.77
N LEU H 692 57.06 22.10 46.05
CA LEU H 692 56.88 20.76 46.57
C LEU H 692 56.66 19.80 45.41
N ASP H 693 57.41 18.70 45.36
CA ASP H 693 57.36 17.77 44.23
C ASP H 693 56.66 16.49 44.69
N ALA H 694 55.33 16.50 44.62
CA ALA H 694 54.52 15.34 44.98
C ALA H 694 53.09 15.51 44.52
N PHE H 695 52.52 14.49 43.89
CA PHE H 695 51.11 14.50 43.53
C PHE H 695 50.56 13.09 43.56
N ILE H 696 49.53 12.87 44.39
CA ILE H 696 48.85 11.59 44.48
C ILE H 696 47.63 11.66 43.58
N TYR H 697 47.77 11.21 42.34
CA TYR H 697 46.71 11.35 41.36
C TYR H 697 46.35 10.01 40.74
N ASP H 698 45.50 10.02 39.70
CA ASP H 698 45.12 8.78 39.04
C ASP H 698 46.29 8.20 38.27
N ALA H 699 46.40 6.87 38.31
CA ALA H 699 47.49 6.20 37.61
C ALA H 699 47.42 6.41 36.12
N ALA H 700 46.21 6.33 35.54
CA ALA H 700 46.06 6.48 34.09
C ALA H 700 46.42 7.89 33.64
N VAL H 701 45.86 8.90 34.32
CA VAL H 701 46.12 10.29 33.92
C VAL H 701 47.59 10.62 34.10
N LEU H 702 48.17 10.21 35.23
CA LEU H 702 49.59 10.50 35.47
C LEU H 702 50.47 9.79 34.47
N ASN H 703 50.14 8.54 34.13
CA ASN H 703 50.93 7.80 33.14
C ASN H 703 50.85 8.46 31.77
N TYR H 704 49.65 8.90 31.38
CA TYR H 704 49.52 9.60 30.11
C TYR H 704 50.32 10.90 30.11
N LYS H 705 50.25 11.66 31.20
CA LYS H 705 50.99 12.92 31.28
C LYS H 705 52.49 12.69 31.21
N ALA H 706 52.99 11.68 31.94
CA ALA H 706 54.41 11.38 31.90
C ALA H 706 54.84 10.91 30.52
N GLY H 707 54.02 10.08 29.87
CA GLY H 707 54.35 9.62 28.54
C GLY H 707 54.34 10.73 27.51
N ARG H 708 53.42 11.68 27.64
CA ARG H 708 53.24 12.77 26.69
C ARG H 708 53.67 14.11 27.28
N ASP H 709 54.74 14.12 28.05
CA ASP H 709 55.25 15.35 28.65
C ASP H 709 56.27 16.01 27.75
N GLU H 710 56.52 17.30 28.02
CA GLU H 710 57.50 18.07 27.26
C GLU H 710 58.91 17.62 27.64
N GLY H 711 59.47 16.69 26.88
CA GLY H 711 60.75 16.09 27.21
C GLY H 711 60.67 14.97 28.22
N CYS H 712 59.48 14.67 28.75
CA CYS H 712 59.29 13.61 29.74
C CYS H 712 60.20 13.81 30.94
N LYS H 713 60.11 15.01 31.53
CA LYS H 713 61.00 15.37 32.64
C LYS H 713 60.51 14.80 33.97
N LEU H 714 59.33 15.23 34.41
CA LEU H 714 58.76 14.71 35.63
C LEU H 714 58.32 13.26 35.43
N VAL H 715 58.41 12.46 36.50
CA VAL H 715 58.16 11.03 36.43
C VAL H 715 57.28 10.62 37.61
N THR H 716 57.03 9.32 37.71
CA THR H 716 56.20 8.75 38.77
C THR H 716 57.01 7.74 39.56
N ILE H 717 56.85 7.77 40.88
CA ILE H 717 57.59 6.86 41.76
C ILE H 717 57.04 5.44 41.57
N GLY H 718 57.95 4.49 41.40
CA GLY H 718 57.57 3.10 41.23
C GLY H 718 57.16 2.78 39.81
N SER H 719 56.95 1.48 39.57
CA SER H 719 56.52 1.00 38.26
C SER H 719 55.00 0.86 38.21
N GLY H 720 54.32 1.97 38.46
CA GLY H 720 52.87 1.98 38.50
C GLY H 720 52.27 1.16 39.62
N TYR H 721 52.85 1.24 40.81
CA TYR H 721 52.33 0.51 41.97
C TYR H 721 51.09 1.23 42.49
N ILE H 722 49.95 0.91 41.86
CA ILE H 722 48.69 1.54 42.22
C ILE H 722 48.31 1.13 43.64
N PHE H 723 47.79 2.09 44.41
CA PHE H 723 47.34 1.78 45.77
C PHE H 723 46.18 0.78 45.75
N ALA H 724 45.24 0.97 44.84
CA ALA H 724 44.12 0.04 44.69
C ALA H 724 43.62 0.13 43.25
N THR H 725 43.97 -0.86 42.45
CA THR H 725 43.58 -0.89 41.04
C THR H 725 42.10 -1.24 40.96
N THR H 726 41.26 -0.21 40.86
CA THR H 726 39.82 -0.38 40.74
C THR H 726 39.30 -0.10 39.34
N GLY H 727 40.01 0.70 38.56
CA GLY H 727 39.63 0.97 37.19
C GLY H 727 38.47 1.94 37.07
N TYR H 728 37.92 1.99 35.87
CA TYR H 728 36.81 2.87 35.54
C TYR H 728 35.54 2.06 35.33
N GLY H 729 34.41 2.78 35.34
CA GLY H 729 33.12 2.13 35.17
C GLY H 729 32.21 2.97 34.29
N ILE H 730 31.15 2.32 33.81
CA ILE H 730 30.18 2.94 32.92
C ILE H 730 28.86 3.06 33.66
N ALA H 731 28.31 4.26 33.73
CA ALA H 731 27.11 4.52 34.50
C ALA H 731 25.86 4.04 33.77
N LEU H 732 24.82 3.76 34.56
CA LEU H 732 23.52 3.38 34.02
C LEU H 732 22.48 3.68 35.08
N GLN H 733 21.22 3.72 34.66
CA GLN H 733 20.12 3.95 35.58
C GLN H 733 19.87 2.71 36.44
N LYS H 734 19.20 2.93 37.56
CA LYS H 734 18.87 1.83 38.46
C LYS H 734 17.82 0.93 37.83
N GLY H 735 18.18 -0.33 37.59
CA GLY H 735 17.25 -1.24 36.94
C GLY H 735 17.04 -1.00 35.47
N SER H 736 17.98 -0.34 34.81
CA SER H 736 17.85 -0.08 33.38
C SER H 736 17.88 -1.39 32.60
N PRO H 737 17.15 -1.46 31.48
CA PRO H 737 17.06 -2.71 30.72
C PRO H 737 18.23 -3.01 29.80
N TRP H 738 19.38 -2.34 29.98
CA TRP H 738 20.49 -2.49 29.05
C TRP H 738 21.77 -2.99 29.67
N LYS H 739 21.82 -3.21 30.99
CA LYS H 739 23.08 -3.51 31.66
C LYS H 739 23.73 -4.78 31.13
N ARG H 740 22.94 -5.86 30.99
CA ARG H 740 23.50 -7.12 30.52
C ARG H 740 24.04 -6.98 29.09
N GLN H 741 23.30 -6.30 28.23
CA GLN H 741 23.76 -6.09 26.86
C GLN H 741 25.01 -5.21 26.84
N ILE H 742 25.07 -4.21 27.72
CA ILE H 742 26.26 -3.37 27.81
C ILE H 742 27.47 -4.21 28.20
N ASP H 743 27.31 -5.08 29.19
CA ASP H 743 28.41 -5.94 29.61
C ASP H 743 28.81 -6.90 28.50
N LEU H 744 27.84 -7.46 27.79
CA LEU H 744 28.14 -8.37 26.69
C LEU H 744 28.96 -7.67 25.62
N ALA H 745 28.53 -6.46 25.22
CA ALA H 745 29.27 -5.71 24.20
C ALA H 745 30.66 -5.35 24.70
N LEU H 746 30.78 -4.94 25.96
CA LEU H 746 32.09 -4.56 26.50
C LEU H 746 33.05 -5.75 26.49
N LEU H 747 32.59 -6.92 26.94
CA LEU H 747 33.45 -8.09 26.94
C LEU H 747 33.79 -8.53 25.52
N GLN H 748 32.83 -8.44 24.60
CA GLN H 748 33.11 -8.79 23.21
C GLN H 748 34.18 -7.88 22.62
N PHE H 749 34.10 -6.58 22.89
CA PHE H 749 35.10 -5.67 22.35
C PHE H 749 36.43 -5.80 23.09
N VAL H 750 36.40 -6.24 24.35
CA VAL H 750 37.64 -6.64 25.02
C VAL H 750 38.27 -7.79 24.25
N GLY H 751 37.45 -8.73 23.78
CA GLY H 751 37.99 -9.86 23.05
C GLY H 751 38.61 -9.49 21.72
N ASP H 752 37.97 -8.58 20.97
CA ASP H 752 38.35 -8.38 19.56
C ASP H 752 39.41 -7.29 19.40
N GLY H 753 40.47 -7.35 20.20
CA GLY H 753 41.70 -6.60 19.99
C GLY H 753 41.60 -5.19 19.44
N GLU H 754 40.56 -4.44 19.85
CA GLU H 754 40.35 -3.10 19.31
C GLU H 754 40.57 -1.99 20.32
N MET H 755 40.28 -2.24 21.60
CA MET H 755 40.60 -1.24 22.62
C MET H 755 42.10 -1.04 22.75
N GLU H 756 42.89 -2.06 22.41
CA GLU H 756 44.33 -1.86 22.29
C GLU H 756 44.64 -0.83 21.22
N GLU H 757 43.94 -0.91 20.07
CA GLU H 757 44.10 0.11 19.03
C GLU H 757 43.69 1.48 19.54
N LEU H 758 42.58 1.54 20.28
CA LEU H 758 42.12 2.83 20.81
C LEU H 758 43.17 3.43 21.74
N GLU H 759 43.72 2.62 22.63
CA GLU H 759 44.75 3.11 23.56
C GLU H 759 46.00 3.54 22.81
N THR H 760 46.42 2.75 21.82
CA THR H 760 47.59 3.13 21.02
C THR H 760 47.35 4.38 20.22
N LEU H 761 46.09 4.70 19.90
CA LEU H 761 45.79 5.90 19.14
C LEU H 761 45.69 7.14 20.03
N TRP H 762 45.15 7.01 21.23
CA TRP H 762 44.89 8.19 22.07
C TRP H 762 45.89 8.34 23.20
N LEU H 763 46.02 7.34 24.06
CA LEU H 763 46.81 7.48 25.27
C LEU H 763 48.26 7.02 25.11
N THR H 764 48.66 6.60 23.92
CA THR H 764 50.04 6.17 23.71
C THR H 764 50.99 7.34 23.87
N GLY H 765 52.07 7.13 24.62
CA GLY H 765 53.06 8.16 24.85
C GLY H 765 54.17 8.14 23.82
N ILE H 766 55.11 9.07 23.99
CA ILE H 766 56.25 9.19 23.09
C ILE H 766 57.48 8.60 23.77
N CYS H 767 57.55 8.69 25.09
CA CYS H 767 58.65 8.13 25.86
C CYS H 767 58.30 6.81 26.51
N HIS H 768 57.16 6.20 26.15
CA HIS H 768 56.79 4.92 26.74
C HIS H 768 57.80 3.85 26.39
N ASN H 769 58.25 3.80 25.13
CA ASN H 769 59.31 2.89 24.74
C ASN H 769 60.68 3.40 25.17
N GLU H 770 60.86 4.72 25.23
CA GLU H 770 62.15 5.28 25.60
C GLU H 770 62.46 5.01 27.06
N LYS H 771 63.73 4.76 27.35
CA LYS H 771 64.19 4.51 28.71
C LYS H 771 65.10 5.63 29.19
#